data_7W7G
#
_entry.id   7W7G
#
_cell.length_a   1.00
_cell.length_b   1.00
_cell.length_c   1.00
_cell.angle_alpha   90.00
_cell.angle_beta   90.00
_cell.angle_gamma   90.00
#
_symmetry.space_group_name_H-M   'P 1'
#
loop_
_entity.id
_entity.type
_entity.pdbx_description
1 polymer 'Protein unc-79 homolog'
2 polymer 'Protein unc-80 homolog'
3 polymer 'Sodium leak channel non-selective protein'
4 polymer 'Transmembrane protein FAM155A'
5 non-polymer 'ZINC ION'
6 non-polymer 2-acetamido-2-deoxy-beta-D-glucopyranose
#
loop_
_entity_poly.entity_id
_entity_poly.type
_entity_poly.pdbx_seq_one_letter_code
_entity_poly.pdbx_strand_id
1 'polypeptide(L)'
;MSTKAEQFASKIRYLQEYHNRVLHNIYPVPSGTDIANTLKYFSQTLLSVLRDAPSERGPQSRDAQLSDYPSLDYQGLYVT
LVTLLDLVPLLQHGQHDLGQSIFYTTTCLLPFLNDDVLSTLPYTMISTLATFPPFLHKDIIEYLSTSFLPMAILGSSGRE
GVPAHVNLSASSMLMIAMQYTSNPVYHCQLLECLMKYKQEVWKDLLYVIAYGPSQVKPPAVQMLFHYWPNLKPPGAISEY
RGLQYTAWNPIHCQHIECHNAINKPAVKMCIDPSLSVALGDKPPPLYLCEECSERISGDHSEWLIDVLLPQAEISAICQK
KNCSSHVRRAVVTCFSAGCCGRHGNRPVRYCKRCHSNHHSNEVGATAETHLYQTSPPPINTRECGAEELVCAVEAVISLL
KEAEFHAEQREHELNRRRQLGLSSSHHSLDNTDFDNKDDDKHDQRLLSQFGIWFLVSLCTPSENTPTESLARLVAMVFQW
FHSTAYMMDDEVGSLVEKLKPQFVTKWLKTVCDVRFDVMVMCLLPKPMEFARVGGYWDKSCSTVTQLKEGLNRILCLIPY
NVISQSVWECIMPEWLEAIRTEVPDNQLKEFREVLSKMFDIELCPLPFSMEEMFGFISCRFTGYPSTVQEQALLWLHVLS
ELDITVPLQLLISMFSDGVNSVKELANQRKSRANELAGNLASRRVSVASDPGRRGQHNTLSPFHSPFQSPFRSPMRSPFR
SPFKNFGHPGGRTIDFDCEDDDMNLNCFILMFDLLLKQMELQDDGITMGLEHSLSKDIISIINNVFQAPWGGSHSCQKDK
KATECNLCQSSILCYQLACELLERLAPKEESRLVEPTDSLEDSLLSSRPEFILGPEGEEEENPAAKHGENPGNRTVPSEH
AAIKNDTERKFCYQQLPVTLRLIYTIFQEMAKFEEPDILFNMLNCLKILCLHGECLYTARKDHPQFLAYIQDHMLIASLW
RVVKSEFSQLSSLAVPLLLHALSLPHGADIFWTIINGNFNSKDWKMRFEAVEKVAVICRFLDIHSVTKNHLLKYSLAHAF
CCFLTAVEDVNPAVATRAGLLLDTIKRPALQGLCLCLDFQFDTVVKDRPTILSKLLLLHFLKQDIPALSWEFFVNRFETL
SLEAQLHLDCNKEFPFPTTITAVRTNVANLSDAALWKIKRARFARNRQKSVRSLRDSVKGPAESKRALSLPETLTSKIPV
RLTRHEQSAPALGGTPEQTPGQQSPENDNTIKDLLPEDAGIDHQTVHQLITVLMKFMARDESSAESDISSAKAFNTVKRH
LYVLLGYDQQEGCFMIAPQKMRLSTCFNAFIAGIAQVMDYNINLGKHLLPLVVQVLKYCSCPQLRHYFQQPPRCSLWSLK
PHIRQMWLKALLVILYKYPYRDCDVSKTLLHLIHITVNTLNAQYHSCKPHATAGPLYTDNSNISRYSEKEKEEDSVFDES
DIHDTPTGPCNKESQTFFARLKRIGGSRMVKGQPVGMNVQRSEIELAEYRETGALQDSVLHCVREESIQKKKLRSLKQKS
LDIGNADSLLFTLDEHRRKSCIDRCDIDKPPAQAAYISQRQNDHHGRSRQNSATRPDNTEIPKNPGTEGFQEIRRPVIPE
VRLNCMETFEVRVDSPGKPAPREDLDLIDLSSDSTSGPEKHSILSTSDSDSLVFEPLPPLRIVESDEEEEMMNQGNGGAL
GNNAASSPSIPSQPSVLSLSTTPLVQVSVEDCSKDFSSKDSGNHQSASNEDSTIAALDDLTDSEELSKSEELREFASGSP
LTLKQKRDLLQKSSAVPEMSVDYNPEPSPAEEKPGQTPTSGVKTVLLKVPEDGENLIESEKPNTSAESDTEQNPERKVEE
DGAEESEFKIQIVPRQRKQRKIAVSAIQREYLDISFNILDKLGEQKDPDPSAKGLSTLEMPRESSSAPTLEAGAPETSSH
SSISTQYRQMKRGSLGVLTMSQLMKRQLEHQSSAPHNISSWDTEQIQPGKRQCNVPMCLNPDLEGQPLRTRGATKSSLLS
APSIASMFVPAPEEFTEEQPTVMADKCHDCGAILEEYDEETLGLAIVVLSTFIHLSPDLAAPLLLDIMQSVGRLASSTTF
SNQAESMMVPGNAAGVAKQFLRCIFHQLAPNGIFPQLFQSAIKDGTFLRTLATSLMDFNELSSIAALSQLLEGLNNKKNL
PAGGAMIRCLENIATFMEALPMDSPSSLWTTISNQFQTFFAKLPCVLPLKCSLDSSLRIMICLLKIPSTNATRSLLEPFS
KLLSFVIQNAVFTLAYLVELCGLCYRAFTKERDKFYLSRSVVLELLQALKLKSPLPDTNLLLLVQFICADAGTKLAESTI
LSKQMIASVPGCGTAAMECIRQYVSEVLEFMADMHTLTKLKSHMKTCSQPLHEDTFGGHLKVGLAQIAAMEISRGNHRDN
KAVIRYLPWLYHPPSAMQQGPKEFIECVSHIRLLSWLLLGSLTHNAVCPNASSPCLPIPLDAGSHIADHLIVILIGFPEQ
SKTCVLHMCSLFHAFIFAQLWTVYCEQSAVATNVQNQNEFSFTAILTALEFWSRVTPSILQLMAHNKVMVEMVCLHVISL
MEALQECNSTIFVKLIPMWLPMIQSNTKHLSAGLQLRLQAIQNNVNHHSLRTLPGSGQSSAGLAALRKWLQCTQFKMAQV
EIQSSEAASQFYPL
;
A
2 'polypeptide(L)'
;MVKRKSSEGQEQDGGRGIPLPIQTFLWRQTSAFLRPKLGKQYEASCVSFERVLVENKLHGLSPALSEAIQSISRWELVQA
ALPHVLHCTATLLSNRNKLGHQDKLGVAETKLLHTLHWMLLEAPQDCNNDQFGGTDRGSSWGGSSSAFIHQIENQGSPGQ
PCRSSSHDEEENNRRKTFQNSMATVELFVFLFAPLVHRIKESDLTFRLASGLVIWQPMWEHRQPEVSGFTALVKPIRNII
TAKRSSPINSQSQTCESPNQDTRQQGEGLQVVSEALQSDSISPKATISGCHQGNSFDGSLSSQTSQERGPSHSRASLVIP
PCQRSRYATYFDVAVLRCLLQPHWSEEGTQWSLMYYLQRLRHMLEEKPEKTPDPDIPLLPRPRSSSMVAAAPSLVNTHKT
QDLTMKCNEEEKSLSPEAFSKVSLTNLRRSAVPDLSSDLGMNIFKKFKSRKEDRERKGSIPFHHTGKRRPRRMGVPFLLH
EDHLDVSPTRSTFSFGSFSGLGEDRRGIEKGGWQTTILGKLTRRGSSDAATEMESLSARHSHSHHTLVSDLPDHSNSHGE
NTVKEVRSQISTITVATFNTTLASFNVGYADFFSEHMRKLCSQVPIPEMPHEPLACANLPRSLTDSCINYSYLEDTEHID
GTNNFVHKNGMLDLSVVLKAVYLVLNHDISSRICDVALNIVECLLQLGVVPCVEKNRKKSENKENESVEKRPSEGAFQFK
GVSSSSTSGFGAPSASGAGDGGGEEGGGGDGGGGGGGGDGGGGGGGGGGPYEKNEKNQEKDDNIPVSNHRLALTMLIKIV
KSLGCAYGCGEGHRGLSGDRLRHQVFRENAQNCLTKLYKLDKIQFRQTMRDYVNKDSLNNVVDFLHALLGFCMEPVTDNK
AGFGNNFTTVDNKSTAQNVEGIIVGAMFKSLITRCASTTHELHSPENLGLYCDIRQLVQFIKEAHGNVFRRVALSALLDS
AEKLAPGKKVEENGQESKPVGSKRSEAGSIADKGQVSSAPEECRSFMSGRPSQTPEHDEPMQGGNLGRKDFWRKMFKSQS
AASDTSSQSEQDTSECTTAHSGNTSDRRARSRSRRISLRKKLKLPIGNWLKRSSLSGLADGVEDLLDISSVDRLSFIRQS
SKVKFTSAVKLSEGGPGSGMENGREEEENFFKRLGCHSFDDHLSPNQDGGKSKNVVNLGAIRQGMKRFQFLLNCCEPGTI
PDASILAAALDLEAPVVARAALFLECARFVHRCNRGNWPEWMKGHHVNITKKGLSRGRSPTVGNKRNQKLQWSAAKLFYQ
WGDAIGIRLNELCHGESESPANLLGLIYDEETKRRLRKEDEEEDFLDDSTVNPSKCGCPFALKMAACQLLLEITTFLRET
FSCLPRPRTEPLVDLESCRLRLDPELDRHRYERKISFAGVLDENEDSKDSLHSSSHTIKSDAGAEEKKVPSRKIRIGGSR
LLQIKGTRSFQVKKGGSLSSIRRVGSLKSSKLSRQDSESEAEELQLSQSRDTVTDLEGSPWSASEPSIEPEGLSNAGTEE
NYHRNMSWLHVMILLCNQQSFICTHVDYCHPHCYLHHSRSCARLVRAIKLLYGDSVDSLRESNHISNVALRGKKQKECSD
KSCLRTPSLKKRVSDVNLEGKKDSGMLKYIRFQVMSLSPAPLSLLIKAAPILTEEMYGDIQPAAWELLLSMDEHMAGAAA
AMFLLCAVKVPDAVSDMLMSEFHHAETVQRLNAVLKFHTLWRFRYQVWPRMEEGAQQIFKIPPPSINFTLPSPVLGMPSV
PMFDPPWVPQCSGSVQDPINEDQSKSFSARAVSRSHQRAEHILKNLQQEEEKKRLGREASLITAIPITQEACYEPTCTPN
SEPEEEEEVANLTSRRLSVSPSCTSSTSHRNYSFRRGSVWSVRSAVSAEDEEHATEHTPNHHVPQPPQAVFPACICAAVL
PIVHLMEDGEVREDGVAVSAVAQQVLWNCLIEDPSTVLRHFLEKLTISNRQDELMYMLRKLLLNIGDFPAQTSHILFNYL
VGLIMYFVRTPCEWGMDAISATLTFLWEVVGYVEGLFFKDLKQTMKKEQCEVKLLVTASMPGTKTLVVHGQNECDIPTQL
PVHEDTQFEALLKECLEFFNIPESQSTHYFLMDKRWNLIHYNKTYVRDIYPFRRSVSPQLNLVHMHPEKGQELIQKQVFT
RKLEEVGRVLFLISLTQKIPTAHKQSHVSMLQEDLLRLPSFPRSAIDAEFSLFSDPQAGKELFGLDTLQKSLWIQLLEEM
FLGMPSEFPWGDEIMLFLNVFNGALILHPEDSALLRQYAATVINTAVHFNHLFSLSGYQWILPTMLQVYSDYESNPQLRR
AIEFACHQFYILHRKPFVLQLFASVAPLLEFPDAANTGSSKGVSAQCLFDLLQSLEGETTDILDILELVKAEKPLKSLDF
CYGNEDLTFSISEAIKLCVTVVAYAPESFRSLQMLMVLEALVPCYLQKMKRQTSQVETVPAAREEIAATAALATSLQALL
YSVEVLTRPMTAPQMSRSDQGHKGTTTANHTMSSGVNTRYPEQGAKLHFIRENLHLLEEGQGLPREELDERISREEFRRP
RESLLNICTEFYKHCGPRLKILQNLAGEPRVTALELLDVKSHMRLAEIAHSLLKLAPYDTQTMESRGLRRYIMEMLPITD
WSAEAVRPALILILKRLDRMFNKIHKMPTLRRQVEWEPASSLIEGVCLTLQRQPIISFLPHLRSLINVCVNLVMGVVGPS
SVADGLPLLHLSPYLSPPLPFSTAVVRLVALQIQALKEDFPLSHVISPFTNQERREGMLLNLLIPFVLTVGSGSKDSPWL
EQPEVQLLLQTVINVLLPPRIISTSRSKNFMLESSPAHCSTPGDAGKDLRKEGLAESTSQAAYLALKVILVCFERQLGSQ
WYWLSLQVKEMALRKVGGLALWDFLDFIVRTRIPIFVLLRPFIQCKLLAQPAENHEELSARQHISDQLERRFIPRPLCKS
SLIAEFNSELKILKEAVHSGSAYQGKTSISTVGTSTSAYRLSLATMSRSNTGTGTVWEQDSEPSQQASQDTLSRTDEEDE
ENDSVSMPSVVSEQEACLLSTIGRRRFSSHVSSMSAPQAEVGMLPSQSEPNVLDDSQGLAAEGSLSRVASIQSEPGQQNV
LLQQPLGRKRGLRQLRRPLLSRQKTQTEPRNRHGARLSTTRRSIQPKTKPSVDQKRSVTFIEAQPEPTAAPTDIFPATGQ
PQSCSPGRARKPEGTEKPVLTSSPAIIIADLHSLSPKQSEPLLAEEGEKKEDEEIQGATAHCPLSTQLSDPDDFTGLETS
SLLQHGDTVLHISEENGTENPLLSSQFTFTPPELGDTDSALDESHV
;
B
3 'polypeptide(L)'
;MLKRKQSSRVEAQPVTDFGPDESLSDNADILWINKPWVHSLLRICAIISVISVCMNTPMTFEHYPPLQYVTFTLDTLLMF
LYTAEMIAKMHIRGIVKGDSSYVKDRWCVFDGFMVFCLWVSLVLQVFEIADIVDQMSPWGMLRIPRPLIMIRAFRIYFRF
ELPRTRITNILKRSGEQIWSVSIFLLFFLLLYGILGVQMFGTFTYHCVVNDTKPGNVTWNSLAIPDTHCSPELEEGYQCP
PGFKCMDLEDLGLSRQELGYSGFNEIGTSIFTVYEASSQEGWVFLMYRAIDSFPRWRSYFYFITLIFFLAWLVKNVFIAV
IIETFAEIRVQFQQMWGTRSSTTSTATTQMFHEDAAGGWQLVAVDVNKPQGRAPACLQKMMRSSVFHMFILSMVTVDVIV
AASNYYKGENFRRQYDEFYLAEVAFTVLFDLEALLKIWCLGFTGYISSSLHKFELLLVIGTTLHVYPDLYHSQFTYFQVL
RVVRLIKISPALEDFVYKIFGPGKKLGSLVVFTASLLIVMSAISLQMFCFVEELDRFTTFPRAFMSMFQILTQEGWVDVM
DQTLNAVGHMWAPLVAIYFILYHLFATLILLSLFVAVILDNLELDEDLKKLKQLKQSEANADTKEKLPLRLRIFEKFPNR
PQMVKISKLPSDFTVPKIRESFMKQFIDRQQQDTCCLFRILPSTSSSSCDNPKRPTVEDNKYIDQKLRKSVFSIRARNLL
EKETAVTKILRACTRQRMLSGSFEGQPAKERSILSVQHHIRQERRSLRHGSNSQRISRGKSLETLTQDHSNTVRYRNAQR
EDSEIKMIQEKKEQAEMKRKVQEEELRENHPYFDKPLFIVGREHRFRNFCRVVVRARFNASKTDPVTGAVKNTKYHQLYD
LLGLVTYLDWVMITVTICSCISMMFESPFRRVMHAPTLQIAEYVFVIFMSIELNLKIMADGLFFTPTAVIRDFGGVMDIF
IYLVSLIFLCWMPQNVPAESGAQLLMVLRCLRPLRIFKLVPQMRKVVRELFSGFKEIFLVSILLLTLMLVFASFGVQLFA
GKLAKCNDPNIIRREDCNGIFRINVSVSKNLNLKLRPGEKKPGFWVPRVWANPRNFNFDNVGNAMLALFEVLSLKGWVEV
RDVIIHRVGPIHGIYIHVFVFLGCMIGLTLFVGVVIANFNENKGTALLTVDQRRWEDLKSRLKIAQPLHLPPRPDNDGFR
AKMYDITQHPFFKRTIALLVLAQSVLLSVKWDVEDPVTVPLATMSVVFTFIFVLEVTMKIIAMSPAGFWQSRRNRYDLLV
TSLGVVWVVLHFALLNAYTYMMGACVIVFRFFSICGKHVTLKMLLLTVVVSMYKSFFIIVGMFLLLLCYAFAGVVLFGTV
KYGENINRHANFSSAGKAITVLFRIVTGEDWNKIMHDCMVQPPFCTPDEFTYWATDCGNYAGALMYFCSFYVIIAYIMLN
LLVAIIVENFSLFYSTEEDQLLSYNDLRHFQIIWNMVDDKREGVIPTFRVKFLLRLLRGRLEVDLDKDKLLFKHMCYEME
RLHNGGDVTFHDVLSMLSYRSVDIRKSLQLEELLAREQLEYTIEEEVAKQTIRMWLKKCLKRIRAKQQQSCSIIHSLRES
QQQELSRFLNPPSIETTQPSEDTNANSQDHNTQPESSSQQQLLSPTLSDRGGSRQDAADTGKPQRKIGQWRLPSAPKPIS
HSVSSVNLRFGGRTTMKSVVCKMNPMPDTASCGSEVKKWWTRQLTVESDESGDDLLDI
;
C
4 'polypeptide(L)'
;MTRGAWMCRQYDDGLKIWLAAPRENEKPFIDSERAQKWRLSLASLLFFTVLLSDHLWFCAEAKLTRTRDKEHHQQQQQQQ
QQQQQQQQQQQQQQQRQQQRQRQQQRQRQQEPSWPALLASMGESSPAAQAHRLLSASSSPTLPPSPGGGGGSKGNRGKNN
RSRALFLGNSAKPVWRLETCYPQGASSGQCFTVESADAVCARNWSRGAAAGEEQSSRGSRPTPLWNLSDFYLSFCNSYTL
WELFSGLSSPSTLNCSLDVVLTEGGEMTTCRQCIEAYQDYDHHAQEKYEEFESVLHKYLQSDEYSVKSCPEDCKIVYKAW
LCSQYFEVTQFNCRKTIPCKQYCLEVQTRCPFILPDNDEVIYGGLSSFICTGLYETFLTNDEPECCDIRSEEQTAPRPKG
TVDRRDSCPRTSLTVSSATRLCPGRLKLCVLVLILLHTVLTASAAQNSTGLGLGGLPTLEDNSTRED
;
D
#
# COMPACT_ATOMS: atom_id res chain seq x y z
N ALA A 9 15.54 78.84 -131.62
CA ALA A 9 15.28 77.73 -130.70
C ALA A 9 16.15 77.86 -129.46
N SER A 10 17.20 78.66 -129.55
CA SER A 10 18.10 78.88 -128.41
C SER A 10 17.41 79.59 -127.26
N LYS A 11 16.31 80.30 -127.52
CA LYS A 11 15.60 80.97 -126.44
C LYS A 11 15.00 79.97 -125.47
N ILE A 12 14.58 78.80 -125.96
CA ILE A 12 14.10 77.74 -125.08
C ILE A 12 15.20 77.27 -124.15
N ARG A 13 16.42 77.10 -124.69
CA ARG A 13 17.55 76.70 -123.86
C ARG A 13 17.88 77.78 -122.84
N TYR A 14 17.82 79.05 -123.24
CA TYR A 14 18.06 80.14 -122.29
C TYR A 14 17.01 80.14 -121.19
N LEU A 15 15.74 79.89 -121.54
CA LEU A 15 14.69 79.81 -120.53
C LEU A 15 14.94 78.66 -119.57
N GLN A 16 15.34 77.50 -120.09
CA GLN A 16 15.63 76.35 -119.24
C GLN A 16 16.79 76.65 -118.30
N GLU A 17 17.85 77.28 -118.82
CA GLU A 17 18.99 77.61 -117.97
C GLU A 17 18.61 78.62 -116.90
N TYR A 18 17.80 79.61 -117.25
CA TYR A 18 17.36 80.59 -116.27
C TYR A 18 16.52 79.93 -115.19
N HIS A 19 15.64 79.01 -115.58
CA HIS A 19 14.85 78.28 -114.57
C HIS A 19 15.74 77.45 -113.66
N ASN A 20 16.76 76.79 -114.24
CA ASN A 20 17.67 76.00 -113.43
C ASN A 20 18.42 76.86 -112.43
N ARG A 21 18.86 78.05 -112.87
CA ARG A 21 19.56 78.95 -111.98
C ARG A 21 18.65 79.44 -110.85
N VAL A 22 17.40 79.74 -111.16
CA VAL A 22 16.46 80.25 -110.17
C VAL A 22 15.73 79.12 -109.48
N GLY A 32 10.14 88.17 -113.91
CA GLY A 32 10.11 87.97 -115.34
C GLY A 32 10.86 89.03 -116.12
N THR A 33 12.18 89.06 -115.97
CA THR A 33 13.02 90.02 -116.68
C THR A 33 13.39 89.52 -118.06
N ASP A 34 14.05 88.35 -118.13
CA ASP A 34 14.39 87.71 -119.40
C ASP A 34 13.52 86.51 -119.70
N ILE A 35 13.03 85.81 -118.67
CA ILE A 35 12.13 84.68 -118.90
C ILE A 35 10.82 85.14 -119.51
N ALA A 36 10.26 86.24 -119.00
CA ALA A 36 9.00 86.75 -119.55
C ALA A 36 9.16 87.19 -121.00
N ASN A 37 10.28 87.83 -121.32
CA ASN A 37 10.52 88.24 -122.70
C ASN A 37 10.64 87.03 -123.62
N THR A 38 11.31 85.98 -123.15
CA THR A 38 11.42 84.76 -123.95
C THR A 38 10.06 84.10 -124.14
N LEU A 39 9.22 84.10 -123.10
CA LEU A 39 7.88 83.56 -123.24
C LEU A 39 7.05 84.36 -124.25
N LYS A 40 7.18 85.68 -124.21
CA LYS A 40 6.51 86.51 -125.21
C LYS A 40 7.02 86.21 -126.61
N TYR A 41 8.34 85.98 -126.74
CA TYR A 41 8.91 85.60 -128.02
C TYR A 41 8.32 84.29 -128.52
N PHE A 42 8.19 83.30 -127.62
CA PHE A 42 7.58 82.03 -127.99
C PHE A 42 6.14 82.23 -128.44
N SER A 43 5.38 83.05 -127.72
CA SER A 43 3.99 83.28 -128.06
C SER A 43 3.85 83.94 -129.43
N GLN A 44 4.67 84.96 -129.70
CA GLN A 44 4.58 85.64 -130.98
C GLN A 44 5.11 84.79 -132.12
N THR A 45 6.03 83.87 -131.83
CA THR A 45 6.49 82.94 -132.85
C THR A 45 5.42 81.90 -133.17
N LEU A 46 4.70 81.43 -132.15
CA LEU A 46 3.65 80.43 -132.36
C LEU A 46 2.42 81.05 -133.01
N LEU A 47 2.15 82.33 -132.76
CA LEU A 47 0.96 82.96 -133.32
C LEU A 47 1.03 83.01 -134.84
N SER A 48 2.20 83.31 -135.40
CA SER A 48 2.32 83.47 -136.84
C SER A 48 2.02 82.17 -137.57
N VAL A 49 2.52 81.05 -137.07
CA VAL A 49 2.32 79.76 -137.71
C VAL A 49 0.92 79.23 -137.37
CA TYR A 74 5.82 72.61 -130.95
C TYR A 74 5.86 71.55 -129.86
N GLN A 75 6.14 70.31 -130.27
CA GLN A 75 6.20 69.21 -129.31
C GLN A 75 7.34 69.38 -128.33
N GLY A 76 8.49 69.87 -128.81
CA GLY A 76 9.64 70.09 -127.94
C GLY A 76 9.54 71.29 -127.03
N LEU A 77 8.50 72.11 -127.19
CA LEU A 77 8.34 73.28 -126.34
C LEU A 77 7.67 72.95 -125.02
N TYR A 78 6.82 71.92 -125.01
CA TYR A 78 5.99 71.64 -123.83
C TYR A 78 6.84 71.20 -122.64
N VAL A 79 8.05 70.71 -122.88
CA VAL A 79 8.90 70.27 -121.77
C VAL A 79 9.25 71.44 -120.87
N THR A 80 9.35 72.64 -121.43
CA THR A 80 9.53 73.83 -120.62
C THR A 80 8.20 74.44 -120.19
N LEU A 81 7.14 74.22 -120.96
CA LEU A 81 5.82 74.73 -120.57
C LEU A 81 5.35 74.08 -119.27
N VAL A 82 5.58 72.79 -119.12
CA VAL A 82 5.22 72.12 -117.86
C VAL A 82 6.10 72.62 -116.72
N THR A 83 7.37 72.94 -117.02
CA THR A 83 8.26 73.47 -116.00
C THR A 83 7.86 74.89 -115.59
N LEU A 84 7.15 75.60 -116.48
CA LEU A 84 6.67 76.93 -116.13
C LEU A 84 5.77 76.90 -114.88
N LEU A 85 5.11 75.77 -114.64
CA LEU A 85 4.28 75.65 -113.43
C LEU A 85 5.13 75.80 -112.17
N ASP A 86 6.29 75.14 -112.13
CA ASP A 86 7.19 75.29 -111.00
C ASP A 86 8.00 76.59 -111.07
N LEU A 87 8.08 77.21 -112.25
CA LEU A 87 8.85 78.44 -112.39
C LEU A 87 8.29 79.57 -111.53
N VAL A 88 6.96 79.72 -111.50
CA VAL A 88 6.35 80.86 -110.80
C VAL A 88 6.64 80.84 -109.30
N PRO A 89 6.53 79.70 -108.58
CA PRO A 89 6.90 79.80 -107.16
C PRO A 89 8.41 79.92 -106.95
N ASP A 97 -0.39 88.29 -112.20
CA ASP A 97 0.23 89.13 -113.23
C ASP A 97 1.30 88.36 -113.98
N LEU A 98 2.37 87.99 -113.27
CA LEU A 98 3.42 87.17 -113.89
C LEU A 98 2.87 85.82 -114.33
N GLY A 99 2.07 85.18 -113.48
CA GLY A 99 1.45 83.93 -113.86
C GLY A 99 0.49 84.06 -115.02
N GLN A 100 -0.22 85.19 -115.10
CA GLN A 100 -1.09 85.43 -116.24
C GLN A 100 -0.29 85.49 -117.54
N SER A 101 0.86 86.17 -117.52
CA SER A 101 1.70 86.20 -118.70
C SER A 101 2.28 84.83 -119.01
N ILE A 102 2.60 84.05 -117.97
CA ILE A 102 3.11 82.70 -118.19
C ILE A 102 2.07 81.83 -118.88
N PHE A 103 0.82 81.90 -118.42
CA PHE A 103 -0.25 81.08 -118.98
C PHE A 103 -0.83 81.65 -120.27
N TYR A 104 -0.53 82.91 -120.62
CA TYR A 104 -1.00 83.45 -121.88
C TYR A 104 -0.36 82.73 -123.07
N THR A 105 0.89 82.28 -122.92
CA THR A 105 1.51 81.49 -123.97
C THR A 105 0.78 80.17 -124.16
N THR A 106 0.41 79.51 -123.06
CA THR A 106 -0.36 78.27 -123.17
C THR A 106 -1.72 78.53 -123.80
N THR A 107 -2.34 79.66 -123.44
CA THR A 107 -3.63 80.02 -124.04
C THR A 107 -3.49 80.25 -125.54
N CYS A 108 -2.38 80.84 -125.97
CA CYS A 108 -2.13 81.00 -127.39
C CYS A 108 -1.91 79.65 -128.06
N LEU A 109 -1.20 78.74 -127.39
CA LEU A 109 -0.83 77.48 -128.03
C LEU A 109 -2.01 76.51 -128.14
N LEU A 110 -2.91 76.51 -127.16
CA LEU A 110 -3.94 75.47 -127.12
C LEU A 110 -4.83 75.45 -128.37
N PRO A 111 -5.40 76.58 -128.83
CA PRO A 111 -6.05 76.54 -130.16
C PRO A 111 -5.09 76.21 -131.29
N PHE A 112 -3.82 76.60 -131.16
CA PHE A 112 -2.82 76.32 -132.18
C PHE A 112 -2.45 74.83 -132.19
N ASP A 116 -2.94 64.93 -129.54
CA ASP A 116 -2.68 63.63 -128.91
C ASP A 116 -2.36 63.79 -127.43
N VAL A 117 -1.25 64.47 -127.13
CA VAL A 117 -0.86 64.72 -125.74
C VAL A 117 -1.76 65.73 -125.06
N LEU A 118 -2.66 66.38 -125.82
CA LEU A 118 -3.53 67.40 -125.25
C LEU A 118 -4.39 66.84 -124.13
N SER A 119 -4.65 65.54 -124.13
CA SER A 119 -5.44 64.94 -123.06
C SER A 119 -4.77 65.13 -121.70
N THR A 120 -3.44 65.18 -121.67
CA THR A 120 -2.72 65.42 -120.44
C THR A 120 -2.57 66.90 -120.12
N LEU A 121 -2.89 67.78 -121.06
CA LEU A 121 -2.73 69.22 -120.83
C LEU A 121 -3.60 69.76 -119.69
N PRO A 122 -4.91 69.48 -119.62
CA PRO A 122 -5.72 70.12 -118.58
C PRO A 122 -5.29 69.75 -117.16
N TYR A 123 -5.15 68.45 -116.88
CA TYR A 123 -4.84 68.02 -115.52
C TYR A 123 -3.60 68.72 -114.98
N THR A 124 -2.52 68.71 -115.76
CA THR A 124 -1.31 69.40 -115.36
C THR A 124 -1.59 70.88 -115.09
N MET A 125 -2.30 71.53 -116.01
CA MET A 125 -2.73 72.91 -115.76
C MET A 125 -3.58 72.99 -114.50
N ILE A 126 -4.51 72.05 -114.35
CA ILE A 126 -5.32 72.01 -113.13
C ILE A 126 -4.44 71.75 -111.92
N SER A 127 -3.35 70.99 -112.10
CA SER A 127 -2.41 70.78 -111.01
C SER A 127 -1.85 72.10 -110.49
N THR A 128 -1.87 73.15 -111.30
CA THR A 128 -1.31 74.39 -110.85
C THR A 128 -2.09 74.87 -109.65
N LEU A 129 -3.39 74.61 -109.63
CA LEU A 129 -4.18 75.12 -108.52
C LEU A 129 -3.64 74.67 -107.17
N ALA A 130 -2.83 73.61 -107.13
CA ALA A 130 -2.35 73.05 -105.88
C ALA A 130 -1.06 73.68 -105.39
N THR A 131 -0.43 74.56 -106.17
CA THR A 131 0.86 75.12 -105.78
C THR A 131 0.87 76.64 -105.89
N PHE A 132 0.09 77.20 -106.81
CA PHE A 132 0.14 78.62 -107.08
C PHE A 132 -0.41 79.42 -105.89
N PRO A 133 -0.02 80.69 -105.78
CA PRO A 133 -0.62 81.56 -104.77
C PRO A 133 -2.10 81.75 -105.03
N PRO A 134 -2.86 82.16 -104.00
CA PRO A 134 -4.33 82.22 -104.16
C PRO A 134 -4.80 83.10 -105.30
N PHE A 135 -4.09 84.18 -105.60
CA PHE A 135 -4.56 85.10 -106.65
C PHE A 135 -4.51 84.46 -108.03
N LEU A 136 -3.57 83.55 -108.26
CA LEU A 136 -3.46 82.91 -109.56
C LEU A 136 -4.60 81.93 -109.84
N HIS A 137 -5.32 81.51 -108.80
CA HIS A 137 -6.40 80.55 -109.01
C HIS A 137 -7.50 81.13 -109.91
N LYS A 138 -7.85 82.40 -109.69
CA LYS A 138 -8.86 83.04 -110.53
C LYS A 138 -8.42 83.08 -111.99
N ASP A 139 -7.15 83.42 -112.23
CA ASP A 139 -6.65 83.46 -113.61
C ASP A 139 -6.65 82.07 -114.23
N ILE A 140 -6.28 81.05 -113.45
CA ILE A 140 -6.28 79.69 -113.98
C ILE A 140 -7.69 79.26 -114.32
N ILE A 141 -8.66 79.57 -113.47
CA ILE A 141 -10.05 79.22 -113.73
C ILE A 141 -10.54 79.91 -114.99
N GLU A 142 -10.21 81.20 -115.13
CA GLU A 142 -10.63 81.94 -116.33
C GLU A 142 -10.01 81.36 -117.58
N TYR A 143 -8.72 81.00 -117.53
CA TYR A 143 -8.07 80.41 -118.69
C TYR A 143 -8.66 79.05 -119.03
N LEU A 144 -8.98 78.25 -118.02
CA LEU A 144 -9.61 76.96 -118.28
C LEU A 144 -10.97 77.13 -118.95
N SER A 145 -11.76 78.07 -118.44
CA SER A 145 -13.07 78.32 -119.05
C SER A 145 -12.94 78.84 -120.47
N THR A 146 -11.98 79.73 -120.71
CA THR A 146 -11.83 80.32 -122.04
C THR A 146 -11.32 79.32 -123.05
N SER A 147 -10.32 78.52 -122.67
CA SER A 147 -9.72 77.54 -123.56
C SER A 147 -10.35 76.16 -123.45
N PHE A 148 -11.50 76.05 -122.79
CA PHE A 148 -12.20 74.77 -122.71
C PHE A 148 -12.86 74.41 -124.03
N LEU A 149 -13.13 75.39 -124.90
CA LEU A 149 -13.72 75.07 -126.20
C LEU A 149 -12.84 74.17 -127.05
N PRO A 150 -11.54 74.43 -127.21
CA PRO A 150 -10.70 73.45 -127.93
C PRO A 150 -10.61 72.10 -127.24
N MET A 151 -10.86 72.05 -125.94
CA MET A 151 -10.78 70.78 -125.20
C MET A 151 -11.87 69.82 -125.65
N ASN A 167 -10.25 61.89 -120.51
CA ASN A 167 -11.52 62.58 -120.25
C ASN A 167 -11.96 62.41 -118.80
N LEU A 168 -11.61 61.25 -118.22
CA LEU A 168 -11.94 60.99 -116.82
C LEU A 168 -11.14 61.87 -115.87
N SER A 169 -9.99 62.39 -116.32
CA SER A 169 -9.12 63.17 -115.44
C SER A 169 -9.84 64.39 -114.87
N ALA A 170 -10.86 64.88 -115.58
CA ALA A 170 -11.62 66.02 -115.10
C ALA A 170 -12.21 65.75 -113.71
N SER A 171 -12.61 64.50 -113.44
CA SER A 171 -13.04 64.15 -112.09
C SER A 171 -11.95 64.47 -111.08
N SER A 172 -10.74 63.99 -111.33
CA SER A 172 -9.60 64.33 -110.48
C SER A 172 -9.41 65.83 -110.40
N MET A 173 -9.74 66.55 -111.47
CA MET A 173 -9.67 68.01 -111.44
C MET A 173 -10.48 68.57 -110.29
N LEU A 174 -11.71 68.08 -110.12
CA LEU A 174 -12.52 68.51 -109.00
C LEU A 174 -11.82 68.20 -107.69
N MET A 175 -11.18 67.03 -107.60
CA MET A 175 -10.47 66.66 -106.39
C MET A 175 -9.43 67.70 -106.00
N ILE A 176 -8.89 68.41 -106.98
CA ILE A 176 -8.04 69.56 -106.71
C ILE A 176 -8.86 70.83 -106.54
N ALA A 177 -9.77 71.09 -107.47
CA ALA A 177 -10.50 72.35 -107.46
C ALA A 177 -11.39 72.49 -106.24
N MET A 178 -11.86 71.39 -105.69
CA MET A 178 -12.68 71.41 -104.49
C MET A 178 -11.87 71.26 -103.21
N GLN A 179 -10.54 71.22 -103.31
CA GLN A 179 -9.70 71.05 -102.12
C GLN A 179 -8.84 72.25 -101.80
N TYR A 180 -8.37 72.99 -102.82
CA TYR A 180 -7.49 74.12 -102.58
C TYR A 180 -8.18 75.47 -102.74
N THR A 181 -9.27 75.54 -103.48
CA THR A 181 -10.00 76.78 -103.70
C THR A 181 -11.22 76.81 -102.79
N SER A 182 -11.25 77.78 -101.88
CA SER A 182 -12.39 77.95 -100.98
C SER A 182 -13.54 78.69 -101.62
N ASN A 183 -13.31 79.38 -102.74
CA ASN A 183 -14.38 80.12 -103.41
C ASN A 183 -15.28 79.16 -104.17
N PRO A 184 -16.59 79.15 -103.90
CA PRO A 184 -17.49 78.26 -104.66
C PRO A 184 -17.48 78.54 -106.16
N VAL A 185 -17.26 79.80 -106.55
CA VAL A 185 -17.39 80.19 -107.95
C VAL A 185 -16.40 79.44 -108.83
N TYR A 186 -15.21 79.15 -108.31
CA TYR A 186 -14.18 78.51 -109.13
C TYR A 186 -14.64 77.13 -109.61
N HIS A 187 -14.93 76.23 -108.68
CA HIS A 187 -15.38 74.90 -109.09
C HIS A 187 -16.78 74.93 -109.68
N CYS A 188 -17.60 75.94 -109.35
CA CYS A 188 -18.89 76.08 -110.03
C CYS A 188 -18.69 76.34 -111.52
N GLN A 189 -17.78 77.25 -111.87
CA GLN A 189 -17.49 77.51 -113.26
C GLN A 189 -16.82 76.31 -113.93
N LEU A 190 -15.97 75.61 -113.18
CA LEU A 190 -15.37 74.39 -113.73
C LEU A 190 -16.43 73.36 -114.08
N LEU A 191 -17.41 73.16 -113.19
CA LEU A 191 -18.49 72.23 -113.49
C LEU A 191 -19.36 72.73 -114.63
N GLU A 192 -19.59 74.04 -114.72
CA GLU A 192 -20.38 74.58 -115.81
C GLU A 192 -19.70 74.32 -117.16
N CYS A 193 -18.40 74.56 -117.24
CA CYS A 193 -17.68 74.35 -118.49
C CYS A 193 -17.43 72.87 -118.78
N LEU A 194 -17.46 72.02 -117.75
CA LEU A 194 -17.39 70.58 -117.98
C LEU A 194 -18.73 70.02 -118.46
N MET A 195 -19.83 70.60 -118.01
CA MET A 195 -21.16 70.11 -118.37
C MET A 195 -21.41 70.26 -119.87
N LYS A 196 -20.95 71.37 -120.46
CA LYS A 196 -21.13 71.57 -121.89
C LYS A 196 -20.27 70.62 -122.73
N TYR A 197 -19.33 69.90 -122.12
CA TYR A 197 -18.50 68.95 -122.85
C TYR A 197 -18.45 67.58 -122.19
N LYS A 198 -19.25 67.33 -121.16
CA LYS A 198 -19.36 66.00 -120.56
C LYS A 198 -20.83 65.74 -120.28
N GLN A 199 -21.36 64.66 -120.87
CA GLN A 199 -22.78 64.36 -120.73
C GLN A 199 -23.16 64.01 -119.29
N GLU A 200 -22.32 63.23 -118.63
CA GLU A 200 -22.61 62.73 -117.27
C GLU A 200 -21.52 63.24 -116.32
N VAL A 201 -21.73 64.45 -115.79
CA VAL A 201 -20.81 65.02 -114.81
C VAL A 201 -21.08 64.52 -113.40
N TRP A 202 -22.21 63.86 -113.19
CA TRP A 202 -22.54 63.39 -111.84
C TRP A 202 -21.60 62.30 -111.36
N LYS A 203 -21.08 61.48 -112.27
CA LYS A 203 -20.18 60.40 -111.85
C LYS A 203 -18.86 60.95 -111.31
N ASP A 204 -18.40 62.08 -111.84
CA ASP A 204 -17.17 62.69 -111.32
C ASP A 204 -17.35 63.08 -109.85
N LEU A 205 -18.45 63.78 -109.55
CA LEU A 205 -18.71 64.14 -108.17
C LEU A 205 -18.99 62.92 -107.30
N LEU A 206 -19.61 61.88 -107.86
CA LEU A 206 -19.81 60.65 -107.11
C LEU A 206 -18.48 60.04 -106.72
N TYR A 207 -17.54 59.98 -107.65
CA TYR A 207 -16.20 59.49 -107.34
C TYR A 207 -15.54 60.36 -106.27
N VAL A 208 -15.65 61.67 -106.41
CA VAL A 208 -15.03 62.59 -105.46
C VAL A 208 -15.58 62.36 -104.06
N ILE A 209 -16.89 62.23 -103.93
CA ILE A 209 -17.50 62.07 -102.62
C ILE A 209 -17.17 60.70 -102.04
N ALA A 210 -17.28 59.65 -102.86
CA ALA A 210 -17.12 58.29 -102.35
C ALA A 210 -15.67 58.02 -101.93
N TYR A 211 -14.70 58.46 -102.72
CA TYR A 211 -13.32 58.07 -102.49
C TYR A 211 -12.42 59.21 -102.05
N GLY A 212 -12.77 60.45 -102.34
CA GLY A 212 -11.97 61.58 -101.92
C GLY A 212 -12.02 61.78 -100.43
N PRO A 213 -11.14 62.60 -99.90
CA PRO A 213 -11.11 62.84 -98.45
C PRO A 213 -12.13 63.88 -98.02
N SER A 214 -12.12 64.23 -96.74
CA SER A 214 -12.96 65.31 -96.26
C SER A 214 -12.47 66.64 -96.83
N GLN A 215 -13.28 67.68 -96.60
CA GLN A 215 -13.02 69.03 -97.12
C GLN A 215 -13.18 69.06 -98.63
N VAL A 216 -13.44 67.89 -99.23
CA VAL A 216 -13.71 67.78 -100.65
C VAL A 216 -15.14 67.27 -100.79
N LYS A 217 -15.57 66.47 -99.83
CA LYS A 217 -16.95 65.99 -99.82
C LYS A 217 -17.98 67.10 -99.68
N PRO A 218 -17.84 68.07 -98.77
CA PRO A 218 -18.88 69.11 -98.64
C PRO A 218 -19.07 69.89 -99.94
N PRO A 219 -18.02 70.46 -100.55
CA PRO A 219 -18.26 71.22 -101.78
C PRO A 219 -18.81 70.37 -102.91
N ALA A 220 -18.35 69.12 -103.01
CA ALA A 220 -18.84 68.23 -104.06
C ALA A 220 -20.33 67.94 -103.88
N VAL A 221 -20.75 67.66 -102.64
CA VAL A 221 -22.16 67.43 -102.36
C VAL A 221 -22.97 68.68 -102.67
N GLN A 222 -22.48 69.85 -102.24
CA GLN A 222 -23.23 71.08 -102.47
C GLN A 222 -23.40 71.34 -103.96
N MET A 223 -22.34 71.16 -104.74
CA MET A 223 -22.45 71.39 -106.18
C MET A 223 -23.33 70.34 -106.85
N LEU A 224 -23.26 69.09 -106.38
CA LEU A 224 -24.11 68.05 -106.94
C LEU A 224 -25.58 68.35 -106.72
N PHE A 225 -25.93 68.82 -105.52
CA PHE A 225 -27.32 69.16 -105.24
C PHE A 225 -27.73 70.47 -105.92
N HIS A 226 -26.77 71.36 -106.16
CA HIS A 226 -27.09 72.62 -106.83
C HIS A 226 -27.40 72.41 -108.31
N TYR A 227 -26.57 71.62 -108.99
CA TYR A 227 -26.76 71.39 -110.42
C TYR A 227 -27.82 70.34 -110.72
N TRP A 228 -28.30 69.61 -109.73
CA TRP A 228 -29.35 68.62 -109.89
C TRP A 228 -30.42 68.84 -108.84
N PRO A 229 -31.36 69.75 -109.09
CA PRO A 229 -32.45 69.98 -108.12
C PRO A 229 -33.34 68.77 -107.91
N ASN A 230 -33.33 67.82 -108.84
CA ASN A 230 -34.15 66.62 -108.71
C ASN A 230 -33.73 65.75 -107.53
N LEU A 231 -32.54 65.97 -106.99
CA LEU A 231 -32.02 65.15 -105.90
C LEU A 231 -32.62 65.49 -104.54
N LYS A 232 -33.66 66.32 -104.50
CA LYS A 232 -34.32 66.65 -103.24
C LYS A 232 -35.68 65.97 -103.20
N PRO A 233 -35.86 64.92 -102.40
CA PRO A 233 -37.20 64.34 -102.25
C PRO A 233 -38.13 65.33 -101.59
N PRO A 234 -39.43 65.25 -101.88
CA PRO A 234 -40.38 66.20 -101.28
C PRO A 234 -40.37 66.11 -99.75
N GLY A 235 -40.48 67.27 -99.12
CA GLY A 235 -40.46 67.35 -97.67
C GLY A 235 -39.45 68.34 -97.13
N LEU A 389 -25.07 53.34 -110.21
CA LEU A 389 -25.78 52.77 -109.06
C LEU A 389 -24.84 52.50 -107.90
N VAL A 390 -23.78 51.75 -108.17
CA VAL A 390 -22.82 51.39 -107.12
C VAL A 390 -22.08 52.64 -106.62
N CYS A 391 -21.75 53.55 -107.53
CA CYS A 391 -21.07 54.77 -107.11
C CYS A 391 -21.93 55.61 -106.17
N ALA A 392 -23.24 55.66 -106.43
CA ALA A 392 -24.13 56.38 -105.52
C ALA A 392 -24.15 55.74 -104.15
N VAL A 393 -24.15 54.40 -104.09
CA VAL A 393 -24.12 53.71 -102.81
C VAL A 393 -22.83 54.02 -102.06
N GLU A 394 -21.71 54.01 -102.77
CA GLU A 394 -20.43 54.32 -102.12
C GLU A 394 -20.42 55.76 -101.62
N ALA A 395 -20.99 56.69 -102.41
CA ALA A 395 -21.07 58.08 -101.97
C ALA A 395 -21.91 58.21 -100.71
N VAL A 396 -23.04 57.51 -100.65
CA VAL A 396 -23.86 57.53 -99.45
C VAL A 396 -23.08 56.98 -98.27
N ILE A 397 -22.35 55.89 -98.48
CA ILE A 397 -21.57 55.28 -97.41
C ILE A 397 -20.53 56.26 -96.88
N SER A 398 -19.81 56.93 -97.78
CA SER A 398 -18.81 57.89 -97.36
C SER A 398 -19.43 59.08 -96.63
N LEU A 399 -20.57 59.57 -97.15
CA LEU A 399 -21.24 60.70 -96.53
C LEU A 399 -21.70 60.35 -95.13
N LEU A 400 -22.19 59.14 -94.92
CA LEU A 400 -22.59 58.72 -93.59
C LEU A 400 -21.39 58.47 -92.68
N LYS A 401 -20.28 57.99 -93.23
CA LYS A 401 -19.08 57.79 -92.43
C LYS A 401 -18.49 59.12 -91.98
N GLU A 402 -18.75 60.19 -92.73
CA GLU A 402 -18.28 61.51 -92.31
C GLU A 402 -18.82 61.89 -90.94
N ALA A 403 -20.11 61.61 -90.69
CA ALA A 403 -20.69 61.93 -89.39
C ALA A 403 -20.01 61.15 -88.27
N GLU A 404 -19.76 59.86 -88.50
CA GLU A 404 -19.08 59.05 -87.49
C GLU A 404 -17.68 59.57 -87.23
N PHE A 405 -16.97 59.96 -88.28
CA PHE A 405 -15.64 60.54 -88.11
C PHE A 405 -15.70 61.85 -87.33
N HIS A 406 -16.78 62.62 -87.49
CA HIS A 406 -16.94 63.84 -86.73
C HIS A 406 -17.07 63.54 -85.24
N ALA A 407 -17.80 62.50 -84.89
CA ALA A 407 -17.99 62.13 -83.48
C ALA A 407 -16.72 61.51 -82.91
N ASP A 443 -19.95 72.31 -90.29
CA ASP A 443 -20.75 71.82 -91.42
C ASP A 443 -20.89 70.31 -91.37
N GLN A 444 -20.48 69.71 -90.25
CA GLN A 444 -20.50 68.26 -90.13
C GLN A 444 -21.93 67.71 -90.22
N ARG A 445 -22.88 68.39 -89.57
CA ARG A 445 -24.27 67.94 -89.62
C ARG A 445 -24.86 68.12 -91.02
N LEU A 446 -24.36 69.08 -91.78
CA LEU A 446 -24.85 69.28 -93.14
C LEU A 446 -24.54 68.07 -94.01
N LEU A 447 -23.38 67.45 -93.80
CA LEU A 447 -23.05 66.24 -94.54
C LEU A 447 -24.04 65.13 -94.24
N SER A 448 -24.39 64.94 -92.96
CA SER A 448 -25.36 63.91 -92.61
C SER A 448 -26.72 64.21 -93.23
N GLN A 449 -27.15 65.48 -93.18
CA GLN A 449 -28.44 65.84 -93.74
C GLN A 449 -28.47 65.57 -95.25
N PHE A 450 -27.42 65.98 -95.96
CA PHE A 450 -27.38 65.74 -97.40
C PHE A 450 -27.31 64.25 -97.72
N GLY A 451 -26.56 63.49 -96.93
CA GLY A 451 -26.48 62.05 -97.17
C GLY A 451 -27.82 61.38 -96.99
N ILE A 452 -28.56 61.78 -95.94
CA ILE A 452 -29.89 61.20 -95.73
C ILE A 452 -30.83 61.60 -96.85
N TRP A 453 -30.76 62.86 -97.30
CA TRP A 453 -31.60 63.29 -98.42
C TRP A 453 -31.32 62.47 -99.67
N PHE A 454 -30.04 62.26 -99.98
CA PHE A 454 -29.68 61.49 -101.18
C PHE A 454 -30.10 60.03 -101.03
N LEU A 455 -29.96 59.48 -99.83
CA LEU A 455 -30.40 58.10 -99.60
C LEU A 455 -31.90 57.96 -99.82
N VAL A 456 -32.68 58.90 -99.32
CA VAL A 456 -34.13 58.84 -99.51
C VAL A 456 -34.47 59.02 -100.98
N SER A 457 -33.72 59.88 -101.68
CA SER A 457 -34.05 60.18 -103.07
C SER A 457 -33.72 59.01 -103.99
N LEU A 458 -32.45 58.60 -104.03
CA LEU A 458 -31.97 57.64 -105.01
C LEU A 458 -31.52 56.34 -104.36
N CYS A 459 -32.30 55.83 -103.41
CA CYS A 459 -32.05 54.50 -102.86
C CYS A 459 -33.40 53.93 -102.41
N THR A 460 -34.00 53.11 -103.27
CA THR A 460 -35.25 52.44 -102.96
C THR A 460 -35.00 50.94 -102.88
N PRO A 461 -35.12 50.33 -101.70
CA PRO A 461 -34.85 48.89 -101.60
C PRO A 461 -35.86 48.08 -102.40
N SER A 462 -35.38 47.00 -103.01
CA SER A 462 -36.21 46.13 -103.82
C SER A 462 -35.51 44.79 -103.98
N GLU A 463 -36.19 43.86 -104.63
CA GLU A 463 -35.60 42.56 -104.91
C GLU A 463 -34.51 42.63 -105.98
N ASN A 464 -34.45 43.72 -106.73
CA ASN A 464 -33.41 43.91 -107.73
C ASN A 464 -32.12 44.48 -107.15
N THR A 465 -32.15 44.96 -105.92
CA THR A 465 -30.95 45.53 -105.32
C THR A 465 -29.94 44.43 -105.01
N PRO A 466 -28.67 44.61 -105.37
CA PRO A 466 -27.65 43.62 -105.00
C PRO A 466 -27.57 43.44 -103.50
N THR A 467 -27.34 42.19 -103.08
CA THR A 467 -27.31 41.88 -101.66
C THR A 467 -26.17 42.60 -100.95
N GLU A 468 -24.97 42.59 -101.53
CA GLU A 468 -23.82 43.21 -100.89
C GLU A 468 -24.00 44.71 -100.76
N SER A 469 -24.50 45.37 -101.81
CA SER A 469 -24.70 46.81 -101.75
C SER A 469 -25.71 47.19 -100.67
N LEU A 470 -26.81 46.46 -100.61
CA LEU A 470 -27.83 46.75 -99.60
C LEU A 470 -27.31 46.46 -98.20
N ALA A 471 -26.52 45.41 -98.04
CA ALA A 471 -25.94 45.11 -96.74
C ALA A 471 -25.01 46.22 -96.28
N ARG A 472 -24.14 46.69 -97.18
CA ARG A 472 -23.26 47.80 -96.84
C ARG A 472 -24.06 49.05 -96.50
N LEU A 473 -25.10 49.33 -97.28
CA LEU A 473 -25.92 50.51 -97.02
C LEU A 473 -26.59 50.44 -95.66
N VAL A 474 -27.16 49.28 -95.31
CA VAL A 474 -27.85 49.15 -94.04
C VAL A 474 -26.85 49.21 -92.87
N ALA A 475 -25.67 48.62 -93.05
CA ALA A 475 -24.66 48.69 -92.01
C ALA A 475 -24.25 50.15 -91.75
N MET A 476 -24.04 50.92 -92.82
CA MET A 476 -23.69 52.32 -92.64
C MET A 476 -24.85 53.11 -92.03
N VAL A 477 -26.09 52.76 -92.39
CA VAL A 477 -27.25 53.44 -91.81
C VAL A 477 -27.31 53.21 -90.31
N PHE A 478 -27.07 51.96 -89.88
CA PHE A 478 -27.11 51.67 -88.45
C PHE A 478 -25.96 52.35 -87.71
N GLN A 479 -24.75 52.33 -88.28
CA GLN A 479 -23.65 53.03 -87.65
C GLN A 479 -23.94 54.52 -87.56
N TRP A 480 -24.56 55.08 -88.59
CA TRP A 480 -24.88 56.51 -88.61
C TRP A 480 -25.95 56.84 -87.57
N PHE A 481 -26.94 55.95 -87.40
CA PHE A 481 -27.92 56.14 -86.34
C PHE A 481 -27.25 56.15 -84.97
N HIS A 482 -26.34 55.20 -84.75
CA HIS A 482 -25.64 55.15 -83.47
C HIS A 482 -24.80 56.41 -83.25
N SER A 483 -24.14 56.90 -84.30
CA SER A 483 -23.33 58.10 -84.17
C SER A 483 -24.20 59.33 -83.89
N THR A 484 -25.34 59.43 -84.56
CA THR A 484 -26.22 60.59 -84.39
C THR A 484 -26.96 60.54 -83.06
N ALA A 485 -27.07 59.36 -82.43
CA ALA A 485 -27.77 59.27 -81.15
C ALA A 485 -27.09 60.11 -80.09
N TYR A 486 -25.76 60.08 -80.03
CA TYR A 486 -25.02 60.76 -78.99
C TYR A 486 -24.72 62.22 -79.29
N MET A 487 -25.15 62.72 -80.46
CA MET A 487 -24.88 64.11 -80.82
C MET A 487 -25.64 65.06 -79.90
N MET A 488 -25.04 66.23 -79.65
CA MET A 488 -25.67 67.24 -78.84
C MET A 488 -26.89 67.82 -79.54
N ASP A 489 -27.83 68.30 -78.74
CA ASP A 489 -29.10 68.83 -79.23
C ASP A 489 -29.00 70.35 -79.36
N ASP A 490 -28.94 70.83 -80.60
CA ASP A 490 -28.96 72.25 -80.89
C ASP A 490 -30.10 72.54 -81.87
N GLU A 491 -30.19 73.76 -82.39
CA GLU A 491 -31.22 74.06 -83.38
C GLU A 491 -31.07 73.17 -84.62
N VAL A 492 -29.84 73.09 -85.15
CA VAL A 492 -29.56 72.11 -86.20
C VAL A 492 -29.71 70.69 -85.65
N GLY A 493 -29.28 70.49 -84.41
CA GLY A 493 -29.46 69.19 -83.79
C GLY A 493 -30.94 68.83 -83.62
N SER A 494 -31.76 69.80 -83.22
CA SER A 494 -33.19 69.54 -83.10
C SER A 494 -33.81 69.24 -84.47
N LEU A 495 -33.42 70.00 -85.49
CA LEU A 495 -33.93 69.74 -86.83
C LEU A 495 -33.54 68.35 -87.31
N VAL A 496 -32.30 67.94 -87.05
CA VAL A 496 -31.85 66.61 -87.42
C VAL A 496 -32.66 65.55 -86.69
N GLU A 497 -32.80 65.70 -85.37
CA GLU A 497 -33.48 64.68 -84.58
C GLU A 497 -34.97 64.64 -84.87
N LYS A 498 -35.54 65.70 -85.44
CA LYS A 498 -36.93 65.69 -85.84
C LYS A 498 -37.12 65.13 -87.24
N LEU A 499 -36.21 65.43 -88.16
CA LEU A 499 -36.34 64.94 -89.53
C LEU A 499 -35.95 63.47 -89.65
N LYS A 500 -35.08 62.98 -88.78
CA LYS A 500 -34.61 61.60 -88.92
C LYS A 500 -35.70 60.54 -88.79
N PRO A 501 -36.63 60.62 -87.83
CA PRO A 501 -37.73 59.65 -87.84
C PRO A 501 -38.56 59.71 -89.10
N GLN A 502 -38.62 60.86 -89.77
CA GLN A 502 -39.41 60.97 -91.00
C GLN A 502 -38.79 60.17 -92.14
N PHE A 503 -37.47 60.12 -92.23
CA PHE A 503 -36.79 59.56 -93.39
C PHE A 503 -36.07 58.26 -93.07
N VAL A 504 -35.16 58.26 -92.09
CA VAL A 504 -34.35 57.07 -91.82
C VAL A 504 -35.23 55.95 -91.30
N THR A 505 -36.13 56.24 -90.36
CA THR A 505 -37.02 55.22 -89.83
C THR A 505 -37.93 54.66 -90.92
N LYS A 506 -38.46 55.54 -91.77
CA LYS A 506 -39.32 55.07 -92.86
C LYS A 506 -38.56 54.18 -93.82
N TRP A 507 -37.33 54.55 -94.18
CA TRP A 507 -36.54 53.72 -95.09
C TRP A 507 -36.18 52.39 -94.47
N LEU A 508 -35.84 52.39 -93.17
CA LEU A 508 -35.55 51.12 -92.50
C LEU A 508 -36.79 50.23 -92.46
N LYS A 509 -37.96 50.82 -92.22
CA LYS A 509 -39.19 50.04 -92.25
C LYS A 509 -39.42 49.44 -93.63
N THR A 510 -39.21 50.23 -94.68
CA THR A 510 -39.41 49.73 -96.03
C THR A 510 -38.45 48.59 -96.36
N VAL A 511 -37.17 48.75 -96.01
CA VAL A 511 -36.20 47.70 -96.33
C VAL A 511 -36.47 46.45 -95.52
N CYS A 512 -36.92 46.61 -94.27
CA CYS A 512 -37.29 45.44 -93.46
C CYS A 512 -38.50 44.72 -94.06
N ASP A 513 -39.49 45.48 -94.53
CA ASP A 513 -40.66 44.87 -95.14
C ASP A 513 -40.29 44.11 -96.41
N VAL A 514 -39.41 44.71 -97.23
CA VAL A 514 -39.06 44.10 -98.52
C VAL A 514 -37.94 43.07 -98.35
N ARG A 515 -36.81 43.48 -97.79
CA ARG A 515 -35.62 42.63 -97.68
C ARG A 515 -35.33 42.40 -96.20
N PHE A 516 -35.97 41.39 -95.62
CA PHE A 516 -35.77 41.08 -94.21
C PHE A 516 -34.45 40.34 -93.98
N ASP A 517 -33.96 39.61 -94.98
CA ASP A 517 -32.74 38.83 -94.80
C ASP A 517 -31.55 39.74 -94.53
N VAL A 518 -31.40 40.81 -95.33
CA VAL A 518 -30.30 41.74 -95.12
C VAL A 518 -30.46 42.49 -93.81
N MET A 519 -31.70 42.84 -93.46
CA MET A 519 -31.95 43.52 -92.20
C MET A 519 -31.52 42.67 -91.01
N VAL A 520 -31.79 41.37 -91.06
CA VAL A 520 -31.34 40.48 -89.99
C VAL A 520 -29.83 40.31 -90.02
N MET A 521 -29.26 40.10 -91.21
CA MET A 521 -27.83 39.84 -91.32
C MET A 521 -27.01 41.02 -90.84
N CYS A 522 -27.54 42.24 -90.98
CA CYS A 522 -26.80 43.41 -90.57
C CYS A 522 -26.71 43.54 -89.06
N LEU A 523 -27.72 43.07 -88.33
CA LEU A 523 -27.77 43.17 -86.88
C LEU A 523 -27.13 41.99 -86.16
N LEU A 524 -26.70 40.97 -86.88
CA LEU A 524 -26.03 39.85 -86.26
C LEU A 524 -24.66 40.27 -85.71
N PRO A 525 -24.15 39.59 -84.69
CA PRO A 525 -22.85 40.00 -84.12
C PRO A 525 -21.69 39.86 -85.09
N LYS A 526 -21.59 38.73 -85.79
CA LYS A 526 -20.49 38.45 -86.72
C LYS A 526 -19.13 38.61 -86.05
N CYS A 541 -9.19 47.43 -80.76
CA CYS A 541 -10.15 46.56 -81.41
C CYS A 541 -10.07 45.14 -80.86
N SER A 542 -11.10 44.74 -80.12
CA SER A 542 -11.21 43.42 -79.54
C SER A 542 -12.62 42.88 -79.76
N THR A 543 -12.74 41.55 -79.68
CA THR A 543 -14.05 40.93 -79.92
C THR A 543 -15.08 41.39 -78.91
N VAL A 544 -14.68 41.51 -77.64
CA VAL A 544 -15.61 41.97 -76.61
C VAL A 544 -16.06 43.39 -76.90
N THR A 545 -15.13 44.27 -77.30
CA THR A 545 -15.51 45.63 -77.64
C THR A 545 -16.42 45.67 -78.86
N GLN A 546 -16.17 44.82 -79.86
CA GLN A 546 -17.04 44.78 -81.02
C GLN A 546 -18.44 44.33 -80.65
N LEU A 547 -18.55 43.32 -79.78
CA LEU A 547 -19.87 42.87 -79.33
C LEU A 547 -20.57 43.97 -78.54
N LYS A 548 -19.84 44.69 -77.70
CA LYS A 548 -20.44 45.81 -76.98
C LYS A 548 -20.93 46.89 -77.94
N GLU A 549 -20.14 47.17 -78.98
CA GLU A 549 -20.55 48.18 -79.97
C GLU A 549 -21.80 47.75 -80.71
N GLY A 550 -21.87 46.47 -81.12
CA GLY A 550 -23.06 46.00 -81.80
C GLY A 550 -24.29 46.02 -80.91
N LEU A 551 -24.13 45.63 -79.64
CA LEU A 551 -25.24 45.68 -78.70
C LEU A 551 -25.71 47.11 -78.49
N ASN A 552 -24.76 48.06 -78.37
CA ASN A 552 -25.13 49.46 -78.23
C ASN A 552 -25.84 49.97 -79.48
N ARG A 553 -25.42 49.51 -80.65
CA ARG A 553 -26.07 49.89 -81.89
C ARG A 553 -27.52 49.40 -81.92
N ILE A 554 -27.74 48.17 -81.50
CA ILE A 554 -29.11 47.64 -81.42
C ILE A 554 -29.93 48.45 -80.42
N LEU A 555 -29.34 48.74 -79.26
CA LEU A 555 -30.05 49.51 -78.25
C LEU A 555 -30.39 50.90 -78.75
N CYS A 556 -29.53 51.49 -79.57
CA CYS A 556 -29.82 52.80 -80.16
C CYS A 556 -30.93 52.69 -81.21
N LEU A 557 -30.96 51.58 -81.94
CA LEU A 557 -32.04 51.36 -82.90
C LEU A 557 -33.38 51.16 -82.21
N ILE A 558 -33.36 50.66 -80.96
CA ILE A 558 -34.61 50.29 -80.29
C ILE A 558 -35.58 51.47 -80.16
N PRO A 559 -35.18 52.66 -79.70
CA PRO A 559 -36.18 53.72 -79.47
C PRO A 559 -36.95 54.11 -80.71
N TYR A 560 -36.40 53.92 -81.90
CA TYR A 560 -37.09 54.23 -83.15
C TYR A 560 -37.97 53.08 -83.62
N ASN A 561 -38.31 52.16 -82.72
CA ASN A 561 -39.19 51.01 -82.97
C ASN A 561 -38.89 50.31 -84.30
N VAL A 562 -37.63 50.31 -84.70
CA VAL A 562 -37.23 49.58 -85.90
C VAL A 562 -37.33 48.08 -85.67
N ILE A 563 -36.98 47.64 -84.46
CA ILE A 563 -36.94 46.21 -84.15
C ILE A 563 -38.35 45.73 -83.81
N SER A 564 -38.85 44.80 -84.61
CA SER A 564 -40.13 44.15 -84.34
C SER A 564 -39.88 42.81 -83.66
N GLN A 565 -40.97 42.08 -83.38
CA GLN A 565 -40.84 40.80 -82.70
C GLN A 565 -40.06 39.80 -83.55
N SER A 566 -40.24 39.85 -84.88
CA SER A 566 -39.47 38.98 -85.75
C SER A 566 -37.99 39.31 -85.69
N VAL A 567 -37.65 40.59 -85.72
CA VAL A 567 -36.25 41.00 -85.62
C VAL A 567 -35.65 40.55 -84.30
N TRP A 568 -36.39 40.75 -83.21
CA TRP A 568 -35.90 40.34 -81.90
C TRP A 568 -35.66 38.83 -81.84
N GLU A 569 -36.65 38.05 -82.28
CA GLU A 569 -36.51 36.60 -82.27
C GLU A 569 -35.38 36.13 -83.17
N CYS A 570 -35.06 36.90 -84.21
CA CYS A 570 -34.02 36.49 -85.14
C CYS A 570 -32.62 36.93 -84.74
N ILE A 571 -32.48 37.99 -83.95
CA ILE A 571 -31.16 38.52 -83.63
C ILE A 571 -30.74 38.18 -82.20
N MET A 572 -31.66 38.19 -81.25
CA MET A 572 -31.28 38.00 -79.86
C MET A 572 -30.64 36.65 -79.56
N PRO A 573 -31.13 35.51 -80.08
CA PRO A 573 -30.42 34.24 -79.78
C PRO A 573 -28.97 34.26 -80.20
N GLU A 574 -28.66 34.84 -81.36
CA GLU A 574 -27.26 34.90 -81.81
C GLU A 574 -26.42 35.78 -80.90
N TRP A 575 -26.97 36.92 -80.48
CA TRP A 575 -26.23 37.80 -79.59
C TRP A 575 -25.96 37.14 -78.25
N LEU A 576 -26.96 36.48 -77.69
CA LEU A 576 -26.76 35.80 -76.40
C LEU A 576 -25.77 34.65 -76.54
N GLU A 577 -25.84 33.90 -77.65
CA GLU A 577 -24.87 32.83 -77.87
C GLU A 577 -23.45 33.37 -77.99
N ALA A 578 -23.30 34.49 -78.70
CA ALA A 578 -21.99 35.11 -78.82
C ALA A 578 -21.47 35.59 -77.47
N ILE A 579 -22.35 36.18 -76.66
CA ILE A 579 -21.95 36.61 -75.32
C ILE A 579 -21.52 35.41 -74.49
N ARG A 580 -22.26 34.31 -74.58
CA ARG A 580 -21.93 33.12 -73.81
C ARG A 580 -20.59 32.53 -74.26
N THR A 581 -20.34 32.49 -75.56
CA THR A 581 -19.16 31.81 -76.10
C THR A 581 -17.99 32.76 -76.28
N GLU A 582 -18.16 33.78 -77.13
CA GLU A 582 -17.04 34.65 -77.49
C GLU A 582 -16.52 35.43 -76.30
N VAL A 583 -17.41 35.98 -75.48
CA VAL A 583 -16.98 36.77 -74.33
C VAL A 583 -16.41 35.84 -73.27
N PRO A 584 -15.28 36.17 -72.64
CA PRO A 584 -14.79 35.36 -71.52
C PRO A 584 -15.64 35.54 -70.28
N ASP A 585 -15.20 34.95 -69.17
CA ASP A 585 -15.97 34.94 -67.92
C ASP A 585 -15.57 36.07 -66.98
N ASN A 586 -15.17 37.22 -67.51
CA ASN A 586 -14.80 38.36 -66.69
C ASN A 586 -16.04 39.06 -66.13
N GLN A 587 -16.89 38.24 -65.51
CA GLN A 587 -18.10 38.67 -64.80
C GLN A 587 -19.16 39.21 -65.74
N LEU A 588 -18.83 39.34 -67.03
CA LEU A 588 -19.75 39.83 -68.06
C LEU A 588 -20.34 41.19 -67.73
N LYS A 589 -19.76 41.89 -66.75
CA LYS A 589 -20.36 43.14 -66.27
C LYS A 589 -20.34 44.22 -67.33
N GLU A 590 -19.37 44.18 -68.26
CA GLU A 590 -19.28 45.19 -69.29
C GLU A 590 -20.57 45.28 -70.10
N PHE A 591 -21.19 44.14 -70.38
CA PHE A 591 -22.44 44.09 -71.13
C PHE A 591 -23.66 44.38 -70.27
N ARG A 592 -23.53 44.34 -68.94
CA ARG A 592 -24.69 44.47 -68.07
C ARG A 592 -25.44 45.77 -68.35
N GLU A 593 -24.74 46.90 -68.29
CA GLU A 593 -25.38 48.19 -68.49
C GLU A 593 -26.04 48.28 -69.86
N VAL A 594 -25.59 47.45 -70.80
CA VAL A 594 -26.27 47.36 -72.09
C VAL A 594 -27.45 46.41 -72.02
N LEU A 595 -27.21 45.19 -71.54
CA LEU A 595 -28.28 44.19 -71.53
C LEU A 595 -29.42 44.60 -70.61
N SER A 596 -29.08 45.10 -69.42
CA SER A 596 -30.12 45.59 -68.53
C SER A 596 -30.90 46.74 -69.14
N LYS A 597 -30.30 47.44 -70.10
CA LYS A 597 -30.99 48.52 -70.78
C LYS A 597 -31.78 48.05 -71.99
N MET A 598 -31.62 46.78 -72.40
CA MET A 598 -32.35 46.24 -73.53
C MET A 598 -33.46 45.28 -73.12
N PHE A 599 -33.45 44.79 -71.88
CA PHE A 599 -34.43 43.82 -71.41
C PHE A 599 -35.35 44.39 -70.34
N ASP A 600 -35.65 45.70 -70.43
CA ASP A 600 -36.58 46.35 -69.52
C ASP A 600 -37.73 46.93 -70.33
N ILE A 601 -38.95 46.58 -69.95
CA ILE A 601 -40.13 47.08 -70.67
C ILE A 601 -40.29 48.59 -70.43
N GLU A 602 -40.01 49.04 -69.21
CA GLU A 602 -40.13 50.46 -68.92
C GLU A 602 -39.08 51.28 -69.66
N LEU A 603 -37.84 50.80 -69.70
CA LEU A 603 -36.78 51.54 -70.37
C LEU A 603 -37.00 51.59 -71.88
N CYS A 604 -37.37 50.46 -72.48
CA CYS A 604 -37.49 50.51 -73.93
C CYS A 604 -38.92 50.77 -74.36
N PRO A 605 -39.14 51.60 -75.38
CA PRO A 605 -40.50 51.85 -75.87
C PRO A 605 -41.10 50.69 -76.66
N LEU A 606 -40.47 49.53 -76.64
CA LEU A 606 -41.02 48.37 -77.34
C LEU A 606 -42.35 47.97 -76.72
N PRO A 607 -43.38 47.71 -77.52
CA PRO A 607 -44.65 47.23 -76.96
C PRO A 607 -44.58 45.78 -76.51
N PHE A 608 -43.37 45.21 -76.54
CA PHE A 608 -43.17 43.83 -76.11
C PHE A 608 -43.55 43.68 -74.64
N SER A 609 -44.32 42.63 -74.35
CA SER A 609 -44.56 42.25 -72.97
C SER A 609 -43.44 41.31 -72.53
N MET A 610 -43.55 40.81 -71.30
CA MET A 610 -42.57 39.85 -70.82
C MET A 610 -42.60 38.57 -71.65
N GLU A 611 -43.79 38.10 -72.00
CA GLU A 611 -43.89 36.91 -72.84
C GLU A 611 -43.30 37.15 -74.22
N GLU A 612 -43.57 38.31 -74.81
CA GLU A 612 -43.07 38.60 -76.15
C GLU A 612 -41.56 38.84 -76.12
N MET A 613 -41.08 39.60 -75.14
CA MET A 613 -39.65 39.91 -75.07
C MET A 613 -38.82 38.65 -74.89
N PHE A 614 -39.26 37.73 -74.02
CA PHE A 614 -38.59 36.46 -73.80
C PHE A 614 -39.17 35.34 -74.64
N GLY A 615 -39.69 35.67 -75.83
CA GLY A 615 -40.25 34.65 -76.69
C GLY A 615 -39.21 33.68 -77.22
N PHE A 616 -38.01 34.18 -77.52
CA PHE A 616 -36.98 33.30 -78.09
C PHE A 616 -36.50 32.29 -77.07
N ILE A 617 -36.39 32.68 -75.80
CA ILE A 617 -36.07 31.72 -74.75
C ILE A 617 -37.25 30.79 -74.52
N SER A 618 -38.47 31.34 -74.51
CA SER A 618 -39.65 30.55 -74.19
C SER A 618 -39.87 29.44 -75.21
N CYS A 619 -39.67 29.74 -76.48
CA CYS A 619 -39.91 28.74 -77.52
C CYS A 619 -38.96 27.56 -77.41
N ARG A 620 -37.78 27.74 -76.83
CA ARG A 620 -36.81 26.66 -76.75
C ARG A 620 -37.26 25.51 -75.87
N PHE A 621 -38.22 25.74 -74.98
CA PHE A 621 -38.62 24.72 -74.02
C PHE A 621 -39.87 23.96 -74.41
N THR A 622 -40.74 24.56 -75.23
CA THR A 622 -42.00 23.91 -75.61
C THR A 622 -41.72 22.89 -76.72
N GLY A 623 -41.21 21.73 -76.31
CA GLY A 623 -41.09 20.61 -77.22
C GLY A 623 -39.75 20.45 -77.90
N TYR A 624 -38.67 20.45 -77.12
CA TYR A 624 -37.34 20.22 -77.65
C TYR A 624 -36.53 19.40 -76.65
N PRO A 625 -35.58 18.60 -77.13
CA PRO A 625 -34.78 17.78 -76.22
C PRO A 625 -33.85 18.60 -75.35
N SER A 626 -33.13 17.93 -74.43
CA SER A 626 -32.26 18.66 -73.51
C SER A 626 -31.14 19.38 -74.24
N THR A 627 -30.75 18.91 -75.43
CA THR A 627 -29.71 19.58 -76.19
C THR A 627 -30.12 21.00 -76.57
N VAL A 628 -31.36 21.15 -77.05
CA VAL A 628 -31.84 22.48 -77.43
C VAL A 628 -32.09 23.33 -76.19
N GLN A 629 -32.65 22.72 -75.14
CA GLN A 629 -33.04 23.49 -73.96
C GLN A 629 -31.83 23.95 -73.17
N GLU A 630 -30.72 23.22 -73.23
CA GLU A 630 -29.55 23.60 -72.46
C GLU A 630 -28.95 24.91 -72.97
N GLN A 631 -29.01 25.13 -74.29
CA GLN A 631 -28.51 26.40 -74.83
C GLN A 631 -29.32 27.57 -74.30
N ALA A 632 -30.64 27.46 -74.29
CA ALA A 632 -31.48 28.52 -73.76
C ALA A 632 -31.26 28.71 -72.27
N LEU A 633 -31.12 27.62 -71.53
CA LEU A 633 -30.86 27.74 -70.10
C LEU A 633 -29.51 28.40 -69.84
N LEU A 634 -28.54 28.16 -70.71
CA LEU A 634 -27.23 28.77 -70.53
C LEU A 634 -27.27 30.27 -70.84
N TRP A 635 -27.92 30.64 -71.94
CA TRP A 635 -27.96 32.06 -72.25
C TRP A 635 -29.01 32.82 -71.44
N LEU A 636 -29.81 32.09 -70.64
CA LEU A 636 -30.59 32.71 -69.58
C LEU A 636 -29.81 32.79 -68.28
N HIS A 637 -28.90 31.84 -68.06
CA HIS A 637 -27.97 31.94 -66.94
C HIS A 637 -27.06 33.14 -67.08
N VAL A 638 -26.60 33.42 -68.30
CA VAL A 638 -25.77 34.60 -68.50
C VAL A 638 -26.57 35.88 -68.25
N LEU A 639 -27.86 35.89 -68.59
CA LEU A 639 -28.71 37.02 -68.25
C LEU A 639 -28.86 37.16 -66.74
N SER A 640 -29.08 36.05 -66.05
CA SER A 640 -29.24 36.10 -64.60
C SER A 640 -27.97 36.57 -63.91
N GLU A 641 -26.81 36.21 -64.46
CA GLU A 641 -25.54 36.67 -63.87
C GLU A 641 -25.45 38.18 -63.87
N LEU A 642 -26.16 38.86 -64.77
CA LEU A 642 -26.16 40.31 -64.84
C LEU A 642 -27.33 40.94 -64.08
N ASP A 643 -27.96 40.19 -63.19
CA ASP A 643 -29.05 40.70 -62.35
C ASP A 643 -30.20 41.25 -63.20
N ILE A 644 -30.51 40.56 -64.29
CA ILE A 644 -31.64 40.92 -65.13
C ILE A 644 -32.84 40.11 -64.66
N THR A 645 -33.84 40.80 -64.13
CA THR A 645 -34.97 40.14 -63.46
C THR A 645 -35.95 39.61 -64.50
N VAL A 646 -35.74 38.37 -64.91
CA VAL A 646 -36.76 37.66 -65.69
C VAL A 646 -37.93 37.34 -64.78
N PRO A 647 -39.16 37.68 -65.14
CA PRO A 647 -40.29 37.45 -64.23
C PRO A 647 -40.42 35.97 -63.88
N LEU A 648 -40.74 35.71 -62.61
CA LEU A 648 -40.69 34.35 -62.10
C LEU A 648 -41.79 33.48 -62.68
N GLN A 649 -42.96 34.05 -62.96
CA GLN A 649 -44.06 33.26 -63.49
C GLN A 649 -43.73 32.69 -64.87
N LEU A 650 -43.16 33.52 -65.75
CA LEU A 650 -42.77 33.04 -67.06
C LEU A 650 -41.65 32.01 -66.96
N LEU A 651 -40.71 32.23 -66.05
CA LEU A 651 -39.63 31.26 -65.84
C LEU A 651 -40.18 29.91 -65.40
N ILE A 652 -41.13 29.94 -64.45
CA ILE A 652 -41.73 28.70 -63.97
C ILE A 652 -42.51 28.02 -65.08
N SER A 653 -43.26 28.79 -65.88
CA SER A 653 -44.05 28.20 -66.95
C SER A 653 -43.14 27.55 -67.99
N MET A 654 -42.07 28.23 -68.38
CA MET A 654 -41.20 27.65 -69.39
C MET A 654 -40.40 26.48 -68.84
N PHE A 655 -40.08 26.48 -67.54
CA PHE A 655 -39.40 25.32 -66.97
C PHE A 655 -40.33 24.12 -66.88
N SER A 656 -41.60 24.34 -66.52
CA SER A 656 -42.58 23.26 -66.57
C SER A 656 -42.71 22.72 -67.99
N ASP A 657 -42.74 23.62 -68.97
CA ASP A 657 -42.79 23.18 -70.37
C ASP A 657 -41.56 22.37 -70.73
N GLY A 658 -40.38 22.79 -70.28
CA GLY A 658 -39.17 22.06 -70.61
C GLY A 658 -39.15 20.67 -70.00
N VAL A 659 -39.53 20.57 -68.72
CA VAL A 659 -39.54 19.27 -68.07
C VAL A 659 -40.58 18.36 -68.71
N ASN A 660 -41.75 18.90 -69.03
CA ASN A 660 -42.78 18.11 -69.68
C ASN A 660 -42.34 17.66 -71.07
N SER A 661 -41.63 18.52 -71.80
CA SER A 661 -41.12 18.13 -73.11
C SER A 661 -40.09 17.01 -72.99
N VAL A 662 -39.19 17.11 -72.01
CA VAL A 662 -38.21 16.05 -71.79
C VAL A 662 -38.91 14.74 -71.46
N LYS A 663 -39.91 14.80 -70.57
CA LYS A 663 -40.63 13.60 -70.18
C LYS A 663 -41.38 13.01 -71.36
N GLU A 664 -42.01 13.85 -72.19
CA GLU A 664 -42.74 13.36 -73.34
C GLU A 664 -41.81 12.73 -74.36
N LEU A 665 -40.63 13.33 -74.58
CA LEU A 665 -39.68 12.74 -75.51
C LEU A 665 -39.16 11.40 -75.00
N ALA A 666 -38.91 11.30 -73.69
CA ALA A 666 -38.50 10.02 -73.13
C ALA A 666 -39.61 8.98 -73.27
N ASN A 667 -40.86 9.38 -73.05
CA ASN A 667 -41.98 8.46 -73.23
C ASN A 667 -42.11 8.01 -74.67
N GLN A 668 -41.89 8.93 -75.61
CA GLN A 668 -41.94 8.57 -77.03
C GLN A 668 -40.82 7.60 -77.39
N ARG A 669 -39.62 7.83 -76.87
CA ARG A 669 -38.52 6.91 -77.10
C ARG A 669 -38.84 5.53 -76.54
N LYS A 670 -39.42 5.47 -75.34
CA LYS A 670 -39.81 4.19 -74.76
C LYS A 670 -40.87 3.50 -75.60
N SER A 671 -41.87 4.26 -76.08
CA SER A 671 -42.96 3.66 -76.84
C SER A 671 -42.49 3.13 -78.18
N ARG A 672 -41.59 3.86 -78.85
CA ARG A 672 -41.11 3.44 -80.16
C ARG A 672 -40.27 2.17 -80.10
N ALA A 673 -39.82 1.77 -78.92
CA ALA A 673 -39.03 0.55 -78.78
C ALA A 673 -39.89 -0.70 -78.98
N ASP A 740 -28.30 11.30 -73.21
CA ASP A 740 -29.32 12.24 -72.77
C ASP A 740 -29.37 12.33 -71.26
N ASP A 741 -28.89 11.28 -70.59
CA ASP A 741 -28.99 11.22 -69.13
C ASP A 741 -28.23 12.37 -68.48
N ASP A 742 -26.95 12.53 -68.82
CA ASP A 742 -26.19 13.66 -68.30
C ASP A 742 -26.75 14.98 -68.82
N MET A 743 -27.22 14.99 -70.07
CA MET A 743 -27.82 16.20 -70.62
C MET A 743 -29.06 16.61 -69.84
N ASN A 744 -29.94 15.64 -69.56
CA ASN A 744 -31.15 15.94 -68.80
C ASN A 744 -30.81 16.41 -67.40
N LEU A 745 -29.87 15.73 -66.74
CA LEU A 745 -29.52 16.13 -65.38
C LEU A 745 -28.89 17.52 -65.35
N ASN A 746 -28.05 17.84 -66.33
CA ASN A 746 -27.44 19.17 -66.36
C ASN A 746 -28.48 20.25 -66.66
N CYS A 747 -29.42 19.94 -67.55
CA CYS A 747 -30.53 20.86 -67.80
C CYS A 747 -31.31 21.12 -66.53
N PHE A 748 -31.56 20.07 -65.74
CA PHE A 748 -32.33 20.25 -64.51
C PHE A 748 -31.54 21.00 -63.45
N ILE A 749 -30.22 20.78 -63.40
CA ILE A 749 -29.38 21.54 -62.48
C ILE A 749 -29.42 23.02 -62.81
N LEU A 750 -29.25 23.36 -64.09
CA LEU A 750 -29.34 24.74 -64.52
C LEU A 750 -30.72 25.31 -64.24
N MET A 751 -31.75 24.48 -64.41
CA MET A 751 -33.11 24.92 -64.14
C MET A 751 -33.30 25.33 -62.69
N PHE A 752 -32.90 24.45 -61.77
CA PHE A 752 -33.00 24.77 -60.35
C PHE A 752 -32.15 25.97 -59.99
N ASP A 753 -30.94 26.05 -60.55
CA ASP A 753 -30.05 27.17 -60.26
C ASP A 753 -30.64 28.49 -60.72
N LEU A 754 -31.22 28.52 -61.92
CA LEU A 754 -31.84 29.75 -62.40
C LEU A 754 -33.06 30.12 -61.57
N LEU A 755 -33.85 29.14 -61.16
CA LEU A 755 -34.97 29.44 -60.28
C LEU A 755 -34.48 30.07 -58.99
N LEU A 756 -33.43 29.50 -58.39
CA LEU A 756 -32.87 30.06 -57.16
C LEU A 756 -32.35 31.47 -57.37
N LYS A 757 -31.59 31.68 -58.45
CA LYS A 757 -30.97 32.98 -58.67
C LYS A 757 -32.02 34.05 -58.95
N GLN A 758 -33.06 33.71 -59.72
CA GLN A 758 -34.10 34.69 -60.02
C GLN A 758 -35.01 34.94 -58.83
N MET A 759 -35.15 33.96 -57.94
CA MET A 759 -35.90 34.22 -56.71
C MET A 759 -35.14 35.13 -55.76
N GLU A 760 -33.83 35.26 -55.92
CA GLU A 760 -33.05 36.18 -55.10
C GLU A 760 -33.12 37.62 -55.60
N LEU A 761 -33.71 37.84 -56.78
CA LEU A 761 -33.85 39.18 -57.33
C LEU A 761 -35.28 39.68 -57.35
N GLN A 762 -36.27 38.78 -57.25
CA GLN A 762 -37.67 39.16 -57.30
C GLN A 762 -38.37 38.89 -55.98
N ASP A 763 -38.29 37.66 -55.47
CA ASP A 763 -38.95 37.28 -54.21
C ASP A 763 -38.05 37.68 -53.06
N ASP A 764 -38.01 38.98 -52.79
CA ASP A 764 -37.18 39.54 -51.73
C ASP A 764 -38.08 40.10 -50.63
N GLY A 765 -37.77 39.75 -49.39
CA GLY A 765 -38.49 40.27 -48.24
C GLY A 765 -39.69 39.45 -47.80
N ILE A 766 -40.06 38.41 -48.53
CA ILE A 766 -41.21 37.60 -48.17
C ILE A 766 -40.96 36.16 -48.62
N THR A 767 -41.24 35.21 -47.74
CA THR A 767 -41.11 33.79 -48.05
C THR A 767 -42.50 33.23 -48.31
N MET A 768 -42.80 32.99 -49.58
CA MET A 768 -44.07 32.36 -49.94
C MET A 768 -44.17 30.99 -49.30
N GLY A 769 -45.31 30.71 -48.68
CA GLY A 769 -45.50 29.42 -48.06
C GLY A 769 -45.61 28.31 -49.10
N LEU A 770 -45.56 27.08 -48.62
CA LEU A 770 -45.70 25.94 -49.52
C LEU A 770 -47.05 25.95 -50.21
N GLU A 771 -48.06 26.54 -49.59
CA GLU A 771 -49.38 26.66 -50.18
C GLU A 771 -49.54 27.97 -50.95
N HIS A 772 -48.60 28.26 -51.84
CA HIS A 772 -48.63 29.45 -52.66
C HIS A 772 -48.83 29.09 -54.12
N SER A 773 -49.30 30.05 -54.90
CA SER A 773 -49.61 29.79 -56.31
C SER A 773 -48.36 29.38 -57.07
N LEU A 774 -47.24 30.07 -56.84
CA LEU A 774 -46.00 29.73 -57.53
C LEU A 774 -45.18 28.69 -56.79
N SER A 775 -45.32 28.61 -55.46
CA SER A 775 -44.61 27.56 -54.73
C SER A 775 -45.11 26.18 -55.14
N LYS A 776 -46.42 26.05 -55.38
CA LYS A 776 -46.94 24.77 -55.85
C LYS A 776 -46.38 24.40 -57.21
N ASP A 777 -46.23 25.40 -58.09
CA ASP A 777 -45.64 25.13 -59.40
C ASP A 777 -44.19 24.72 -59.28
N ILE A 778 -43.43 25.38 -58.41
CA ILE A 778 -42.04 24.99 -58.19
C ILE A 778 -41.97 23.57 -57.60
N ILE A 779 -42.90 23.25 -56.69
CA ILE A 779 -42.93 21.90 -56.12
C ILE A 779 -43.23 20.88 -57.21
N SER A 780 -44.14 21.20 -58.12
CA SER A 780 -44.43 20.28 -59.23
C SER A 780 -43.22 20.12 -60.14
N ILE A 781 -42.48 21.19 -60.38
CA ILE A 781 -41.27 21.08 -61.19
C ILE A 781 -40.25 20.18 -60.51
N ILE A 782 -40.05 20.37 -59.21
CA ILE A 782 -39.12 19.54 -58.47
C ILE A 782 -39.57 18.09 -58.48
N ASN A 783 -40.87 17.85 -58.34
CA ASN A 783 -41.43 16.51 -58.41
C ASN A 783 -41.12 15.86 -59.74
N ASN A 784 -41.40 16.57 -60.84
CA ASN A 784 -41.15 16.00 -62.15
C ASN A 784 -39.67 15.76 -62.40
N VAL A 785 -38.82 16.68 -61.92
CA VAL A 785 -37.37 16.51 -62.09
C VAL A 785 -36.90 15.26 -61.35
N PHE A 786 -37.38 15.06 -60.13
CA PHE A 786 -37.03 13.85 -59.40
C PHE A 786 -37.52 12.61 -60.14
N GLN A 787 -38.73 12.67 -60.70
CA GLN A 787 -39.27 11.51 -61.41
C GLN A 787 -38.62 11.33 -62.78
N ALA A 788 -38.13 12.41 -63.38
CA ALA A 788 -37.68 12.36 -64.76
C ALA A 788 -36.46 11.45 -64.91
N PRO A 789 -36.28 10.84 -66.07
CA PRO A 789 -35.10 9.99 -66.29
C PRO A 789 -33.82 10.80 -66.41
N TRP A 790 -32.94 10.66 -65.43
CA TRP A 790 -31.67 11.38 -65.43
C TRP A 790 -30.63 10.63 -66.25
N CYS A 805 -19.28 8.65 -61.74
CA CYS A 805 -18.49 9.66 -61.05
C CYS A 805 -19.13 11.04 -61.23
N ASN A 806 -19.09 11.56 -62.46
CA ASN A 806 -19.71 12.85 -62.73
C ASN A 806 -21.21 12.79 -62.55
N LEU A 807 -21.82 11.65 -62.91
CA LEU A 807 -23.25 11.49 -62.73
C LEU A 807 -23.64 11.58 -61.26
N CYS A 808 -22.85 10.96 -60.38
CA CYS A 808 -23.16 11.03 -58.95
C CYS A 808 -23.07 12.45 -58.42
N GLN A 809 -22.03 13.18 -58.82
CA GLN A 809 -21.88 14.56 -58.35
C GLN A 809 -23.01 15.44 -58.87
N SER A 810 -23.39 15.26 -60.14
CA SER A 810 -24.50 16.04 -60.68
C SER A 810 -25.80 15.70 -59.98
N SER A 811 -26.02 14.43 -59.65
CA SER A 811 -27.23 14.04 -58.94
C SER A 811 -27.27 14.66 -57.55
N ILE A 812 -26.15 14.62 -56.84
CA ILE A 812 -26.07 15.25 -55.52
C ILE A 812 -26.36 16.75 -55.64
N LEU A 813 -25.80 17.39 -56.65
CA LEU A 813 -26.02 18.81 -56.83
C LEU A 813 -27.49 19.11 -57.13
N CYS A 814 -28.13 18.27 -57.94
CA CYS A 814 -29.55 18.47 -58.25
C CYS A 814 -30.40 18.38 -57.00
N TYR A 815 -30.15 17.36 -56.17
CA TYR A 815 -30.91 17.23 -54.93
C TYR A 815 -30.64 18.39 -54.00
N GLN A 816 -29.38 18.85 -53.94
CA GLN A 816 -29.05 19.99 -53.09
C GLN A 816 -29.78 21.25 -53.53
N LEU A 817 -29.83 21.49 -54.84
CA LEU A 817 -30.54 22.67 -55.34
C LEU A 817 -32.04 22.57 -55.10
N ALA A 818 -32.60 21.37 -55.24
CA ALA A 818 -34.01 21.18 -54.90
C ALA A 818 -34.26 21.47 -53.43
N CYS A 819 -33.35 21.03 -52.56
CA CYS A 819 -33.47 21.31 -51.14
C CYS A 819 -33.40 22.82 -50.87
N GLU A 820 -32.52 23.53 -51.59
CA GLU A 820 -32.44 24.97 -51.42
C GLU A 820 -33.74 25.65 -51.86
N LEU A 821 -34.31 25.20 -52.96
CA LEU A 821 -35.60 25.73 -53.40
C LEU A 821 -36.68 25.50 -52.36
N LEU A 822 -36.71 24.29 -51.79
CA LEU A 822 -37.70 24.00 -50.76
C LEU A 822 -37.49 24.87 -49.52
N GLU A 823 -36.23 25.10 -49.14
CA GLU A 823 -35.96 26.02 -48.04
C GLU A 823 -36.49 27.41 -48.34
N ARG A 824 -36.29 27.88 -49.57
CA ARG A 824 -36.81 29.20 -49.95
C ARG A 824 -38.33 29.25 -49.86
N LEU A 825 -38.99 28.18 -50.28
CA LEU A 825 -40.45 28.16 -50.27
C LEU A 825 -41.03 27.79 -48.91
N ALA A 826 -40.20 27.49 -47.92
CA ALA A 826 -40.70 27.03 -46.64
C ALA A 826 -40.85 28.17 -45.66
N PRO A 827 -41.69 28.02 -44.65
CA PRO A 827 -41.76 29.03 -43.57
C PRO A 827 -40.45 29.25 -42.84
N LYS A 828 -39.42 28.42 -43.09
CA LYS A 828 -38.09 28.63 -42.53
C LYS A 828 -38.11 28.65 -41.01
N GLU A 829 -38.94 27.79 -40.42
CA GLU A 829 -39.01 27.67 -38.96
C GLU A 829 -39.64 26.33 -38.63
N GLU A 830 -38.90 25.47 -37.94
CA GLU A 830 -39.42 24.17 -37.55
C GLU A 830 -40.61 24.35 -36.61
N SER A 831 -41.75 23.78 -36.98
CA SER A 831 -42.91 23.78 -36.13
C SER A 831 -42.71 22.72 -35.03
N ARG A 832 -43.74 22.49 -34.22
CA ARG A 832 -43.67 21.44 -33.22
C ARG A 832 -43.50 20.09 -33.91
N LEU A 833 -42.45 19.37 -33.52
CA LEU A 833 -42.15 18.11 -34.19
C LEU A 833 -43.27 17.10 -34.00
N VAL A 834 -43.81 17.02 -32.78
CA VAL A 834 -44.91 16.11 -32.47
C VAL A 834 -45.98 16.88 -31.70
N GLU A 835 -47.20 16.35 -31.76
CA GLU A 835 -48.33 16.94 -31.07
C GLU A 835 -48.72 16.08 -29.88
N PRO A 836 -48.66 16.61 -28.66
CA PRO A 836 -48.97 15.86 -27.43
C PRO A 836 -50.42 15.40 -27.37
N LYS A 890 -57.48 2.20 -53.59
CA LYS A 890 -56.91 3.04 -52.54
C LYS A 890 -57.19 4.52 -52.81
N PHE A 891 -56.29 5.38 -52.32
CA PHE A 891 -56.38 6.80 -52.56
C PHE A 891 -56.14 7.11 -54.04
N CYS A 892 -56.23 8.39 -54.39
CA CYS A 892 -55.90 8.86 -55.73
C CYS A 892 -54.57 9.57 -55.67
N TYR A 893 -53.62 9.13 -56.50
CA TYR A 893 -52.29 9.75 -56.50
C TYR A 893 -52.37 11.21 -56.92
N GLN A 894 -53.16 11.50 -57.94
CA GLN A 894 -53.46 12.89 -58.27
C GLN A 894 -54.53 13.42 -57.33
N GLN A 895 -54.95 14.66 -57.56
CA GLN A 895 -55.94 15.34 -56.74
C GLN A 895 -55.42 15.57 -55.32
N LEU A 896 -54.19 15.11 -55.04
CA LEU A 896 -53.41 15.36 -53.83
C LEU A 896 -52.67 16.69 -53.96
N PRO A 897 -52.41 17.37 -52.85
CA PRO A 897 -51.53 18.54 -52.91
C PRO A 897 -50.16 18.13 -53.42
N VAL A 898 -49.53 19.05 -54.16
CA VAL A 898 -48.28 18.70 -54.83
C VAL A 898 -47.21 18.30 -53.81
N THR A 899 -47.29 18.82 -52.59
CA THR A 899 -46.31 18.47 -51.58
C THR A 899 -46.40 17.01 -51.16
N LEU A 900 -47.61 16.46 -51.13
CA LEU A 900 -47.76 15.05 -50.78
C LEU A 900 -47.16 14.16 -51.86
N ARG A 901 -47.37 14.50 -53.13
CA ARG A 901 -46.71 13.80 -54.21
C ARG A 901 -45.19 13.91 -54.10
N LEU A 902 -44.70 15.09 -53.75
CA LEU A 902 -43.26 15.27 -53.63
C LEU A 902 -42.69 14.41 -52.52
N ILE A 903 -43.37 14.32 -51.39
CA ILE A 903 -42.93 13.46 -50.30
C ILE A 903 -42.93 12.01 -50.77
N TYR A 904 -44.00 11.59 -51.44
CA TYR A 904 -44.09 10.22 -51.93
C TYR A 904 -42.92 9.89 -52.85
N THR A 905 -42.64 10.76 -53.80
CA THR A 905 -41.57 10.49 -54.76
C THR A 905 -40.20 10.60 -54.15
N ILE A 906 -40.01 11.47 -53.15
CA ILE A 906 -38.73 11.53 -52.48
C ILE A 906 -38.45 10.23 -51.75
N PHE A 907 -39.46 9.67 -51.07
CA PHE A 907 -39.26 8.36 -50.45
C PHE A 907 -39.00 7.29 -51.49
N GLN A 908 -39.76 7.31 -52.59
CA GLN A 908 -39.61 6.29 -53.62
C GLN A 908 -38.21 6.32 -54.22
N GLU A 909 -37.69 7.51 -54.49
CA GLU A 909 -36.33 7.63 -55.04
C GLU A 909 -35.29 7.28 -53.99
N MET A 910 -35.50 7.68 -52.74
CA MET A 910 -34.54 7.37 -51.68
C MET A 910 -34.43 5.87 -51.48
N ALA A 911 -35.46 5.11 -51.82
CA ALA A 911 -35.34 3.66 -51.80
C ALA A 911 -34.32 3.16 -52.82
N LYS A 912 -33.92 3.99 -53.78
CA LYS A 912 -33.07 3.56 -54.90
C LYS A 912 -31.65 4.11 -54.80
N PHE A 913 -31.29 4.73 -53.69
CA PHE A 913 -29.97 5.37 -53.57
C PHE A 913 -29.29 4.91 -52.30
N GLU A 914 -27.95 4.97 -52.33
CA GLU A 914 -27.15 4.57 -51.18
C GLU A 914 -26.05 5.56 -50.83
N GLU A 915 -25.73 6.52 -51.68
CA GLU A 915 -24.69 7.49 -51.37
C GLU A 915 -25.13 8.36 -50.20
N PRO A 916 -24.28 8.59 -49.20
CA PRO A 916 -24.70 9.42 -48.06
C PRO A 916 -25.06 10.84 -48.43
N ASP A 917 -24.42 11.42 -49.46
CA ASP A 917 -24.77 12.79 -49.85
C ASP A 917 -26.17 12.85 -50.43
N ILE A 918 -26.50 11.89 -51.32
CA ILE A 918 -27.84 11.85 -51.91
C ILE A 918 -28.89 11.70 -50.81
N LEU A 919 -28.71 10.72 -49.93
CA LEU A 919 -29.68 10.47 -48.89
C LEU A 919 -29.78 11.65 -47.92
N PHE A 920 -28.66 12.31 -47.65
CA PHE A 920 -28.70 13.48 -46.77
C PHE A 920 -29.52 14.60 -47.39
N ASN A 921 -29.32 14.85 -48.69
CA ASN A 921 -30.10 15.91 -49.34
C ASN A 921 -31.58 15.55 -49.41
N MET A 922 -31.89 14.28 -49.65
CA MET A 922 -33.29 13.86 -49.71
C MET A 922 -33.96 13.95 -48.34
N LEU A 923 -33.27 13.52 -47.29
CA LEU A 923 -33.81 13.66 -45.94
C LEU A 923 -33.96 15.13 -45.57
N ASN A 924 -33.07 15.99 -46.07
CA ASN A 924 -33.22 17.42 -45.83
C ASN A 924 -34.47 17.96 -46.52
N CYS A 925 -34.71 17.52 -47.76
CA CYS A 925 -35.94 17.91 -48.45
C CYS A 925 -37.17 17.48 -47.67
N LEU A 926 -37.17 16.25 -47.16
CA LEU A 926 -38.30 15.77 -46.37
C LEU A 926 -38.47 16.57 -45.10
N LYS A 927 -37.36 16.89 -44.42
CA LYS A 927 -37.43 17.70 -43.21
C LYS A 927 -38.04 19.07 -43.51
N ILE A 928 -37.73 19.63 -44.67
CA ILE A 928 -38.37 20.87 -45.08
C ILE A 928 -39.85 20.65 -45.37
N LEU A 929 -40.21 19.46 -45.88
CA LEU A 929 -41.60 19.20 -46.23
C LEU A 929 -42.39 18.64 -45.05
N CYS A 930 -41.93 17.53 -44.47
CA CYS A 930 -42.65 16.93 -43.36
C CYS A 930 -42.67 17.85 -42.14
N LEU A 931 -41.49 18.31 -41.73
CA LEU A 931 -41.40 19.40 -40.76
C LEU A 931 -41.33 20.70 -41.56
N HIS A 932 -41.12 21.83 -40.90
CA HIS A 932 -41.07 23.14 -41.54
C HIS A 932 -42.33 23.45 -42.32
N GLY A 933 -43.36 22.63 -42.18
CA GLY A 933 -44.60 22.74 -42.94
C GLY A 933 -45.43 21.52 -42.64
N GLU A 934 -46.72 21.71 -42.38
CA GLU A 934 -47.56 20.62 -41.89
C GLU A 934 -48.08 19.78 -43.05
N CYS A 935 -47.15 19.29 -43.86
CA CYS A 935 -47.54 18.46 -45.00
C CYS A 935 -48.18 17.16 -44.52
N LEU A 936 -47.51 16.44 -43.62
CA LEU A 936 -48.08 15.19 -43.13
C LEU A 936 -49.20 15.43 -42.13
N TYR A 937 -49.15 16.54 -41.38
CA TYR A 937 -50.29 16.90 -40.53
C TYR A 937 -51.53 17.14 -41.38
N THR A 938 -51.39 17.93 -42.45
CA THR A 938 -52.54 18.18 -43.32
C THR A 938 -52.95 16.93 -44.07
N ALA A 939 -52.00 16.03 -44.35
CA ALA A 939 -52.37 14.74 -44.93
C ALA A 939 -53.23 13.95 -43.97
N ARG A 940 -52.85 13.93 -42.69
CA ARG A 940 -53.66 13.25 -41.68
C ARG A 940 -55.05 13.87 -41.60
N LYS A 941 -55.11 15.20 -41.64
CA LYS A 941 -56.40 15.88 -41.47
C LYS A 941 -57.30 15.68 -42.68
N ASP A 942 -56.72 15.68 -43.89
CA ASP A 942 -57.50 15.74 -45.12
C ASP A 942 -57.37 14.53 -46.01
N HIS A 943 -56.25 13.81 -45.97
CA HIS A 943 -56.02 12.65 -46.83
C HIS A 943 -55.59 11.47 -45.97
N PRO A 944 -56.49 10.97 -45.11
CA PRO A 944 -56.08 9.90 -44.19
C PRO A 944 -55.59 8.66 -44.91
N GLN A 945 -56.20 8.31 -46.04
CA GLN A 945 -55.80 7.10 -46.75
C GLN A 945 -54.38 7.21 -47.28
N PHE A 946 -54.01 8.37 -47.81
CA PHE A 946 -52.64 8.53 -48.31
C PHE A 946 -51.62 8.42 -47.19
N LEU A 947 -51.89 9.05 -46.05
CA LEU A 947 -50.96 8.95 -44.94
C LEU A 947 -50.89 7.52 -44.43
N ALA A 948 -52.02 6.81 -44.39
CA ALA A 948 -51.99 5.42 -44.00
C ALA A 948 -51.15 4.59 -44.94
N TYR A 949 -51.30 4.79 -46.25
CA TYR A 949 -50.50 4.05 -47.21
C TYR A 949 -49.02 4.35 -47.05
N ILE A 950 -48.67 5.63 -46.92
CA ILE A 950 -47.28 6.03 -46.78
C ILE A 950 -46.68 5.42 -45.51
N GLN A 951 -47.41 5.51 -44.40
CA GLN A 951 -46.92 4.96 -43.14
C GLN A 951 -46.73 3.45 -43.24
N ASP A 952 -47.69 2.74 -43.80
CA ASP A 952 -47.62 1.30 -43.87
C ASP A 952 -46.60 0.79 -44.88
N HIS A 953 -46.22 1.61 -45.86
CA HIS A 953 -45.41 1.09 -46.95
C HIS A 953 -44.03 1.71 -47.08
N MET A 954 -43.88 3.00 -46.84
CA MET A 954 -42.59 3.58 -47.17
C MET A 954 -41.94 4.36 -46.03
N LEU A 955 -42.71 5.07 -45.23
CA LEU A 955 -42.15 6.09 -44.35
C LEU A 955 -41.17 5.54 -43.33
N ILE A 956 -41.68 4.75 -42.39
CA ILE A 956 -40.84 4.26 -41.29
C ILE A 956 -39.85 3.22 -41.80
N ALA A 957 -40.25 2.39 -42.77
CA ALA A 957 -39.33 1.39 -43.30
C ALA A 957 -38.10 2.05 -43.92
N SER A 958 -38.32 3.11 -44.72
CA SER A 958 -37.19 3.77 -45.36
C SER A 958 -36.39 4.60 -44.38
N LEU A 959 -37.05 5.24 -43.41
CA LEU A 959 -36.30 5.96 -42.38
C LEU A 959 -35.44 5.01 -41.56
N TRP A 960 -35.95 3.82 -41.26
CA TRP A 960 -35.18 2.80 -40.57
C TRP A 960 -34.03 2.31 -41.44
N ARG A 961 -34.25 2.19 -42.74
CA ARG A 961 -33.19 1.76 -43.65
C ARG A 961 -32.06 2.77 -43.68
N VAL A 962 -32.39 4.06 -43.68
CA VAL A 962 -31.38 5.10 -43.84
C VAL A 962 -30.61 5.39 -42.55
N VAL A 963 -30.99 4.78 -41.43
CA VAL A 963 -30.28 4.97 -40.17
C VAL A 963 -29.04 4.07 -40.19
N LYS A 964 -27.86 4.68 -40.12
CA LYS A 964 -26.61 3.94 -40.09
C LYS A 964 -25.66 4.61 -39.11
N SER A 965 -24.84 3.80 -38.43
CA SER A 965 -23.85 4.36 -37.52
C SER A 965 -22.66 4.96 -38.26
N GLU A 966 -22.28 4.38 -39.40
CA GLU A 966 -21.16 4.92 -40.17
C GLU A 966 -21.46 6.33 -40.65
N PHE A 967 -22.67 6.57 -41.12
CA PHE A 967 -23.09 7.89 -41.56
C PHE A 967 -24.16 8.38 -40.59
N SER A 968 -23.72 8.96 -39.47
CA SER A 968 -24.65 9.52 -38.51
C SER A 968 -25.23 10.84 -38.97
N GLN A 969 -24.68 11.44 -40.03
CA GLN A 969 -25.29 12.60 -40.64
C GLN A 969 -26.68 12.28 -41.16
N LEU A 970 -26.84 11.11 -41.78
CA LEU A 970 -28.15 10.69 -42.25
C LEU A 970 -29.12 10.51 -41.09
N SER A 971 -28.66 9.89 -40.00
CA SER A 971 -29.54 9.65 -38.86
C SER A 971 -29.91 10.94 -38.15
N SER A 972 -29.03 11.95 -38.19
CA SER A 972 -29.35 13.24 -37.60
C SER A 972 -30.63 13.81 -38.18
N LEU A 973 -30.92 13.52 -39.45
CA LEU A 973 -32.19 13.90 -40.07
C LEU A 973 -33.24 12.82 -40.01
N ALA A 974 -32.84 11.55 -39.97
CA ALA A 974 -33.79 10.46 -39.96
C ALA A 974 -34.58 10.44 -38.65
N VAL A 975 -33.90 10.61 -37.52
CA VAL A 975 -34.54 10.42 -36.22
C VAL A 975 -35.66 11.44 -35.98
N PRO A 976 -35.47 12.74 -36.22
CA PRO A 976 -36.63 13.65 -36.07
C PRO A 976 -37.78 13.29 -36.97
N LEU A 977 -37.51 12.90 -38.21
CA LEU A 977 -38.57 12.46 -39.11
C LEU A 977 -39.21 11.18 -38.60
N LEU A 978 -38.41 10.28 -38.03
CA LEU A 978 -38.98 9.05 -37.48
C LEU A 978 -39.90 9.34 -36.31
N LEU A 979 -39.52 10.25 -35.42
CA LEU A 979 -40.39 10.60 -34.30
C LEU A 979 -41.66 11.26 -34.81
N HIS A 980 -41.54 12.14 -35.80
CA HIS A 980 -42.72 12.77 -36.37
C HIS A 980 -43.65 11.72 -36.98
N ALA A 981 -43.08 10.72 -37.64
CA ALA A 981 -43.88 9.64 -38.19
C ALA A 981 -44.57 8.84 -37.10
N LEU A 982 -43.86 8.57 -36.00
CA LEU A 982 -44.43 7.82 -34.90
C LEU A 982 -45.61 8.56 -34.27
N SER A 983 -45.51 9.89 -34.17
CA SER A 983 -46.62 10.66 -33.65
C SER A 983 -47.85 10.54 -34.54
N LEU A 984 -47.65 10.36 -35.84
CA LEU A 984 -48.75 10.22 -36.79
C LEU A 984 -49.41 8.86 -36.64
N PRO A 985 -50.66 8.73 -37.11
CA PRO A 985 -51.31 7.42 -37.06
C PRO A 985 -50.61 6.40 -37.94
N HIS A 986 -50.73 5.14 -37.53
CA HIS A 986 -50.17 3.96 -38.18
C HIS A 986 -48.66 3.86 -38.07
N GLY A 987 -48.00 4.77 -37.36
CA GLY A 987 -46.56 4.71 -37.26
C GLY A 987 -46.11 3.80 -36.14
N ALA A 988 -46.81 3.85 -35.02
CA ALA A 988 -46.43 3.04 -33.87
C ALA A 988 -46.48 1.55 -34.19
N ASP A 989 -47.51 1.11 -34.92
CA ASP A 989 -47.65 -0.30 -35.25
C ASP A 989 -46.53 -0.76 -36.17
N ILE A 990 -46.21 0.03 -37.19
CA ILE A 990 -45.15 -0.35 -38.12
C ILE A 990 -43.81 -0.39 -37.41
N PHE A 991 -43.54 0.59 -36.56
CA PHE A 991 -42.28 0.57 -35.82
C PHE A 991 -42.22 -0.61 -34.87
N TRP A 992 -43.35 -0.95 -34.24
CA TRP A 992 -43.41 -2.10 -33.35
C TRP A 992 -43.08 -3.38 -34.11
N THR A 993 -43.67 -3.55 -35.30
CA THR A 993 -43.39 -4.74 -36.08
C THR A 993 -41.93 -4.77 -36.52
N ILE A 994 -41.37 -3.63 -36.89
CA ILE A 994 -39.97 -3.58 -37.31
C ILE A 994 -39.06 -4.01 -36.16
N ILE A 995 -39.24 -3.41 -34.99
CA ILE A 995 -38.40 -3.72 -33.85
C ILE A 995 -38.55 -5.18 -33.45
N ASN A 996 -39.79 -5.66 -33.36
CA ASN A 996 -40.01 -7.04 -32.96
C ASN A 996 -39.42 -8.02 -33.95
N GLY A 997 -39.59 -7.77 -35.25
CA GLY A 997 -39.05 -8.67 -36.25
C GLY A 997 -37.54 -8.67 -36.28
N ASN A 998 -36.92 -7.51 -36.07
CA ASN A 998 -35.47 -7.45 -36.13
C ASN A 998 -34.83 -8.07 -34.89
N PHE A 999 -35.25 -7.65 -33.69
CA PHE A 999 -34.58 -8.12 -32.49
C PHE A 999 -34.88 -9.57 -32.16
N ASN A 1000 -36.00 -10.11 -32.62
CA ASN A 1000 -36.33 -11.50 -32.38
C ASN A 1000 -35.91 -12.40 -33.52
N SER A 1001 -35.22 -11.87 -34.52
CA SER A 1001 -34.76 -12.67 -35.64
C SER A 1001 -33.74 -13.70 -35.18
N LYS A 1002 -33.78 -14.88 -35.81
CA LYS A 1002 -32.80 -15.91 -35.50
C LYS A 1002 -31.44 -15.61 -36.11
N ASP A 1003 -31.42 -14.87 -37.22
CA ASP A 1003 -30.16 -14.49 -37.85
C ASP A 1003 -29.44 -13.49 -36.95
N TRP A 1004 -28.28 -13.89 -36.43
CA TRP A 1004 -27.56 -13.04 -35.49
C TRP A 1004 -27.09 -11.76 -36.14
N LYS A 1005 -26.91 -11.77 -37.47
CA LYS A 1005 -26.53 -10.54 -38.17
C LYS A 1005 -27.64 -9.51 -38.13
N MET A 1006 -28.90 -9.95 -38.23
CA MET A 1006 -30.01 -9.01 -38.17
C MET A 1006 -30.11 -8.36 -36.80
N ARG A 1007 -29.93 -9.13 -35.74
CA ARG A 1007 -29.88 -8.52 -34.40
C ARG A 1007 -28.67 -7.62 -34.24
N PHE A 1008 -27.53 -8.02 -34.81
CA PHE A 1008 -26.33 -7.19 -34.78
C PHE A 1008 -26.58 -5.84 -35.41
N GLU A 1009 -27.30 -5.82 -36.54
CA GLU A 1009 -27.62 -4.57 -37.21
C GLU A 1009 -28.68 -3.77 -36.44
N ALA A 1010 -29.68 -4.45 -35.88
CA ALA A 1010 -30.73 -3.75 -35.16
C ALA A 1010 -30.20 -3.08 -33.91
N VAL A 1011 -29.20 -3.68 -33.26
CA VAL A 1011 -28.57 -3.05 -32.10
C VAL A 1011 -27.98 -1.70 -32.51
N GLU A 1012 -27.24 -1.69 -33.63
CA GLU A 1012 -26.68 -0.44 -34.14
C GLU A 1012 -27.79 0.56 -34.46
N LYS A 1013 -28.86 0.09 -35.11
CA LYS A 1013 -29.92 0.99 -35.52
C LYS A 1013 -30.55 1.67 -34.30
N VAL A 1014 -30.86 0.89 -33.27
CA VAL A 1014 -31.52 1.45 -32.09
C VAL A 1014 -30.56 2.36 -31.32
N ALA A 1015 -29.29 1.98 -31.24
CA ALA A 1015 -28.32 2.86 -30.58
C ALA A 1015 -28.23 4.20 -31.28
N VAL A 1016 -28.19 4.19 -32.61
CA VAL A 1016 -28.09 5.45 -33.36
C VAL A 1016 -29.37 6.25 -33.22
N ILE A 1017 -30.52 5.57 -33.19
CA ILE A 1017 -31.78 6.27 -32.96
C ILE A 1017 -31.76 6.96 -31.60
N CYS A 1018 -31.24 6.27 -30.58
CA CYS A 1018 -31.19 6.83 -29.24
C CYS A 1018 -30.22 8.00 -29.16
N ARG A 1019 -29.13 7.95 -29.93
CA ARG A 1019 -28.14 9.02 -29.88
C ARG A 1019 -28.74 10.37 -30.25
N PHE A 1020 -29.72 10.38 -31.14
CA PHE A 1020 -30.28 11.63 -31.65
C PHE A 1020 -31.70 11.87 -31.15
N LEU A 1021 -32.07 11.26 -30.02
CA LEU A 1021 -33.40 11.44 -29.48
C LEU A 1021 -33.54 12.83 -28.87
N ASP A 1022 -34.66 13.50 -29.18
CA ASP A 1022 -35.00 14.79 -28.61
C ASP A 1022 -35.84 14.54 -27.37
N ILE A 1023 -35.24 14.73 -26.18
CA ILE A 1023 -35.91 14.43 -24.93
C ILE A 1023 -37.16 15.28 -24.78
N HIS A 1024 -37.11 16.55 -25.23
CA HIS A 1024 -38.27 17.41 -25.14
C HIS A 1024 -39.42 16.87 -25.98
N SER A 1025 -39.13 16.35 -27.16
CA SER A 1025 -40.18 15.84 -28.04
C SER A 1025 -40.88 14.62 -27.44
N VAL A 1026 -40.12 13.72 -26.81
CA VAL A 1026 -40.69 12.47 -26.32
C VAL A 1026 -41.66 12.74 -25.17
N THR A 1027 -41.35 13.73 -24.33
CA THR A 1027 -42.16 13.98 -23.14
C THR A 1027 -43.56 14.46 -23.46
N LYS A 1028 -43.84 14.83 -24.71
CA LYS A 1028 -45.16 15.33 -25.08
C LYS A 1028 -46.09 14.23 -25.57
N ASN A 1029 -45.60 13.35 -26.44
CA ASN A 1029 -46.43 12.36 -27.10
C ASN A 1029 -46.30 11.01 -26.40
N HIS A 1030 -47.45 10.39 -26.09
CA HIS A 1030 -47.45 9.09 -25.44
C HIS A 1030 -47.11 7.96 -26.40
N LEU A 1031 -47.49 8.08 -27.67
CA LEU A 1031 -47.13 7.07 -28.65
C LEU A 1031 -45.61 7.00 -28.81
N LEU A 1032 -44.95 8.16 -28.82
CA LEU A 1032 -43.50 8.17 -28.84
C LEU A 1032 -42.94 7.45 -27.63
N LYS A 1033 -43.51 7.69 -26.44
CA LYS A 1033 -43.02 7.03 -25.25
C LYS A 1033 -43.16 5.52 -25.36
N TYR A 1034 -44.31 5.04 -25.83
CA TYR A 1034 -44.50 3.60 -25.97
C TYR A 1034 -43.52 2.99 -26.96
N SER A 1035 -43.36 3.62 -28.12
CA SER A 1035 -42.47 3.07 -29.14
C SER A 1035 -41.03 3.06 -28.66
N LEU A 1036 -40.58 4.16 -28.05
CA LEU A 1036 -39.19 4.23 -27.60
C LEU A 1036 -38.94 3.29 -26.44
N ALA A 1037 -39.91 3.13 -25.54
CA ALA A 1037 -39.75 2.17 -24.46
C ALA A 1037 -39.61 0.75 -25.00
N HIS A 1038 -40.45 0.39 -25.98
CA HIS A 1038 -40.35 -0.94 -26.56
C HIS A 1038 -38.99 -1.16 -27.21
N ALA A 1039 -38.55 -0.18 -28.02
CA ALA A 1039 -37.27 -0.34 -28.71
C ALA A 1039 -36.11 -0.41 -27.73
N PHE A 1040 -36.11 0.45 -26.71
CA PHE A 1040 -35.02 0.48 -25.75
C PHE A 1040 -34.97 -0.79 -24.91
N CYS A 1041 -36.14 -1.32 -24.54
CA CYS A 1041 -36.14 -2.58 -23.81
C CYS A 1041 -35.64 -3.73 -24.68
N CYS A 1042 -36.00 -3.74 -25.96
CA CYS A 1042 -35.45 -4.77 -26.85
C CYS A 1042 -33.94 -4.64 -26.96
N PHE A 1043 -33.44 -3.40 -27.01
CA PHE A 1043 -32.00 -3.17 -27.02
C PHE A 1043 -31.34 -3.70 -25.75
N LEU A 1044 -31.97 -3.44 -24.60
CA LEU A 1044 -31.44 -3.92 -23.33
C LEU A 1044 -31.41 -5.44 -23.28
N THR A 1045 -32.41 -6.09 -23.87
CA THR A 1045 -32.36 -7.55 -23.98
C THR A 1045 -31.22 -7.99 -24.87
N ALA A 1046 -31.00 -7.27 -25.97
CA ALA A 1046 -29.86 -7.56 -26.84
C ALA A 1046 -28.53 -7.38 -26.11
N VAL A 1047 -28.50 -6.59 -25.04
CA VAL A 1047 -27.30 -6.53 -24.21
C VAL A 1047 -27.01 -7.89 -23.59
N GLU A 1048 -28.05 -8.56 -23.10
CA GLU A 1048 -27.95 -9.90 -22.52
C GLU A 1048 -28.32 -10.91 -23.60
N ASP A 1049 -27.45 -11.04 -24.60
CA ASP A 1049 -27.71 -11.88 -25.77
C ASP A 1049 -26.85 -13.13 -25.71
N VAL A 1050 -27.33 -14.19 -26.36
CA VAL A 1050 -26.59 -15.44 -26.40
C VAL A 1050 -25.36 -15.31 -27.29
N ASN A 1051 -25.49 -14.61 -28.40
CA ASN A 1051 -24.37 -14.44 -29.33
C ASN A 1051 -23.36 -13.47 -28.74
N PRO A 1052 -22.10 -13.86 -28.57
CA PRO A 1052 -21.13 -12.95 -27.94
C PRO A 1052 -20.91 -11.66 -28.71
N ALA A 1053 -20.96 -11.71 -30.05
CA ALA A 1053 -20.74 -10.50 -30.84
C ALA A 1053 -21.84 -9.48 -30.60
N VAL A 1054 -23.09 -9.92 -30.64
CA VAL A 1054 -24.21 -9.02 -30.44
C VAL A 1054 -24.22 -8.49 -29.01
N ALA A 1055 -23.92 -9.34 -28.04
CA ALA A 1055 -23.88 -8.90 -26.65
C ALA A 1055 -22.80 -7.84 -26.45
N THR A 1056 -21.61 -8.07 -27.00
CA THR A 1056 -20.54 -7.09 -26.85
C THR A 1056 -20.86 -5.80 -27.57
N ARG A 1057 -21.40 -5.88 -28.78
CA ARG A 1057 -21.76 -4.66 -29.48
C ARG A 1057 -22.82 -3.87 -28.73
N ALA A 1058 -23.82 -4.56 -28.18
CA ALA A 1058 -24.86 -3.86 -27.43
C ALA A 1058 -24.30 -3.22 -26.18
N GLY A 1059 -23.46 -3.95 -25.44
CA GLY A 1059 -22.86 -3.38 -24.25
C GLY A 1059 -21.97 -2.19 -24.54
N LEU A 1060 -21.27 -2.23 -25.67
CA LEU A 1060 -20.38 -1.13 -26.04
C LEU A 1060 -21.15 0.07 -26.57
N LEU A 1061 -22.22 -0.16 -27.33
CA LEU A 1061 -23.02 0.93 -27.86
C LEU A 1061 -23.88 1.60 -26.81
N LEU A 1062 -24.26 0.87 -25.76
CA LEU A 1062 -25.05 1.49 -24.70
C LEU A 1062 -24.32 2.67 -24.08
N ASP A 1063 -22.99 2.65 -24.08
CA ASP A 1063 -22.20 3.74 -23.53
C ASP A 1063 -22.14 4.93 -24.47
N THR A 1064 -22.26 4.70 -25.79
CA THR A 1064 -22.16 5.78 -26.76
C THR A 1064 -23.37 6.69 -26.77
N ILE A 1065 -24.44 6.32 -26.07
CA ILE A 1065 -25.65 7.14 -26.01
C ILE A 1065 -25.43 8.25 -24.98
N LYS A 1066 -25.80 9.47 -25.34
CA LYS A 1066 -25.59 10.60 -24.45
C LYS A 1066 -26.55 10.56 -23.28
N ARG A 1067 -26.19 11.28 -22.22
CA ARG A 1067 -26.97 11.24 -20.97
C ARG A 1067 -28.40 11.75 -21.13
N PRO A 1068 -28.66 12.89 -21.80
CA PRO A 1068 -30.07 13.31 -21.93
C PRO A 1068 -30.94 12.30 -22.66
N ALA A 1069 -30.40 11.62 -23.66
CA ALA A 1069 -31.16 10.59 -24.36
C ALA A 1069 -31.50 9.43 -23.43
N LEU A 1070 -30.54 9.00 -22.62
CA LEU A 1070 -30.81 7.94 -21.67
C LEU A 1070 -31.84 8.37 -20.62
N GLN A 1071 -31.79 9.64 -20.19
CA GLN A 1071 -32.81 10.13 -19.27
C GLN A 1071 -34.19 10.13 -19.91
N GLY A 1072 -34.28 10.51 -21.19
CA GLY A 1072 -35.56 10.43 -21.88
C GLY A 1072 -36.08 9.02 -21.99
N LEU A 1073 -35.18 8.07 -22.30
CA LEU A 1073 -35.59 6.67 -22.39
C LEU A 1073 -36.06 6.15 -21.04
N CYS A 1074 -35.38 6.54 -19.95
CA CYS A 1074 -35.82 6.12 -18.63
C CYS A 1074 -37.17 6.74 -18.29
N LEU A 1075 -37.42 7.97 -18.73
CA LEU A 1075 -38.76 8.55 -18.56
C LEU A 1075 -39.80 7.74 -19.33
N CYS A 1076 -39.45 7.27 -20.52
CA CYS A 1076 -40.34 6.39 -21.27
C CYS A 1076 -40.63 5.11 -20.49
N LEU A 1077 -39.60 4.53 -19.88
CA LEU A 1077 -39.79 3.31 -19.10
C LEU A 1077 -40.68 3.58 -17.89
N ASP A 1078 -40.52 4.72 -17.24
CA ASP A 1078 -41.38 5.07 -16.11
C ASP A 1078 -42.83 5.24 -16.56
N PHE A 1079 -43.04 5.87 -17.72
CA PHE A 1079 -44.38 6.00 -18.25
C PHE A 1079 -44.99 4.64 -18.55
N GLN A 1080 -44.19 3.72 -19.11
CA GLN A 1080 -44.68 2.38 -19.36
C GLN A 1080 -45.06 1.67 -18.07
N PHE A 1081 -44.23 1.85 -17.03
CA PHE A 1081 -44.56 1.28 -15.73
C PHE A 1081 -45.89 1.82 -15.23
N ASP A 1082 -46.07 3.14 -15.30
CA ASP A 1082 -47.28 3.75 -14.78
C ASP A 1082 -48.52 3.30 -15.54
N THR A 1083 -48.45 3.29 -16.87
CA THR A 1083 -49.67 3.02 -17.65
C THR A 1083 -49.94 1.52 -17.76
N VAL A 1084 -49.01 0.77 -18.34
CA VAL A 1084 -49.22 -0.65 -18.55
C VAL A 1084 -48.92 -1.39 -17.26
N VAL A 1085 -49.86 -2.23 -16.83
CA VAL A 1085 -49.74 -2.94 -15.56
C VAL A 1085 -48.91 -4.21 -15.69
N LYS A 1086 -49.13 -4.98 -16.76
CA LYS A 1086 -48.42 -6.25 -16.90
C LYS A 1086 -46.97 -6.09 -17.31
N ASP A 1087 -46.54 -4.88 -17.67
CA ASP A 1087 -45.14 -4.63 -18.01
C ASP A 1087 -44.30 -4.22 -16.82
N ARG A 1088 -44.90 -4.03 -15.65
CA ARG A 1088 -44.16 -3.44 -14.54
C ARG A 1088 -42.99 -4.29 -14.08
N PRO A 1089 -43.11 -5.61 -13.86
CA PRO A 1089 -41.92 -6.37 -13.45
C PRO A 1089 -40.80 -6.37 -14.49
N THR A 1090 -41.13 -6.50 -15.77
CA THR A 1090 -40.09 -6.47 -16.80
C THR A 1090 -39.48 -5.08 -16.93
N ILE A 1091 -40.28 -4.03 -16.78
CA ILE A 1091 -39.73 -2.67 -16.79
C ILE A 1091 -38.78 -2.48 -15.63
N LEU A 1092 -39.13 -2.97 -14.45
CA LEU A 1092 -38.24 -2.87 -13.30
C LEU A 1092 -36.95 -3.64 -13.53
N SER A 1093 -37.06 -4.82 -14.14
CA SER A 1093 -35.85 -5.60 -14.45
C SER A 1093 -34.95 -4.84 -15.42
N LYS A 1094 -35.53 -4.24 -16.46
CA LYS A 1094 -34.74 -3.49 -17.42
C LYS A 1094 -34.09 -2.28 -16.77
N LEU A 1095 -34.83 -1.58 -15.91
CA LEU A 1095 -34.27 -0.42 -15.22
C LEU A 1095 -33.13 -0.81 -14.31
N LEU A 1096 -33.27 -1.93 -13.60
CA LEU A 1096 -32.18 -2.42 -12.76
C LEU A 1096 -30.96 -2.80 -13.58
N LEU A 1097 -31.19 -3.46 -14.72
CA LEU A 1097 -30.08 -3.82 -15.61
C LEU A 1097 -29.36 -2.57 -16.11
N LEU A 1098 -30.12 -1.57 -16.54
CA LEU A 1098 -29.51 -0.35 -17.04
C LEU A 1098 -28.76 0.40 -15.95
N HIS A 1099 -29.33 0.43 -14.74
CA HIS A 1099 -28.65 1.08 -13.63
C HIS A 1099 -27.36 0.36 -13.29
N PHE A 1100 -27.37 -0.97 -13.36
CA PHE A 1100 -26.14 -1.74 -13.20
C PHE A 1100 -25.12 -1.38 -14.26
N LEU A 1101 -25.53 -1.37 -15.53
CA LEU A 1101 -24.59 -1.15 -16.62
C LEU A 1101 -24.11 0.28 -16.67
N LYS A 1102 -25.02 1.23 -16.86
CA LYS A 1102 -24.69 2.64 -16.92
C LYS A 1102 -25.30 3.31 -15.69
N GLN A 1103 -24.52 3.39 -14.62
CA GLN A 1103 -25.00 3.93 -13.36
C GLN A 1103 -24.87 5.45 -13.29
N ASP A 1104 -24.06 6.05 -14.16
CA ASP A 1104 -23.85 7.49 -14.11
C ASP A 1104 -25.14 8.25 -14.37
N ILE A 1105 -25.92 7.82 -15.35
CA ILE A 1105 -27.25 8.38 -15.58
C ILE A 1105 -28.15 7.94 -14.43
N PRO A 1106 -29.10 8.74 -14.01
CA PRO A 1106 -30.11 8.23 -13.08
C PRO A 1106 -31.16 7.39 -13.79
N ALA A 1107 -31.08 6.08 -13.64
CA ALA A 1107 -32.14 5.19 -14.08
C ALA A 1107 -32.99 4.78 -12.88
N LEU A 1108 -32.33 4.36 -11.82
CA LEU A 1108 -32.96 4.21 -10.51
C LEU A 1108 -32.48 5.37 -9.63
N SER A 1109 -33.42 6.00 -8.94
CA SER A 1109 -33.09 7.12 -8.08
C SER A 1109 -34.15 7.23 -7.01
N TRP A 1110 -33.88 8.06 -5.99
CA TRP A 1110 -34.83 8.23 -4.91
C TRP A 1110 -36.16 8.77 -5.43
N GLU A 1111 -36.11 9.74 -6.34
CA GLU A 1111 -37.33 10.28 -6.92
C GLU A 1111 -38.07 9.22 -7.73
N PHE A 1112 -37.31 8.33 -8.39
CA PHE A 1112 -37.93 7.24 -9.13
C PHE A 1112 -38.78 6.37 -8.22
N PHE A 1113 -38.23 5.96 -7.08
CA PHE A 1113 -38.99 5.14 -6.16
C PHE A 1113 -40.12 5.93 -5.51
N VAL A 1114 -39.93 7.23 -5.29
CA VAL A 1114 -41.04 8.05 -4.80
C VAL A 1114 -42.21 7.98 -5.75
N ASN A 1115 -41.97 8.20 -7.04
CA ASN A 1115 -43.05 8.21 -8.00
C ASN A 1115 -43.66 6.82 -8.17
N ARG A 1116 -42.84 5.77 -8.15
CA ARG A 1116 -43.38 4.42 -8.23
C ARG A 1116 -44.28 4.10 -7.05
N PHE A 1117 -43.86 4.49 -5.85
CA PHE A 1117 -44.70 4.31 -4.68
C PHE A 1117 -45.98 5.12 -4.79
N GLU A 1118 -45.90 6.33 -5.36
CA GLU A 1118 -47.09 7.14 -5.54
C GLU A 1118 -48.10 6.43 -6.43
N THR A 1119 -47.63 5.90 -7.56
CA THR A 1119 -48.55 5.19 -8.46
C THR A 1119 -49.14 3.95 -7.80
N LEU A 1120 -48.29 3.14 -7.14
CA LEU A 1120 -48.80 1.93 -6.50
C LEU A 1120 -49.79 2.26 -5.40
N SER A 1121 -49.52 3.31 -4.62
CA SER A 1121 -50.45 3.68 -3.56
C SER A 1121 -51.75 4.23 -4.12
N LEU A 1122 -51.69 4.91 -5.27
CA LEU A 1122 -52.93 5.33 -5.92
C LEU A 1122 -53.77 4.13 -6.34
N GLU A 1123 -53.12 3.11 -6.93
CA GLU A 1123 -53.85 1.90 -7.28
C GLU A 1123 -54.44 1.25 -6.03
N ALA A 1124 -53.66 1.21 -4.94
CA ALA A 1124 -54.13 0.61 -3.70
C ALA A 1124 -55.35 1.36 -3.15
N GLN A 1125 -55.31 2.69 -3.22
CA GLN A 1125 -56.44 3.47 -2.74
C GLN A 1125 -57.67 3.24 -3.61
N LEU A 1126 -57.50 3.12 -4.92
CA LEU A 1126 -58.63 2.82 -5.79
C LEU A 1126 -59.24 1.47 -5.44
N HIS A 1127 -58.41 0.45 -5.24
CA HIS A 1127 -58.91 -0.86 -4.87
C HIS A 1127 -59.63 -0.81 -3.53
N LEU A 1128 -59.07 -0.07 -2.57
CA LEU A 1128 -59.72 0.08 -1.28
C LEU A 1128 -61.08 0.74 -1.42
N ASP A 1129 -61.18 1.75 -2.28
CA ASP A 1129 -62.47 2.35 -2.59
C ASP A 1129 -63.43 1.34 -3.20
N CYS A 1130 -62.90 0.37 -3.96
CA CYS A 1130 -63.71 -0.69 -4.55
C CYS A 1130 -63.79 -1.92 -3.66
N ASN A 1131 -63.35 -1.83 -2.41
CA ASN A 1131 -63.45 -2.91 -1.44
C ASN A 1131 -62.68 -4.15 -1.90
N LYS A 1132 -61.48 -3.93 -2.41
CA LYS A 1132 -60.62 -5.03 -2.85
C LYS A 1132 -59.22 -4.84 -2.31
N GLU A 1133 -58.60 -5.94 -1.92
CA GLU A 1133 -57.29 -5.91 -1.29
C GLU A 1133 -56.19 -5.62 -2.31
N PHE A 1134 -55.19 -4.88 -1.86
CA PHE A 1134 -54.01 -4.60 -2.66
C PHE A 1134 -52.77 -4.77 -1.80
N PRO A 1135 -51.66 -5.21 -2.38
CA PRO A 1135 -50.43 -5.42 -1.59
C PRO A 1135 -49.69 -4.15 -1.22
N PHE A 1136 -50.29 -2.97 -1.34
CA PHE A 1136 -49.57 -1.74 -1.06
C PHE A 1136 -50.37 -0.85 -0.11
N PRO A 1137 -49.67 -0.06 0.71
CA PRO A 1137 -50.38 0.89 1.59
C PRO A 1137 -51.12 1.94 0.77
N THR A 1138 -52.24 2.39 1.32
CA THR A 1138 -53.08 3.38 0.66
C THR A 1138 -52.81 4.79 1.13
N THR A 1139 -51.84 5.00 2.02
CA THR A 1139 -51.53 6.32 2.54
C THR A 1139 -50.22 6.90 2.03
N ILE A 1140 -49.46 6.14 1.24
CA ILE A 1140 -48.20 6.65 0.71
C ILE A 1140 -48.46 7.81 -0.24
N THR A 1141 -49.46 7.67 -1.11
CA THR A 1141 -49.76 8.74 -2.06
C THR A 1141 -50.40 9.93 -1.36
N ALA A 1142 -50.26 11.10 -1.97
CA ALA A 1142 -50.82 12.33 -1.44
C ALA A 1142 -52.15 12.70 -2.06
N VAL A 1143 -52.71 11.85 -2.92
CA VAL A 1143 -53.96 12.13 -3.61
C VAL A 1143 -55.05 11.31 -2.96
N ARG A 1144 -55.99 11.98 -2.31
CA ARG A 1144 -57.12 11.32 -1.65
C ARG A 1144 -58.24 11.15 -2.67
N THR A 1145 -58.53 9.90 -3.03
CA THR A 1145 -59.52 9.61 -4.06
C THR A 1145 -60.96 9.80 -3.57
N ASN A 1146 -61.17 10.02 -2.27
CA ASN A 1146 -62.52 10.28 -1.78
C ASN A 1146 -63.09 11.55 -2.39
N VAL A 1147 -62.29 12.61 -2.46
CA VAL A 1147 -62.72 13.88 -3.04
C VAL A 1147 -61.59 14.42 -3.91
N ALA A 1148 -61.93 14.86 -5.11
CA ALA A 1148 -60.94 15.41 -6.04
C ALA A 1148 -60.74 16.91 -5.85
N ASN A 1149 -61.77 17.63 -5.39
CA ASN A 1149 -61.69 19.06 -5.13
C ASN A 1149 -61.27 19.83 -6.38
N LEU A 1150 -61.64 19.30 -7.54
CA LEU A 1150 -61.35 19.93 -8.83
C LEU A 1150 -59.86 20.20 -9.01
N SER A 1151 -59.03 19.28 -8.49
CA SER A 1151 -57.60 19.39 -8.69
C SER A 1151 -57.24 19.06 -10.14
N ASP A 1152 -56.04 19.46 -10.55
CA ASP A 1152 -55.59 19.25 -11.91
C ASP A 1152 -54.66 18.04 -12.04
N ALA A 1153 -53.50 18.09 -11.39
CA ALA A 1153 -52.55 16.99 -11.47
C ALA A 1153 -53.06 15.76 -10.72
N ALA A 1154 -53.70 15.96 -9.57
CA ALA A 1154 -54.26 14.85 -8.82
C ALA A 1154 -55.34 14.13 -9.61
N LEU A 1155 -56.21 14.89 -10.28
CA LEU A 1155 -57.25 14.28 -11.09
C LEU A 1155 -56.67 13.51 -12.26
N TRP A 1156 -55.61 14.04 -12.88
CA TRP A 1156 -54.94 13.32 -13.95
C TRP A 1156 -54.32 12.03 -13.43
N LYS A 1157 -53.73 12.07 -12.24
CA LYS A 1157 -53.15 10.86 -11.65
C LYS A 1157 -54.23 9.82 -11.40
N ILE A 1158 -55.38 10.25 -10.88
CA ILE A 1158 -56.48 9.31 -10.64
C ILE A 1158 -56.97 8.72 -11.95
N LYS A 1159 -57.11 9.56 -12.98
CA LYS A 1159 -57.53 9.07 -14.29
C LYS A 1159 -56.56 8.05 -14.83
N ARG A 1160 -55.26 8.34 -14.74
CA ARG A 1160 -54.26 7.41 -15.26
C ARG A 1160 -54.28 6.10 -14.49
N ALA A 1161 -54.41 6.15 -13.16
CA ALA A 1161 -54.43 4.93 -12.37
C ALA A 1161 -55.66 4.09 -12.68
N ARG A 1162 -56.83 4.73 -12.78
CA ARG A 1162 -58.03 3.97 -13.10
C ARG A 1162 -57.98 3.41 -14.51
N PHE A 1163 -57.42 4.17 -15.45
CA PHE A 1163 -57.24 3.66 -16.81
C PHE A 1163 -56.32 2.45 -16.82
N ALA A 1164 -55.22 2.53 -16.07
CA ALA A 1164 -54.29 1.41 -16.00
C ALA A 1164 -54.96 0.18 -15.40
N ARG A 1165 -55.76 0.36 -14.36
CA ARG A 1165 -56.33 -0.79 -13.68
C ARG A 1165 -57.51 -1.38 -14.44
N ASN A 1166 -58.27 -0.56 -15.17
CA ASN A 1166 -59.43 -1.09 -15.87
C ASN A 1166 -59.12 -1.42 -17.32
N ARG A 1167 -58.47 -0.51 -18.04
CA ARG A 1167 -58.15 -0.74 -19.45
C ARG A 1167 -56.80 -1.47 -19.53
N GLN A 1168 -56.85 -2.77 -19.24
CA GLN A 1168 -55.68 -3.62 -19.41
C GLN A 1168 -55.57 -4.18 -20.81
N LYS A 1169 -56.35 -3.67 -21.75
CA LYS A 1169 -56.15 -3.88 -23.18
C LYS A 1169 -55.38 -2.73 -23.82
N SER A 1170 -54.43 -2.16 -23.09
CA SER A 1170 -53.73 -0.95 -23.51
C SER A 1170 -52.88 -1.23 -24.74
N VAL A 1171 -52.16 -0.21 -25.19
CA VAL A 1171 -51.25 -0.32 -26.33
C VAL A 1171 -50.28 -1.46 -26.01
N ARG A 1172 -49.75 -2.09 -27.06
CA ARG A 1172 -49.06 -3.36 -26.93
C ARG A 1172 -48.05 -3.35 -25.79
N SER A 1173 -48.29 -4.18 -24.79
CA SER A 1173 -47.32 -4.37 -23.73
C SER A 1173 -46.06 -4.99 -24.30
N LEU A 1174 -44.91 -4.40 -23.98
CA LEU A 1174 -43.65 -4.87 -24.53
C LEU A 1174 -43.21 -6.20 -23.94
N ARG A 1175 -43.87 -6.70 -22.90
CA ARG A 1175 -43.36 -7.84 -22.15
C ARG A 1175 -43.16 -9.06 -23.03
N ASP A 1176 -44.13 -9.36 -23.90
CA ASP A 1176 -44.01 -10.55 -24.73
C ASP A 1176 -42.94 -10.38 -25.80
N SER A 1177 -42.86 -9.18 -26.40
CA SER A 1177 -41.86 -8.95 -27.44
C SER A 1177 -40.46 -8.79 -26.85
N VAL A 1178 -40.37 -8.29 -25.62
CA VAL A 1178 -39.08 -8.02 -25.00
C VAL A 1178 -38.30 -9.31 -24.78
N LYS A 1179 -38.97 -10.37 -24.36
CA LYS A 1179 -38.31 -11.63 -24.09
C LYS A 1179 -37.55 -12.10 -25.33
N GLY A 1180 -36.29 -12.48 -25.13
CA GLY A 1180 -35.41 -12.78 -26.23
C GLY A 1180 -35.72 -14.08 -26.92
N PRO A 1181 -35.19 -14.26 -28.14
CA PRO A 1181 -35.29 -15.46 -28.98
C PRO A 1181 -35.11 -16.76 -28.18
N THR A 1230 -67.06 0.25 -12.95
CA THR A 1230 -66.49 1.35 -13.71
C THR A 1230 -65.21 1.84 -13.05
N ILE A 1231 -64.96 1.39 -11.82
CA ILE A 1231 -63.81 1.83 -11.05
C ILE A 1231 -62.92 0.62 -10.75
N LYS A 1232 -63.54 -0.55 -10.66
CA LYS A 1232 -62.85 -1.77 -10.26
C LYS A 1232 -62.64 -2.68 -11.46
N ASP A 1233 -61.55 -3.45 -11.40
CA ASP A 1233 -61.31 -4.49 -12.39
C ASP A 1233 -60.36 -5.50 -11.79
N LEU A 1234 -60.51 -6.76 -12.18
CA LEU A 1234 -59.76 -7.87 -11.61
C LEU A 1234 -58.99 -8.60 -12.69
N LEU A 1235 -57.85 -9.15 -12.31
CA LEU A 1235 -56.96 -9.80 -13.27
C LEU A 1235 -57.45 -11.21 -13.55
N PRO A 1236 -57.71 -11.57 -14.81
CA PRO A 1236 -58.28 -12.89 -15.11
C PRO A 1236 -57.32 -14.06 -14.88
N GLU A 1237 -56.14 -13.99 -15.49
CA GLU A 1237 -55.18 -15.08 -15.46
C GLU A 1237 -53.96 -14.75 -14.61
N ASP A 1238 -53.41 -13.55 -14.79
CA ASP A 1238 -52.23 -13.11 -14.03
C ASP A 1238 -52.71 -12.40 -12.77
N ALA A 1239 -53.30 -13.17 -11.86
CA ALA A 1239 -53.81 -12.62 -10.62
C ALA A 1239 -52.72 -12.20 -9.65
N GLY A 1240 -51.48 -12.63 -9.89
CA GLY A 1240 -50.38 -12.28 -9.01
C GLY A 1240 -49.52 -11.15 -9.55
N ILE A 1241 -50.04 -10.38 -10.50
CA ILE A 1241 -49.28 -9.29 -11.07
C ILE A 1241 -48.96 -8.24 -10.01
N ASP A 1242 -49.94 -7.90 -9.17
CA ASP A 1242 -49.71 -6.87 -8.16
C ASP A 1242 -48.63 -7.30 -7.18
N HIS A 1243 -48.67 -8.55 -6.74
CA HIS A 1243 -47.66 -9.04 -5.82
C HIS A 1243 -46.29 -9.06 -6.46
N GLN A 1244 -46.20 -9.45 -7.73
CA GLN A 1244 -44.93 -9.42 -8.43
C GLN A 1244 -44.39 -7.99 -8.51
N THR A 1245 -45.26 -7.04 -8.86
CA THR A 1245 -44.79 -5.65 -8.95
C THR A 1245 -44.30 -5.15 -7.61
N VAL A 1246 -45.03 -5.45 -6.53
CA VAL A 1246 -44.61 -4.98 -5.21
C VAL A 1246 -43.27 -5.60 -4.82
N HIS A 1247 -43.16 -6.92 -4.96
CA HIS A 1247 -41.92 -7.58 -4.56
C HIS A 1247 -40.75 -7.12 -5.42
N GLN A 1248 -40.94 -7.02 -6.73
CA GLN A 1248 -39.87 -6.60 -7.61
C GLN A 1248 -39.46 -5.16 -7.33
N LEU A 1249 -40.44 -4.29 -7.09
CA LEU A 1249 -40.11 -2.91 -6.78
C LEU A 1249 -39.32 -2.80 -5.50
N ILE A 1250 -39.71 -3.54 -4.46
CA ILE A 1250 -38.99 -3.43 -3.21
C ILE A 1250 -37.59 -4.05 -3.31
N THR A 1251 -37.46 -5.17 -4.03
CA THR A 1251 -36.13 -5.75 -4.20
C THR A 1251 -35.23 -4.84 -5.02
N VAL A 1252 -35.78 -4.20 -6.06
CA VAL A 1252 -35.00 -3.26 -6.84
C VAL A 1252 -34.62 -2.05 -6.00
N LEU A 1253 -35.50 -1.63 -5.09
CA LEU A 1253 -35.15 -0.56 -4.16
C LEU A 1253 -33.98 -0.97 -3.27
N MET A 1254 -34.02 -2.19 -2.74
CA MET A 1254 -32.93 -2.66 -1.90
C MET A 1254 -31.63 -2.73 -2.69
N LYS A 1255 -31.69 -3.19 -3.93
CA LYS A 1255 -30.49 -3.29 -4.75
C LYS A 1255 -29.95 -1.91 -5.11
N PHE A 1256 -30.84 -0.94 -5.32
CA PHE A 1256 -30.39 0.44 -5.51
C PHE A 1256 -29.71 0.97 -4.26
N MET A 1257 -30.31 0.71 -3.09
CA MET A 1257 -29.74 1.22 -1.85
C MET A 1257 -28.40 0.58 -1.54
N ALA A 1258 -28.23 -0.70 -1.87
CA ALA A 1258 -26.96 -1.36 -1.59
C ALA A 1258 -25.82 -0.72 -2.36
N ARG A 1259 -26.05 -0.36 -3.62
CA ARG A 1259 -25.02 0.18 -4.49
C ARG A 1259 -25.15 1.68 -4.69
N ASP A 1260 -25.75 2.37 -3.72
CA ASP A 1260 -25.95 3.81 -3.81
C ASP A 1260 -24.69 4.54 -3.36
N GLU A 1261 -24.18 5.41 -4.20
CA GLU A 1261 -23.00 6.22 -3.87
C GLU A 1261 -23.40 7.56 -3.27
N SER A 1262 -24.21 7.51 -2.20
CA SER A 1262 -24.66 8.69 -1.47
C SER A 1262 -25.30 9.71 -2.41
N SER A 1263 -26.28 9.24 -3.18
CA SER A 1263 -27.00 10.13 -4.09
C SER A 1263 -27.71 11.24 -3.34
N ALA A 1264 -28.16 10.96 -2.12
CA ALA A 1264 -28.72 12.00 -1.28
C ALA A 1264 -27.65 13.04 -0.93
N GLU A 1265 -28.11 14.21 -0.51
CA GLU A 1265 -27.28 15.36 -0.18
C GLU A 1265 -26.59 15.96 -1.40
N SER A 1266 -26.78 15.38 -2.59
CA SER A 1266 -26.27 16.00 -3.80
C SER A 1266 -26.98 17.32 -4.08
N ASP A 1267 -28.28 17.37 -3.83
CA ASP A 1267 -29.06 18.59 -3.98
C ASP A 1267 -30.29 18.48 -3.09
N ILE A 1268 -31.07 19.56 -3.07
CA ILE A 1268 -32.26 19.62 -2.23
C ILE A 1268 -33.29 18.57 -2.67
N SER A 1269 -33.47 18.42 -3.98
CA SER A 1269 -34.48 17.48 -4.47
C SER A 1269 -34.15 16.05 -4.08
N SER A 1270 -32.88 15.66 -4.20
CA SER A 1270 -32.50 14.30 -3.84
C SER A 1270 -32.69 14.04 -2.36
N ALA A 1271 -32.37 15.03 -1.51
CA ALA A 1271 -32.57 14.86 -0.08
C ALA A 1271 -34.05 14.75 0.26
N LYS A 1272 -34.89 15.58 -0.38
CA LYS A 1272 -36.33 15.47 -0.18
C LYS A 1272 -36.83 14.09 -0.58
N ALA A 1273 -36.37 13.59 -1.73
CA ALA A 1273 -36.80 12.29 -2.19
C ALA A 1273 -36.33 11.19 -1.26
N PHE A 1274 -35.12 11.32 -0.72
CA PHE A 1274 -34.63 10.31 0.23
C PHE A 1274 -35.47 10.30 1.49
N ASN A 1275 -35.81 11.47 2.02
CA ASN A 1275 -36.65 11.51 3.22
C ASN A 1275 -38.02 10.91 2.94
N THR A 1276 -38.58 11.21 1.76
CA THR A 1276 -39.86 10.64 1.38
C THR A 1276 -39.79 9.13 1.28
N VAL A 1277 -38.72 8.61 0.68
CA VAL A 1277 -38.56 7.17 0.55
C VAL A 1277 -38.40 6.53 1.92
N LYS A 1278 -37.70 7.21 2.84
CA LYS A 1278 -37.54 6.67 4.18
C LYS A 1278 -38.89 6.58 4.90
N ARG A 1279 -39.71 7.61 4.80
CA ARG A 1279 -41.04 7.55 5.39
C ARG A 1279 -41.88 6.45 4.76
N HIS A 1280 -41.82 6.34 3.44
CA HIS A 1280 -42.55 5.28 2.75
C HIS A 1280 -42.06 3.90 3.16
N LEU A 1281 -40.76 3.74 3.39
CA LEU A 1281 -40.23 2.48 3.86
C LEU A 1281 -40.74 2.15 5.24
N TYR A 1282 -40.82 3.15 6.12
CA TYR A 1282 -41.43 2.93 7.41
C TYR A 1282 -42.86 2.45 7.26
N VAL A 1283 -43.62 3.06 6.35
CA VAL A 1283 -45.01 2.67 6.16
C VAL A 1283 -45.12 1.26 5.59
N LEU A 1284 -44.26 0.93 4.62
CA LEU A 1284 -44.36 -0.34 3.92
C LEU A 1284 -44.22 -1.52 4.86
N LEU A 1285 -43.27 -1.43 5.79
CA LEU A 1285 -43.09 -2.46 6.80
C LEU A 1285 -44.12 -2.37 7.91
N GLY A 1286 -45.17 -1.58 7.73
CA GLY A 1286 -46.26 -1.54 8.68
C GLY A 1286 -46.00 -0.73 9.92
N TYR A 1287 -44.97 0.10 9.94
CA TYR A 1287 -44.56 0.82 11.14
C TYR A 1287 -45.05 2.25 11.09
N ASP A 1288 -45.75 2.68 12.13
CA ASP A 1288 -46.30 4.03 12.22
C ASP A 1288 -45.34 4.89 13.02
N GLN A 1289 -44.66 5.82 12.35
CA GLN A 1289 -43.70 6.68 13.05
C GLN A 1289 -44.39 7.62 14.03
N GLN A 1290 -45.58 8.09 13.69
CA GLN A 1290 -46.25 9.07 14.54
C GLN A 1290 -46.52 8.51 15.93
N GLU A 1291 -46.97 7.26 16.00
CA GLU A 1291 -47.25 6.61 17.28
C GLU A 1291 -46.19 5.59 17.67
N GLY A 1292 -45.18 5.37 16.84
CA GLY A 1292 -44.11 4.45 17.18
C GLY A 1292 -44.58 3.04 17.44
N CYS A 1293 -45.60 2.60 16.70
CA CYS A 1293 -46.12 1.24 16.85
C CYS A 1293 -46.41 0.67 15.48
N PHE A 1294 -46.26 -0.65 15.36
CA PHE A 1294 -46.58 -1.33 14.13
C PHE A 1294 -48.08 -1.42 13.96
N MET A 1295 -48.56 -1.12 12.75
CA MET A 1295 -49.99 -1.14 12.49
C MET A 1295 -50.54 -2.55 12.30
N ILE A 1296 -49.68 -3.56 12.17
CA ILE A 1296 -50.11 -4.89 11.77
C ILE A 1296 -49.56 -5.92 12.77
N ALA A 1297 -50.23 -7.06 12.82
CA ALA A 1297 -49.77 -8.16 13.63
C ALA A 1297 -48.52 -8.77 13.01
N PRO A 1298 -47.67 -9.40 13.82
CA PRO A 1298 -46.43 -9.96 13.27
C PRO A 1298 -46.65 -11.01 12.19
N GLN A 1299 -47.74 -11.78 12.28
CA GLN A 1299 -48.01 -12.77 11.24
C GLN A 1299 -48.30 -12.11 9.91
N LYS A 1300 -49.05 -11.01 9.92
CA LYS A 1300 -49.33 -10.30 8.68
C LYS A 1300 -48.05 -9.74 8.07
N MET A 1301 -47.14 -9.25 8.91
CA MET A 1301 -45.86 -8.78 8.39
C MET A 1301 -45.06 -9.92 7.79
N ARG A 1302 -45.00 -11.06 8.47
CA ARG A 1302 -44.26 -12.20 7.94
C ARG A 1302 -44.84 -12.65 6.60
N LEU A 1303 -46.16 -12.68 6.50
CA LEU A 1303 -46.82 -13.02 5.25
C LEU A 1303 -46.78 -11.89 4.22
N SER A 1304 -46.37 -10.70 4.61
CA SER A 1304 -46.41 -9.55 3.71
C SER A 1304 -45.36 -9.67 2.63
N THR A 1305 -45.71 -9.22 1.42
CA THR A 1305 -44.75 -9.22 0.33
C THR A 1305 -43.63 -8.21 0.59
N CYS A 1306 -43.97 -7.04 1.12
CA CYS A 1306 -42.98 -6.00 1.36
C CYS A 1306 -41.93 -6.46 2.35
N PHE A 1307 -42.35 -7.09 3.45
CA PHE A 1307 -41.39 -7.57 4.43
C PHE A 1307 -40.53 -8.68 3.85
N ASN A 1308 -41.13 -9.61 3.10
CA ASN A 1308 -40.35 -10.72 2.56
C ASN A 1308 -39.31 -10.23 1.58
N ALA A 1309 -39.65 -9.20 0.79
CA ALA A 1309 -38.69 -8.63 -0.15
C ALA A 1309 -37.73 -7.67 0.52
N PHE A 1310 -38.03 -7.21 1.73
CA PHE A 1310 -37.16 -6.29 2.46
C PHE A 1310 -36.12 -7.02 3.30
N ILE A 1311 -36.54 -8.07 4.03
CA ILE A 1311 -35.62 -8.85 4.83
C ILE A 1311 -34.60 -9.56 3.95
N ALA A 1312 -34.98 -9.89 2.72
CA ALA A 1312 -34.11 -10.61 1.82
C ALA A 1312 -32.99 -9.75 1.25
N GLY A 1313 -33.07 -8.43 1.40
CA GLY A 1313 -32.03 -7.57 0.88
C GLY A 1313 -31.47 -6.61 1.89
N ILE A 1314 -32.07 -6.56 3.08
CA ILE A 1314 -31.63 -5.60 4.08
C ILE A 1314 -30.24 -5.90 4.58
N ALA A 1315 -29.87 -7.18 4.68
CA ALA A 1315 -28.51 -7.51 5.09
C ALA A 1315 -27.49 -6.94 4.12
N GLN A 1316 -27.74 -7.10 2.82
CA GLN A 1316 -26.84 -6.54 1.81
C GLN A 1316 -26.84 -5.02 1.86
N VAL A 1317 -28.01 -4.40 2.06
CA VAL A 1317 -28.06 -2.94 2.12
C VAL A 1317 -27.23 -2.44 3.29
N MET A 1318 -27.37 -3.07 4.46
CA MET A 1318 -26.62 -2.65 5.64
C MET A 1318 -25.12 -2.91 5.45
N ASP A 1319 -24.76 -4.02 4.80
CA ASP A 1319 -23.35 -4.37 4.66
C ASP A 1319 -22.66 -3.46 3.65
N TYR A 1320 -23.22 -3.32 2.46
CA TYR A 1320 -22.55 -2.59 1.39
C TYR A 1320 -22.58 -1.09 1.61
N ASN A 1321 -23.70 -0.55 2.09
CA ASN A 1321 -23.85 0.88 2.29
C ASN A 1321 -23.94 1.16 3.78
N ILE A 1322 -23.07 2.02 4.28
CA ILE A 1322 -23.01 2.31 5.71
C ILE A 1322 -23.85 3.53 6.07
N ASN A 1323 -23.82 4.57 5.24
CA ASN A 1323 -24.60 5.76 5.53
C ASN A 1323 -26.09 5.45 5.54
N LEU A 1324 -26.57 4.80 4.49
CA LEU A 1324 -27.96 4.34 4.49
C LEU A 1324 -28.22 3.35 5.60
N GLY A 1325 -27.22 2.54 5.95
CA GLY A 1325 -27.36 1.65 7.09
C GLY A 1325 -27.57 2.41 8.38
N LYS A 1326 -26.81 3.49 8.58
CA LYS A 1326 -26.99 4.31 9.77
C LYS A 1326 -28.36 4.96 9.77
N HIS A 1327 -28.86 5.36 8.59
CA HIS A 1327 -30.20 5.90 8.51
C HIS A 1327 -31.25 4.86 8.88
N LEU A 1328 -31.09 3.64 8.39
CA LEU A 1328 -32.12 2.61 8.50
C LEU A 1328 -32.02 1.78 9.77
N LEU A 1329 -30.98 1.96 10.57
CA LEU A 1329 -30.74 1.10 11.73
C LEU A 1329 -31.93 1.01 12.69
N PRO A 1330 -32.59 2.09 13.11
CA PRO A 1330 -33.73 1.92 14.02
C PRO A 1330 -34.88 1.15 13.40
N LEU A 1331 -35.25 1.46 12.15
CA LEU A 1331 -36.31 0.72 11.50
C LEU A 1331 -35.95 -0.75 11.34
N VAL A 1332 -34.71 -1.03 10.94
CA VAL A 1332 -34.29 -2.41 10.74
C VAL A 1332 -34.37 -3.18 12.05
N VAL A 1333 -33.90 -2.57 13.14
CA VAL A 1333 -33.88 -3.28 14.41
C VAL A 1333 -35.30 -3.51 14.91
N GLN A 1334 -36.19 -2.53 14.71
CA GLN A 1334 -37.59 -2.71 15.10
C GLN A 1334 -38.23 -3.84 14.31
N VAL A 1335 -37.99 -3.88 13.00
CA VAL A 1335 -38.55 -4.95 12.17
C VAL A 1335 -38.01 -6.30 12.62
N LEU A 1336 -36.71 -6.38 12.86
CA LEU A 1336 -36.11 -7.64 13.27
C LEU A 1336 -36.71 -8.14 14.58
N LYS A 1337 -36.93 -7.24 15.54
CA LYS A 1337 -37.55 -7.67 16.78
C LYS A 1337 -39.00 -8.10 16.56
N TYR A 1338 -39.75 -7.33 15.76
CA TYR A 1338 -41.18 -7.59 15.62
C TYR A 1338 -41.46 -8.89 14.90
N CYS A 1339 -40.67 -9.21 13.87
CA CYS A 1339 -40.96 -10.37 13.04
C CYS A 1339 -40.83 -11.66 13.81
N SER A 1340 -39.81 -11.78 14.66
CA SER A 1340 -39.58 -13.03 15.38
C SER A 1340 -40.66 -13.35 16.40
N CYS A 1341 -41.50 -12.39 16.74
CA CYS A 1341 -42.52 -12.62 17.76
C CYS A 1341 -43.65 -13.46 17.19
N PRO A 1342 -43.98 -14.59 17.81
CA PRO A 1342 -45.13 -15.38 17.33
C PRO A 1342 -46.43 -14.60 17.35
N GLN A 1343 -46.63 -13.76 18.35
CA GLN A 1343 -47.84 -12.96 18.48
C GLN A 1343 -47.46 -11.57 18.96
N LEU A 1344 -48.45 -10.68 18.98
CA LEU A 1344 -48.20 -9.31 19.38
C LEU A 1344 -47.76 -9.22 20.84
N ARG A 1345 -48.31 -10.08 21.71
CA ARG A 1345 -47.96 -10.04 23.12
C ARG A 1345 -46.48 -10.30 23.34
N HIS A 1346 -45.90 -11.23 22.56
CA HIS A 1346 -44.49 -11.57 22.72
C HIS A 1346 -43.58 -10.38 22.47
N TYR A 1347 -44.08 -9.35 21.78
CA TYR A 1347 -43.28 -8.16 21.52
C TYR A 1347 -43.15 -7.27 22.74
N PHE A 1348 -43.97 -7.48 23.77
CA PHE A 1348 -43.97 -6.64 24.95
C PHE A 1348 -43.49 -7.36 26.20
N GLN A 1349 -42.76 -8.45 26.04
CA GLN A 1349 -42.13 -9.14 27.16
C GLN A 1349 -40.74 -8.57 27.35
N GLN A 1350 -40.46 -8.05 28.55
CA GLN A 1350 -39.19 -7.36 28.78
C GLN A 1350 -37.98 -8.27 28.58
N PRO A 1351 -37.91 -9.47 29.16
CA PRO A 1351 -37.00 -10.47 28.64
C PRO A 1351 -37.66 -11.25 27.52
N PRO A 1352 -37.24 -11.04 26.27
CA PRO A 1352 -37.93 -11.67 25.13
C PRO A 1352 -37.79 -13.19 25.19
N ARG A 1353 -38.92 -13.87 25.34
CA ARG A 1353 -38.97 -15.33 25.32
C ARG A 1353 -39.24 -15.88 23.93
N CYS A 1354 -39.36 -15.03 22.93
CA CYS A 1354 -39.63 -15.47 21.57
C CYS A 1354 -38.39 -16.16 20.98
N SER A 1355 -38.54 -16.65 19.77
CA SER A 1355 -37.45 -17.32 19.08
C SER A 1355 -37.69 -17.23 17.58
N LEU A 1356 -36.67 -17.60 16.81
CA LEU A 1356 -36.79 -17.58 15.36
C LEU A 1356 -37.49 -18.83 14.86
N TRP A 1357 -38.66 -19.14 15.40
CA TRP A 1357 -39.40 -20.31 14.93
C TRP A 1357 -40.48 -19.95 13.94
N SER A 1358 -41.10 -18.79 14.08
CA SER A 1358 -42.18 -18.39 13.19
C SER A 1358 -41.68 -17.98 11.81
N LEU A 1359 -40.38 -17.77 11.64
CA LEU A 1359 -39.81 -17.43 10.36
C LEU A 1359 -39.64 -18.66 9.49
N LYS A 1360 -39.56 -18.44 8.19
CA LYS A 1360 -39.25 -19.52 7.28
C LYS A 1360 -37.80 -19.94 7.48
N PRO A 1361 -37.50 -21.23 7.28
CA PRO A 1361 -36.13 -21.71 7.55
C PRO A 1361 -35.06 -20.99 6.75
N HIS A 1362 -35.37 -20.53 5.54
CA HIS A 1362 -34.42 -19.72 4.81
C HIS A 1362 -34.47 -18.25 5.20
N ILE A 1363 -35.52 -17.84 5.92
CA ILE A 1363 -35.63 -16.46 6.37
C ILE A 1363 -34.94 -16.24 7.70
N ARG A 1364 -34.83 -17.29 8.52
CA ARG A 1364 -34.09 -17.17 9.77
C ARG A 1364 -32.64 -16.82 9.50
N GLN A 1365 -32.05 -17.39 8.46
CA GLN A 1365 -30.65 -17.12 8.16
C GLN A 1365 -30.45 -15.68 7.69
N MET A 1366 -31.42 -15.14 6.94
CA MET A 1366 -31.32 -13.74 6.53
C MET A 1366 -31.53 -12.80 7.72
N TRP A 1367 -32.44 -13.17 8.62
CA TRP A 1367 -32.60 -12.45 9.88
C TRP A 1367 -31.28 -12.42 10.64
N LEU A 1368 -30.64 -13.57 10.77
CA LEU A 1368 -29.38 -13.66 11.50
C LEU A 1368 -28.27 -12.91 10.79
N LYS A 1369 -28.26 -12.91 9.46
CA LYS A 1369 -27.22 -12.19 8.75
C LYS A 1369 -27.40 -10.68 8.87
N ALA A 1370 -28.64 -10.21 8.87
CA ALA A 1370 -28.89 -8.80 9.13
C ALA A 1370 -28.42 -8.41 10.52
N LEU A 1371 -28.73 -9.24 11.51
CA LEU A 1371 -28.26 -8.97 12.87
C LEU A 1371 -26.75 -9.00 12.95
N LEU A 1372 -26.12 -9.92 12.21
CA LEU A 1372 -24.67 -10.01 12.19
C LEU A 1372 -24.05 -8.75 11.61
N VAL A 1373 -24.60 -8.25 10.51
CA VAL A 1373 -24.08 -7.01 9.93
C VAL A 1373 -24.24 -5.85 10.90
N ILE A 1374 -25.41 -5.78 11.56
CA ILE A 1374 -25.64 -4.71 12.52
C ILE A 1374 -24.62 -4.78 13.66
N LEU A 1375 -24.37 -5.98 14.18
CA LEU A 1375 -23.41 -6.13 15.27
C LEU A 1375 -21.98 -5.91 14.80
N TYR A 1376 -21.70 -6.17 13.53
CA TYR A 1376 -20.33 -6.17 13.05
C TYR A 1376 -19.85 -4.79 12.62
N LYS A 1377 -20.71 -3.98 12.00
CA LYS A 1377 -20.21 -2.72 11.46
C LYS A 1377 -21.11 -1.55 11.78
N TYR A 1378 -21.84 -1.59 12.89
CA TYR A 1378 -22.65 -0.45 13.27
C TYR A 1378 -22.52 -0.18 14.77
N PRO A 1379 -22.55 1.09 15.16
CA PRO A 1379 -22.54 1.43 16.59
C PRO A 1379 -23.94 1.29 17.18
N TYR A 1380 -24.13 0.26 18.01
CA TYR A 1380 -25.43 -0.05 18.57
C TYR A 1380 -25.56 0.34 20.04
N ARG A 1381 -24.68 1.22 20.53
CA ARG A 1381 -24.76 1.73 21.88
C ARG A 1381 -25.60 3.00 21.98
N ASP A 1382 -26.51 3.21 21.03
CA ASP A 1382 -27.36 4.39 21.05
C ASP A 1382 -28.41 4.25 22.15
N CYS A 1383 -29.02 5.39 22.50
CA CYS A 1383 -30.00 5.40 23.59
C CYS A 1383 -31.25 4.60 23.26
N ASP A 1384 -31.49 4.32 21.99
CA ASP A 1384 -32.71 3.63 21.56
C ASP A 1384 -32.44 2.26 20.96
N VAL A 1385 -31.49 2.17 20.03
CA VAL A 1385 -31.21 0.90 19.37
C VAL A 1385 -30.62 -0.13 20.32
N SER A 1386 -29.98 0.30 21.41
CA SER A 1386 -29.29 -0.63 22.29
C SER A 1386 -30.25 -1.61 22.94
N LYS A 1387 -31.40 -1.12 23.42
CA LYS A 1387 -32.36 -2.00 24.08
C LYS A 1387 -32.93 -3.02 23.12
N THR A 1388 -33.32 -2.59 21.92
CA THR A 1388 -33.85 -3.52 20.94
C THR A 1388 -32.80 -4.52 20.49
N LEU A 1389 -31.53 -4.10 20.41
CA LEU A 1389 -30.48 -5.03 20.03
C LEU A 1389 -30.22 -6.05 21.13
N LEU A 1390 -30.30 -5.63 22.39
CA LEU A 1390 -30.23 -6.60 23.48
C LEU A 1390 -31.38 -7.59 23.39
N HIS A 1391 -32.56 -7.11 23.02
CA HIS A 1391 -33.69 -8.02 22.82
C HIS A 1391 -33.42 -9.00 21.68
N LEU A 1392 -32.78 -8.52 20.61
CA LEU A 1392 -32.43 -9.41 19.51
C LEU A 1392 -31.44 -10.48 19.96
N ILE A 1393 -30.47 -10.09 20.79
CA ILE A 1393 -29.53 -11.07 21.35
C ILE A 1393 -30.28 -12.09 22.21
N HIS A 1394 -31.27 -11.62 22.97
CA HIS A 1394 -32.10 -12.53 23.75
C HIS A 1394 -32.83 -13.53 22.86
N ILE A 1395 -33.37 -13.04 21.73
CA ILE A 1395 -34.07 -13.92 20.81
C ILE A 1395 -33.12 -14.95 20.23
N THR A 1396 -31.90 -14.53 19.90
CA THR A 1396 -30.90 -15.48 19.40
C THR A 1396 -30.56 -16.53 20.45
N VAL A 1397 -30.40 -16.11 21.70
CA VAL A 1397 -30.11 -17.07 22.77
C VAL A 1397 -31.26 -18.05 22.94
N ASN A 1398 -32.49 -17.57 22.88
CA ASN A 1398 -33.64 -18.46 22.96
C ASN A 1398 -33.70 -19.41 21.78
N THR A 1399 -33.30 -18.94 20.60
CA THR A 1399 -33.24 -19.83 19.44
C THR A 1399 -32.24 -20.95 19.67
N LEU A 1400 -31.07 -20.62 20.24
CA LEU A 1400 -30.10 -21.66 20.56
C LEU A 1400 -30.65 -22.62 21.61
N ASN A 1401 -31.35 -22.09 22.61
CA ASN A 1401 -31.89 -22.93 23.68
C ASN A 1401 -32.95 -23.89 23.15
N ALA A 1402 -33.82 -23.41 22.26
CA ALA A 1402 -34.95 -24.21 21.80
C ALA A 1402 -34.51 -25.46 21.05
N GLN A 1403 -33.26 -25.53 20.61
CA GLN A 1403 -32.74 -26.77 20.05
C GLN A 1403 -32.72 -27.88 21.07
N TYR A 1404 -32.67 -27.54 22.36
CA TYR A 1404 -32.68 -28.50 23.46
C TYR A 1404 -33.74 -28.01 24.45
N HIS A 1405 -34.97 -28.45 24.24
CA HIS A 1405 -36.10 -27.94 25.02
C HIS A 1405 -35.96 -28.37 26.47
N SER A 1406 -35.87 -27.39 27.37
CA SER A 1406 -35.87 -27.63 28.81
C SER A 1406 -37.13 -27.00 29.39
N CYS A 1407 -37.93 -27.80 30.09
CA CYS A 1407 -39.18 -27.30 30.63
C CYS A 1407 -38.91 -26.22 31.68
N LYS A 1408 -39.63 -25.10 31.56
CA LYS A 1408 -39.46 -23.98 32.47
C LYS A 1408 -40.69 -23.09 32.48
N THR A 2021 -54.54 -23.72 12.89
CA THR A 2021 -53.14 -23.66 13.29
C THR A 2021 -52.34 -24.80 12.67
N VAL A 2022 -51.04 -24.60 12.52
CA VAL A 2022 -50.18 -25.60 11.90
C VAL A 2022 -49.99 -26.76 12.86
N MET A 2023 -50.17 -27.97 12.36
CA MET A 2023 -50.01 -29.18 13.18
C MET A 2023 -48.54 -29.38 13.49
N ALA A 2024 -48.16 -29.16 14.76
CA ALA A 2024 -46.77 -29.25 15.19
C ALA A 2024 -46.69 -30.18 16.40
N ASP A 2025 -45.47 -30.40 16.87
CA ASP A 2025 -45.22 -31.28 18.00
C ASP A 2025 -45.04 -30.46 19.27
N LYS A 2026 -45.65 -30.92 20.35
CA LYS A 2026 -45.59 -30.25 21.64
C LYS A 2026 -44.85 -31.10 22.64
N CYS A 2027 -44.26 -30.45 23.64
CA CYS A 2027 -43.70 -31.15 24.80
C CYS A 2027 -44.85 -31.41 25.76
N HIS A 2028 -45.16 -32.69 25.97
CA HIS A 2028 -46.32 -33.05 26.79
C HIS A 2028 -46.19 -32.58 28.23
N ASP A 2029 -44.97 -32.36 28.71
CA ASP A 2029 -44.80 -31.89 30.08
C ASP A 2029 -45.14 -30.41 30.23
N CYS A 2030 -44.73 -29.58 29.28
CA CYS A 2030 -44.91 -28.13 29.40
C CYS A 2030 -45.82 -27.51 28.35
N GLY A 2031 -46.13 -28.21 27.27
CA GLY A 2031 -47.00 -27.68 26.24
C GLY A 2031 -46.31 -26.80 25.21
N ALA A 2032 -45.00 -26.60 25.32
CA ALA A 2032 -44.29 -25.77 24.38
C ALA A 2032 -44.04 -26.51 23.07
N ILE A 2033 -43.99 -25.75 21.97
CA ILE A 2033 -43.73 -26.32 20.66
C ILE A 2033 -42.27 -26.74 20.56
N LEU A 2034 -42.05 -27.98 20.15
CA LEU A 2034 -40.69 -28.47 19.91
C LEU A 2034 -40.14 -27.80 18.65
N GLU A 2035 -38.91 -27.31 18.74
CA GLU A 2035 -38.28 -26.58 17.65
C GLU A 2035 -36.93 -27.20 17.30
N GLU A 2036 -36.67 -27.30 16.01
CA GLU A 2036 -35.40 -27.82 15.51
C GLU A 2036 -34.88 -26.90 14.41
N TYR A 2037 -33.58 -26.66 14.41
CA TYR A 2037 -32.94 -25.78 13.46
C TYR A 2037 -31.75 -26.49 12.83
N ASP A 2038 -31.36 -26.03 11.64
CA ASP A 2038 -30.26 -26.63 10.92
C ASP A 2038 -28.94 -25.98 11.32
N GLU A 2039 -27.84 -26.63 10.93
CA GLU A 2039 -26.51 -26.16 11.30
C GLU A 2039 -26.22 -24.77 10.73
N GLU A 2040 -26.78 -24.46 9.55
CA GLU A 2040 -26.55 -23.14 8.97
C GLU A 2040 -27.18 -22.03 9.79
N THR A 2041 -28.21 -22.33 10.58
CA THR A 2041 -28.83 -21.33 11.43
C THR A 2041 -28.22 -21.32 12.83
N LEU A 2042 -27.93 -22.50 13.39
CA LEU A 2042 -27.27 -22.56 14.69
C LEU A 2042 -25.88 -21.93 14.64
N GLY A 2043 -25.13 -22.22 13.59
CA GLY A 2043 -23.82 -21.59 13.45
C GLY A 2043 -23.91 -20.09 13.30
N LEU A 2044 -24.90 -19.62 12.55
CA LEU A 2044 -25.09 -18.18 12.41
C LEU A 2044 -25.43 -17.55 13.75
N ALA A 2045 -26.28 -18.19 14.54
CA ALA A 2045 -26.61 -17.67 15.87
C ALA A 2045 -25.38 -17.63 16.76
N ILE A 2046 -24.56 -18.69 16.71
CA ILE A 2046 -23.34 -18.72 17.50
C ILE A 2046 -22.41 -17.59 17.10
N VAL A 2047 -22.23 -17.37 15.79
CA VAL A 2047 -21.36 -16.30 15.33
C VAL A 2047 -21.92 -14.94 15.69
N VAL A 2048 -23.25 -14.79 15.67
CA VAL A 2048 -23.85 -13.52 16.09
C VAL A 2048 -23.54 -13.24 17.55
N LEU A 2049 -23.70 -14.25 18.40
CA LEU A 2049 -23.37 -14.08 19.82
C LEU A 2049 -21.88 -13.80 20.00
N SER A 2050 -21.04 -14.46 19.21
CA SER A 2050 -19.60 -14.22 19.29
C SER A 2050 -19.26 -12.78 18.94
N THR A 2051 -19.85 -12.25 17.86
CA THR A 2051 -19.61 -10.86 17.50
C THR A 2051 -20.11 -9.91 18.58
N PHE A 2052 -21.29 -10.19 19.13
CA PHE A 2052 -21.83 -9.33 20.18
C PHE A 2052 -20.91 -9.28 21.40
N ILE A 2053 -20.42 -10.45 21.83
CA ILE A 2053 -19.53 -10.47 22.97
C ILE A 2053 -18.20 -9.83 22.62
N HIS A 2054 -17.72 -10.02 21.39
CA HIS A 2054 -16.41 -9.52 21.00
C HIS A 2054 -16.38 -8.01 20.96
N LEU A 2055 -17.41 -7.37 20.40
CA LEU A 2055 -17.39 -5.93 20.22
C LEU A 2055 -18.02 -5.15 21.36
N SER A 2056 -18.55 -5.83 22.38
CA SER A 2056 -19.17 -5.15 23.50
C SER A 2056 -19.23 -6.06 24.72
N PRO A 2057 -18.09 -6.34 25.35
CA PRO A 2057 -18.12 -7.23 26.52
C PRO A 2057 -18.90 -6.67 27.69
N ASP A 2058 -18.93 -5.35 27.87
CA ASP A 2058 -19.66 -4.77 28.98
C ASP A 2058 -21.16 -5.01 28.85
N LEU A 2059 -21.70 -4.89 27.64
CA LEU A 2059 -23.11 -5.18 27.43
C LEU A 2059 -23.39 -6.66 27.58
N ALA A 2060 -22.45 -7.51 27.17
CA ALA A 2060 -22.65 -8.95 27.21
C ALA A 2060 -22.41 -9.55 28.59
N ALA A 2061 -21.83 -8.79 29.52
CA ALA A 2061 -21.49 -9.35 30.83
C ALA A 2061 -22.71 -9.89 31.58
N PRO A 2062 -23.83 -9.17 31.69
CA PRO A 2062 -24.99 -9.76 32.39
C PRO A 2062 -25.50 -11.04 31.76
N LEU A 2063 -25.46 -11.15 30.44
CA LEU A 2063 -25.96 -12.32 29.73
C LEU A 2063 -24.89 -13.36 29.45
N LEU A 2064 -23.66 -13.15 29.93
CA LEU A 2064 -22.54 -13.97 29.50
C LEU A 2064 -22.71 -15.42 29.93
N LEU A 2065 -23.16 -15.66 31.17
CA LEU A 2065 -23.25 -17.01 31.68
C LEU A 2065 -24.23 -17.85 30.87
N ASP A 2066 -25.42 -17.30 30.61
CA ASP A 2066 -26.41 -18.04 29.84
C ASP A 2066 -25.93 -18.30 28.42
N ILE A 2067 -25.28 -17.32 27.80
CA ILE A 2067 -24.77 -17.50 26.45
C ILE A 2067 -23.72 -18.60 26.41
N MET A 2068 -22.80 -18.60 27.37
CA MET A 2068 -21.77 -19.63 27.41
C MET A 2068 -22.39 -21.00 27.59
N GLN A 2069 -23.36 -21.15 28.50
CA GLN A 2069 -23.97 -22.46 28.70
C GLN A 2069 -24.74 -22.90 27.47
N SER A 2070 -25.47 -21.98 26.83
CA SER A 2070 -26.25 -22.33 25.65
C SER A 2070 -25.36 -22.79 24.50
N VAL A 2071 -24.20 -22.15 24.32
CA VAL A 2071 -23.33 -22.55 23.23
C VAL A 2071 -22.51 -23.80 23.59
N GLY A 2072 -22.14 -23.96 24.85
CA GLY A 2072 -21.50 -25.19 25.28
C GLY A 2072 -22.40 -26.39 25.11
N ARG A 2073 -23.72 -26.18 25.22
CA ARG A 2073 -24.66 -27.25 24.94
C ARG A 2073 -24.49 -27.75 23.51
N LEU A 2074 -24.37 -26.84 22.55
CA LEU A 2074 -24.15 -27.24 21.16
C LEU A 2074 -22.77 -27.87 20.99
N ALA A 2075 -21.77 -27.35 21.70
CA ALA A 2075 -20.43 -27.91 21.59
C ALA A 2075 -20.40 -29.37 22.07
N SER A 2076 -21.19 -29.67 23.11
CA SER A 2076 -21.19 -31.03 23.66
C SER A 2076 -21.69 -32.05 22.66
N SER A 2077 -22.77 -31.72 21.93
CA SER A 2077 -23.39 -32.70 21.05
C SER A 2077 -22.50 -33.01 19.86
N THR A 2078 -22.77 -34.13 19.22
CA THR A 2078 -22.05 -34.58 18.04
C THR A 2078 -22.98 -34.61 16.85
N THR A 2079 -22.56 -34.01 15.73
CA THR A 2079 -23.38 -34.02 14.53
C THR A 2079 -23.59 -35.43 14.02
N PHE A 2080 -22.54 -36.25 14.05
CA PHE A 2080 -22.59 -37.62 13.57
C PHE A 2080 -22.17 -38.57 14.68
N SER A 2081 -22.61 -39.82 14.57
CA SER A 2081 -22.20 -40.86 15.51
C SER A 2081 -20.72 -41.19 15.40
N ASN A 2082 -20.05 -40.77 14.33
CA ASN A 2082 -18.64 -41.10 14.10
C ASN A 2082 -17.78 -40.24 15.01
N GLN A 2083 -17.79 -40.59 16.30
CA GLN A 2083 -16.92 -39.93 17.26
C GLN A 2083 -15.47 -40.34 17.10
N ALA A 2084 -15.21 -41.49 16.47
CA ALA A 2084 -13.84 -41.91 16.23
C ALA A 2084 -13.12 -40.96 15.29
N GLU A 2085 -13.79 -40.53 14.22
CA GLU A 2085 -13.22 -39.57 13.29
C GLU A 2085 -13.58 -38.15 13.69
N SER A 2086 -12.61 -37.24 13.56
CA SER A 2086 -12.85 -35.84 13.89
C SER A 2086 -13.92 -35.26 12.97
N MET A 2087 -14.80 -34.45 13.55
CA MET A 2087 -15.89 -33.87 12.78
C MET A 2087 -15.36 -32.76 11.87
N MET A 2088 -14.92 -33.15 10.68
CA MET A 2088 -14.32 -32.23 9.73
C MET A 2088 -15.32 -31.69 8.72
N VAL A 2089 -16.62 -31.87 8.96
CA VAL A 2089 -17.62 -31.29 8.07
C VAL A 2089 -17.48 -29.78 8.10
N PRO A 2090 -17.54 -29.09 6.96
CA PRO A 2090 -17.36 -27.63 6.98
C PRO A 2090 -18.34 -26.88 7.86
N GLY A 2091 -19.60 -27.31 7.92
CA GLY A 2091 -20.57 -26.62 8.76
C GLY A 2091 -20.30 -26.84 10.23
N ASN A 2092 -20.57 -28.06 10.70
CA ASN A 2092 -20.13 -28.55 12.01
C ASN A 2092 -20.39 -27.53 13.12
N ALA A 2093 -21.67 -27.39 13.47
CA ALA A 2093 -22.05 -26.47 14.53
C ALA A 2093 -21.30 -26.73 15.83
N ALA A 2094 -20.90 -27.97 16.09
CA ALA A 2094 -20.09 -28.26 17.26
C ALA A 2094 -18.74 -27.56 17.19
N GLY A 2095 -18.10 -27.59 16.02
CA GLY A 2095 -16.83 -26.89 15.88
C GLY A 2095 -16.98 -25.39 16.00
N VAL A 2096 -18.08 -24.85 15.48
CA VAL A 2096 -18.35 -23.42 15.63
C VAL A 2096 -18.51 -23.08 17.10
N ALA A 2097 -19.21 -23.94 17.85
CA ALA A 2097 -19.39 -23.70 19.28
C ALA A 2097 -18.06 -23.77 20.02
N LYS A 2098 -17.21 -24.73 19.67
CA LYS A 2098 -15.88 -24.81 20.27
C LYS A 2098 -15.08 -23.55 20.00
N GLN A 2099 -15.13 -23.06 18.76
CA GLN A 2099 -14.42 -21.83 18.43
C GLN A 2099 -14.97 -20.66 19.23
N PHE A 2100 -16.29 -20.61 19.41
CA PHE A 2100 -16.89 -19.56 20.22
C PHE A 2100 -16.34 -19.61 21.63
N LEU A 2101 -16.36 -20.79 22.26
CA LEU A 2101 -15.89 -20.90 23.63
C LEU A 2101 -14.42 -20.51 23.74
N ARG A 2102 -13.59 -20.99 22.80
CA ARG A 2102 -12.18 -20.68 22.81
C ARG A 2102 -11.93 -19.18 22.70
N CYS A 2103 -12.57 -18.53 21.73
CA CYS A 2103 -12.36 -17.09 21.55
C CYS A 2103 -12.88 -16.30 22.73
N ILE A 2104 -14.04 -16.66 23.26
CA ILE A 2104 -14.62 -15.92 24.39
C ILE A 2104 -13.71 -16.00 25.60
N PHE A 2105 -13.24 -17.20 25.92
CA PHE A 2105 -12.43 -17.35 27.11
C PHE A 2105 -10.99 -16.88 26.90
N HIS A 2106 -10.54 -16.77 25.65
CA HIS A 2106 -9.25 -16.13 25.41
C HIS A 2106 -9.37 -14.62 25.54
N GLN A 2107 -10.48 -14.04 25.07
CA GLN A 2107 -10.64 -12.60 25.11
C GLN A 2107 -10.90 -12.10 26.54
N LEU A 2108 -11.79 -12.77 27.26
CA LEU A 2108 -12.23 -12.29 28.56
C LEU A 2108 -11.38 -12.83 29.70
N ALA A 2109 -10.35 -13.63 29.42
CA ALA A 2109 -9.47 -14.10 30.48
C ALA A 2109 -8.78 -12.97 31.22
N PRO A 2110 -8.22 -11.94 30.58
CA PRO A 2110 -7.63 -10.84 31.34
C PRO A 2110 -8.63 -10.09 32.20
N ASN A 2111 -9.93 -10.20 31.89
CA ASN A 2111 -10.97 -9.51 32.62
C ASN A 2111 -11.48 -10.31 33.82
N GLY A 2112 -10.77 -11.36 34.20
CA GLY A 2112 -11.19 -12.18 35.32
C GLY A 2112 -12.46 -12.97 35.09
N ILE A 2113 -12.62 -13.53 33.89
CA ILE A 2113 -13.81 -14.32 33.61
C ILE A 2113 -13.75 -15.66 34.35
N PHE A 2114 -12.54 -16.15 34.66
CA PHE A 2114 -12.45 -17.48 35.25
C PHE A 2114 -12.83 -17.48 36.73
N PRO A 2115 -12.29 -16.62 37.60
CA PRO A 2115 -12.82 -16.60 38.97
C PRO A 2115 -14.29 -16.28 39.03
N GLN A 2116 -14.76 -15.35 38.19
CA GLN A 2116 -16.18 -14.99 38.18
C GLN A 2116 -17.04 -16.17 37.75
N LEU A 2117 -16.59 -16.92 36.75
CA LEU A 2117 -17.34 -18.08 36.28
C LEU A 2117 -17.38 -19.18 37.33
N PHE A 2118 -16.23 -19.49 37.92
CA PHE A 2118 -16.17 -20.58 38.88
C PHE A 2118 -16.82 -20.24 40.21
N GLN A 2119 -16.95 -18.96 40.54
CA GLN A 2119 -17.72 -18.61 41.72
C GLN A 2119 -19.23 -18.75 41.49
N SER A 2120 -19.70 -18.39 40.31
CA SER A 2120 -21.13 -18.42 40.04
C SER A 2120 -21.64 -19.84 39.94
N ALA A 2121 -22.90 -20.03 40.31
CA ALA A 2121 -23.55 -21.32 40.18
C ALA A 2121 -23.91 -21.57 38.72
N ILE A 2122 -23.56 -22.73 38.21
CA ILE A 2122 -23.76 -23.08 36.81
C ILE A 2122 -24.91 -24.07 36.73
N LYS A 2123 -25.98 -23.67 36.02
CA LYS A 2123 -27.14 -24.54 35.91
C LYS A 2123 -26.84 -25.77 35.06
N ASP A 2124 -26.15 -25.58 33.95
CA ASP A 2124 -25.80 -26.70 33.07
C ASP A 2124 -24.66 -27.48 33.71
N GLY A 2125 -24.97 -28.68 34.20
CA GLY A 2125 -23.97 -29.48 34.89
C GLY A 2125 -22.87 -30.03 34.00
N THR A 2126 -23.00 -29.86 32.69
CA THR A 2126 -21.99 -30.33 31.74
C THR A 2126 -21.16 -29.21 31.14
N PHE A 2127 -21.40 -27.96 31.51
CA PHE A 2127 -20.68 -26.87 30.88
C PHE A 2127 -19.20 -26.88 31.24
N LEU A 2128 -18.87 -27.23 32.48
CA LEU A 2128 -17.47 -27.26 32.87
C LEU A 2128 -16.71 -28.33 32.09
N ARG A 2129 -17.33 -29.49 31.87
CA ARG A 2129 -16.69 -30.53 31.07
C ARG A 2129 -16.50 -30.08 29.63
N THR A 2130 -17.49 -29.43 29.04
CA THR A 2130 -17.37 -28.97 27.67
C THR A 2130 -16.32 -27.87 27.56
N LEU A 2131 -16.23 -27.00 28.55
CA LEU A 2131 -15.19 -25.98 28.55
C LEU A 2131 -13.81 -26.61 28.66
N ALA A 2132 -13.67 -27.63 29.51
CA ALA A 2132 -12.38 -28.28 29.65
C ALA A 2132 -11.97 -28.97 28.37
N THR A 2133 -12.92 -29.66 27.71
CA THR A 2133 -12.58 -30.38 26.49
C THR A 2133 -12.29 -29.42 25.34
N SER A 2134 -13.15 -28.42 25.16
CA SER A 2134 -12.98 -27.50 24.04
C SER A 2134 -11.74 -26.63 24.18
N LEU A 2135 -11.26 -26.40 25.40
CA LEU A 2135 -10.01 -25.68 25.63
C LEU A 2135 -8.83 -26.61 25.80
N MET A 2136 -9.02 -27.91 25.71
CA MET A 2136 -7.94 -28.85 26.02
C MET A 2136 -6.81 -28.74 25.01
N ASP A 2137 -7.14 -28.72 23.73
CA ASP A 2137 -6.13 -28.64 22.68
C ASP A 2137 -5.74 -27.21 22.34
N PHE A 2138 -6.42 -26.22 22.94
CA PHE A 2138 -6.12 -24.83 22.63
C PHE A 2138 -4.69 -24.50 22.99
N ASN A 2139 -3.99 -23.87 22.04
CA ASN A 2139 -2.58 -23.54 22.26
C ASN A 2139 -2.40 -22.19 22.91
N GLU A 2140 -3.29 -21.23 22.64
CA GLU A 2140 -3.19 -19.92 23.26
C GLU A 2140 -3.56 -19.99 24.74
N LEU A 2141 -4.64 -20.69 25.07
CA LEU A 2141 -5.10 -20.82 26.45
C LEU A 2141 -5.59 -22.26 26.64
N SER A 2142 -4.68 -23.13 27.04
CA SER A 2142 -5.04 -24.52 27.25
C SER A 2142 -5.95 -24.64 28.47
N SER A 2143 -6.62 -25.79 28.56
CA SER A 2143 -7.45 -26.05 29.74
C SER A 2143 -6.59 -26.10 31.00
N ILE A 2144 -5.40 -26.68 30.90
CA ILE A 2144 -4.46 -26.62 32.01
C ILE A 2144 -4.04 -25.18 32.29
N ALA A 2145 -3.73 -24.43 31.23
CA ALA A 2145 -3.40 -23.02 31.40
C ALA A 2145 -4.60 -22.23 31.91
N ALA A 2146 -5.81 -22.59 31.49
CA ALA A 2146 -7.01 -21.95 32.01
C ALA A 2146 -7.15 -22.21 33.51
N LEU A 2147 -6.86 -23.43 33.94
CA LEU A 2147 -6.86 -23.74 35.37
C LEU A 2147 -5.81 -22.93 36.11
N SER A 2148 -4.62 -22.80 35.54
CA SER A 2148 -3.58 -22.01 36.18
C SER A 2148 -3.99 -20.55 36.31
N GLN A 2149 -4.63 -20.01 35.27
CA GLN A 2149 -5.09 -18.63 35.34
C GLN A 2149 -6.22 -18.46 36.34
N LEU A 2150 -7.10 -19.45 36.44
CA LEU A 2150 -8.14 -19.40 37.46
C LEU A 2150 -7.52 -19.37 38.85
N LEU A 2151 -6.53 -20.22 39.08
CA LEU A 2151 -5.85 -20.24 40.37
C LEU A 2151 -5.16 -18.92 40.65
N GLU A 2152 -4.48 -18.37 39.65
CA GLU A 2152 -3.79 -17.09 39.85
C GLU A 2152 -4.77 -15.97 40.14
N GLY A 2153 -5.91 -15.96 39.47
CA GLY A 2153 -6.92 -14.95 39.75
C GLY A 2153 -7.52 -15.09 41.13
N LEU A 2154 -7.78 -16.32 41.57
CA LEU A 2154 -8.30 -16.54 42.91
C LEU A 2154 -7.27 -16.14 43.96
N ASN A 2155 -6.00 -16.44 43.72
CA ASN A 2155 -4.98 -16.17 44.72
C ASN A 2155 -4.65 -14.68 44.80
N ASN A 2156 -4.52 -14.01 43.66
CA ASN A 2156 -4.21 -12.59 43.67
C ASN A 2156 -5.34 -11.73 44.18
N LYS A 2157 -6.56 -12.27 44.26
CA LYS A 2157 -7.69 -11.49 44.71
C LYS A 2157 -7.47 -11.03 46.14
N LYS A 2158 -7.88 -9.80 46.43
CA LYS A 2158 -7.67 -9.24 47.77
C LYS A 2158 -8.44 -10.02 48.82
N ASN A 2159 -9.69 -10.38 48.53
CA ASN A 2159 -10.52 -11.16 49.43
C ASN A 2159 -11.07 -12.37 48.68
N LEU A 2160 -10.81 -13.56 49.21
CA LEU A 2160 -11.35 -14.76 48.63
C LEU A 2160 -12.87 -14.78 48.77
N PRO A 2161 -13.57 -15.53 47.92
CA PRO A 2161 -15.04 -15.57 48.03
C PRO A 2161 -15.47 -16.04 49.40
N ALA A 2162 -16.63 -15.54 49.83
CA ALA A 2162 -17.12 -15.82 51.18
C ALA A 2162 -17.41 -17.30 51.37
N GLY A 2163 -17.78 -17.68 52.60
CA GLY A 2163 -17.97 -19.09 52.90
C GLY A 2163 -18.99 -19.76 52.00
N GLY A 2164 -20.09 -19.06 51.72
CA GLY A 2164 -21.10 -19.63 50.83
C GLY A 2164 -20.59 -19.77 49.41
N ALA A 2165 -19.93 -18.74 48.89
CA ALA A 2165 -19.46 -18.78 47.51
C ALA A 2165 -18.24 -19.67 47.33
N MET A 2166 -17.44 -19.84 48.39
CA MET A 2166 -16.25 -20.67 48.26
C MET A 2166 -16.59 -22.13 48.05
N ILE A 2167 -17.71 -22.59 48.60
CA ILE A 2167 -18.13 -23.97 48.37
C ILE A 2167 -18.46 -24.18 46.90
N ARG A 2168 -19.20 -23.25 46.30
CA ARG A 2168 -19.49 -23.35 44.87
C ARG A 2168 -18.20 -23.27 44.06
N CYS A 2169 -17.28 -22.40 44.46
CA CYS A 2169 -16.01 -22.30 43.75
C CYS A 2169 -15.25 -23.62 43.80
N LEU A 2170 -15.20 -24.25 44.96
CA LEU A 2170 -14.50 -25.53 45.09
C LEU A 2170 -15.17 -26.61 44.28
N GLU A 2171 -16.51 -26.65 44.29
CA GLU A 2171 -17.22 -27.66 43.51
C GLU A 2171 -16.96 -27.47 42.02
N ASN A 2172 -17.00 -26.22 41.54
CA ASN A 2172 -16.74 -25.97 40.13
C ASN A 2172 -15.31 -26.32 39.77
N ILE A 2173 -14.35 -25.99 40.65
CA ILE A 2173 -12.96 -26.35 40.39
C ILE A 2173 -12.79 -27.85 40.31
N ALA A 2174 -13.43 -28.58 41.22
CA ALA A 2174 -13.33 -30.04 41.20
C ALA A 2174 -13.93 -30.62 39.93
N THR A 2175 -15.10 -30.10 39.52
CA THR A 2175 -15.72 -30.59 38.30
C THR A 2175 -14.84 -30.30 37.08
N PHE A 2176 -14.19 -29.14 37.06
CA PHE A 2176 -13.23 -28.85 36.01
C PHE A 2176 -12.05 -29.81 36.05
N MET A 2177 -11.61 -30.17 37.27
CA MET A 2177 -10.54 -31.14 37.43
C MET A 2177 -10.91 -32.49 36.83
N GLU A 2178 -12.15 -32.93 37.06
CA GLU A 2178 -12.56 -34.26 36.60
C GLU A 2178 -12.37 -34.41 35.10
N ALA A 2179 -12.57 -33.33 34.36
CA ALA A 2179 -12.44 -33.35 32.90
C ALA A 2179 -11.05 -32.95 32.42
N LEU A 2180 -10.12 -32.70 33.32
CA LEU A 2180 -8.81 -32.30 32.84
C LEU A 2180 -7.92 -33.51 32.59
N PRO A 2181 -6.99 -33.42 31.64
CA PRO A 2181 -6.00 -34.49 31.43
C PRO A 2181 -4.92 -34.44 32.50
N MET A 2182 -5.29 -34.84 33.71
CA MET A 2182 -4.40 -34.70 34.86
C MET A 2182 -3.17 -35.60 34.75
N ASP A 2183 -3.18 -36.58 33.85
CA ASP A 2183 -2.01 -37.42 33.63
C ASP A 2183 -1.06 -36.87 32.57
N SER A 2184 -1.44 -35.80 31.89
CA SER A 2184 -0.65 -35.29 30.78
C SER A 2184 0.55 -34.50 31.30
N PRO A 2185 1.77 -34.87 30.95
CA PRO A 2185 2.92 -34.02 31.27
C PRO A 2185 2.80 -32.68 30.58
N SER A 2186 3.23 -31.62 31.28
CA SER A 2186 3.22 -30.27 30.75
C SER A 2186 4.15 -29.42 31.58
N SER A 2187 4.49 -28.25 31.06
CA SER A 2187 5.33 -27.31 31.79
C SER A 2187 4.50 -26.38 32.66
N LEU A 2188 3.58 -26.96 33.43
CA LEU A 2188 2.74 -26.19 34.32
C LEU A 2188 2.53 -26.85 35.67
N TRP A 2189 2.86 -28.13 35.85
CA TRP A 2189 2.61 -28.76 37.14
C TRP A 2189 3.49 -28.17 38.22
N THR A 2190 4.73 -27.84 37.91
CA THR A 2190 5.59 -27.17 38.88
C THR A 2190 5.10 -25.76 39.20
N THR A 2191 4.16 -25.24 38.42
CA THR A 2191 3.53 -23.95 38.67
C THR A 2191 2.15 -24.08 39.28
N ILE A 2192 1.33 -25.00 38.78
CA ILE A 2192 0.03 -25.24 39.37
C ILE A 2192 0.17 -25.74 40.80
N SER A 2193 1.22 -26.51 41.08
CA SER A 2193 1.42 -26.98 42.44
C SER A 2193 1.65 -25.83 43.41
N ASN A 2194 2.49 -24.87 43.03
CA ASN A 2194 2.72 -23.71 43.90
C ASN A 2194 1.47 -22.84 44.01
N GLN A 2195 0.76 -22.66 42.90
CA GLN A 2195 -0.48 -21.90 42.95
C GLN A 2195 -1.47 -22.54 43.91
N PHE A 2196 -1.56 -23.87 43.89
CA PHE A 2196 -2.50 -24.57 44.75
C PHE A 2196 -2.03 -24.58 46.20
N GLN A 2197 -0.72 -24.62 46.44
CA GLN A 2197 -0.23 -24.47 47.80
C GLN A 2197 -0.66 -23.13 48.37
N THR A 2198 -0.40 -22.05 47.64
CA THR A 2198 -0.74 -20.72 48.16
C THR A 2198 -2.26 -20.54 48.26
N PHE A 2199 -3.01 -21.17 47.37
CA PHE A 2199 -4.47 -21.08 47.39
C PHE A 2199 -5.08 -21.90 48.53
N PHE A 2200 -4.47 -23.02 48.89
CA PHE A 2200 -4.93 -23.82 50.02
C PHE A 2200 -4.48 -23.24 51.35
N ALA A 2201 -3.45 -22.39 51.35
CA ALA A 2201 -3.06 -21.75 52.60
C ALA A 2201 -4.15 -20.84 53.15
N LYS A 2202 -5.06 -20.37 52.28
CA LYS A 2202 -6.09 -19.42 52.70
C LYS A 2202 -7.42 -20.07 53.03
N LEU A 2203 -7.66 -21.30 52.60
CA LEU A 2203 -8.98 -21.90 52.78
C LEU A 2203 -9.43 -22.03 54.24
N PRO A 2204 -8.59 -22.48 55.19
CA PRO A 2204 -9.11 -22.63 56.56
C PRO A 2204 -9.63 -21.34 57.18
N CYS A 2205 -9.17 -20.19 56.70
CA CYS A 2205 -9.66 -18.91 57.18
C CYS A 2205 -10.82 -18.38 56.35
N VAL A 2206 -11.34 -19.17 55.41
CA VAL A 2206 -12.40 -18.73 54.50
C VAL A 2206 -13.61 -19.65 54.58
N LEU A 2207 -13.39 -20.97 54.51
CA LEU A 2207 -14.48 -21.91 54.39
C LEU A 2207 -15.37 -21.90 55.63
N PRO A 2208 -16.66 -22.20 55.48
CA PRO A 2208 -17.54 -22.31 56.64
C PRO A 2208 -17.25 -23.55 57.46
N LEU A 2209 -17.74 -23.54 58.69
CA LEU A 2209 -17.37 -24.59 59.64
C LEU A 2209 -18.06 -25.91 59.29
N LYS A 2210 -19.38 -25.97 59.45
CA LYS A 2210 -20.11 -27.23 59.46
C LYS A 2210 -20.80 -27.51 58.12
N CYS A 2211 -20.14 -27.19 57.01
CA CYS A 2211 -20.65 -27.48 55.69
C CYS A 2211 -19.78 -28.55 55.03
N SER A 2212 -20.44 -29.50 54.37
CA SER A 2212 -19.71 -30.57 53.68
C SER A 2212 -18.83 -29.98 52.58
N LEU A 2213 -17.58 -30.42 52.53
CA LEU A 2213 -16.60 -29.88 51.59
C LEU A 2213 -15.79 -31.01 50.98
N ASP A 2214 -16.48 -32.05 50.52
CA ASP A 2214 -15.83 -33.14 49.79
C ASP A 2214 -15.21 -32.68 48.47
N SER A 2215 -15.60 -31.50 47.99
CA SER A 2215 -15.02 -30.98 46.76
C SER A 2215 -13.52 -30.75 46.92
N SER A 2216 -13.09 -30.30 48.10
CA SER A 2216 -11.66 -30.14 48.34
C SER A 2216 -10.95 -31.49 48.28
N LEU A 2217 -11.57 -32.55 48.81
CA LEU A 2217 -10.97 -33.87 48.72
C LEU A 2217 -10.90 -34.33 47.26
N ARG A 2218 -11.93 -34.04 46.48
CA ARG A 2218 -11.88 -34.39 45.05
C ARG A 2218 -10.75 -33.65 44.35
N ILE A 2219 -10.56 -32.37 44.69
CA ILE A 2219 -9.47 -31.60 44.11
C ILE A 2219 -8.12 -32.22 44.48
N MET A 2220 -7.96 -32.61 45.75
CA MET A 2220 -6.72 -33.24 46.17
C MET A 2220 -6.48 -34.55 45.43
N ILE A 2221 -7.54 -35.35 45.25
CA ILE A 2221 -7.40 -36.62 44.55
C ILE A 2221 -6.99 -36.38 43.11
N CYS A 2222 -7.59 -35.39 42.45
CA CYS A 2222 -7.19 -35.06 41.08
C CYS A 2222 -5.74 -34.59 41.03
N LEU A 2223 -5.33 -33.76 41.99
CA LEU A 2223 -3.97 -33.24 42.00
C LEU A 2223 -2.95 -34.35 42.18
N LEU A 2224 -3.25 -35.32 43.04
CA LEU A 2224 -2.29 -36.40 43.28
C LEU A 2224 -2.13 -37.35 42.11
N LYS A 2225 -2.77 -37.09 40.97
CA LYS A 2225 -2.63 -37.93 39.79
C LYS A 2225 -1.72 -37.34 38.73
N ILE A 2226 -1.09 -36.20 39.00
CA ILE A 2226 -0.28 -35.56 37.95
C ILE A 2226 0.98 -36.38 37.72
N PRO A 2227 1.47 -36.47 36.48
CA PRO A 2227 2.64 -37.32 36.21
C PRO A 2227 3.90 -36.85 36.90
N SER A 2228 3.96 -35.59 37.35
CA SER A 2228 5.14 -35.10 38.03
C SER A 2228 5.45 -35.94 39.26
N THR A 2229 6.72 -36.28 39.42
CA THR A 2229 7.18 -37.02 40.59
C THR A 2229 7.59 -36.11 41.74
N ASN A 2230 7.55 -34.80 41.54
CA ASN A 2230 8.01 -33.85 42.55
C ASN A 2230 6.99 -32.78 42.91
N ALA A 2231 6.03 -32.47 42.04
CA ALA A 2231 5.05 -31.44 42.36
C ALA A 2231 4.16 -31.86 43.52
N THR A 2232 3.59 -33.06 43.43
CA THR A 2232 2.77 -33.57 44.53
C THR A 2232 3.61 -33.76 45.79
N ARG A 2233 4.90 -34.06 45.63
CA ARG A 2233 5.79 -34.22 46.77
C ARG A 2233 5.78 -32.97 47.64
N SER A 2234 5.87 -31.80 47.01
CA SER A 2234 5.81 -30.55 47.76
C SER A 2234 4.39 -30.20 48.16
N LEU A 2235 3.42 -30.51 47.31
CA LEU A 2235 2.02 -30.17 47.59
C LEU A 2235 1.46 -30.95 48.76
N LEU A 2236 2.12 -32.04 49.17
CA LEU A 2236 1.56 -32.94 50.17
C LEU A 2236 1.33 -32.27 51.51
N GLU A 2237 2.12 -31.25 51.86
CA GLU A 2237 2.05 -30.72 53.22
C GLU A 2237 0.84 -29.78 53.42
N PRO A 2238 0.60 -28.80 52.53
CA PRO A 2238 -0.68 -28.08 52.63
C PRO A 2238 -1.88 -28.99 52.46
N PHE A 2239 -1.74 -30.08 51.71
CA PHE A 2239 -2.78 -31.11 51.71
C PHE A 2239 -3.04 -31.62 53.11
N SER A 2240 -1.97 -31.93 53.85
CA SER A 2240 -2.13 -32.45 55.20
C SER A 2240 -2.80 -31.43 56.11
N LYS A 2241 -2.39 -30.16 56.02
CA LYS A 2241 -2.99 -29.14 56.89
C LYS A 2241 -4.46 -28.90 56.55
N LEU A 2242 -4.79 -28.83 55.26
CA LEU A 2242 -6.19 -28.64 54.88
C LEU A 2242 -7.03 -29.85 55.26
N LEU A 2243 -6.46 -31.06 55.14
CA LEU A 2243 -7.19 -32.25 55.56
C LEU A 2243 -7.41 -32.26 57.07
N SER A 2244 -6.42 -31.78 57.83
CA SER A 2244 -6.60 -31.64 59.27
C SER A 2244 -7.73 -30.69 59.58
N PHE A 2245 -7.79 -29.55 58.88
CA PHE A 2245 -8.90 -28.62 59.08
C PHE A 2245 -10.23 -29.26 58.71
N VAL A 2246 -10.27 -30.01 57.61
CA VAL A 2246 -11.52 -30.60 57.14
C VAL A 2246 -12.03 -31.65 58.13
N ILE A 2247 -11.14 -32.55 58.56
CA ILE A 2247 -11.54 -33.59 59.50
C ILE A 2247 -11.92 -32.97 60.85
N GLN A 2248 -11.13 -32.01 61.33
CA GLN A 2248 -11.33 -31.50 62.67
C GLN A 2248 -12.48 -30.51 62.75
N ASN A 2249 -12.39 -29.41 62.01
CA ASN A 2249 -13.40 -28.36 62.11
C ASN A 2249 -14.58 -28.56 61.17
N ALA A 2250 -14.35 -29.11 59.99
CA ALA A 2250 -15.38 -29.22 58.98
C ALA A 2250 -16.00 -30.63 59.00
N VAL A 2251 -16.81 -30.93 57.98
CA VAL A 2251 -17.47 -32.22 57.85
C VAL A 2251 -17.16 -32.77 56.47
N PHE A 2252 -16.69 -34.02 56.42
CA PHE A 2252 -16.34 -34.66 55.15
C PHE A 2252 -17.07 -35.99 54.99
N THR A 2253 -16.69 -36.75 53.98
CA THR A 2253 -17.29 -38.05 53.72
C THR A 2253 -16.20 -39.08 53.46
N LEU A 2254 -16.44 -40.31 53.87
CA LEU A 2254 -15.52 -41.39 53.56
C LEU A 2254 -15.60 -41.73 52.08
N ALA A 2255 -14.84 -42.75 51.68
CA ALA A 2255 -14.63 -43.18 50.29
C ALA A 2255 -13.90 -42.11 49.47
N TYR A 2256 -13.61 -40.96 50.06
CA TYR A 2256 -12.72 -39.96 49.50
C TYR A 2256 -11.43 -39.82 50.30
N LEU A 2257 -11.54 -39.80 51.63
CA LEU A 2257 -10.35 -39.84 52.47
C LEU A 2257 -9.56 -41.12 52.23
N VAL A 2258 -10.26 -42.26 52.14
CA VAL A 2258 -9.57 -43.51 51.86
C VAL A 2258 -8.97 -43.48 50.46
N GLU A 2259 -9.70 -42.88 49.50
CA GLU A 2259 -9.17 -42.76 48.15
C GLU A 2259 -7.94 -41.87 48.12
N LEU A 2260 -7.99 -40.74 48.83
CA LEU A 2260 -6.85 -39.84 48.86
C LEU A 2260 -5.63 -40.51 49.50
N CYS A 2261 -5.85 -41.21 50.62
CA CYS A 2261 -4.73 -41.88 51.29
C CYS A 2261 -4.15 -42.99 50.43
N GLY A 2262 -5.01 -43.77 49.77
CA GLY A 2262 -4.51 -44.83 48.91
C GLY A 2262 -3.76 -44.29 47.70
N LEU A 2263 -4.27 -43.20 47.11
CA LEU A 2263 -3.58 -42.58 45.98
C LEU A 2263 -2.23 -42.02 46.40
N CYS A 2264 -2.16 -41.42 47.59
CA CYS A 2264 -0.87 -40.98 48.10
C CYS A 2264 0.06 -42.16 48.35
N TYR A 2265 -0.49 -43.29 48.79
CA TYR A 2265 0.34 -44.48 48.97
C TYR A 2265 0.94 -44.94 47.64
N ARG A 2266 0.23 -44.71 46.55
CA ARG A 2266 0.73 -45.02 45.22
C ARG A 2266 1.46 -43.81 44.64
N ALA A 2267 2.12 -44.02 43.51
CA ALA A 2267 2.82 -42.97 42.78
C ALA A 2267 3.85 -42.25 43.66
N PHE A 2268 4.50 -42.99 44.55
CA PHE A 2268 5.55 -42.42 45.38
C PHE A 2268 6.58 -43.50 45.68
N THR A 2269 7.82 -43.06 45.93
CA THR A 2269 8.92 -43.98 46.17
C THR A 2269 9.28 -44.11 47.64
N LYS A 2270 9.60 -43.00 48.29
CA LYS A 2270 10.11 -43.05 49.66
C LYS A 2270 8.97 -43.22 50.65
N GLU A 2271 9.19 -44.10 51.63
CA GLU A 2271 8.18 -44.36 52.64
C GLU A 2271 7.82 -43.12 53.44
N ARG A 2272 8.72 -42.13 53.49
CA ARG A 2272 8.41 -40.88 54.17
C ARG A 2272 7.20 -40.19 53.54
N ASP A 2273 7.14 -40.16 52.21
CA ASP A 2273 6.06 -39.50 51.50
C ASP A 2273 5.03 -40.47 50.93
N LYS A 2274 5.18 -41.77 51.18
CA LYS A 2274 4.18 -42.72 50.71
C LYS A 2274 2.87 -42.53 51.47
N PHE A 2275 2.94 -42.47 52.80
CA PHE A 2275 1.73 -42.36 53.61
C PHE A 2275 1.75 -41.09 54.45
N TYR A 2276 2.07 -39.96 53.83
CA TYR A 2276 1.98 -38.68 54.52
C TYR A 2276 0.55 -38.39 54.96
N LEU A 2277 -0.40 -38.58 54.05
CA LEU A 2277 -1.80 -38.35 54.39
C LEU A 2277 -2.30 -39.35 55.41
N SER A 2278 -1.88 -40.61 55.29
CA SER A 2278 -2.27 -41.61 56.28
C SER A 2278 -1.72 -41.25 57.65
N ARG A 2279 -0.45 -40.83 57.71
CA ARG A 2279 0.12 -40.42 58.98
C ARG A 2279 -0.61 -39.22 59.56
N SER A 2280 -0.98 -38.27 58.70
CA SER A 2280 -1.73 -37.10 59.18
C SER A 2280 -3.08 -37.50 59.75
N VAL A 2281 -3.78 -38.42 59.08
CA VAL A 2281 -5.08 -38.86 59.57
C VAL A 2281 -4.93 -39.57 60.91
N VAL A 2282 -3.93 -40.44 61.03
CA VAL A 2282 -3.71 -41.15 62.30
C VAL A 2282 -3.38 -40.16 63.40
N LEU A 2283 -2.55 -39.16 63.10
CA LEU A 2283 -2.21 -38.15 64.09
C LEU A 2283 -3.45 -37.37 64.52
N GLU A 2284 -4.31 -37.02 63.57
CA GLU A 2284 -5.53 -36.28 63.91
C GLU A 2284 -6.44 -37.12 64.81
N LEU A 2285 -6.60 -38.40 64.49
CA LEU A 2285 -7.39 -39.27 65.36
C LEU A 2285 -6.79 -39.36 66.75
N LEU A 2286 -5.47 -39.53 66.84
CA LEU A 2286 -4.82 -39.60 68.14
C LEU A 2286 -5.03 -38.31 68.93
N GLN A 2287 -4.89 -37.16 68.27
CA GLN A 2287 -5.11 -35.88 68.94
C GLN A 2287 -6.54 -35.77 69.43
N ALA A 2288 -7.49 -36.27 68.65
CA ALA A 2288 -8.88 -36.29 69.10
C ALA A 2288 -9.04 -37.18 70.33
N LEU A 2289 -8.38 -38.34 70.35
CA LEU A 2289 -8.46 -39.23 71.50
C LEU A 2289 -7.67 -38.70 72.69
N LYS A 2290 -6.77 -37.76 72.48
CA LYS A 2290 -6.02 -37.14 73.57
C LYS A 2290 -6.74 -35.93 74.15
N LEU A 2291 -7.94 -35.62 73.67
CA LEU A 2291 -8.78 -34.55 74.22
C LEU A 2291 -8.09 -33.19 74.10
N LYS A 2292 -7.75 -32.84 72.86
CA LYS A 2292 -7.07 -31.58 72.61
C LYS A 2292 -7.79 -30.76 71.55
N SER A 2293 -8.54 -31.43 70.67
CA SER A 2293 -9.21 -30.74 69.59
C SER A 2293 -10.67 -31.15 69.52
N PRO A 2294 -11.57 -30.25 69.13
CA PRO A 2294 -12.99 -30.58 69.00
C PRO A 2294 -13.25 -31.34 67.70
N LEU A 2295 -13.44 -32.66 67.82
CA LEU A 2295 -13.74 -33.49 66.69
C LEU A 2295 -15.20 -33.90 66.73
N PRO A 2296 -15.97 -33.67 65.66
CA PRO A 2296 -17.34 -34.17 65.62
C PRO A 2296 -17.36 -35.69 65.77
N ASP A 2297 -18.38 -36.17 66.48
CA ASP A 2297 -18.48 -37.61 66.74
C ASP A 2297 -18.57 -38.40 65.45
N THR A 2298 -19.31 -37.87 64.46
CA THR A 2298 -19.36 -38.51 63.16
C THR A 2298 -17.98 -38.57 62.53
N ASN A 2299 -17.20 -37.50 62.68
CA ASN A 2299 -15.84 -37.51 62.14
C ASN A 2299 -14.97 -38.55 62.85
N LEU A 2300 -15.13 -38.71 64.16
CA LEU A 2300 -14.39 -39.75 64.88
C LEU A 2300 -14.76 -41.13 64.36
N LEU A 2301 -16.05 -41.38 64.17
CA LEU A 2301 -16.48 -42.66 63.63
C LEU A 2301 -15.91 -42.88 62.23
N LEU A 2302 -15.90 -41.83 61.40
CA LEU A 2302 -15.35 -41.95 60.06
C LEU A 2302 -13.86 -42.27 60.10
N LEU A 2303 -13.10 -41.62 60.99
CA LEU A 2303 -11.68 -41.93 61.10
C LEU A 2303 -11.45 -43.37 61.55
N VAL A 2304 -12.23 -43.82 62.53
CA VAL A 2304 -12.08 -45.19 63.02
C VAL A 2304 -12.40 -46.19 61.91
N GLN A 2305 -13.47 -45.93 61.14
CA GLN A 2305 -13.81 -46.82 60.03
C GLN A 2305 -12.74 -46.80 58.96
N PHE A 2306 -12.15 -45.63 58.70
CA PHE A 2306 -11.06 -45.53 57.73
C PHE A 2306 -9.88 -46.39 58.16
N ILE A 2307 -9.51 -46.32 59.42
CA ILE A 2307 -8.38 -47.11 59.90
C ILE A 2307 -8.71 -48.59 59.88
N CYS A 2308 -9.96 -48.94 60.22
CA CYS A 2308 -10.37 -50.34 60.18
C CYS A 2308 -10.31 -50.89 58.77
N ALA A 2309 -10.71 -50.09 57.78
CA ALA A 2309 -10.72 -50.56 56.39
C ALA A 2309 -9.33 -50.91 55.90
N ASP A 2310 -8.30 -50.23 56.41
CA ASP A 2310 -6.94 -50.50 55.99
C ASP A 2310 -6.40 -51.76 56.66
N GLY A 2333 -6.04 -50.32 50.89
CA GLY A 2333 -4.61 -50.13 50.99
C GLY A 2333 -4.20 -48.68 51.19
N THR A 2334 -4.20 -48.23 52.44
CA THR A 2334 -3.82 -46.87 52.78
C THR A 2334 -2.70 -46.80 53.82
N ALA A 2335 -2.19 -47.94 54.29
CA ALA A 2335 -1.11 -47.99 55.26
C ALA A 2335 -1.47 -47.29 56.57
N ALA A 2336 -2.76 -47.27 56.89
CA ALA A 2336 -3.18 -46.68 58.16
C ALA A 2336 -2.77 -47.55 59.34
N MET A 2337 -2.89 -48.87 59.20
CA MET A 2337 -2.53 -49.77 60.29
C MET A 2337 -1.05 -49.69 60.63
N GLU A 2338 -0.21 -49.41 59.63
CA GLU A 2338 1.21 -49.26 59.91
C GLU A 2338 1.47 -48.08 60.82
N CYS A 2339 0.81 -46.94 60.58
CA CYS A 2339 0.97 -45.79 61.46
C CYS A 2339 0.32 -46.03 62.82
N ILE A 2340 -0.79 -46.77 62.87
CA ILE A 2340 -1.43 -47.07 64.14
C ILE A 2340 -0.52 -47.96 65.00
N ARG A 2341 0.22 -48.87 64.35
CA ARG A 2341 1.05 -49.82 65.07
C ARG A 2341 1.99 -49.15 66.05
N GLN A 2342 2.48 -47.96 65.72
CA GLN A 2342 3.38 -47.24 66.62
C GLN A 2342 2.67 -46.79 67.89
N TYR A 2343 1.38 -46.49 67.82
CA TYR A 2343 0.65 -45.92 68.96
C TYR A 2343 -0.46 -46.84 69.45
N VAL A 2344 -0.41 -48.12 69.10
CA VAL A 2344 -1.35 -49.08 69.68
C VAL A 2344 -1.27 -49.07 71.20
N SER A 2345 -0.07 -48.82 71.75
CA SER A 2345 0.04 -48.68 73.20
C SER A 2345 -0.79 -47.50 73.71
N GLU A 2346 -0.75 -46.37 72.99
CA GLU A 2346 -1.57 -45.23 73.37
C GLU A 2346 -3.04 -45.55 73.25
N VAL A 2347 -3.42 -46.32 72.22
CA VAL A 2347 -4.81 -46.72 72.05
C VAL A 2347 -5.27 -47.57 73.22
N LEU A 2348 -4.44 -48.52 73.64
CA LEU A 2348 -4.76 -49.35 74.80
C LEU A 2348 -4.86 -48.51 76.06
N GLU A 2349 -3.97 -47.54 76.22
CA GLU A 2349 -4.04 -46.65 77.38
C GLU A 2349 -5.35 -45.88 77.39
N PHE A 2350 -5.78 -45.39 76.23
CA PHE A 2350 -7.07 -44.69 76.15
C PHE A 2350 -8.23 -45.62 76.50
N MET A 2351 -8.20 -46.86 75.99
CA MET A 2351 -9.32 -47.76 76.21
C MET A 2351 -9.40 -48.20 77.67
N ALA A 2352 -8.25 -48.41 78.31
CA ALA A 2352 -8.25 -48.96 79.67
C ALA A 2352 -8.89 -48.01 80.67
N ASP A 2353 -8.62 -46.72 80.56
CA ASP A 2353 -9.11 -45.75 81.53
C ASP A 2353 -10.63 -45.66 81.47
N MET A 2354 -11.23 -45.40 82.63
CA MET A 2354 -12.69 -45.34 82.75
C MET A 2354 -13.24 -43.93 82.58
N HIS A 2355 -12.43 -42.90 82.79
CA HIS A 2355 -12.88 -41.52 82.65
C HIS A 2355 -12.84 -41.02 81.22
N THR A 2356 -12.27 -41.79 80.29
CA THR A 2356 -12.09 -41.30 78.93
C THR A 2356 -13.43 -41.01 78.26
N LEU A 2357 -14.43 -41.85 78.47
CA LEU A 2357 -15.75 -41.58 77.92
C LEU A 2357 -16.34 -40.31 78.52
N THR A 2358 -16.21 -40.14 79.85
CA THR A 2358 -16.74 -38.96 80.49
C THR A 2358 -16.04 -37.69 80.02
N LYS A 2359 -14.71 -37.75 79.90
CA LYS A 2359 -13.96 -36.59 79.43
C LYS A 2359 -14.29 -36.26 77.98
N LEU A 2360 -14.47 -37.29 77.14
CA LEU A 2360 -14.84 -37.05 75.76
C LEU A 2360 -16.25 -36.50 75.64
N LYS A 2361 -17.12 -36.84 76.58
CA LYS A 2361 -18.47 -36.27 76.61
C LYS A 2361 -18.45 -34.76 76.76
N SER A 2362 -17.39 -34.19 77.34
CA SER A 2362 -17.30 -32.74 77.45
C SER A 2362 -17.24 -32.09 76.08
N HIS A 2363 -16.49 -32.66 75.15
CA HIS A 2363 -16.38 -32.13 73.80
C HIS A 2363 -17.64 -32.42 73.00
N THR A 2375 -23.18 -42.32 74.92
CA THR A 2375 -24.03 -43.20 74.16
C THR A 2375 -23.28 -43.81 72.98
N PHE A 2376 -22.76 -42.94 72.11
CA PHE A 2376 -21.99 -43.39 70.95
C PHE A 2376 -20.58 -43.85 71.32
N GLY A 2377 -20.05 -43.38 72.45
CA GLY A 2377 -18.64 -43.59 72.74
C GLY A 2377 -18.24 -45.05 72.78
N GLY A 2378 -19.12 -45.91 73.31
CA GLY A 2378 -18.82 -47.33 73.33
C GLY A 2378 -18.51 -47.87 71.94
N HIS A 2379 -19.30 -47.46 70.95
CA HIS A 2379 -18.99 -47.85 69.58
C HIS A 2379 -17.55 -47.52 69.24
N LEU A 2380 -17.14 -46.27 69.50
CA LEU A 2380 -15.75 -45.88 69.29
C LEU A 2380 -14.81 -46.86 69.96
N LYS A 2381 -15.05 -47.16 71.25
CA LYS A 2381 -14.22 -48.11 71.96
C LYS A 2381 -14.11 -49.40 71.18
N VAL A 2382 -15.25 -49.97 70.79
CA VAL A 2382 -15.22 -51.24 70.05
C VAL A 2382 -14.37 -51.09 68.81
N GLY A 2383 -14.58 -50.01 68.05
CA GLY A 2383 -13.78 -49.80 66.86
C GLY A 2383 -12.30 -49.77 67.18
N LEU A 2384 -11.93 -49.01 68.20
CA LEU A 2384 -10.53 -48.99 68.62
C LEU A 2384 -10.09 -50.40 69.01
N ALA A 2385 -10.90 -51.09 69.80
CA ALA A 2385 -10.58 -52.46 70.17
C ALA A 2385 -10.27 -53.28 68.92
N GLN A 2386 -11.11 -53.15 67.90
CA GLN A 2386 -10.90 -53.92 66.67
C GLN A 2386 -9.49 -53.71 66.15
N ILE A 2387 -9.10 -52.44 65.97
CA ILE A 2387 -7.78 -52.20 65.40
C ILE A 2387 -6.72 -52.74 66.35
N ALA A 2388 -6.91 -52.53 67.66
CA ALA A 2388 -5.98 -53.11 68.62
C ALA A 2388 -5.90 -54.61 68.43
N ALA A 2389 -7.06 -55.27 68.42
CA ALA A 2389 -7.07 -56.70 68.18
C ALA A 2389 -6.39 -57.01 66.85
N MET A 2390 -6.71 -56.24 65.81
CA MET A 2390 -6.09 -56.45 64.51
C MET A 2390 -4.57 -56.42 64.65
N GLU A 2391 -4.04 -55.41 65.34
CA GLU A 2391 -2.59 -55.35 65.52
C GLU A 2391 -2.10 -56.56 66.30
N ILE A 2392 -2.80 -56.91 67.38
CA ILE A 2392 -2.40 -58.10 68.14
C ILE A 2392 -2.64 -59.35 67.31
N SER A 2393 -3.58 -59.28 66.37
CA SER A 2393 -3.74 -60.38 65.43
C SER A 2393 -2.50 -60.55 64.58
N ARG A 2394 -1.90 -59.45 64.14
CA ARG A 2394 -0.70 -59.53 63.32
C ARG A 2394 0.52 -59.92 64.14
N GLY A 2395 0.54 -59.56 65.42
CA GLY A 2395 1.69 -59.79 66.27
C GLY A 2395 1.72 -61.12 66.99
N ASN A 2396 0.79 -62.02 66.70
CA ASN A 2396 0.77 -63.36 67.30
C ASN A 2396 1.00 -64.38 66.20
N HIS A 2397 2.28 -64.61 65.89
CA HIS A 2397 2.68 -65.60 64.89
C HIS A 2397 3.91 -66.33 65.45
N ARG A 2398 3.67 -67.41 66.17
CA ARG A 2398 4.68 -68.31 66.74
C ARG A 2398 5.54 -67.64 67.79
N ASP A 2399 5.31 -66.37 68.11
CA ASP A 2399 6.12 -65.66 69.12
C ASP A 2399 5.29 -64.87 70.12
N ASN A 2400 4.04 -64.50 69.81
CA ASN A 2400 3.18 -63.75 70.72
C ASN A 2400 3.84 -62.44 71.15
N LYS A 2401 4.56 -61.81 70.22
CA LYS A 2401 5.28 -60.59 70.55
C LYS A 2401 4.33 -59.46 70.94
N ALA A 2402 3.24 -59.30 70.19
CA ALA A 2402 2.29 -58.24 70.50
C ALA A 2402 1.62 -58.46 71.85
N VAL A 2403 1.29 -59.71 72.16
CA VAL A 2403 0.62 -60.01 73.43
C VAL A 2403 1.51 -59.61 74.61
N ILE A 2404 2.79 -60.00 74.57
CA ILE A 2404 3.69 -59.68 75.66
C ILE A 2404 3.99 -58.19 75.71
N ARG A 2405 4.25 -57.58 74.54
CA ARG A 2405 4.66 -56.19 74.50
C ARG A 2405 3.54 -55.26 74.94
N TYR A 2406 2.35 -55.42 74.34
CA TYR A 2406 1.23 -54.52 74.63
C TYR A 2406 0.56 -54.84 75.96
N LEU A 2407 0.51 -56.12 76.33
CA LEU A 2407 -0.16 -56.56 77.56
C LEU A 2407 0.83 -57.39 78.37
N PRO A 2408 1.78 -56.74 79.03
CA PRO A 2408 2.74 -57.49 79.84
C PRO A 2408 2.10 -58.25 80.99
N TRP A 2409 1.01 -57.73 81.56
CA TRP A 2409 0.35 -58.37 82.69
C TRP A 2409 -0.54 -59.54 82.28
N LEU A 2410 -0.74 -59.76 80.98
CA LEU A 2410 -1.63 -60.84 80.55
C LEU A 2410 -1.12 -62.20 81.01
N TYR A 2411 0.19 -62.44 80.88
CA TYR A 2411 0.82 -63.64 81.42
C TYR A 2411 1.39 -63.40 82.82
N HIS A 2412 1.09 -62.26 83.42
CA HIS A 2412 1.63 -61.88 84.73
C HIS A 2412 0.49 -61.64 85.69
N PRO A 2413 0.02 -62.67 86.39
CA PRO A 2413 -0.98 -62.48 87.44
C PRO A 2413 -0.40 -61.66 88.58
N PRO A 2414 -1.25 -61.16 89.49
CA PRO A 2414 -0.73 -60.31 90.58
C PRO A 2414 0.33 -61.03 91.39
N SER A 2415 1.34 -60.26 91.82
CA SER A 2415 2.46 -60.84 92.54
C SER A 2415 2.00 -61.34 93.91
N ALA A 2416 2.39 -62.59 94.24
CA ALA A 2416 2.09 -63.23 95.52
C ALA A 2416 0.60 -63.44 95.71
N MET A 2417 -0.21 -63.12 94.70
CA MET A 2417 -1.66 -63.29 94.75
C MET A 2417 -2.27 -62.58 95.95
N GLN A 2418 -1.98 -61.28 96.07
CA GLN A 2418 -2.45 -60.48 97.19
C GLN A 2418 -3.69 -59.70 96.77
N GLN A 2419 -4.42 -59.20 97.78
CA GLN A 2419 -5.69 -58.52 97.59
C GLN A 2419 -5.57 -57.02 97.87
N GLY A 2420 -4.45 -56.41 97.48
CA GLY A 2420 -4.27 -54.99 97.64
C GLY A 2420 -5.29 -54.19 96.85
N PRO A 2421 -5.86 -53.16 97.49
CA PRO A 2421 -6.87 -52.34 96.79
C PRO A 2421 -6.35 -51.70 95.51
N LYS A 2422 -5.10 -51.23 95.50
CA LYS A 2422 -4.51 -50.74 94.26
C LYS A 2422 -4.31 -51.88 93.27
N GLU A 2423 -3.87 -53.03 93.76
CA GLU A 2423 -3.81 -54.23 92.92
C GLU A 2423 -5.19 -54.60 92.41
N PHE A 2424 -6.21 -54.45 93.26
CA PHE A 2424 -7.58 -54.73 92.85
C PHE A 2424 -8.00 -53.81 91.70
N ILE A 2425 -7.75 -52.51 91.83
CA ILE A 2425 -8.14 -51.58 90.78
C ILE A 2425 -7.38 -51.86 89.49
N GLU A 2426 -6.07 -52.11 89.60
CA GLU A 2426 -5.27 -52.40 88.41
C GLU A 2426 -5.74 -53.67 87.71
N CYS A 2427 -6.03 -54.72 88.48
CA CYS A 2427 -6.47 -55.97 87.88
C CYS A 2427 -7.85 -55.83 87.27
N VAL A 2428 -8.74 -55.07 87.92
CA VAL A 2428 -10.05 -54.82 87.34
C VAL A 2428 -9.92 -54.06 86.02
N SER A 2429 -9.03 -53.07 85.98
CA SER A 2429 -8.81 -52.33 84.73
C SER A 2429 -8.24 -53.25 83.65
N HIS A 2430 -7.31 -54.13 84.02
CA HIS A 2430 -6.76 -55.06 83.05
C HIS A 2430 -7.82 -56.00 82.51
N ILE A 2431 -8.70 -56.49 83.39
CA ILE A 2431 -9.77 -57.38 82.96
C ILE A 2431 -10.75 -56.64 82.05
N ARG A 2432 -11.03 -55.38 82.35
CA ARG A 2432 -11.88 -54.57 81.49
C ARG A 2432 -11.23 -54.38 80.12
N LEU A 2433 -9.92 -54.16 80.09
CA LEU A 2433 -9.21 -54.04 78.82
C LEU A 2433 -9.30 -55.33 78.03
N LEU A 2434 -9.12 -56.48 78.69
CA LEU A 2434 -9.25 -57.76 78.02
C LEU A 2434 -10.65 -57.96 77.48
N SER A 2435 -11.66 -57.57 78.27
CA SER A 2435 -13.04 -57.72 77.82
C SER A 2435 -13.31 -56.87 76.59
N TRP A 2436 -12.80 -55.63 76.57
CA TRP A 2436 -12.99 -54.79 75.39
C TRP A 2436 -12.24 -55.34 74.19
N LEU A 2437 -11.04 -55.88 74.41
CA LEU A 2437 -10.30 -56.47 73.31
C LEU A 2437 -11.03 -57.67 72.72
N LEU A 2438 -11.58 -58.53 73.58
CA LEU A 2438 -12.35 -59.67 73.11
C LEU A 2438 -13.61 -59.21 72.39
N LEU A 2439 -14.27 -58.17 72.91
CA LEU A 2439 -15.46 -57.65 72.25
C LEU A 2439 -15.13 -57.13 70.85
N GLY A 2440 -14.03 -56.39 70.72
CA GLY A 2440 -13.63 -55.91 69.42
C GLY A 2440 -13.28 -57.03 68.46
N SER A 2441 -12.56 -58.04 68.95
CA SER A 2441 -12.21 -59.18 68.11
C SER A 2441 -13.45 -59.93 67.64
N LEU A 2442 -14.41 -60.14 68.55
CA LEU A 2442 -15.65 -60.82 68.18
C LEU A 2442 -16.44 -60.00 67.17
N THR A 2443 -16.50 -58.68 67.36
CA THR A 2443 -17.21 -57.83 66.42
C THR A 2443 -16.57 -57.90 65.04
N HIS A 2444 -15.23 -57.86 64.99
CA HIS A 2444 -14.53 -57.96 63.71
C HIS A 2444 -14.79 -59.31 63.05
N ASN A 2445 -14.79 -60.39 63.83
CA ASN A 2445 -15.06 -61.72 63.27
C ASN A 2445 -16.48 -61.81 62.74
N ALA A 2446 -17.44 -61.26 63.47
CA ALA A 2446 -18.82 -61.28 63.01
C ALA A 2446 -19.01 -60.46 61.74
N VAL A 2447 -18.41 -59.28 61.68
CA VAL A 2447 -18.54 -58.44 60.50
C VAL A 2447 -17.89 -59.09 59.29
N CYS A 2448 -16.68 -59.64 59.47
CA CYS A 2448 -15.92 -60.23 58.37
C CYS A 2448 -15.49 -61.65 58.77
N PRO A 2449 -16.41 -62.61 58.71
CA PRO A 2449 -16.05 -64.00 58.99
C PRO A 2449 -15.38 -64.72 57.82
N ASN A 2450 -15.37 -64.11 56.63
CA ASN A 2450 -14.81 -64.76 55.46
C ASN A 2450 -13.29 -64.83 55.48
N ALA A 2451 -12.64 -64.11 56.39
CA ALA A 2451 -11.18 -64.15 56.48
C ALA A 2451 -10.72 -65.54 56.93
N SER A 2452 -9.68 -66.05 56.26
CA SER A 2452 -9.15 -67.37 56.60
C SER A 2452 -8.48 -67.38 57.96
N SER A 2453 -7.95 -66.25 58.41
CA SER A 2453 -7.29 -66.16 59.71
C SER A 2453 -8.18 -65.38 60.67
N PRO A 2454 -8.83 -66.02 61.62
CA PRO A 2454 -9.67 -65.29 62.58
C PRO A 2454 -8.85 -64.36 63.45
N CYS A 2455 -9.46 -63.26 63.85
CA CYS A 2455 -8.82 -62.28 64.73
C CYS A 2455 -8.85 -62.83 66.14
N LEU A 2456 -7.74 -63.41 66.58
CA LEU A 2456 -7.62 -64.05 67.89
C LEU A 2456 -6.44 -63.43 68.62
N PRO A 2457 -6.62 -62.24 69.20
CA PRO A 2457 -5.49 -61.58 69.87
C PRO A 2457 -4.98 -62.34 71.07
N ILE A 2458 -5.86 -62.72 71.99
CA ILE A 2458 -5.46 -63.46 73.18
C ILE A 2458 -5.28 -64.93 72.81
N PRO A 2459 -4.11 -65.52 73.08
CA PRO A 2459 -3.94 -66.95 72.82
C PRO A 2459 -4.85 -67.79 73.70
N LEU A 2460 -5.26 -68.94 73.18
CA LEU A 2460 -6.22 -69.79 73.88
C LEU A 2460 -5.65 -70.29 75.20
N ASP A 2461 -4.39 -70.73 75.20
CA ASP A 2461 -3.77 -71.20 76.43
C ASP A 2461 -3.65 -70.07 77.44
N ALA A 2462 -3.31 -68.87 76.98
CA ALA A 2462 -3.15 -67.72 77.87
C ALA A 2462 -4.40 -67.45 78.68
N GLY A 2463 -5.57 -67.88 78.18
CA GLY A 2463 -6.80 -67.70 78.93
C GLY A 2463 -6.72 -68.26 80.33
N SER A 2464 -5.99 -69.36 80.50
CA SER A 2464 -5.80 -69.92 81.84
C SER A 2464 -5.27 -68.84 82.79
N HIS A 2465 -4.22 -68.14 82.37
CA HIS A 2465 -3.68 -67.05 83.17
C HIS A 2465 -4.77 -66.01 83.47
N ILE A 2466 -5.53 -65.62 82.44
CA ILE A 2466 -6.55 -64.60 82.65
C ILE A 2466 -7.59 -65.08 83.65
N ALA A 2467 -7.83 -66.40 83.69
CA ALA A 2467 -8.75 -66.95 84.68
C ALA A 2467 -8.32 -66.51 86.07
N ASP A 2468 -7.03 -66.65 86.37
CA ASP A 2468 -6.52 -66.23 87.66
C ASP A 2468 -6.91 -64.78 87.94
N HIS A 2469 -6.72 -63.90 86.96
CA HIS A 2469 -7.06 -62.50 87.17
C HIS A 2469 -8.51 -62.35 87.62
N LEU A 2470 -9.43 -63.07 86.97
CA LEU A 2470 -10.83 -62.94 87.36
C LEU A 2470 -11.02 -63.29 88.83
N ILE A 2471 -10.36 -64.36 89.29
CA ILE A 2471 -10.56 -64.76 90.68
C ILE A 2471 -9.98 -63.71 91.62
N VAL A 2472 -8.90 -63.04 91.23
CA VAL A 2472 -8.35 -62.02 92.13
C VAL A 2472 -9.28 -60.83 92.26
N ILE A 2473 -10.31 -60.76 91.42
CA ILE A 2473 -11.40 -59.81 91.64
C ILE A 2473 -12.49 -60.43 92.53
N LEU A 2474 -12.82 -61.69 92.28
CA LEU A 2474 -13.90 -62.32 93.02
C LEU A 2474 -13.48 -62.75 94.42
N ILE A 2475 -12.22 -63.18 94.61
CA ILE A 2475 -11.77 -63.60 95.93
C ILE A 2475 -11.67 -62.40 96.86
N GLY A 2476 -11.16 -61.27 96.37
CA GLY A 2476 -11.05 -60.07 97.16
C GLY A 2476 -12.28 -59.21 97.23
N PHE A 2477 -13.39 -59.63 96.61
CA PHE A 2477 -14.59 -58.81 96.59
C PHE A 2477 -15.16 -58.53 97.97
N PRO A 2478 -15.42 -59.53 98.84
CA PRO A 2478 -16.16 -59.21 100.08
C PRO A 2478 -15.47 -58.20 100.97
N GLU A 2479 -14.13 -58.21 101.02
CA GLU A 2479 -13.42 -57.36 101.97
C GLU A 2479 -13.42 -55.90 101.53
N GLN A 2480 -13.24 -55.64 100.23
CA GLN A 2480 -12.97 -54.30 99.73
C GLN A 2480 -13.90 -53.95 98.58
N SER A 2481 -15.21 -54.18 98.77
CA SER A 2481 -16.20 -53.78 97.78
C SER A 2481 -17.06 -52.61 98.21
N LYS A 2482 -17.04 -52.25 99.49
CA LYS A 2482 -17.89 -51.18 100.01
C LYS A 2482 -17.22 -49.83 100.02
N THR A 2483 -15.98 -49.72 99.52
CA THR A 2483 -15.28 -48.44 99.53
C THR A 2483 -15.85 -47.47 98.50
N CYS A 2484 -16.44 -47.98 97.42
CA CYS A 2484 -16.99 -47.11 96.38
C CYS A 2484 -17.98 -47.91 95.53
N VAL A 2485 -18.77 -47.19 94.74
CA VAL A 2485 -19.71 -47.83 93.83
C VAL A 2485 -18.98 -48.51 92.68
N LEU A 2486 -17.82 -47.99 92.28
CA LEU A 2486 -17.06 -48.63 91.21
C LEU A 2486 -16.67 -50.06 91.57
N HIS A 2487 -16.44 -50.33 92.85
CA HIS A 2487 -16.18 -51.70 93.27
C HIS A 2487 -17.42 -52.58 93.11
N MET A 2488 -18.61 -51.99 93.25
CA MET A 2488 -19.83 -52.77 92.99
C MET A 2488 -20.02 -53.00 91.50
N CYS A 2489 -19.67 -52.03 90.66
CA CYS A 2489 -19.75 -52.21 89.21
C CYS A 2489 -18.66 -53.14 88.70
N SER A 2490 -17.59 -53.34 89.47
CA SER A 2490 -16.57 -54.29 89.07
C SER A 2490 -17.10 -55.71 89.04
N LEU A 2491 -18.14 -56.01 89.82
CA LEU A 2491 -18.81 -57.30 89.70
C LEU A 2491 -19.37 -57.47 88.30
N PHE A 2492 -20.10 -56.46 87.81
CA PHE A 2492 -20.66 -56.51 86.47
C PHE A 2492 -19.55 -56.59 85.42
N HIS A 2493 -18.47 -55.82 85.64
CA HIS A 2493 -17.34 -55.87 84.72
C HIS A 2493 -16.75 -57.27 84.63
N ALA A 2494 -16.52 -57.91 85.77
CA ALA A 2494 -15.92 -59.23 85.80
C ALA A 2494 -16.83 -60.25 85.12
N PHE A 2495 -18.14 -60.19 85.39
CA PHE A 2495 -19.03 -61.18 84.78
C PHE A 2495 -19.21 -60.93 83.29
N ILE A 2496 -19.22 -59.67 82.86
CA ILE A 2496 -19.27 -59.37 81.43
C ILE A 2496 -18.02 -59.92 80.74
N PHE A 2497 -16.85 -59.74 81.37
CA PHE A 2497 -15.64 -60.31 80.80
C PHE A 2497 -15.71 -61.83 80.75
N ALA A 2498 -16.28 -62.45 81.78
CA ALA A 2498 -16.40 -63.91 81.80
C ALA A 2498 -17.27 -64.40 80.64
N GLN A 2499 -18.44 -63.80 80.46
CA GLN A 2499 -19.30 -64.24 79.37
C GLN A 2499 -18.69 -63.91 78.00
N LEU A 2500 -17.98 -62.79 77.88
CA LEU A 2500 -17.32 -62.48 76.63
C LEU A 2500 -16.23 -63.50 76.31
N TRP A 2501 -15.46 -63.92 77.32
CA TRP A 2501 -14.45 -64.94 77.09
C TRP A 2501 -15.09 -66.27 76.72
N THR A 2502 -16.21 -66.61 77.34
CA THR A 2502 -16.93 -67.83 76.98
C THR A 2502 -17.38 -67.78 75.52
N VAL A 2503 -17.94 -66.65 75.09
CA VAL A 2503 -18.38 -66.52 73.71
C VAL A 2503 -17.19 -66.54 72.76
N TYR A 2504 -16.07 -65.95 73.17
CA TYR A 2504 -14.86 -65.98 72.35
C TYR A 2504 -14.37 -67.41 72.15
N CYS A 2505 -14.36 -68.20 73.23
CA CYS A 2505 -13.96 -69.59 73.11
C CYS A 2505 -14.93 -70.37 72.22
N GLU A 2506 -16.23 -70.11 72.38
CA GLU A 2506 -17.22 -70.81 71.55
C GLU A 2506 -17.03 -70.48 70.08
N GLN A 2507 -16.82 -69.21 69.76
CA GLN A 2507 -16.61 -68.81 68.37
C GLN A 2507 -15.33 -69.39 67.81
N SER A 2508 -14.26 -69.43 68.62
CA SER A 2508 -13.01 -70.03 68.17
C SER A 2508 -13.19 -71.51 67.89
N ALA A 2509 -13.92 -72.22 68.74
CA ALA A 2509 -14.18 -73.63 68.51
C ALA A 2509 -15.02 -73.85 67.26
N VAL A 2510 -16.03 -73.01 67.04
CA VAL A 2510 -16.88 -73.16 65.87
C VAL A 2510 -16.10 -72.89 64.60
N ALA A 2511 -15.27 -71.85 64.60
CA ALA A 2511 -14.48 -71.53 63.41
C ALA A 2511 -13.46 -72.62 63.11
N THR A 2512 -12.94 -73.27 64.13
CA THR A 2512 -11.96 -74.34 63.95
C THR A 2512 -12.64 -75.71 63.92
N SER A 2521 -10.49 -76.54 67.67
CA SER A 2521 -11.68 -77.33 67.98
C SER A 2521 -11.69 -77.73 69.45
N PHE A 2522 -10.89 -78.75 69.78
CA PHE A 2522 -10.82 -79.20 71.17
C PHE A 2522 -10.13 -78.17 72.07
N THR A 2523 -9.18 -77.42 71.53
CA THR A 2523 -8.41 -76.48 72.34
C THR A 2523 -9.31 -75.41 72.94
N ALA A 2524 -10.19 -74.82 72.12
CA ALA A 2524 -11.02 -73.71 72.59
C ALA A 2524 -12.00 -74.18 73.66
N ILE A 2525 -12.69 -75.29 73.41
CA ILE A 2525 -13.66 -75.78 74.38
C ILE A 2525 -12.97 -76.22 75.66
N LEU A 2526 -11.79 -76.83 75.55
CA LEU A 2526 -11.05 -77.24 76.74
C LEU A 2526 -10.59 -76.02 77.55
N THR A 2527 -10.15 -74.96 76.87
CA THR A 2527 -9.74 -73.76 77.58
C THR A 2527 -10.91 -73.09 78.28
N ALA A 2528 -12.07 -73.03 77.61
CA ALA A 2528 -13.26 -72.50 78.27
C ALA A 2528 -13.65 -73.36 79.46
N LEU A 2529 -13.54 -74.67 79.32
CA LEU A 2529 -13.84 -75.58 80.41
C LEU A 2529 -12.92 -75.35 81.60
N GLU A 2530 -11.62 -75.19 81.34
CA GLU A 2530 -10.68 -74.92 82.43
C GLU A 2530 -10.98 -73.58 83.08
N PHE A 2531 -11.30 -72.57 82.27
CA PHE A 2531 -11.62 -71.25 82.83
C PHE A 2531 -12.83 -71.34 83.75
N TRP A 2532 -13.87 -72.05 83.34
CA TRP A 2532 -15.06 -72.16 84.18
C TRP A 2532 -14.79 -73.03 85.40
N SER A 2533 -14.00 -74.09 85.25
CA SER A 2533 -13.64 -74.91 86.41
C SER A 2533 -12.77 -74.15 87.40
N ARG A 2534 -12.08 -73.10 86.94
CA ARG A 2534 -11.30 -72.26 87.83
C ARG A 2534 -12.14 -71.17 88.49
N VAL A 2535 -13.12 -70.63 87.77
CA VAL A 2535 -13.89 -69.50 88.28
C VAL A 2535 -15.21 -69.91 88.93
N THR A 2536 -15.58 -71.19 88.88
CA THR A 2536 -16.80 -71.66 89.51
C THR A 2536 -16.61 -71.85 91.02
N PRO A 2537 -15.52 -72.46 91.49
CA PRO A 2537 -15.26 -72.42 92.93
C PRO A 2537 -15.11 -71.01 93.46
N SER A 2538 -14.58 -70.10 92.64
CA SER A 2538 -14.44 -68.70 93.05
C SER A 2538 -15.82 -68.08 93.30
N ILE A 2539 -16.74 -68.24 92.36
CA ILE A 2539 -18.07 -67.66 92.55
C ILE A 2539 -18.83 -68.37 93.66
N LEU A 2540 -18.63 -69.69 93.80
CA LEU A 2540 -19.29 -70.40 94.88
C LEU A 2540 -18.82 -69.91 96.24
N GLN A 2541 -17.51 -69.70 96.41
CA GLN A 2541 -17.00 -69.18 97.67
C GLN A 2541 -17.40 -67.72 97.86
N LEU A 2542 -17.52 -66.96 96.77
CA LEU A 2542 -18.04 -65.61 96.87
C LEU A 2542 -19.45 -65.60 97.42
N MET A 2543 -20.30 -66.52 96.95
CA MET A 2543 -21.62 -66.66 97.52
C MET A 2543 -21.55 -67.09 98.98
N ALA A 2544 -20.66 -68.02 99.30
CA ALA A 2544 -20.57 -68.54 100.66
C ALA A 2544 -20.03 -67.50 101.65
N HIS A 2545 -19.36 -66.46 101.16
CA HIS A 2545 -18.83 -65.43 102.06
C HIS A 2545 -19.95 -64.71 102.79
N ASN A 2546 -20.79 -64.00 102.05
CA ASN A 2546 -21.93 -63.28 102.60
C ASN A 2546 -23.21 -63.88 102.06
N LYS A 2547 -24.12 -64.25 102.97
CA LYS A 2547 -25.36 -64.91 102.59
C LYS A 2547 -26.49 -63.93 102.30
N VAL A 2548 -26.22 -62.62 102.34
CA VAL A 2548 -27.23 -61.61 102.04
C VAL A 2548 -26.98 -60.97 100.69
N MET A 2549 -25.74 -60.63 100.36
CA MET A 2549 -25.42 -60.01 99.08
C MET A 2549 -25.48 -61.00 97.92
N VAL A 2550 -25.60 -62.29 98.20
CA VAL A 2550 -25.65 -63.31 97.15
C VAL A 2550 -26.60 -62.90 96.04
N GLU A 2551 -27.74 -62.32 96.42
CA GLU A 2551 -28.74 -61.84 95.47
C GLU A 2551 -28.08 -61.11 94.30
N MET A 2552 -27.36 -60.03 94.61
CA MET A 2552 -26.69 -59.27 93.56
C MET A 2552 -25.78 -60.18 92.73
N VAL A 2553 -24.93 -60.95 93.42
CA VAL A 2553 -24.06 -61.90 92.72
C VAL A 2553 -24.90 -62.85 91.89
N CYS A 2554 -25.97 -63.39 92.48
CA CYS A 2554 -26.85 -64.30 91.77
C CYS A 2554 -27.33 -63.65 90.47
N LEU A 2555 -27.70 -62.37 90.53
CA LEU A 2555 -28.07 -61.64 89.33
C LEU A 2555 -27.05 -61.88 88.23
N HIS A 2556 -25.80 -61.49 88.48
CA HIS A 2556 -24.75 -61.68 87.49
C HIS A 2556 -24.74 -63.12 87.01
N VAL A 2557 -24.76 -64.07 87.95
CA VAL A 2557 -24.69 -65.48 87.58
C VAL A 2557 -25.83 -65.82 86.64
N ILE A 2558 -27.07 -65.46 87.01
CA ILE A 2558 -28.17 -65.78 86.12
C ILE A 2558 -28.04 -64.96 84.84
N SER A 2559 -27.61 -63.71 84.95
CA SER A 2559 -27.34 -62.92 83.76
C SER A 2559 -26.36 -63.65 82.87
N LEU A 2560 -25.34 -64.28 83.47
CA LEU A 2560 -24.38 -65.05 82.70
C LEU A 2560 -25.10 -66.07 81.82
N MET A 2561 -25.96 -66.89 82.42
CA MET A 2561 -26.63 -67.92 81.62
C MET A 2561 -27.55 -67.25 80.61
N GLU A 2562 -28.15 -66.11 80.98
CA GLU A 2562 -28.96 -65.38 80.02
C GLU A 2562 -28.16 -65.06 78.78
N ALA A 2563 -26.93 -64.58 78.95
CA ALA A 2563 -26.07 -64.32 77.81
C ALA A 2563 -25.91 -65.58 76.97
N LEU A 2564 -25.57 -66.69 77.62
CA LEU A 2564 -25.45 -67.95 76.89
C LEU A 2564 -26.80 -68.38 76.34
N GLN A 2565 -27.89 -68.07 77.07
CA GLN A 2565 -29.22 -68.33 76.53
C GLN A 2565 -29.45 -67.56 75.24
N GLU A 2566 -28.90 -66.35 75.16
CA GLU A 2566 -28.98 -65.60 73.92
C GLU A 2566 -27.99 -66.14 72.88
N CYS A 2567 -26.89 -66.75 73.34
CA CYS A 2567 -25.86 -67.23 72.43
C CYS A 2567 -26.04 -68.68 72.03
N ASN A 2568 -26.79 -69.47 72.82
CA ASN A 2568 -27.01 -70.89 72.53
C ASN A 2568 -25.69 -71.62 72.36
N SER A 2569 -24.75 -71.34 73.24
CA SER A 2569 -23.42 -71.92 73.15
C SER A 2569 -23.44 -73.39 73.56
N THR A 2570 -22.52 -74.17 72.98
CA THR A 2570 -22.38 -75.56 73.36
C THR A 2570 -21.97 -75.71 74.82
N ILE A 2571 -21.03 -74.87 75.27
CA ILE A 2571 -20.57 -74.95 76.66
C ILE A 2571 -21.69 -74.60 77.62
N PHE A 2572 -22.67 -73.81 77.19
CA PHE A 2572 -23.82 -73.52 78.04
C PHE A 2572 -24.60 -74.79 78.34
N VAL A 2573 -24.92 -75.57 77.30
CA VAL A 2573 -25.60 -76.84 77.51
C VAL A 2573 -24.70 -77.79 78.30
N LYS A 2574 -23.39 -77.72 78.07
CA LYS A 2574 -22.46 -78.59 78.78
C LYS A 2574 -22.48 -78.32 80.28
N LEU A 2575 -22.54 -77.05 80.69
CA LEU A 2575 -22.34 -76.68 82.08
C LEU A 2575 -23.60 -76.27 82.81
N ILE A 2576 -24.76 -76.24 82.14
CA ILE A 2576 -26.00 -75.88 82.83
C ILE A 2576 -26.43 -76.94 83.84
N PRO A 2577 -26.25 -78.26 83.62
CA PRO A 2577 -26.70 -79.21 84.64
C PRO A 2577 -25.99 -79.04 85.98
N MET A 2578 -24.80 -78.45 85.99
CA MET A 2578 -24.10 -78.16 87.24
C MET A 2578 -24.22 -76.71 87.67
N TRP A 2579 -24.47 -75.79 86.73
CA TRP A 2579 -24.73 -74.41 87.12
C TRP A 2579 -26.08 -74.25 87.79
N LEU A 2580 -27.06 -75.06 87.40
CA LEU A 2580 -28.39 -74.96 88.00
C LEU A 2580 -28.38 -75.20 89.50
N PRO A 2581 -27.75 -76.26 90.04
CA PRO A 2581 -27.75 -76.43 91.50
C PRO A 2581 -27.05 -75.31 92.25
N MET A 2582 -26.18 -74.54 91.59
CA MET A 2582 -25.54 -73.42 92.28
C MET A 2582 -26.57 -72.40 92.74
N ILE A 2583 -27.56 -72.10 91.91
CA ILE A 2583 -28.62 -71.18 92.30
C ILE A 2583 -29.75 -71.90 93.01
N GLN A 2584 -30.03 -73.16 92.64
CA GLN A 2584 -31.09 -73.91 93.28
C GLN A 2584 -30.81 -74.11 94.76
N SER A 2585 -29.56 -74.43 95.11
CA SER A 2585 -29.18 -74.52 96.51
C SER A 2585 -29.21 -73.16 97.19
N ASN A 2586 -29.13 -72.07 96.43
CA ASN A 2586 -29.20 -70.72 96.98
C ASN A 2586 -30.54 -70.05 96.74
N THR A 2587 -31.54 -70.80 96.26
CA THR A 2587 -32.88 -70.23 96.09
C THR A 2587 -33.47 -69.80 97.42
N LYS A 2588 -33.05 -70.43 98.52
CA LYS A 2588 -33.51 -70.05 99.84
C LYS A 2588 -32.97 -68.71 100.31
N HIS A 2589 -32.02 -68.12 99.57
CA HIS A 2589 -31.41 -66.86 99.93
C HIS A 2589 -31.66 -65.77 98.90
N LEU A 2590 -32.67 -65.95 98.05
CA LEU A 2590 -32.99 -64.97 97.01
C LEU A 2590 -34.12 -64.07 97.50
N SER A 2591 -34.00 -62.77 97.22
CA SER A 2591 -34.84 -61.79 97.89
C SER A 2591 -36.23 -61.67 97.25
N ALA A 2592 -36.29 -61.26 95.99
CA ALA A 2592 -37.58 -60.88 95.39
C ALA A 2592 -37.97 -61.76 94.21
N GLY A 2593 -37.17 -61.80 93.14
CA GLY A 2593 -37.60 -62.46 91.93
C GLY A 2593 -36.52 -63.24 91.23
N LEU A 2594 -35.39 -63.43 91.91
CA LEU A 2594 -34.31 -64.24 91.35
C LEU A 2594 -34.76 -65.69 91.19
N GLN A 2595 -35.58 -66.18 92.13
CA GLN A 2595 -36.17 -67.52 91.99
C GLN A 2595 -37.04 -67.59 90.74
N LEU A 2596 -37.80 -66.52 90.46
CA LEU A 2596 -38.61 -66.48 89.25
C LEU A 2596 -37.73 -66.57 88.00
N ARG A 2597 -36.62 -65.85 87.99
CA ARG A 2597 -35.71 -65.91 86.85
C ARG A 2597 -35.12 -67.30 86.69
N LEU A 2598 -34.72 -67.94 87.80
CA LEU A 2598 -34.19 -69.29 87.72
C LEU A 2598 -35.23 -70.26 87.19
N GLN A 2599 -36.48 -70.12 87.64
CA GLN A 2599 -37.55 -70.97 87.13
C GLN A 2599 -37.77 -70.74 85.64
N ALA A 2600 -37.73 -69.49 85.20
CA ALA A 2600 -37.95 -69.17 83.80
C ALA A 2600 -36.83 -69.74 82.91
N ILE A 2601 -35.58 -69.68 83.37
CA ILE A 2601 -34.47 -70.21 82.58
C ILE A 2601 -34.22 -71.69 82.87
N GLN A 2602 -35.01 -72.31 83.76
CA GLN A 2602 -34.81 -73.72 84.07
C GLN A 2602 -35.04 -74.60 82.85
N ASN A 2603 -36.07 -74.28 82.06
CA ASN A 2603 -36.35 -75.05 80.84
C ASN A 2603 -35.34 -74.71 79.74
N ALA A 2624 -25.92 -63.92 63.20
CA ALA A 2624 -27.30 -63.48 63.34
C ALA A 2624 -27.49 -62.67 64.63
N ALA A 2625 -28.06 -63.33 65.64
CA ALA A 2625 -28.27 -62.69 66.93
C ALA A 2625 -26.96 -62.42 67.68
N LEU A 2626 -25.85 -63.01 67.23
CA LEU A 2626 -24.58 -62.77 67.89
C LEU A 2626 -24.17 -61.31 67.79
N ARG A 2627 -24.39 -60.69 66.63
CA ARG A 2627 -24.06 -59.27 66.48
C ARG A 2627 -24.93 -58.41 67.39
N LYS A 2628 -26.21 -58.73 67.50
CA LYS A 2628 -27.09 -57.98 68.38
C LYS A 2628 -26.65 -58.11 69.84
N TRP A 2629 -26.29 -59.34 70.25
CA TRP A 2629 -25.82 -59.54 71.62
C TRP A 2629 -24.52 -58.79 71.88
N LEU A 2630 -23.61 -58.80 70.90
CA LEU A 2630 -22.36 -58.06 71.06
C LEU A 2630 -22.62 -56.56 71.19
N GLN A 2631 -23.52 -56.03 70.38
CA GLN A 2631 -23.84 -54.60 70.47
C GLN A 2631 -24.49 -54.26 71.81
N CYS A 2632 -25.39 -55.12 72.29
CA CYS A 2632 -26.01 -54.88 73.59
C CYS A 2632 -24.97 -54.91 74.70
N THR A 2633 -24.05 -55.88 74.66
CA THR A 2633 -22.99 -55.95 75.66
C THR A 2633 -22.10 -54.72 75.59
N GLN A 2634 -21.79 -54.25 74.38
CA GLN A 2634 -20.98 -53.05 74.23
C GLN A 2634 -21.67 -51.84 74.84
N PHE A 2635 -22.97 -51.69 74.59
CA PHE A 2635 -23.72 -50.58 75.17
C PHE A 2635 -23.74 -50.68 76.69
N LYS A 2636 -23.94 -51.89 77.22
CA LYS A 2636 -23.96 -52.07 78.67
C LYS A 2636 -22.61 -51.70 79.28
N MET A 2637 -21.52 -52.15 78.65
CA MET A 2637 -20.19 -51.82 79.17
C MET A 2637 -19.94 -50.33 79.14
N ALA A 2638 -20.30 -49.66 78.05
CA ALA A 2638 -20.10 -48.22 77.95
C ALA A 2638 -20.90 -47.48 79.01
N GLN A 2639 -22.18 -47.86 79.18
CA GLN A 2639 -23.01 -47.19 80.17
C GLN A 2639 -22.50 -47.41 81.58
N VAL A 2640 -22.07 -48.64 81.89
CA VAL A 2640 -21.56 -48.92 83.23
C VAL A 2640 -20.28 -48.14 83.49
N GLU A 2641 -19.39 -48.07 82.48
CA GLU A 2641 -18.16 -47.30 82.65
C GLU A 2641 -18.45 -45.83 82.87
N ILE A 2642 -19.39 -45.26 82.11
CA ILE A 2642 -19.74 -43.86 82.28
C ILE A 2642 -20.30 -43.62 83.68
N GLN A 2643 -21.20 -44.49 84.13
CA GLN A 2643 -21.79 -44.32 85.46
C GLN A 2643 -20.74 -44.46 86.56
N SER A 2644 -19.81 -45.41 86.40
CA SER A 2644 -18.76 -45.58 87.39
C SER A 2644 -17.85 -44.36 87.43
N SER A 2645 -17.55 -43.77 86.27
CA SER A 2645 -16.75 -42.55 86.25
C SER A 2645 -17.50 -41.41 86.93
N GLU A 2646 -18.80 -41.30 86.69
CA GLU A 2646 -19.59 -40.25 87.33
C GLU A 2646 -19.61 -40.42 88.84
N ALA A 2647 -19.78 -41.65 89.32
CA ALA A 2647 -19.83 -41.90 90.76
C ALA A 2647 -18.47 -41.71 91.41
N ALA A 2648 -17.40 -42.12 90.73
CA ALA A 2648 -16.06 -42.00 91.29
C ALA A 2648 -15.54 -40.57 91.26
N SER A 2649 -16.16 -39.69 90.49
CA SER A 2649 -15.74 -38.29 90.44
C SER A 2649 -16.03 -37.55 91.75
N GLN A 2650 -16.80 -38.13 92.64
CA GLN A 2650 -17.15 -37.48 93.90
C GLN A 2650 -16.07 -37.70 94.95
N PRO B 21 -20.54 -76.79 99.55
CA PRO B 21 -19.64 -77.74 100.20
C PRO B 21 -19.31 -78.94 99.31
N ILE B 22 -20.33 -79.68 98.91
CA ILE B 22 -20.13 -80.82 98.02
C ILE B 22 -19.61 -80.36 96.66
N GLN B 23 -20.17 -79.27 96.14
CA GLN B 23 -19.75 -78.77 94.83
C GLN B 23 -18.27 -78.39 94.82
N THR B 24 -17.75 -77.93 95.96
CA THR B 24 -16.33 -77.62 96.03
C THR B 24 -15.48 -78.85 95.71
N PHE B 25 -15.74 -79.96 96.39
CA PHE B 25 -14.98 -81.19 96.15
C PHE B 25 -15.24 -81.72 94.75
N LEU B 26 -16.49 -81.65 94.29
CA LEU B 26 -16.81 -82.17 92.96
C LEU B 26 -16.04 -81.42 91.89
N TRP B 27 -16.04 -80.08 91.95
CA TRP B 27 -15.31 -79.29 90.97
C TRP B 27 -13.81 -79.48 91.11
N ARG B 28 -13.31 -79.63 92.35
CA ARG B 28 -11.88 -79.88 92.53
C ARG B 28 -11.46 -81.17 91.86
N GLN B 29 -12.26 -82.23 92.00
CA GLN B 29 -11.95 -83.47 91.30
C GLN B 29 -12.08 -83.31 89.79
N THR B 30 -13.13 -82.63 89.34
CA THR B 30 -13.41 -82.55 87.91
C THR B 30 -12.37 -81.72 87.16
N SER B 31 -11.74 -80.77 87.85
CA SER B 31 -10.78 -79.89 87.20
C SER B 31 -9.65 -80.66 86.55
N ALA B 32 -9.31 -81.84 87.07
CA ALA B 32 -8.26 -82.65 86.46
C ALA B 32 -8.65 -83.08 85.06
N PHE B 33 -9.90 -83.51 84.88
CA PHE B 33 -10.39 -83.88 83.56
C PHE B 33 -10.71 -82.68 82.68
N LEU B 34 -11.05 -81.54 83.28
CA LEU B 34 -11.44 -80.37 82.50
C LEU B 34 -10.25 -79.58 81.98
N ARG B 35 -9.02 -79.94 82.36
CA ARG B 35 -7.84 -79.24 81.88
C ARG B 35 -7.67 -79.44 80.37
N PRO B 36 -7.07 -78.47 79.67
CA PRO B 36 -6.73 -78.69 78.26
C PRO B 36 -5.43 -79.44 78.05
N LYS B 37 -4.64 -79.63 79.11
CA LYS B 37 -3.41 -80.39 79.06
C LYS B 37 -3.61 -81.72 79.79
N LEU B 38 -2.71 -82.67 79.51
CA LEU B 38 -2.76 -83.98 80.12
C LEU B 38 -1.81 -84.02 81.32
N GLY B 39 -2.30 -84.53 82.44
CA GLY B 39 -1.49 -84.63 83.64
C GLY B 39 -1.56 -85.99 84.27
N LYS B 40 -1.26 -86.07 85.57
CA LYS B 40 -1.28 -87.32 86.32
C LYS B 40 -2.19 -87.20 87.53
N GLN B 41 -3.36 -86.59 87.35
CA GLN B 41 -4.31 -86.39 88.43
C GLN B 41 -5.59 -87.19 88.27
N TYR B 42 -5.90 -87.66 87.05
CA TYR B 42 -7.20 -88.28 86.81
C TYR B 42 -7.34 -89.62 87.53
N GLU B 43 -6.22 -90.33 87.74
CA GLU B 43 -6.28 -91.61 88.44
C GLU B 43 -6.79 -91.42 89.85
N ALA B 44 -6.29 -90.40 90.55
CA ALA B 44 -6.75 -90.13 91.91
C ALA B 44 -8.23 -89.75 91.92
N SER B 45 -8.67 -88.99 90.92
CA SER B 45 -10.08 -88.62 90.84
C SER B 45 -10.96 -89.85 90.66
N CYS B 46 -10.56 -90.76 89.77
CA CYS B 46 -11.33 -91.97 89.55
C CYS B 46 -11.38 -92.83 90.82
N VAL B 47 -10.24 -92.98 91.49
CA VAL B 47 -10.20 -93.78 92.71
C VAL B 47 -11.08 -93.16 93.78
N SER B 48 -11.01 -91.83 93.94
CA SER B 48 -11.83 -91.17 94.95
C SER B 48 -13.31 -91.32 94.64
N PHE B 49 -13.70 -91.18 93.38
CA PHE B 49 -15.10 -91.34 93.01
C PHE B 49 -15.58 -92.75 93.30
N GLU B 50 -14.81 -93.77 92.91
CA GLU B 50 -15.25 -95.14 93.15
C GLU B 50 -15.22 -95.50 94.63
N ARG B 51 -14.40 -94.83 95.44
CA ARG B 51 -14.29 -95.19 96.84
C ARG B 51 -15.31 -94.46 97.70
N VAL B 52 -15.74 -93.27 97.29
CA VAL B 52 -16.57 -92.43 98.13
C VAL B 52 -18.05 -92.64 97.86
N LEU B 53 -18.49 -92.34 96.63
CA LEU B 53 -19.92 -92.33 96.36
C LEU B 53 -20.48 -93.74 96.19
N VAL B 54 -19.96 -94.48 95.20
CA VAL B 54 -20.55 -95.78 94.87
C VAL B 54 -20.35 -96.79 95.99
N GLU B 55 -19.13 -96.90 96.51
CA GLU B 55 -18.82 -97.89 97.53
C GLU B 55 -19.11 -97.42 98.95
N ASN B 56 -19.44 -96.15 99.14
CA ASN B 56 -19.79 -95.60 100.45
C ASN B 56 -18.64 -95.77 101.44
N LYS B 57 -17.53 -95.09 101.15
CA LYS B 57 -16.37 -95.05 102.04
C LYS B 57 -15.79 -93.64 102.00
N LEU B 58 -15.95 -92.90 103.10
CA LEU B 58 -15.53 -91.51 103.19
C LEU B 58 -14.15 -91.35 103.83
N HIS B 59 -13.25 -92.30 103.63
CA HIS B 59 -11.91 -92.21 104.20
C HIS B 59 -11.05 -91.25 103.40
N GLY B 60 -10.29 -90.42 104.11
CA GLY B 60 -9.51 -89.39 103.47
C GLY B 60 -10.29 -88.15 103.08
N LEU B 61 -11.49 -87.97 103.63
CA LEU B 61 -12.35 -86.83 103.32
C LEU B 61 -12.44 -85.90 104.52
N SER B 62 -12.59 -84.61 104.23
CA SER B 62 -12.63 -83.57 105.24
C SER B 62 -13.99 -83.54 105.93
N PRO B 63 -14.06 -82.99 107.15
CA PRO B 63 -15.32 -83.02 107.90
C PRO B 63 -16.48 -82.32 107.22
N ALA B 64 -16.23 -81.23 106.49
CA ALA B 64 -17.32 -80.51 105.85
C ALA B 64 -18.05 -81.39 104.84
N LEU B 65 -17.30 -82.02 103.93
CA LEU B 65 -17.91 -82.91 102.96
C LEU B 65 -18.49 -84.16 103.63
N SER B 66 -17.83 -84.66 104.68
CA SER B 66 -18.35 -85.83 105.38
C SER B 66 -19.72 -85.54 105.98
N GLU B 67 -19.90 -84.36 106.56
CA GLU B 67 -21.21 -83.99 107.09
C GLU B 67 -22.21 -83.73 105.97
N ALA B 68 -21.77 -83.08 104.88
CA ALA B 68 -22.69 -82.74 103.80
C ALA B 68 -23.22 -83.98 103.11
N ILE B 69 -22.38 -85.00 102.95
CA ILE B 69 -22.82 -86.23 102.26
C ILE B 69 -23.92 -86.92 103.05
N GLN B 70 -23.72 -87.07 104.36
CA GLN B 70 -24.75 -87.68 105.20
C GLN B 70 -25.93 -86.75 105.42
N SER B 71 -25.77 -85.45 105.16
CA SER B 71 -26.88 -84.51 105.33
C SER B 71 -28.01 -84.81 104.36
N ILE B 72 -27.68 -85.12 103.11
CA ILE B 72 -28.69 -85.33 102.08
C ILE B 72 -28.88 -86.83 101.87
N SER B 73 -30.04 -87.19 101.31
CA SER B 73 -30.27 -88.57 100.91
C SER B 73 -29.28 -88.97 99.81
N ARG B 74 -28.89 -90.24 99.82
CA ARG B 74 -27.80 -90.67 98.95
C ARG B 74 -28.17 -90.51 97.48
N TRP B 75 -29.41 -90.83 97.10
CA TRP B 75 -29.77 -90.78 95.70
C TRP B 75 -29.78 -89.35 95.17
N GLU B 76 -30.15 -88.38 96.01
CA GLU B 76 -30.03 -86.98 95.58
C GLU B 76 -28.58 -86.61 95.33
N LEU B 77 -27.67 -87.08 96.18
CA LEU B 77 -26.25 -86.82 95.96
C LEU B 77 -25.78 -87.48 94.68
N VAL B 78 -26.26 -88.69 94.39
CA VAL B 78 -25.89 -89.36 93.16
C VAL B 78 -26.39 -88.58 91.95
N GLN B 79 -27.63 -88.09 92.01
CA GLN B 79 -28.18 -87.29 90.91
C GLN B 79 -27.38 -86.01 90.73
N ALA B 80 -26.99 -85.37 91.82
CA ALA B 80 -26.21 -84.14 91.72
C ALA B 80 -24.82 -84.39 91.15
N ALA B 81 -24.18 -85.50 91.55
CA ALA B 81 -22.82 -85.77 91.12
C ALA B 81 -22.74 -86.47 89.77
N LEU B 82 -23.86 -86.94 89.23
CA LEU B 82 -23.84 -87.61 87.94
C LEU B 82 -23.27 -86.76 86.80
N PRO B 83 -23.60 -85.47 86.66
CA PRO B 83 -22.99 -84.70 85.55
C PRO B 83 -21.48 -84.69 85.58
N HIS B 84 -20.88 -84.60 86.77
CA HIS B 84 -19.42 -84.62 86.86
C HIS B 84 -18.86 -85.94 86.35
N VAL B 85 -19.47 -87.05 86.75
CA VAL B 85 -19.00 -88.36 86.31
C VAL B 85 -19.16 -88.50 84.81
N LEU B 86 -20.29 -88.06 84.27
CA LEU B 86 -20.50 -88.12 82.82
C LEU B 86 -19.45 -87.29 82.08
N HIS B 87 -19.16 -86.10 82.59
CA HIS B 87 -18.19 -85.23 81.94
C HIS B 87 -16.79 -85.84 81.97
N CYS B 88 -16.39 -86.38 83.13
CA CYS B 88 -15.08 -87.00 83.23
C CYS B 88 -14.98 -88.22 82.31
N THR B 89 -16.02 -89.05 82.27
CA THR B 89 -16.01 -90.22 81.41
C THR B 89 -15.90 -89.82 79.94
N ALA B 90 -16.69 -88.83 79.53
CA ALA B 90 -16.64 -88.39 78.13
C ALA B 90 -15.28 -87.81 77.78
N THR B 91 -14.72 -86.98 78.65
CA THR B 91 -13.40 -86.40 78.36
C THR B 91 -12.32 -87.46 78.30
N LEU B 92 -12.39 -88.45 79.20
CA LEU B 92 -11.35 -89.48 79.24
C LEU B 92 -11.45 -90.41 78.04
N LEU B 93 -12.67 -90.77 77.63
CA LEU B 93 -12.82 -91.66 76.48
C LEU B 93 -12.57 -90.94 75.17
N SER B 94 -12.84 -89.63 75.12
CA SER B 94 -12.62 -88.88 73.89
C SER B 94 -11.15 -88.62 73.62
N ASN B 95 -10.29 -88.75 74.63
CA ASN B 95 -8.86 -88.49 74.51
C ASN B 95 -8.04 -89.77 74.59
N ARG B 96 -8.56 -90.85 74.00
CA ARG B 96 -7.82 -92.11 74.01
C ARG B 96 -6.50 -91.99 73.25
N ASN B 97 -6.51 -91.25 72.14
CA ASN B 97 -5.26 -90.99 71.42
C ASN B 97 -4.31 -90.14 72.25
N LYS B 98 -4.85 -89.17 73.01
CA LYS B 98 -3.99 -88.30 73.81
C LYS B 98 -3.26 -89.07 74.90
N LEU B 99 -3.95 -89.97 75.59
CA LEU B 99 -3.29 -90.80 76.59
C LEU B 99 -2.43 -91.89 75.97
N GLY B 100 -2.74 -92.30 74.75
CA GLY B 100 -1.87 -93.17 73.99
C GLY B 100 -2.08 -94.66 74.18
N HIS B 101 -2.89 -95.07 75.15
CA HIS B 101 -3.15 -96.49 75.38
C HIS B 101 -4.49 -96.87 74.74
N GLN B 102 -4.49 -96.92 73.41
CA GLN B 102 -5.70 -97.23 72.66
C GLN B 102 -5.94 -98.73 72.49
N ASP B 103 -4.95 -99.57 72.80
CA ASP B 103 -5.13 -101.01 72.64
C ASP B 103 -6.20 -101.55 73.58
N LYS B 104 -6.22 -101.07 74.82
CA LYS B 104 -7.21 -101.52 75.80
C LYS B 104 -7.67 -100.30 76.58
N LEU B 105 -8.48 -100.54 77.62
CA LEU B 105 -9.01 -99.47 78.46
C LEU B 105 -8.11 -99.25 79.66
N GLY B 106 -7.88 -97.97 79.98
CA GLY B 106 -7.06 -97.65 81.14
C GLY B 106 -7.73 -98.05 82.44
N VAL B 107 -6.89 -98.32 83.44
CA VAL B 107 -7.40 -98.74 84.74
C VAL B 107 -8.26 -97.65 85.37
N ALA B 108 -7.79 -96.41 85.31
CA ALA B 108 -8.60 -95.28 85.76
C ALA B 108 -9.85 -95.14 84.89
N GLU B 109 -9.70 -95.36 83.58
CA GLU B 109 -10.86 -95.33 82.68
C GLU B 109 -11.85 -96.42 83.03
N THR B 110 -11.35 -97.63 83.32
CA THR B 110 -12.25 -98.71 83.70
C THR B 110 -12.98 -98.41 85.01
N LYS B 111 -12.25 -97.87 85.99
CA LYS B 111 -12.89 -97.53 87.26
C LYS B 111 -13.95 -96.45 87.07
N LEU B 112 -13.64 -95.44 86.25
CA LEU B 112 -14.61 -94.38 86.00
C LEU B 112 -15.85 -94.92 85.28
N LEU B 113 -15.64 -95.80 84.31
CA LEU B 113 -16.77 -96.40 83.61
C LEU B 113 -17.63 -97.23 84.55
N HIS B 114 -17.00 -98.01 85.43
CA HIS B 114 -17.77 -98.82 86.38
C HIS B 114 -18.54 -97.93 87.35
N THR B 115 -17.92 -96.85 87.81
CA THR B 115 -18.63 -95.93 88.70
C THR B 115 -19.81 -95.29 87.99
N LEU B 116 -19.65 -94.89 86.73
CA LEU B 116 -20.74 -94.31 85.97
C LEU B 116 -21.88 -95.30 85.79
N HIS B 117 -21.53 -96.56 85.47
CA HIS B 117 -22.56 -97.59 85.30
C HIS B 117 -23.28 -97.87 86.61
N TRP B 118 -22.55 -97.88 87.73
CA TRP B 118 -23.18 -98.06 89.04
C TRP B 118 -24.15 -96.93 89.33
N MET B 119 -23.74 -95.69 89.06
CA MET B 119 -24.61 -94.55 89.35
C MET B 119 -25.83 -94.52 88.44
N LEU B 120 -25.68 -94.95 87.18
CA LEU B 120 -26.83 -94.95 86.27
C LEU B 120 -27.81 -96.06 86.62
N LEU B 121 -27.32 -97.27 86.90
CA LEU B 121 -28.21 -98.40 87.13
C LEU B 121 -28.50 -98.60 88.61
N GLU B 122 -27.47 -98.80 89.42
CA GLU B 122 -27.65 -99.06 90.84
C GLU B 122 -27.75 -97.76 91.61
N ASN B 180 -35.05 -82.20 87.58
CA ASN B 180 -33.91 -81.70 86.81
C ASN B 180 -33.14 -82.84 86.18
N SER B 181 -33.71 -84.06 86.27
CA SER B 181 -33.05 -85.22 85.68
C SER B 181 -32.97 -85.11 84.17
N MET B 182 -33.89 -84.37 83.55
CA MET B 182 -33.87 -84.23 82.09
C MET B 182 -32.62 -83.50 81.63
N ALA B 183 -32.16 -82.52 82.39
CA ALA B 183 -30.92 -81.83 82.03
C ALA B 183 -29.74 -82.78 82.05
N THR B 184 -29.66 -83.63 83.07
CA THR B 184 -28.59 -84.62 83.12
C THR B 184 -28.68 -85.62 81.98
N VAL B 185 -29.91 -86.02 81.62
CA VAL B 185 -30.09 -86.92 80.49
C VAL B 185 -29.62 -86.28 79.20
N GLU B 186 -29.96 -85.00 79.00
CA GLU B 186 -29.48 -84.27 77.82
C GLU B 186 -27.97 -84.18 77.80
N LEU B 187 -27.36 -83.92 78.96
CA LEU B 187 -25.90 -83.86 79.03
C LEU B 187 -25.28 -85.20 78.67
N PHE B 188 -25.84 -86.29 79.19
CA PHE B 188 -25.32 -87.62 78.86
C PHE B 188 -25.47 -87.92 77.38
N VAL B 189 -26.62 -87.58 76.79
CA VAL B 189 -26.85 -87.83 75.37
C VAL B 189 -25.84 -87.05 74.54
N PHE B 190 -25.64 -85.78 74.87
CA PHE B 190 -24.70 -84.96 74.11
C PHE B 190 -23.28 -85.48 74.25
N LEU B 191 -22.91 -85.94 75.44
CA LEU B 191 -21.54 -86.40 75.66
C LEU B 191 -21.26 -87.75 75.02
N PHE B 192 -22.23 -88.67 75.04
CA PHE B 192 -21.98 -90.03 74.60
C PHE B 192 -22.57 -90.36 73.23
N ALA B 193 -23.27 -89.43 72.60
CA ALA B 193 -23.69 -89.65 71.21
C ALA B 193 -22.49 -89.79 70.27
N PRO B 194 -21.46 -88.93 70.33
CA PRO B 194 -20.27 -89.17 69.49
C PRO B 194 -19.32 -90.19 70.09
N LEU B 195 -19.43 -90.49 71.38
CA LEU B 195 -18.50 -91.37 72.08
C LEU B 195 -19.13 -92.70 72.43
N VAL B 196 -19.96 -93.22 71.54
CA VAL B 196 -20.60 -94.52 71.74
C VAL B 196 -19.87 -95.61 70.97
N HIS B 197 -19.39 -95.31 69.77
CA HIS B 197 -18.66 -96.32 69.00
C HIS B 197 -17.31 -96.64 69.62
N ARG B 198 -16.73 -95.70 70.36
CA ARG B 198 -15.47 -95.98 71.05
C ARG B 198 -15.64 -97.08 72.08
N ILE B 199 -16.83 -97.22 72.65
CA ILE B 199 -17.14 -98.30 73.58
C ILE B 199 -17.65 -99.49 72.76
N LYS B 200 -16.96 -100.61 72.85
CA LYS B 200 -17.32 -101.81 72.12
C LYS B 200 -17.94 -102.84 73.05
N GLU B 201 -18.75 -103.73 72.45
CA GLU B 201 -19.40 -104.78 73.22
C GLU B 201 -18.40 -105.73 73.86
N SER B 202 -17.23 -105.90 73.25
CA SER B 202 -16.18 -106.72 73.83
C SER B 202 -15.28 -105.97 74.79
N ASP B 203 -15.36 -104.63 74.81
CA ASP B 203 -14.54 -103.85 75.74
C ASP B 203 -15.03 -103.97 77.18
N LEU B 204 -16.30 -104.35 77.38
CA LEU B 204 -16.85 -104.45 78.73
C LEU B 204 -16.41 -105.76 79.36
N THR B 205 -15.63 -105.65 80.43
CA THR B 205 -15.14 -106.82 81.16
C THR B 205 -16.24 -107.35 82.07
N PHE B 206 -15.87 -108.23 83.01
CA PHE B 206 -16.86 -108.76 83.95
C PHE B 206 -17.49 -107.64 84.76
N ARG B 207 -16.69 -106.66 85.18
CA ARG B 207 -17.22 -105.54 85.96
C ARG B 207 -18.24 -104.74 85.17
N LEU B 208 -17.99 -104.51 83.88
CA LEU B 208 -18.87 -103.71 83.05
C LEU B 208 -19.93 -104.54 82.34
N ALA B 209 -20.31 -105.69 82.92
CA ALA B 209 -21.28 -106.56 82.28
C ALA B 209 -22.65 -105.88 82.18
N SER B 210 -23.06 -105.17 83.23
CA SER B 210 -24.36 -104.51 83.22
C SER B 210 -24.40 -103.38 82.20
N GLY B 211 -23.26 -102.74 81.94
CA GLY B 211 -23.22 -101.60 81.03
C GLY B 211 -23.75 -101.90 79.65
N LEU B 212 -23.79 -103.18 79.26
CA LEU B 212 -24.40 -103.56 78.00
C LEU B 212 -25.80 -102.97 77.87
N VAL B 213 -26.61 -103.11 78.91
CA VAL B 213 -28.00 -102.64 78.87
C VAL B 213 -28.09 -101.14 78.64
N ILE B 214 -26.99 -100.41 78.82
CA ILE B 214 -26.92 -99.00 78.50
C ILE B 214 -26.32 -98.77 77.12
N TRP B 215 -25.31 -99.54 76.75
CA TRP B 215 -24.59 -99.30 75.50
C TRP B 215 -25.22 -100.01 74.31
N GLN B 216 -25.76 -101.21 74.52
CA GLN B 216 -26.39 -101.93 73.41
C GLN B 216 -27.54 -101.15 72.79
N PRO B 217 -28.47 -100.54 73.53
CA PRO B 217 -29.47 -99.68 72.89
C PRO B 217 -28.87 -98.45 72.21
N MET B 218 -27.64 -98.07 72.55
CA MET B 218 -27.00 -96.89 71.97
C MET B 218 -26.26 -97.18 70.66
N TRP B 219 -26.24 -98.43 70.20
CA TRP B 219 -25.69 -98.76 68.89
C TRP B 219 -26.76 -98.88 67.82
N GLU B 220 -27.83 -98.11 67.93
CA GLU B 220 -28.95 -98.18 67.00
C GLU B 220 -29.28 -96.80 66.43
N TYR B 330 -39.30 -90.92 77.60
CA TYR B 330 -38.60 -90.86 76.32
C TYR B 330 -37.27 -90.11 76.43
N PHE B 331 -36.16 -90.84 76.31
CA PHE B 331 -34.85 -90.20 76.21
C PHE B 331 -34.60 -89.63 74.82
N ASP B 332 -35.34 -90.11 73.82
CA ASP B 332 -35.23 -89.53 72.48
C ASP B 332 -35.67 -88.08 72.46
N VAL B 333 -36.50 -87.64 73.42
CA VAL B 333 -36.80 -86.22 73.53
C VAL B 333 -35.53 -85.45 73.88
N ALA B 334 -34.73 -85.96 74.82
CA ALA B 334 -33.46 -85.34 75.13
C ALA B 334 -32.52 -85.38 73.93
N VAL B 335 -32.53 -86.49 73.19
CA VAL B 335 -31.70 -86.58 71.98
C VAL B 335 -32.09 -85.50 70.98
N LEU B 336 -33.40 -85.33 70.77
CA LEU B 336 -33.88 -84.32 69.83
C LEU B 336 -33.51 -82.92 70.29
N ARG B 337 -33.62 -82.65 71.59
CA ARG B 337 -33.21 -81.35 72.11
C ARG B 337 -31.73 -81.11 71.89
N CYS B 338 -30.91 -82.15 72.09
CA CYS B 338 -29.49 -82.03 71.79
C CYS B 338 -29.24 -81.85 70.30
N LEU B 339 -30.16 -82.30 69.44
CA LEU B 339 -29.99 -82.10 68.01
C LEU B 339 -30.01 -80.61 67.66
N LEU B 340 -30.87 -79.84 68.32
CA LEU B 340 -30.95 -78.41 68.06
C LEU B 340 -29.75 -77.69 68.66
N GLN B 341 -28.55 -77.97 68.16
CA GLN B 341 -27.32 -77.36 68.63
C GLN B 341 -26.51 -76.91 67.42
N PRO B 342 -26.23 -75.62 67.26
CA PRO B 342 -25.47 -75.18 66.09
C PRO B 342 -24.05 -75.74 66.04
N HIS B 343 -23.48 -76.14 67.17
CA HIS B 343 -22.10 -76.63 67.24
C HIS B 343 -22.10 -78.02 67.88
N TRP B 344 -22.26 -79.05 67.05
CA TRP B 344 -22.19 -80.43 67.51
C TRP B 344 -21.32 -81.22 66.55
N SER B 345 -20.60 -82.19 67.10
CA SER B 345 -19.67 -82.97 66.30
C SER B 345 -20.42 -83.82 65.27
N GLU B 346 -19.73 -84.14 64.18
CA GLU B 346 -20.35 -84.88 63.10
C GLU B 346 -20.74 -86.29 63.53
N GLU B 347 -19.91 -86.92 64.36
CA GLU B 347 -20.20 -88.30 64.78
C GLU B 347 -21.48 -88.37 65.63
N GLY B 348 -21.63 -87.44 66.58
CA GLY B 348 -22.84 -87.45 67.39
C GLY B 348 -24.09 -87.14 66.58
N THR B 349 -23.99 -86.18 65.66
CA THR B 349 -25.12 -85.87 64.80
C THR B 349 -25.50 -87.07 63.93
N GLN B 350 -24.49 -87.75 63.37
CA GLN B 350 -24.76 -88.93 62.55
C GLN B 350 -25.40 -90.03 63.37
N TRP B 351 -24.92 -90.23 64.60
CA TRP B 351 -25.53 -91.24 65.47
C TRP B 351 -26.98 -90.90 65.78
N SER B 352 -27.25 -89.62 66.06
CA SER B 352 -28.62 -89.23 66.37
C SER B 352 -29.53 -89.42 65.16
N LEU B 353 -29.06 -89.03 63.97
CA LEU B 353 -29.85 -89.23 62.76
C LEU B 353 -30.09 -90.71 62.50
N MET B 354 -29.07 -91.54 62.70
CA MET B 354 -29.23 -92.98 62.53
C MET B 354 -30.26 -93.54 63.49
N TYR B 355 -30.20 -93.13 64.76
CA TYR B 355 -31.15 -93.63 65.75
C TYR B 355 -32.58 -93.19 65.43
N TYR B 356 -32.75 -91.94 65.00
CA TYR B 356 -34.08 -91.45 64.70
C TYR B 356 -34.63 -92.11 63.43
N LEU B 357 -33.78 -92.36 62.44
CA LEU B 357 -34.22 -93.09 61.26
C LEU B 357 -34.63 -94.51 61.63
N GLN B 358 -33.85 -95.17 62.49
CA GLN B 358 -34.22 -96.50 62.94
C GLN B 358 -35.55 -96.49 63.68
N ARG B 359 -35.75 -95.50 64.55
CA ARG B 359 -36.98 -95.41 65.31
C ARG B 359 -38.19 -95.18 64.41
N LEU B 360 -38.06 -94.26 63.44
CA LEU B 360 -39.17 -93.97 62.55
C LEU B 360 -39.37 -95.05 61.49
N ARG B 361 -38.40 -95.94 61.30
CA ARG B 361 -38.60 -97.08 60.42
C ARG B 361 -39.69 -98.00 60.95
N HIS B 362 -39.69 -98.24 62.27
CA HIS B 362 -40.67 -99.12 62.88
C HIS B 362 -42.02 -98.46 63.12
N MET B 363 -42.08 -97.12 63.06
CA MET B 363 -43.36 -96.44 63.25
C MET B 363 -44.34 -96.79 62.14
N LEU B 364 -43.85 -96.92 60.91
CA LEU B 364 -44.70 -97.27 59.79
C LEU B 364 -45.23 -98.70 59.93
CA LEU B 654 -43.48 -85.05 65.47
C LEU B 654 -42.75 -84.09 64.53
N SER B 655 -43.35 -82.93 64.29
CA SER B 655 -42.73 -81.94 63.43
C SER B 655 -41.41 -81.43 64.00
N VAL B 656 -41.21 -81.55 65.30
CA VAL B 656 -39.93 -81.15 65.90
C VAL B 656 -38.81 -82.02 65.36
N VAL B 657 -39.10 -83.27 64.99
CA VAL B 657 -38.09 -84.11 64.35
C VAL B 657 -37.66 -83.50 63.03
N LEU B 658 -38.63 -83.05 62.23
CA LEU B 658 -38.31 -82.37 60.97
C LEU B 658 -37.50 -81.10 61.23
N LYS B 659 -37.88 -80.34 62.27
CA LYS B 659 -37.15 -79.12 62.58
C LYS B 659 -35.70 -79.43 62.94
N ALA B 660 -35.49 -80.45 63.76
CA ALA B 660 -34.12 -80.82 64.15
C ALA B 660 -33.31 -81.28 62.95
N VAL B 661 -33.91 -82.10 62.07
CA VAL B 661 -33.18 -82.57 60.91
C VAL B 661 -32.83 -81.41 59.98
N TYR B 662 -33.76 -80.47 59.80
CA TYR B 662 -33.49 -79.30 58.97
C TYR B 662 -32.37 -78.46 59.57
N LEU B 663 -32.39 -78.24 60.89
CA LEU B 663 -31.31 -77.49 61.52
C LEU B 663 -29.98 -78.22 61.38
N VAL B 664 -30.00 -79.55 61.39
CA VAL B 664 -28.79 -80.32 61.11
C VAL B 664 -28.30 -80.05 59.70
N LEU B 665 -29.21 -80.05 58.72
CA LEU B 665 -28.82 -79.87 57.33
C LEU B 665 -28.39 -78.45 57.00
N ASN B 666 -28.59 -77.49 57.91
CA ASN B 666 -28.16 -76.12 57.66
C ASN B 666 -26.64 -76.00 57.63
N HIS B 667 -25.92 -76.96 58.19
CA HIS B 667 -24.47 -76.96 58.21
C HIS B 667 -23.94 -77.90 57.13
N ASP B 668 -22.63 -78.13 57.16
CA ASP B 668 -22.00 -79.03 56.19
C ASP B 668 -22.58 -80.44 56.33
N ILE B 669 -22.82 -81.09 55.19
CA ILE B 669 -23.47 -82.39 55.15
C ILE B 669 -22.60 -83.35 54.36
N SER B 670 -22.36 -84.53 54.92
CA SER B 670 -21.65 -85.59 54.22
C SER B 670 -22.64 -86.46 53.47
N SER B 671 -22.11 -87.25 52.53
CA SER B 671 -22.97 -88.08 51.67
C SER B 671 -23.76 -89.08 52.49
N ARG B 672 -23.13 -89.68 53.52
CA ARG B 672 -23.82 -90.66 54.35
C ARG B 672 -24.99 -90.02 55.08
N ILE B 673 -24.76 -88.87 55.72
CA ILE B 673 -25.85 -88.22 56.44
C ILE B 673 -26.86 -87.64 55.46
N CYS B 674 -26.43 -87.31 54.24
CA CYS B 674 -27.38 -86.90 53.21
C CYS B 674 -28.33 -88.05 52.85
N ASP B 675 -27.79 -89.26 52.70
CA ASP B 675 -28.63 -90.42 52.44
C ASP B 675 -29.55 -90.71 53.62
N VAL B 676 -29.04 -90.55 54.84
CA VAL B 676 -29.87 -90.75 56.02
C VAL B 676 -31.02 -89.75 56.04
N ALA B 677 -30.72 -88.48 55.73
CA ALA B 677 -31.77 -87.46 55.68
C ALA B 677 -32.78 -87.75 54.60
N LEU B 678 -32.33 -88.19 53.42
CA LEU B 678 -33.26 -88.52 52.35
C LEU B 678 -34.16 -89.67 52.77
N ASN B 679 -33.60 -90.69 53.41
CA ASN B 679 -34.40 -91.81 53.88
C ASN B 679 -35.43 -91.36 54.92
N ILE B 680 -35.00 -90.53 55.87
CA ILE B 680 -35.92 -90.12 56.93
C ILE B 680 -37.03 -89.23 56.37
N VAL B 681 -36.72 -88.40 55.38
CA VAL B 681 -37.74 -87.52 54.84
C VAL B 681 -38.70 -88.29 53.93
N GLU B 682 -38.20 -89.30 53.21
CA GLU B 682 -39.11 -90.10 52.40
C GLU B 682 -39.97 -91.01 53.27
N CYS B 683 -39.46 -91.39 54.46
CA CYS B 683 -40.27 -92.16 55.37
C CYS B 683 -41.32 -91.29 56.06
N LEU B 684 -40.94 -90.06 56.43
CA LEU B 684 -41.86 -89.20 57.16
C LEU B 684 -43.05 -88.76 56.32
N LEU B 685 -42.93 -88.80 54.99
CA LEU B 685 -44.07 -88.44 54.15
C LEU B 685 -45.24 -89.39 54.35
N GLN B 686 -44.97 -90.64 54.71
CA GLN B 686 -46.05 -91.55 55.09
C GLN B 686 -46.78 -91.03 56.32
N LEU B 687 -46.03 -90.50 57.29
CA LEU B 687 -46.65 -89.85 58.43
C LEU B 687 -47.28 -88.53 58.00
N GLY B 688 -48.23 -88.07 58.81
CA GLY B 688 -48.94 -86.83 58.51
C GLY B 688 -48.03 -85.61 58.44
N VAL B 689 -47.84 -85.08 57.24
CA VAL B 689 -47.05 -83.88 57.02
C VAL B 689 -47.81 -83.01 56.03
N VAL B 690 -48.56 -82.04 56.54
CA VAL B 690 -49.36 -81.10 55.75
C VAL B 690 -50.20 -81.84 54.72
N PRO B 691 -51.27 -82.54 55.12
CA PRO B 691 -52.15 -83.14 54.11
C PRO B 691 -53.01 -82.08 53.44
N CYS B 692 -52.71 -81.76 52.18
CA CYS B 692 -53.42 -80.72 51.44
C CYS B 692 -53.86 -81.25 50.08
N VAL B 693 -54.45 -82.45 50.08
CA VAL B 693 -54.99 -83.03 48.86
C VAL B 693 -56.16 -82.24 48.29
N GLU B 694 -56.70 -81.30 49.07
CA GLU B 694 -57.80 -80.44 48.63
C GLU B 694 -57.43 -79.66 47.37
N PRO B 785 -40.59 -71.00 57.85
CA PRO B 785 -40.56 -72.46 57.96
C PRO B 785 -41.66 -72.99 58.89
N VAL B 786 -42.69 -72.18 59.12
CA VAL B 786 -43.78 -72.60 60.00
C VAL B 786 -44.50 -73.81 59.42
N SER B 787 -44.80 -73.77 58.12
CA SER B 787 -45.44 -74.91 57.48
C SER B 787 -44.44 -76.04 57.28
N ASN B 788 -44.85 -77.27 57.62
CA ASN B 788 -43.95 -78.40 57.48
C ASN B 788 -43.61 -78.66 56.02
N HIS B 789 -44.51 -78.31 55.09
CA HIS B 789 -44.25 -78.53 53.68
C HIS B 789 -43.05 -77.71 53.21
N ARG B 790 -42.96 -76.45 53.64
CA ARG B 790 -41.83 -75.61 53.25
C ARG B 790 -40.52 -76.18 53.79
N LEU B 791 -40.53 -76.64 55.05
CA LEU B 791 -39.33 -77.23 55.62
C LEU B 791 -38.91 -78.48 54.86
N ALA B 792 -39.86 -79.34 54.53
CA ALA B 792 -39.55 -80.55 53.77
C ALA B 792 -39.02 -80.21 52.39
N LEU B 793 -39.61 -79.21 51.74
CA LEU B 793 -39.15 -78.84 50.40
C LEU B 793 -37.74 -78.28 50.44
N THR B 794 -37.44 -77.41 51.40
CA THR B 794 -36.09 -76.89 51.53
C THR B 794 -35.09 -78.00 51.82
N MET B 795 -35.48 -78.95 52.68
CA MET B 795 -34.61 -80.08 52.97
C MET B 795 -34.34 -80.91 51.72
N LEU B 796 -35.38 -81.17 50.92
CA LEU B 796 -35.19 -81.93 49.69
C LEU B 796 -34.30 -81.18 48.72
N ILE B 797 -34.46 -79.86 48.62
CA ILE B 797 -33.61 -79.07 47.74
C ILE B 797 -32.16 -79.16 48.17
N LYS B 798 -31.90 -79.05 49.49
CA LYS B 798 -30.54 -79.17 49.99
C LYS B 798 -29.98 -80.56 49.70
N ILE B 799 -30.79 -81.60 49.87
CA ILE B 799 -30.32 -82.96 49.59
C ILE B 799 -29.96 -83.12 48.12
N VAL B 800 -30.80 -82.60 47.22
CA VAL B 800 -30.53 -82.72 45.80
C VAL B 800 -29.26 -81.95 45.43
N LYS B 801 -29.10 -80.74 45.97
CA LYS B 801 -27.90 -79.96 45.71
C LYS B 801 -26.65 -80.69 46.22
N SER B 802 -26.79 -81.40 47.33
CA SER B 802 -25.66 -82.15 47.87
C SER B 802 -25.23 -83.26 46.92
N LEU B 803 -26.18 -83.93 46.29
CA LEU B 803 -25.87 -84.99 45.34
C LEU B 803 -25.15 -84.44 44.11
N GLN B 824 -26.60 -92.17 43.44
CA GLN B 824 -27.02 -92.89 42.25
C GLN B 824 -28.54 -93.04 42.24
N VAL B 825 -29.03 -94.14 42.82
CA VAL B 825 -30.48 -94.32 42.94
C VAL B 825 -31.08 -93.29 43.88
N PHE B 826 -30.26 -92.67 44.72
CA PHE B 826 -30.76 -91.62 45.60
C PHE B 826 -31.32 -90.44 44.81
N ARG B 827 -30.79 -90.20 43.61
CA ARG B 827 -31.39 -89.18 42.75
C ARG B 827 -32.83 -89.52 42.41
N GLU B 828 -33.09 -90.78 42.04
CA GLU B 828 -34.45 -91.20 41.73
C GLU B 828 -35.34 -91.12 42.95
N ASN B 829 -34.82 -91.53 44.12
CA ASN B 829 -35.61 -91.46 45.34
C ASN B 829 -35.98 -90.02 45.68
N ALA B 830 -35.02 -89.10 45.54
CA ALA B 830 -35.29 -87.70 45.81
C ALA B 830 -36.29 -87.13 44.81
N GLN B 831 -36.19 -87.54 43.54
CA GLN B 831 -37.15 -87.07 42.55
C GLN B 831 -38.56 -87.56 42.87
N ASN B 832 -38.69 -88.82 43.26
CA ASN B 832 -40.01 -89.34 43.64
C ASN B 832 -40.56 -88.61 44.85
N CYS B 833 -39.71 -88.36 45.84
CA CYS B 833 -40.14 -87.62 47.03
C CYS B 833 -40.58 -86.21 46.65
N LEU B 834 -39.85 -85.57 45.74
CA LEU B 834 -40.20 -84.23 45.30
C LEU B 834 -41.53 -84.22 44.55
N THR B 835 -41.76 -85.23 43.70
CA THR B 835 -43.04 -85.32 43.00
C THR B 835 -44.18 -85.49 44.00
N LYS B 836 -44.00 -86.35 45.00
CA LYS B 836 -45.05 -86.53 46.00
C LYS B 836 -45.29 -85.24 46.76
N LEU B 837 -44.22 -84.54 47.15
CA LEU B 837 -44.37 -83.30 47.90
C LEU B 837 -45.10 -82.24 47.09
N TYR B 838 -44.80 -82.15 45.80
CA TYR B 838 -45.56 -81.25 44.94
C TYR B 838 -47.02 -81.66 44.86
N LYS B 839 -47.28 -82.95 44.73
CA LYS B 839 -48.66 -83.42 44.68
C LYS B 839 -49.42 -83.04 45.94
N LEU B 840 -48.73 -82.99 47.08
CA LEU B 840 -49.40 -82.62 48.32
C LEU B 840 -49.83 -81.15 48.33
N ASP B 841 -48.97 -80.25 47.87
CA ASP B 841 -49.17 -78.80 48.04
C ASP B 841 -48.91 -78.05 46.75
N LYS B 842 -49.55 -78.50 45.66
CA LYS B 842 -49.34 -77.97 44.31
C LYS B 842 -49.10 -76.46 44.28
N ILE B 843 -49.94 -75.68 44.96
CA ILE B 843 -49.78 -74.24 44.94
C ILE B 843 -48.54 -73.83 45.72
N GLN B 844 -48.33 -74.40 46.91
CA GLN B 844 -47.21 -74.01 47.75
C GLN B 844 -45.86 -74.37 47.13
N PHE B 845 -45.81 -75.38 46.28
CA PHE B 845 -44.55 -75.83 45.69
C PHE B 845 -43.90 -74.72 44.88
N ARG B 846 -44.66 -74.10 43.98
CA ARG B 846 -44.11 -73.06 43.12
C ARG B 846 -43.70 -71.84 43.94
N GLN B 847 -44.51 -71.46 44.94
CA GLN B 847 -44.17 -70.32 45.78
C GLN B 847 -42.87 -70.58 46.55
N THR B 848 -42.72 -71.79 47.08
CA THR B 848 -41.49 -72.13 47.78
C THR B 848 -40.29 -72.09 46.84
N MET B 849 -40.46 -72.57 45.61
CA MET B 849 -39.38 -72.50 44.63
C MET B 849 -38.97 -71.06 44.35
N ARG B 850 -39.96 -70.19 44.12
CA ARG B 850 -39.67 -68.79 43.86
C ARG B 850 -38.95 -68.15 45.05
N ASP B 851 -39.40 -68.45 46.26
CA ASP B 851 -38.73 -67.90 47.45
C ASP B 851 -37.29 -68.41 47.54
N TYR B 852 -37.08 -69.69 47.27
CA TYR B 852 -35.73 -70.25 47.36
C TYR B 852 -34.80 -69.67 46.30
N VAL B 853 -35.37 -69.22 45.18
CA VAL B 853 -34.53 -68.59 44.15
C VAL B 853 -33.77 -67.41 44.73
N ASN B 854 -34.45 -66.57 45.50
CA ASN B 854 -33.83 -65.38 46.06
C ASN B 854 -33.26 -65.58 47.45
N LYS B 855 -33.65 -66.64 48.16
CA LYS B 855 -33.13 -66.87 49.50
C LYS B 855 -31.64 -67.19 49.46
N ASP B 856 -31.27 -68.27 48.78
CA ASP B 856 -29.87 -68.63 48.68
C ASP B 856 -29.20 -67.87 47.53
N SER B 857 -27.90 -67.61 47.70
CA SER B 857 -27.15 -66.90 46.69
C SER B 857 -26.85 -67.83 45.51
N LEU B 858 -26.24 -67.25 44.47
CA LEU B 858 -25.84 -68.05 43.33
C LEU B 858 -24.78 -69.07 43.73
N ASN B 859 -24.43 -69.94 42.78
CA ASN B 859 -23.63 -71.14 42.99
C ASN B 859 -24.33 -72.15 43.88
N ASN B 860 -25.54 -71.86 44.34
CA ASN B 860 -26.35 -72.80 45.10
C ASN B 860 -27.63 -73.16 44.36
N VAL B 861 -28.38 -72.17 43.90
CA VAL B 861 -29.53 -72.46 43.05
C VAL B 861 -29.07 -73.02 41.71
N VAL B 862 -27.94 -72.51 41.21
CA VAL B 862 -27.42 -73.02 39.94
C VAL B 862 -26.89 -74.43 40.11
N ASP B 863 -26.21 -74.71 41.22
CA ASP B 863 -25.76 -76.07 41.47
C ASP B 863 -26.93 -77.01 41.70
N PHE B 864 -27.98 -76.52 42.37
CA PHE B 864 -29.18 -77.32 42.52
C PHE B 864 -29.80 -77.64 41.16
N LEU B 865 -29.83 -76.66 40.26
CA LEU B 865 -30.38 -76.92 38.93
C LEU B 865 -29.48 -77.85 38.13
N HIS B 866 -28.17 -77.79 38.33
CA HIS B 866 -27.30 -78.77 37.71
C HIS B 866 -27.61 -80.17 38.20
N ALA B 867 -27.82 -80.32 39.50
CA ALA B 867 -28.16 -81.63 40.05
C ALA B 867 -29.49 -82.13 39.51
N LEU B 868 -30.47 -81.23 39.42
CA LEU B 868 -31.80 -81.64 38.98
C LEU B 868 -31.82 -81.95 37.49
N LEU B 869 -31.55 -80.93 36.66
CA LEU B 869 -31.68 -81.07 35.22
C LEU B 869 -30.60 -81.98 34.63
N GLY B 870 -29.40 -81.95 35.19
CA GLY B 870 -28.31 -82.70 34.60
C GLY B 870 -27.94 -82.17 33.24
N PHE B 871 -27.79 -80.85 33.12
CA PHE B 871 -27.51 -80.23 31.85
C PHE B 871 -26.02 -80.20 31.51
N CYS B 872 -25.16 -80.80 32.33
CA CYS B 872 -23.75 -80.91 31.96
C CYS B 872 -23.60 -81.68 30.64
N MET B 873 -24.24 -82.83 30.55
CA MET B 873 -24.33 -83.57 29.29
C MET B 873 -25.68 -83.29 28.62
N GLU B 874 -25.89 -82.04 28.26
CA GLU B 874 -27.16 -81.63 27.69
C GLU B 874 -27.30 -82.17 26.26
N PRO B 875 -28.54 -82.41 25.80
CA PRO B 875 -28.80 -82.85 24.43
C PRO B 875 -28.39 -81.81 23.40
N ASN B 898 -41.37 -85.02 35.17
CA ASN B 898 -42.66 -84.36 35.18
C ASN B 898 -42.61 -83.06 35.97
N VAL B 899 -42.02 -83.13 37.17
CA VAL B 899 -41.89 -81.93 38.00
C VAL B 899 -40.69 -81.09 37.62
N GLU B 900 -39.80 -81.59 36.77
CA GLU B 900 -38.67 -80.78 36.32
C GLU B 900 -39.17 -79.53 35.61
N GLY B 901 -40.16 -79.69 34.72
CA GLY B 901 -40.72 -78.54 34.06
C GLY B 901 -41.40 -77.58 35.01
N ILE B 902 -42.07 -78.12 36.04
CA ILE B 902 -42.75 -77.26 37.02
C ILE B 902 -41.73 -76.43 37.79
N ILE B 903 -40.65 -77.07 38.25
CA ILE B 903 -39.63 -76.36 39.00
C ILE B 903 -38.95 -75.32 38.11
N VAL B 904 -38.68 -75.68 36.85
CA VAL B 904 -38.06 -74.72 35.93
C VAL B 904 -38.97 -73.53 35.71
N GLY B 905 -40.26 -73.78 35.48
CA GLY B 905 -41.19 -72.67 35.28
C GLY B 905 -41.31 -71.79 36.50
N ALA B 906 -41.26 -72.38 37.70
CA ALA B 906 -41.34 -71.58 38.91
C ALA B 906 -40.08 -70.77 39.14
N MET B 907 -38.92 -71.32 38.77
CA MET B 907 -37.65 -70.69 39.16
C MET B 907 -37.11 -69.73 38.11
N PHE B 908 -37.22 -70.07 36.82
CA PHE B 908 -36.37 -69.46 35.80
C PHE B 908 -36.55 -67.95 35.72
N LYS B 909 -37.78 -67.46 35.82
CA LYS B 909 -38.01 -66.03 35.70
C LYS B 909 -37.30 -65.26 36.80
N SER B 910 -37.47 -65.69 38.05
CA SER B 910 -36.80 -65.02 39.16
C SER B 910 -35.30 -65.23 39.11
N LEU B 911 -34.85 -66.39 38.63
CA LEU B 911 -33.42 -66.63 38.50
C LEU B 911 -32.79 -65.68 37.50
N ILE B 912 -33.44 -65.47 36.37
CA ILE B 912 -32.95 -64.52 35.37
C ILE B 912 -32.98 -63.11 35.94
N THR B 913 -34.04 -62.77 36.68
CA THR B 913 -34.11 -61.45 37.29
C THR B 913 -32.94 -61.22 38.23
N ARG B 914 -32.64 -62.20 39.09
CA ARG B 914 -31.57 -62.04 40.05
C ARG B 914 -30.20 -62.05 39.38
N CYS B 915 -30.04 -62.83 38.30
CA CYS B 915 -28.78 -62.82 37.56
C CYS B 915 -28.55 -61.48 36.88
N ALA B 916 -29.59 -60.92 36.25
CA ALA B 916 -29.44 -59.63 35.59
C ALA B 916 -29.25 -58.51 36.60
N SER B 917 -29.81 -58.64 37.81
CA SER B 917 -29.62 -57.62 38.82
C SER B 917 -28.16 -57.49 39.22
N THR B 918 -27.39 -58.57 39.11
CA THR B 918 -25.99 -58.59 39.47
C THR B 918 -25.12 -59.02 38.29
N THR B 919 -25.45 -58.52 37.09
CA THR B 919 -24.71 -58.89 35.90
C THR B 919 -23.27 -58.37 35.95
N HIS B 920 -23.09 -57.14 36.45
CA HIS B 920 -21.74 -56.57 36.50
C HIS B 920 -20.83 -57.33 37.44
N GLU B 921 -21.38 -57.89 38.51
CA GLU B 921 -20.59 -58.64 39.49
C GLU B 921 -20.60 -60.14 39.18
N LEU B 922 -21.03 -60.54 37.98
CA LEU B 922 -21.15 -61.94 37.61
C LEU B 922 -20.10 -62.36 36.59
N HIS B 923 -20.02 -61.68 35.46
CA HIS B 923 -19.06 -62.05 34.43
C HIS B 923 -17.74 -61.30 34.57
N SER B 924 -17.77 -60.07 35.08
CA SER B 924 -16.53 -59.32 35.25
C SER B 924 -15.55 -59.98 36.21
N PRO B 925 -15.95 -60.43 37.41
CA PRO B 925 -14.96 -61.07 38.30
C PRO B 925 -14.58 -62.47 37.83
N GLU B 926 -13.79 -63.17 38.64
CA GLU B 926 -13.35 -64.52 38.27
C GLU B 926 -14.43 -65.55 38.58
N ASN B 927 -15.65 -65.30 38.10
CA ASN B 927 -16.75 -66.25 38.20
C ASN B 927 -17.01 -66.94 36.88
N LEU B 928 -15.94 -67.25 36.15
CA LEU B 928 -16.10 -67.84 34.82
C LEU B 928 -16.78 -69.19 34.89
N GLY B 929 -16.50 -69.97 35.93
CA GLY B 929 -17.19 -71.24 36.10
C GLY B 929 -18.68 -71.06 36.34
N LEU B 930 -19.03 -70.14 37.24
CA LEU B 930 -20.44 -69.88 37.52
C LEU B 930 -21.15 -69.34 36.30
N TYR B 931 -20.51 -68.40 35.58
CA TYR B 931 -21.14 -67.84 34.40
C TYR B 931 -21.30 -68.87 33.30
N CYS B 932 -20.30 -69.74 33.14
CA CYS B 932 -20.41 -70.82 32.15
C CYS B 932 -21.54 -71.77 32.52
N ASP B 933 -21.68 -72.10 33.81
CA ASP B 933 -22.78 -72.96 34.23
C ASP B 933 -24.12 -72.29 33.99
N ILE B 934 -24.20 -70.98 34.23
CA ILE B 934 -25.44 -70.26 33.98
C ILE B 934 -25.79 -70.27 32.50
N ARG B 935 -24.79 -70.06 31.64
CA ARG B 935 -25.04 -70.09 30.20
C ARG B 935 -25.48 -71.47 29.75
N GLN B 936 -24.84 -72.52 30.28
CA GLN B 936 -25.25 -73.87 29.94
C GLN B 936 -26.68 -74.14 30.39
N LEU B 937 -27.04 -73.66 31.58
CA LEU B 937 -28.40 -73.81 32.07
C LEU B 937 -29.40 -73.10 31.17
N VAL B 938 -29.08 -71.87 30.74
CA VAL B 938 -29.99 -71.11 29.90
C VAL B 938 -30.17 -71.79 28.55
N GLN B 939 -29.07 -72.26 27.97
CA GLN B 939 -29.18 -72.96 26.69
C GLN B 939 -29.97 -74.26 26.85
N PHE B 940 -29.76 -74.97 27.96
CA PHE B 940 -30.52 -76.19 28.20
C PHE B 940 -32.01 -75.90 28.31
N ILE B 941 -32.38 -74.82 29.00
CA ILE B 941 -33.78 -74.47 29.14
C ILE B 941 -34.37 -74.05 27.81
N LYS B 942 -33.59 -73.31 27.00
CA LYS B 942 -34.07 -72.91 25.69
C LYS B 942 -34.31 -74.10 24.79
N GLU B 943 -33.41 -75.08 24.82
CA GLU B 943 -33.52 -76.22 23.91
C GLU B 943 -34.31 -77.37 24.48
N ALA B 944 -34.74 -77.30 25.73
CA ALA B 944 -35.42 -78.45 26.31
C ALA B 944 -36.78 -78.09 26.91
N HIS B 945 -36.93 -76.91 27.49
CA HIS B 945 -38.19 -76.52 28.11
C HIS B 945 -39.01 -75.56 27.27
N GLY B 946 -38.38 -74.74 26.44
CA GLY B 946 -39.14 -73.94 25.49
C GLY B 946 -40.04 -72.92 26.15
N ASN B 947 -41.35 -73.21 26.16
CA ASN B 947 -42.39 -72.28 26.59
C ASN B 947 -41.98 -71.42 27.79
N VAL B 948 -41.36 -72.02 28.80
CA VAL B 948 -40.91 -71.26 29.96
C VAL B 948 -39.88 -70.22 29.54
N PHE B 949 -38.90 -70.63 28.73
CA PHE B 949 -37.87 -69.71 28.29
C PHE B 949 -38.46 -68.61 27.42
N ARG B 950 -39.40 -68.95 26.54
CA ARG B 950 -40.04 -67.93 25.73
C ARG B 950 -40.84 -66.94 26.56
N ARG B 951 -41.53 -67.42 27.59
CA ARG B 951 -42.25 -66.51 28.48
C ARG B 951 -41.29 -65.57 29.20
N VAL B 952 -40.17 -66.09 29.69
CA VAL B 952 -39.24 -65.24 30.43
C VAL B 952 -38.57 -64.24 29.49
N ALA B 953 -38.19 -64.67 28.30
CA ALA B 953 -37.58 -63.75 27.34
C ALA B 953 -38.55 -62.66 26.92
N LEU B 954 -39.80 -63.02 26.65
CA LEU B 954 -40.84 -62.08 26.28
C LEU B 954 -41.64 -61.61 27.48
N SER B 955 -41.01 -61.53 28.66
CA SER B 955 -41.71 -61.11 29.85
C SER B 955 -42.22 -59.68 29.72
N ALA B 956 -41.42 -58.81 29.09
CA ALA B 956 -41.85 -57.43 28.91
C ALA B 956 -43.10 -57.31 28.06
N LEU B 957 -43.42 -58.33 27.26
CA LEU B 957 -44.66 -58.33 26.51
C LEU B 957 -45.79 -59.03 27.27
N LEU B 958 -45.47 -60.07 28.02
CA LEU B 958 -46.49 -60.79 28.78
C LEU B 958 -46.91 -60.02 30.03
N ASP B 959 -45.96 -59.35 30.68
CA ASP B 959 -46.27 -58.58 31.88
C ASP B 959 -46.97 -57.28 31.57
N SER B 960 -47.46 -57.09 30.35
CA SER B 960 -48.15 -55.86 29.96
C SER B 960 -49.27 -56.25 29.00
N ALA B 961 -50.50 -56.17 29.49
CA ALA B 961 -51.67 -56.51 28.67
C ALA B 961 -52.93 -55.88 29.25
N ASN B 1025 -51.09 -68.57 32.42
CA ASN B 1025 -52.39 -67.98 32.23
C ASN B 1025 -52.82 -68.06 30.77
N LEU B 1026 -54.01 -67.53 30.47
CA LEU B 1026 -54.54 -67.60 29.11
C LEU B 1026 -53.85 -66.64 28.16
N GLY B 1027 -53.21 -65.59 28.68
CA GLY B 1027 -52.53 -64.64 27.81
C GLY B 1027 -51.42 -65.30 27.01
N ARG B 1028 -50.64 -66.16 27.66
CA ARG B 1028 -49.57 -66.87 26.96
C ARG B 1028 -50.13 -67.77 25.87
N LYS B 1029 -51.22 -68.47 26.15
CA LYS B 1029 -51.82 -69.33 25.13
C LYS B 1029 -52.32 -68.52 23.95
N ASP B 1030 -52.94 -67.37 24.21
CA ASP B 1030 -53.36 -66.51 23.11
C ASP B 1030 -52.15 -66.02 22.31
N PHE B 1031 -51.08 -65.66 23.02
CA PHE B 1031 -49.87 -65.22 22.33
C PHE B 1031 -49.33 -66.30 21.42
N TRP B 1032 -49.28 -67.55 21.90
CA TRP B 1032 -48.72 -68.60 21.06
C TRP B 1032 -49.67 -69.02 19.95
N ARG B 1033 -50.98 -68.89 20.16
CA ARG B 1033 -51.91 -69.12 19.07
C ARG B 1033 -51.70 -68.10 17.96
N LYS B 1034 -51.54 -66.81 18.33
CA LYS B 1034 -51.25 -65.81 17.32
C LYS B 1034 -49.89 -66.04 16.68
N MET B 1035 -48.91 -66.48 17.47
CA MET B 1035 -47.58 -66.76 16.94
C MET B 1035 -47.63 -67.86 15.89
N PHE B 1036 -48.37 -68.94 16.18
CA PHE B 1036 -48.53 -70.00 15.21
C PHE B 1036 -49.34 -69.53 14.01
N LYS B 1037 -50.28 -68.60 14.22
CA LYS B 1037 -50.97 -68.01 13.08
C LYS B 1037 -49.99 -67.30 12.16
N SER B 1038 -49.05 -66.56 12.74
CA SER B 1038 -47.95 -65.91 12.00
C SER B 1038 -48.46 -65.10 10.81
N ASN B 1174 -54.74 -46.24 32.25
CA ASN B 1174 -54.07 -45.12 31.63
C ASN B 1174 -52.67 -45.49 31.16
N VAL B 1175 -51.67 -45.06 31.94
CA VAL B 1175 -50.28 -45.27 31.55
C VAL B 1175 -49.94 -46.76 31.55
N VAL B 1176 -48.95 -47.12 30.75
CA VAL B 1176 -48.50 -48.51 30.69
C VAL B 1176 -47.68 -48.84 31.94
N ASN B 1177 -47.62 -50.12 32.25
CA ASN B 1177 -46.85 -50.57 33.39
C ASN B 1177 -45.36 -50.52 33.05
N LEU B 1178 -44.74 -49.37 33.28
CA LEU B 1178 -43.36 -49.17 32.86
C LEU B 1178 -42.40 -50.10 33.61
N GLY B 1179 -42.68 -50.36 34.89
CA GLY B 1179 -41.78 -51.21 35.66
C GLY B 1179 -41.71 -52.63 35.11
N ALA B 1180 -42.85 -53.17 34.71
CA ALA B 1180 -42.87 -54.51 34.14
C ALA B 1180 -42.07 -54.56 32.84
N ILE B 1181 -42.20 -53.52 32.01
CA ILE B 1181 -41.44 -53.47 30.76
C ILE B 1181 -39.96 -53.36 31.05
N ARG B 1182 -39.57 -52.56 32.03
CA ARG B 1182 -38.16 -52.44 32.40
C ARG B 1182 -37.60 -53.79 32.86
N GLN B 1183 -38.35 -54.49 33.72
CA GLN B 1183 -37.88 -55.78 34.19
C GLN B 1183 -37.76 -56.78 33.04
N GLY B 1184 -38.77 -56.82 32.18
CA GLY B 1184 -38.72 -57.74 31.04
C GLY B 1184 -37.57 -57.43 30.10
N MET B 1185 -37.28 -56.15 29.90
CA MET B 1185 -36.18 -55.79 29.02
C MET B 1185 -34.83 -56.09 29.64
N LYS B 1186 -34.70 -55.92 30.96
CA LYS B 1186 -33.47 -56.35 31.60
C LYS B 1186 -33.28 -57.86 31.46
N ARG B 1187 -34.35 -58.63 31.65
CA ARG B 1187 -34.27 -60.07 31.46
C ARG B 1187 -33.87 -60.41 30.03
N PHE B 1188 -34.50 -59.75 29.05
CA PHE B 1188 -34.20 -60.04 27.65
C PHE B 1188 -32.77 -59.68 27.30
N GLN B 1189 -32.27 -58.56 27.83
CA GLN B 1189 -30.89 -58.16 27.60
C GLN B 1189 -29.93 -59.21 28.17
N PHE B 1190 -30.18 -59.67 29.39
CA PHE B 1190 -29.33 -60.71 29.95
C PHE B 1190 -29.38 -61.97 29.12
N LEU B 1191 -30.57 -62.36 28.66
CA LEU B 1191 -30.70 -63.59 27.88
C LEU B 1191 -29.95 -63.49 26.56
N LEU B 1192 -30.07 -62.37 25.85
CA LEU B 1192 -29.33 -62.23 24.61
C LEU B 1192 -27.84 -62.12 24.85
N ASN B 1193 -27.43 -61.62 26.02
CA ASN B 1193 -26.00 -61.63 26.35
C ASN B 1193 -25.50 -63.05 26.58
N CYS B 1194 -26.28 -63.89 27.23
CA CYS B 1194 -25.81 -65.22 27.59
C CYS B 1194 -26.05 -66.25 26.49
N CYS B 1195 -27.13 -66.13 25.73
CA CYS B 1195 -27.41 -67.09 24.68
C CYS B 1195 -26.49 -66.86 23.49
N GLU B 1196 -26.58 -67.75 22.50
CA GLU B 1196 -25.82 -67.58 21.28
C GLU B 1196 -26.28 -66.32 20.55
N PRO B 1197 -25.37 -65.64 19.85
CA PRO B 1197 -25.76 -64.41 19.14
C PRO B 1197 -26.67 -64.74 17.97
N GLY B 1198 -27.86 -64.16 17.98
CA GLY B 1198 -28.82 -64.33 16.92
C GLY B 1198 -29.88 -65.38 17.18
N THR B 1199 -29.65 -66.29 18.12
CA THR B 1199 -30.65 -67.30 18.43
C THR B 1199 -31.85 -66.71 19.14
N ILE B 1200 -31.66 -65.67 19.93
CA ILE B 1200 -32.72 -65.05 20.72
C ILE B 1200 -32.96 -63.64 20.17
N PRO B 1201 -34.16 -63.33 19.69
CA PRO B 1201 -35.27 -64.28 19.64
C PRO B 1201 -35.47 -64.89 18.26
N ASP B 1202 -36.45 -65.77 18.14
CA ASP B 1202 -36.72 -66.41 16.87
C ASP B 1202 -37.20 -65.39 15.85
N ALA B 1203 -36.89 -65.65 14.58
CA ALA B 1203 -37.31 -64.75 13.52
C ALA B 1203 -38.83 -64.64 13.45
N SER B 1204 -39.53 -65.73 13.77
CA SER B 1204 -40.98 -65.68 13.81
C SER B 1204 -41.48 -64.76 14.92
N ILE B 1205 -40.81 -64.76 16.06
CA ILE B 1205 -41.19 -63.86 17.16
C ILE B 1205 -41.04 -62.41 16.72
N LEU B 1206 -39.91 -62.10 16.06
CA LEU B 1206 -39.67 -60.73 15.61
C LEU B 1206 -40.64 -60.33 14.51
N ALA B 1207 -41.07 -61.30 13.69
CA ALA B 1207 -42.08 -60.99 12.67
C ALA B 1207 -43.43 -60.72 13.29
N ALA B 1208 -43.81 -61.51 14.30
CA ALA B 1208 -45.12 -61.35 14.92
C ALA B 1208 -45.17 -60.15 15.85
N ALA B 1209 -44.02 -59.68 16.33
CA ALA B 1209 -44.00 -58.50 17.18
C ALA B 1209 -44.46 -57.25 16.44
N LEU B 1210 -44.51 -57.28 15.11
CA LEU B 1210 -45.12 -56.19 14.38
C LEU B 1210 -46.59 -56.05 14.72
N ASP B 1211 -47.31 -57.17 14.82
CA ASP B 1211 -48.74 -57.16 15.13
C ASP B 1211 -48.98 -58.15 16.26
N LEU B 1212 -48.82 -57.68 17.49
CA LEU B 1212 -49.12 -58.50 18.67
C LEU B 1212 -50.07 -57.75 19.59
N GLU B 1213 -50.33 -58.29 20.76
CA GLU B 1213 -51.25 -57.70 21.71
C GLU B 1213 -50.55 -56.95 22.84
N ALA B 1214 -49.22 -56.93 22.85
CA ALA B 1214 -48.49 -56.20 23.86
C ALA B 1214 -48.54 -54.70 23.56
N PRO B 1215 -48.23 -53.86 24.55
CA PRO B 1215 -48.15 -52.43 24.29
C PRO B 1215 -47.08 -52.11 23.26
N VAL B 1216 -47.32 -51.06 22.48
CA VAL B 1216 -46.42 -50.70 21.39
C VAL B 1216 -45.06 -50.31 21.93
N VAL B 1217 -45.02 -49.67 23.10
CA VAL B 1217 -43.73 -49.28 23.67
C VAL B 1217 -42.90 -50.51 23.99
N ALA B 1218 -43.52 -51.54 24.56
CA ALA B 1218 -42.78 -52.75 24.89
C ALA B 1218 -42.25 -53.44 23.64
N ARG B 1219 -43.07 -53.54 22.60
CA ARG B 1219 -42.62 -54.19 21.37
C ARG B 1219 -41.50 -53.41 20.70
N ALA B 1220 -41.62 -52.08 20.68
CA ALA B 1220 -40.53 -51.27 20.14
C ALA B 1220 -39.28 -51.38 21.00
N ALA B 1221 -39.43 -51.57 22.30
CA ALA B 1221 -38.27 -51.79 23.15
C ALA B 1221 -37.61 -53.11 22.83
N LEU B 1222 -38.39 -54.14 22.55
CA LEU B 1222 -37.83 -55.41 22.08
C LEU B 1222 -37.05 -55.21 20.79
N PHE B 1223 -37.65 -54.50 19.84
CA PHE B 1223 -36.99 -54.26 18.56
C PHE B 1223 -35.70 -53.48 18.76
N LEU B 1224 -35.70 -52.47 19.62
CA LEU B 1224 -34.52 -51.66 19.84
C LEU B 1224 -33.45 -52.41 20.60
N GLU B 1225 -33.83 -53.28 21.53
CA GLU B 1225 -32.83 -54.13 22.19
C GLU B 1225 -32.15 -55.05 21.19
N CYS B 1226 -32.93 -55.66 20.30
CA CYS B 1226 -32.33 -56.49 19.25
C CYS B 1226 -31.44 -55.64 18.34
N ALA B 1227 -31.88 -54.42 18.02
CA ALA B 1227 -31.10 -53.56 17.14
C ALA B 1227 -29.76 -53.21 17.77
N ARG B 1228 -29.76 -52.86 19.05
CA ARG B 1228 -28.50 -52.51 19.69
C ARG B 1228 -27.62 -53.73 19.88
N PHE B 1229 -28.20 -54.91 20.07
CA PHE B 1229 -27.39 -56.12 20.13
C PHE B 1229 -26.70 -56.38 18.80
N VAL B 1230 -27.44 -56.27 17.69
CA VAL B 1230 -26.82 -56.45 16.38
C VAL B 1230 -25.74 -55.40 16.14
N HIS B 1231 -26.00 -54.16 16.57
CA HIS B 1231 -25.01 -53.10 16.42
C HIS B 1231 -23.74 -53.43 17.19
N ARG B 1232 -23.86 -53.85 18.45
CA ARG B 1232 -22.69 -54.19 19.23
C ARG B 1232 -21.95 -55.37 18.63
N CYS B 1233 -22.67 -56.35 18.10
CA CYS B 1233 -22.00 -57.43 17.39
C CYS B 1233 -21.26 -56.92 16.17
N ASN B 1234 -21.78 -55.87 15.51
CA ASN B 1234 -21.10 -55.29 14.38
C ASN B 1234 -19.80 -54.62 14.79
N ARG B 1235 -19.78 -53.95 15.94
CA ARG B 1235 -18.60 -53.24 16.40
C ARG B 1235 -17.48 -54.16 16.83
N GLY B 1236 -17.72 -55.47 16.90
CA GLY B 1236 -16.80 -56.38 17.54
C GLY B 1236 -17.05 -56.57 19.02
N ASN B 1237 -17.99 -55.82 19.60
CA ASN B 1237 -18.37 -55.98 21.00
C ASN B 1237 -19.26 -57.22 21.16
N TRP B 1238 -18.71 -58.35 20.77
CA TRP B 1238 -19.40 -59.63 20.93
C TRP B 1238 -19.55 -59.91 22.42
N PRO B 1239 -20.47 -60.78 22.82
CA PRO B 1239 -20.66 -61.05 24.25
C PRO B 1239 -19.36 -61.53 24.89
N GLU B 1240 -19.18 -61.16 26.16
CA GLU B 1240 -17.89 -61.35 26.83
C GLU B 1240 -17.46 -62.81 26.81
N TRP B 1241 -18.42 -63.74 26.97
CA TRP B 1241 -18.06 -65.15 26.97
C TRP B 1241 -17.45 -65.58 25.65
N MET B 1242 -17.96 -65.04 24.53
CA MET B 1242 -17.34 -65.32 23.24
C MET B 1242 -15.94 -64.75 23.16
N LYS B 1243 -15.75 -63.52 23.65
CA LYS B 1243 -14.47 -62.85 23.58
C LYS B 1243 -13.51 -63.36 24.66
N LYS B 1265 -11.50 -70.73 16.94
CA LYS B 1265 -12.21 -71.49 15.91
C LYS B 1265 -13.70 -71.55 16.22
N ARG B 1266 -14.03 -71.81 17.49
CA ARG B 1266 -15.43 -71.80 17.90
C ARG B 1266 -16.06 -70.44 17.72
N ASN B 1267 -15.32 -69.37 18.03
CA ASN B 1267 -15.86 -68.03 17.91
C ASN B 1267 -16.15 -67.68 16.45
N GLN B 1268 -15.35 -68.21 15.52
CA GLN B 1268 -15.62 -67.99 14.11
C GLN B 1268 -16.96 -68.61 13.70
N LYS B 1269 -17.22 -69.84 14.14
CA LYS B 1269 -18.50 -70.46 13.86
C LYS B 1269 -19.63 -69.69 14.50
N LEU B 1270 -19.42 -69.18 15.71
CA LEU B 1270 -20.46 -68.38 16.36
C LEU B 1270 -20.76 -67.12 15.57
N GLN B 1271 -19.73 -66.45 15.06
CA GLN B 1271 -19.95 -65.25 14.26
C GLN B 1271 -20.69 -65.57 12.97
N TRP B 1272 -20.30 -66.65 12.30
CA TRP B 1272 -20.96 -67.04 11.06
C TRP B 1272 -22.43 -67.35 11.29
N SER B 1273 -22.71 -68.14 12.33
CA SER B 1273 -24.10 -68.46 12.64
C SER B 1273 -24.87 -67.22 13.06
N ALA B 1274 -24.21 -66.27 13.74
CA ALA B 1274 -24.88 -65.04 14.11
C ALA B 1274 -25.27 -64.23 12.88
N ALA B 1275 -24.39 -64.18 11.88
CA ALA B 1275 -24.73 -63.47 10.65
C ALA B 1275 -25.89 -64.15 9.93
N LYS B 1276 -25.86 -65.49 9.85
CA LYS B 1276 -26.96 -66.20 9.21
C LYS B 1276 -28.28 -65.95 9.94
N LEU B 1277 -28.27 -65.97 11.27
CA LEU B 1277 -29.49 -65.75 12.02
C LEU B 1277 -29.97 -64.31 11.91
N PHE B 1278 -29.04 -63.36 11.83
CA PHE B 1278 -29.45 -61.98 11.58
C PHE B 1278 -30.13 -61.86 10.23
N TYR B 1279 -29.61 -62.56 9.23
CA TYR B 1279 -30.30 -62.54 7.94
C TYR B 1279 -31.66 -63.20 8.03
N GLN B 1280 -31.80 -64.23 8.87
CA GLN B 1280 -33.10 -64.84 9.09
C GLN B 1280 -34.08 -63.84 9.69
N TRP B 1281 -33.64 -63.08 10.69
CA TRP B 1281 -34.46 -62.02 11.25
C TRP B 1281 -34.87 -61.04 10.17
N GLY B 1282 -33.90 -60.61 9.36
CA GLY B 1282 -34.19 -59.63 8.33
C GLY B 1282 -35.21 -60.13 7.34
N ASP B 1283 -35.07 -61.37 6.90
CA ASP B 1283 -36.01 -61.93 5.94
C ASP B 1283 -37.40 -62.02 6.53
N ALA B 1284 -37.52 -62.49 7.78
CA ALA B 1284 -38.84 -62.63 8.39
C ALA B 1284 -39.51 -61.29 8.58
N ILE B 1285 -38.77 -60.30 9.08
CA ILE B 1285 -39.34 -58.98 9.31
C ILE B 1285 -39.70 -58.33 7.98
N GLY B 1286 -38.89 -58.56 6.94
CA GLY B 1286 -39.19 -58.00 5.64
C GLY B 1286 -40.46 -58.56 5.03
N ILE B 1287 -40.62 -59.89 5.09
CA ILE B 1287 -41.84 -60.48 4.54
C ILE B 1287 -43.06 -60.24 5.43
N ARG B 1288 -42.85 -59.83 6.68
CA ARG B 1288 -44.00 -59.37 7.46
C ARG B 1288 -44.38 -57.94 7.13
N LEU B 1289 -43.40 -57.05 7.01
CA LEU B 1289 -43.69 -55.67 6.65
C LEU B 1289 -44.28 -55.58 5.25
N ASN B 1290 -43.87 -56.48 4.35
CA ASN B 1290 -44.48 -56.50 3.02
C ASN B 1290 -45.95 -56.86 3.09
N GLU B 1291 -46.30 -57.86 3.91
CA GLU B 1291 -47.70 -58.21 4.08
C GLU B 1291 -48.48 -57.07 4.72
N LEU B 1292 -47.90 -56.41 5.71
CA LEU B 1292 -48.59 -55.30 6.37
C LEU B 1292 -48.81 -54.13 5.42
N CYS B 1293 -47.81 -53.81 4.60
CA CYS B 1293 -47.96 -52.72 3.64
C CYS B 1293 -49.01 -53.03 2.60
N HIS B 1294 -49.07 -54.28 2.14
CA HIS B 1294 -50.10 -54.70 1.19
C HIS B 1294 -51.35 -55.17 1.91
N GLU B 1311 -66.13 -32.80 10.87
CA GLU B 1311 -66.02 -33.41 12.20
C GLU B 1311 -64.95 -34.47 12.22
N THR B 1312 -64.74 -35.12 11.06
CA THR B 1312 -63.67 -36.11 10.96
C THR B 1312 -62.31 -35.47 11.16
N LYS B 1313 -62.12 -34.26 10.63
CA LYS B 1313 -60.86 -33.56 10.81
C LYS B 1313 -60.60 -33.24 12.28
N ARG B 1314 -61.66 -32.92 13.02
CA ARG B 1314 -61.51 -32.64 14.44
C ARG B 1314 -60.99 -33.86 15.19
N ARG B 1315 -61.59 -35.03 14.95
CA ARG B 1315 -61.13 -36.22 15.64
C ARG B 1315 -59.76 -36.65 15.15
N LEU B 1316 -59.43 -36.39 13.87
CA LEU B 1316 -58.11 -36.70 13.37
C LEU B 1316 -57.05 -35.87 14.09
N ARG B 1317 -57.32 -34.57 14.25
CA ARG B 1317 -56.40 -33.71 15.00
C ARG B 1317 -56.32 -34.13 16.46
N LYS B 1318 -57.46 -34.51 17.05
CA LYS B 1318 -57.45 -34.94 18.44
C LYS B 1318 -56.59 -36.18 18.62
N GLU B 1319 -56.73 -37.16 17.73
CA GLU B 1319 -55.91 -38.36 17.81
C GLU B 1319 -54.43 -38.04 17.59
N ASP B 1320 -54.13 -37.16 16.64
CA ASP B 1320 -52.74 -36.87 16.33
C ASP B 1320 -52.05 -36.10 17.45
N GLU B 1321 -52.80 -35.25 18.17
CA GLU B 1321 -52.19 -34.36 19.14
C GLU B 1321 -51.94 -35.00 20.49
N GLU B 1322 -52.35 -36.25 20.71
CA GLU B 1322 -52.17 -36.89 22.00
C GLU B 1322 -51.69 -38.33 21.84
N GLU B 1323 -50.83 -38.56 20.84
CA GLU B 1323 -50.26 -39.89 20.62
C GLU B 1323 -49.15 -40.17 21.64
N ASP B 1324 -49.53 -40.13 22.91
CA ASP B 1324 -48.59 -40.45 23.98
C ASP B 1324 -48.44 -41.97 24.02
N PHE B 1325 -47.25 -42.46 23.68
CA PHE B 1325 -47.05 -43.89 23.60
C PHE B 1325 -47.09 -44.56 24.96
N LEU B 1326 -46.64 -43.87 26.02
CA LEU B 1326 -46.76 -44.44 27.35
C LEU B 1326 -48.21 -44.56 27.79
N ASP B 1327 -49.10 -43.77 27.21
CA ASP B 1327 -50.53 -43.88 27.46
C ASP B 1327 -51.13 -44.74 26.36
N ASP B 1328 -51.24 -46.04 26.62
CA ASP B 1328 -51.77 -46.97 25.63
C ASP B 1328 -53.25 -46.64 25.36
N SER B 1329 -53.83 -47.37 24.41
CA SER B 1329 -55.18 -47.19 23.89
C SER B 1329 -55.31 -45.91 23.06
N THR B 1330 -54.26 -45.11 22.94
CA THR B 1330 -54.21 -44.01 22.00
C THR B 1330 -53.17 -44.25 20.91
N VAL B 1331 -52.56 -45.43 20.89
CA VAL B 1331 -51.55 -45.76 19.89
C VAL B 1331 -51.95 -47.02 19.13
N ASN B 1332 -52.12 -48.14 19.85
CA ASN B 1332 -52.39 -49.41 19.16
C ASN B 1332 -53.82 -49.47 18.65
N PRO B 1333 -54.86 -49.33 19.48
CA PRO B 1333 -56.21 -49.41 18.90
C PRO B 1333 -56.58 -48.16 18.12
N PRO B 1339 -49.34 -47.20 13.43
CA PRO B 1339 -48.49 -48.40 13.42
C PRO B 1339 -47.13 -48.12 12.79
N PHE B 1340 -46.94 -46.90 12.29
CA PHE B 1340 -45.71 -46.58 11.56
C PHE B 1340 -44.50 -46.52 12.48
N ALA B 1341 -44.67 -46.09 13.73
CA ALA B 1341 -43.55 -46.02 14.65
C ALA B 1341 -42.99 -47.40 14.96
N LEU B 1342 -43.87 -48.38 15.14
CA LEU B 1342 -43.42 -49.75 15.35
C LEU B 1342 -42.69 -50.28 14.11
N LYS B 1343 -43.23 -49.97 12.92
CA LYS B 1343 -42.53 -50.34 11.71
C LYS B 1343 -41.17 -49.67 11.62
N MET B 1344 -41.03 -48.46 12.16
CA MET B 1344 -39.74 -47.79 12.12
C MET B 1344 -38.76 -48.38 13.12
N ALA B 1345 -39.24 -48.85 14.26
CA ALA B 1345 -38.35 -49.60 15.16
C ALA B 1345 -37.88 -50.90 14.52
N ALA B 1346 -38.81 -51.58 13.83
CA ALA B 1346 -38.43 -52.78 13.08
C ALA B 1346 -37.43 -52.45 11.98
N CYS B 1347 -37.63 -51.32 11.30
CA CYS B 1347 -36.68 -50.90 10.28
C CYS B 1347 -35.34 -50.52 10.89
N GLN B 1348 -35.33 -50.05 12.13
CA GLN B 1348 -34.06 -49.84 12.83
C GLN B 1348 -33.34 -51.16 13.07
N LEU B 1349 -34.09 -52.18 13.47
CA LEU B 1349 -33.47 -53.50 13.60
C LEU B 1349 -32.92 -53.97 12.25
N LEU B 1350 -33.68 -53.78 11.18
CA LEU B 1350 -33.20 -54.17 9.85
C LEU B 1350 -32.00 -53.34 9.42
N LEU B 1351 -31.97 -52.06 9.80
CA LEU B 1351 -30.83 -51.21 9.47
C LEU B 1351 -29.57 -51.70 10.17
N GLU B 1352 -29.68 -52.07 11.44
CA GLU B 1352 -28.53 -52.64 12.14
C GLU B 1352 -28.12 -53.96 11.52
N ILE B 1353 -29.10 -54.78 11.11
CA ILE B 1353 -28.78 -56.04 10.45
C ILE B 1353 -28.02 -55.79 9.16
N THR B 1354 -28.46 -54.80 8.38
CA THR B 1354 -27.83 -54.49 7.11
C THR B 1354 -26.42 -53.95 7.30
N THR B 1355 -26.24 -53.06 8.27
CA THR B 1355 -24.91 -52.54 8.53
C THR B 1355 -24.01 -53.59 9.17
N PHE B 1356 -24.58 -54.65 9.75
CA PHE B 1356 -23.75 -55.77 10.17
C PHE B 1356 -23.32 -56.60 8.97
N LEU B 1357 -24.26 -56.91 8.08
CA LEU B 1357 -23.97 -57.76 6.94
C LEU B 1357 -23.04 -57.11 5.93
N ARG B 1358 -23.13 -55.80 5.73
CA ARG B 1358 -22.29 -55.12 4.76
C ARG B 1358 -20.85 -54.94 5.21
N GLU B 1359 -20.57 -55.05 6.51
CA GLU B 1359 -19.22 -54.84 7.03
C GLU B 1359 -18.62 -56.11 7.62
N THR B 1360 -19.26 -56.68 8.64
CA THR B 1360 -18.64 -57.79 9.36
C THR B 1360 -18.67 -59.07 8.56
N PHE B 1361 -19.85 -59.48 8.09
CA PHE B 1361 -19.95 -60.77 7.41
C PHE B 1361 -19.12 -60.78 6.14
N SER B 1362 -19.09 -59.66 5.42
CA SER B 1362 -18.27 -59.60 4.21
C SER B 1362 -16.79 -59.73 4.50
N CYS B 1363 -16.37 -59.51 5.74
CA CYS B 1363 -14.96 -59.58 6.11
C CYS B 1363 -14.70 -60.73 7.08
N GLU B 1520 -24.57 -68.12 2.92
CA GLU B 1520 -23.54 -67.48 2.12
C GLU B 1520 -24.13 -66.41 1.22
N ASN B 1521 -23.33 -65.39 0.91
CA ASN B 1521 -23.75 -64.26 0.08
C ASN B 1521 -24.99 -63.59 0.67
N TYR B 1522 -25.02 -63.43 1.99
CA TYR B 1522 -26.06 -62.65 2.64
C TYR B 1522 -25.86 -61.15 2.45
N HIS B 1523 -24.63 -60.70 2.29
CA HIS B 1523 -24.32 -59.28 2.21
C HIS B 1523 -24.61 -58.68 0.85
N ARG B 1524 -24.99 -59.48 -0.14
CA ARG B 1524 -25.26 -58.99 -1.48
C ARG B 1524 -26.71 -59.09 -1.90
N ASN B 1525 -27.45 -60.11 -1.45
CA ASN B 1525 -28.86 -60.24 -1.79
C ASN B 1525 -29.65 -60.19 -0.49
N MET B 1526 -29.94 -58.97 -0.04
CA MET B 1526 -30.81 -58.74 1.11
C MET B 1526 -32.25 -58.64 0.62
N SER B 1527 -33.11 -59.52 1.14
CA SER B 1527 -34.47 -59.62 0.62
C SER B 1527 -35.34 -58.44 1.01
N TRP B 1528 -34.93 -57.67 2.01
CA TRP B 1528 -35.77 -56.60 2.56
C TRP B 1528 -35.44 -55.23 1.99
N LEU B 1529 -34.73 -55.16 0.86
CA LEU B 1529 -34.39 -53.87 0.30
C LEU B 1529 -35.60 -53.22 -0.37
N HIS B 1530 -36.38 -54.00 -1.10
CA HIS B 1530 -37.50 -53.43 -1.84
C HIS B 1530 -38.67 -53.07 -0.92
N VAL B 1531 -38.91 -53.86 0.13
CA VAL B 1531 -39.94 -53.51 1.08
C VAL B 1531 -39.59 -52.23 1.81
N MET B 1532 -38.30 -51.95 1.98
CA MET B 1532 -37.89 -50.68 2.58
C MET B 1532 -38.25 -49.51 1.70
N ILE B 1533 -38.00 -49.63 0.39
CA ILE B 1533 -38.41 -48.60 -0.55
C ILE B 1533 -39.93 -48.42 -0.51
N LEU B 1534 -40.66 -49.53 -0.50
CA LEU B 1534 -42.12 -49.46 -0.44
C LEU B 1534 -42.58 -48.77 0.83
N LEU B 1535 -41.89 -49.01 1.95
CA LEU B 1535 -42.26 -48.38 3.22
C LEU B 1535 -42.03 -46.88 3.18
N CYS B 1536 -40.85 -46.44 2.76
CA CYS B 1536 -40.58 -45.02 2.77
C CYS B 1536 -41.16 -44.29 1.57
N ASN B 1537 -41.80 -45.00 0.65
CA ASN B 1537 -42.47 -44.39 -0.49
C ASN B 1537 -43.98 -44.30 -0.32
N GLN B 1538 -44.52 -44.89 0.74
CA GLN B 1538 -45.96 -44.96 0.95
C GLN B 1538 -46.45 -43.96 1.98
N GLN B 1539 -45.84 -42.78 2.01
CA GLN B 1539 -46.30 -41.67 2.82
C GLN B 1539 -47.07 -40.68 1.95
N SER B 1540 -47.90 -39.87 2.60
CA SER B 1540 -48.68 -38.86 1.89
C SER B 1540 -47.98 -37.53 2.04
N PHE B 1541 -47.14 -37.20 1.06
CA PHE B 1541 -46.39 -35.95 1.11
C PHE B 1541 -47.25 -34.74 0.80
N ILE B 1542 -48.41 -34.93 0.18
CA ILE B 1542 -49.30 -33.83 -0.17
C ILE B 1542 -50.25 -33.64 1.01
N CYS B 1543 -49.81 -32.87 1.99
CA CYS B 1543 -50.65 -32.53 3.14
C CYS B 1543 -50.35 -31.10 3.56
N THR B 1544 -51.40 -30.34 3.85
CA THR B 1544 -51.23 -28.95 4.22
C THR B 1544 -50.82 -28.75 5.67
N HIS B 1545 -50.99 -29.78 6.51
CA HIS B 1545 -50.64 -29.71 7.93
C HIS B 1545 -51.36 -28.56 8.63
N VAL B 1546 -52.61 -28.32 8.25
CA VAL B 1546 -53.41 -27.25 8.82
C VAL B 1546 -54.66 -27.86 9.43
N ASP B 1547 -54.82 -27.71 10.74
CA ASP B 1547 -56.01 -28.11 11.51
C ASP B 1547 -56.16 -29.62 11.59
N TYR B 1548 -55.27 -30.35 10.90
CA TYR B 1548 -55.21 -31.81 10.93
C TYR B 1548 -54.14 -32.23 9.92
N CYS B 1549 -53.82 -33.52 9.94
CA CYS B 1549 -52.90 -34.11 8.99
C CYS B 1549 -53.52 -35.38 8.43
N HIS B 1550 -53.10 -35.76 7.23
CA HIS B 1550 -53.54 -37.00 6.64
C HIS B 1550 -53.03 -38.18 7.49
N PRO B 1551 -53.77 -39.28 7.53
CA PRO B 1551 -53.33 -40.41 8.37
C PRO B 1551 -51.96 -40.95 7.99
N HIS B 1552 -51.59 -40.89 6.72
CA HIS B 1552 -50.28 -41.33 6.27
C HIS B 1552 -49.43 -40.14 5.80
N CYS B 1553 -49.65 -38.97 6.40
CA CYS B 1553 -48.78 -37.83 6.14
C CYS B 1553 -47.40 -38.11 6.70
N TYR B 1554 -46.37 -37.68 5.97
CA TYR B 1554 -45.01 -38.01 6.39
C TYR B 1554 -44.61 -37.23 7.64
N LEU B 1555 -45.06 -35.97 7.78
CA LEU B 1555 -44.77 -35.22 9.00
C LEU B 1555 -45.45 -35.86 10.20
N HIS B 1556 -46.68 -36.35 10.02
CA HIS B 1556 -47.35 -37.07 11.08
C HIS B 1556 -46.56 -38.32 11.47
N HIS B 1557 -46.02 -39.03 10.49
CA HIS B 1557 -45.20 -40.19 10.78
C HIS B 1557 -43.97 -39.81 11.56
N SER B 1558 -43.32 -38.72 11.18
CA SER B 1558 -42.12 -38.28 11.89
C SER B 1558 -42.44 -37.88 13.33
N ARG B 1559 -43.56 -37.18 13.53
CA ARG B 1559 -43.97 -36.83 14.89
C ARG B 1559 -44.26 -38.08 15.71
N SER B 1560 -44.93 -39.07 15.12
CA SER B 1560 -45.21 -40.30 15.83
C SER B 1560 -43.92 -41.02 16.21
N CYS B 1561 -42.95 -41.07 15.30
CA CYS B 1561 -41.68 -41.70 15.61
C CYS B 1561 -40.93 -40.95 16.70
N ALA B 1562 -40.98 -39.61 16.68
CA ALA B 1562 -40.32 -38.83 17.72
C ALA B 1562 -40.98 -39.05 19.08
N ARG B 1563 -42.31 -39.15 19.11
CA ARG B 1563 -42.99 -39.47 20.35
C ARG B 1563 -42.60 -40.85 20.86
N LEU B 1564 -42.48 -41.82 19.96
CA LEU B 1564 -42.05 -43.15 20.38
C LEU B 1564 -40.62 -43.10 20.92
N VAL B 1565 -39.75 -42.32 20.31
CA VAL B 1565 -38.38 -42.18 20.81
C VAL B 1565 -38.37 -41.59 22.20
N ARG B 1566 -39.19 -40.55 22.42
CA ARG B 1566 -39.29 -39.96 23.75
C ARG B 1566 -39.84 -40.97 24.76
N ALA B 1567 -40.81 -41.78 24.35
CA ALA B 1567 -41.35 -42.80 25.24
C ALA B 1567 -40.30 -43.83 25.61
N ILE B 1568 -39.50 -44.26 24.63
CA ILE B 1568 -38.43 -45.21 24.90
C ILE B 1568 -37.41 -44.59 25.84
N LYS B 1569 -37.06 -43.33 25.61
CA LYS B 1569 -36.12 -42.66 26.51
C LYS B 1569 -36.66 -42.61 27.94
N LEU B 1570 -37.94 -42.29 28.08
CA LEU B 1570 -38.55 -42.26 29.40
C LEU B 1570 -38.68 -43.65 29.99
N LEU B 1571 -38.66 -44.69 29.16
CA LEU B 1571 -38.68 -46.06 29.68
C LEU B 1571 -37.44 -46.35 30.51
N TYR B 1572 -36.29 -45.90 30.04
CA TYR B 1572 -35.03 -46.15 30.74
C TYR B 1572 -34.65 -44.99 31.66
N SER B 1624 -28.78 -47.31 30.65
CA SER B 1624 -27.35 -47.06 30.63
C SER B 1624 -26.84 -46.91 29.20
N GLY B 1625 -26.21 -47.96 28.69
CA GLY B 1625 -25.76 -47.95 27.30
C GLY B 1625 -26.89 -47.91 26.31
N MET B 1626 -28.10 -48.33 26.71
CA MET B 1626 -29.26 -48.22 25.84
C MET B 1626 -29.57 -46.77 25.53
N LEU B 1627 -29.45 -45.88 26.52
CA LEU B 1627 -29.65 -44.46 26.27
C LEU B 1627 -28.61 -43.93 25.30
N LYS B 1628 -27.36 -44.41 25.42
CA LYS B 1628 -26.33 -44.00 24.47
C LYS B 1628 -26.68 -44.44 23.06
N TYR B 1629 -27.17 -45.68 22.92
CA TYR B 1629 -27.58 -46.14 21.60
C TYR B 1629 -28.74 -45.31 21.05
N ILE B 1630 -29.70 -44.98 21.91
CA ILE B 1630 -30.85 -44.22 21.46
C ILE B 1630 -30.43 -42.83 21.00
N ARG B 1631 -29.54 -42.18 21.76
CA ARG B 1631 -29.18 -40.81 21.45
C ARG B 1631 -28.07 -40.69 20.42
N PHE B 1632 -27.37 -41.78 20.09
CA PHE B 1632 -26.28 -41.72 19.15
C PHE B 1632 -26.55 -42.44 17.84
N GLN B 1633 -27.38 -43.46 17.84
CA GLN B 1633 -27.63 -44.22 16.61
C GLN B 1633 -29.10 -44.34 16.24
N VAL B 1634 -30.03 -43.97 17.11
CA VAL B 1634 -31.41 -43.88 16.68
C VAL B 1634 -31.70 -42.44 16.31
N MET B 1635 -31.72 -41.57 17.32
CA MET B 1635 -31.81 -40.11 17.17
C MET B 1635 -33.12 -39.69 16.50
N SER B 1636 -33.82 -40.67 15.94
CA SER B 1636 -35.15 -40.60 15.37
C SER B 1636 -35.40 -41.98 14.80
N LEU B 1637 -36.65 -42.27 14.47
CA LEU B 1637 -36.96 -43.52 13.82
C LEU B 1637 -37.36 -43.36 12.36
N SER B 1638 -37.74 -42.16 11.93
CA SER B 1638 -38.14 -41.96 10.55
C SER B 1638 -37.03 -42.23 9.54
N PRO B 1639 -35.77 -41.83 9.74
CA PRO B 1639 -34.74 -42.12 8.73
C PRO B 1639 -34.24 -43.55 8.72
N ALA B 1640 -34.83 -44.46 9.50
CA ALA B 1640 -34.37 -45.84 9.50
C ALA B 1640 -34.45 -46.51 8.12
N PRO B 1641 -35.50 -46.34 7.32
CA PRO B 1641 -35.47 -46.93 5.97
C PRO B 1641 -34.41 -46.32 5.07
N LEU B 1642 -34.40 -44.99 4.91
CA LEU B 1642 -33.44 -44.35 4.02
C LEU B 1642 -32.02 -44.67 4.44
N SER B 1643 -31.70 -44.47 5.73
CA SER B 1643 -30.36 -44.77 6.20
C SER B 1643 -30.01 -46.24 6.03
N LEU B 1644 -30.99 -47.08 5.76
CA LEU B 1644 -30.74 -48.51 5.52
C LEU B 1644 -30.33 -48.62 4.12
N LEU B 1645 -31.09 -48.01 3.25
CA LEU B 1645 -30.78 -48.14 1.83
C LEU B 1645 -29.44 -47.52 1.48
N ILE B 1646 -29.08 -46.42 2.15
CA ILE B 1646 -27.76 -45.84 1.97
C ILE B 1646 -26.68 -46.83 2.38
N LYS B 1647 -26.92 -47.61 3.42
CA LYS B 1647 -25.99 -48.64 3.84
C LYS B 1647 -25.91 -49.80 2.86
N ALA B 1648 -26.88 -49.93 1.96
CA ALA B 1648 -26.88 -50.99 0.96
C ALA B 1648 -26.76 -50.43 -0.45
N ALA B 1649 -26.23 -49.21 -0.58
CA ALA B 1649 -26.09 -48.59 -1.90
C ALA B 1649 -25.29 -49.43 -2.89
N PRO B 1650 -24.16 -50.05 -2.53
CA PRO B 1650 -23.44 -50.86 -3.53
C PRO B 1650 -24.26 -52.00 -4.11
N ILE B 1651 -25.24 -52.52 -3.37
CA ILE B 1651 -25.99 -53.69 -3.82
C ILE B 1651 -27.36 -53.32 -4.37
N LEU B 1652 -27.71 -52.04 -4.34
CA LEU B 1652 -29.00 -51.62 -4.89
C LEU B 1652 -28.97 -51.69 -6.42
N THR B 1653 -30.03 -52.22 -7.01
CA THR B 1653 -30.15 -52.25 -8.45
C THR B 1653 -30.67 -50.90 -8.95
N GLU B 1654 -30.58 -50.70 -10.26
CA GLU B 1654 -31.01 -49.45 -10.86
C GLU B 1654 -32.50 -49.24 -10.70
N GLU B 1655 -33.30 -50.31 -10.74
CA GLU B 1655 -34.72 -50.18 -10.48
C GLU B 1655 -34.97 -49.71 -9.06
N MET B 1656 -34.19 -50.21 -8.10
CA MET B 1656 -34.33 -49.75 -6.72
C MET B 1656 -34.00 -48.27 -6.59
N TYR B 1657 -32.96 -47.81 -7.29
CA TYR B 1657 -32.63 -46.39 -7.28
C TYR B 1657 -33.76 -45.55 -7.87
N GLY B 1658 -34.30 -45.99 -9.00
CA GLY B 1658 -35.41 -45.26 -9.60
C GLY B 1658 -36.62 -45.22 -8.70
N ASP B 1659 -36.89 -46.31 -7.98
CA ASP B 1659 -38.04 -46.34 -7.09
C ASP B 1659 -37.83 -45.49 -5.84
N ILE B 1660 -36.60 -45.43 -5.33
CA ILE B 1660 -36.35 -44.67 -4.12
C ILE B 1660 -36.16 -43.18 -4.41
N GLN B 1661 -35.89 -42.82 -5.67
CA GLN B 1661 -35.66 -41.41 -5.98
C GLN B 1661 -36.81 -40.49 -5.58
N PRO B 1662 -38.07 -40.75 -5.93
CA PRO B 1662 -39.13 -39.79 -5.56
C PRO B 1662 -39.32 -39.63 -4.06
N ALA B 1663 -39.16 -40.71 -3.29
CA ALA B 1663 -39.31 -40.61 -1.84
C ALA B 1663 -38.21 -39.73 -1.24
N ALA B 1664 -36.96 -40.00 -1.62
CA ALA B 1664 -35.86 -39.20 -1.11
C ALA B 1664 -35.98 -37.75 -1.57
N TRP B 1665 -36.54 -37.51 -2.76
CA TRP B 1665 -36.74 -36.16 -3.22
C TRP B 1665 -37.79 -35.44 -2.38
N GLU B 1666 -38.91 -36.10 -2.10
CA GLU B 1666 -39.96 -35.46 -1.31
C GLU B 1666 -39.52 -35.24 0.13
N LEU B 1667 -38.69 -36.11 0.68
CA LEU B 1667 -38.32 -36.02 2.08
C LEU B 1667 -37.22 -35.01 2.36
N LEU B 1668 -36.77 -34.27 1.35
CA LEU B 1668 -35.67 -33.35 1.53
C LEU B 1668 -36.04 -32.14 2.37
N LEU B 1669 -37.32 -31.77 2.43
CA LEU B 1669 -37.76 -30.58 3.15
C LEU B 1669 -38.33 -30.91 4.52
N SER B 1670 -37.75 -31.90 5.21
CA SER B 1670 -38.21 -32.27 6.53
C SER B 1670 -37.68 -31.30 7.57
N MET B 1671 -38.53 -30.98 8.56
CA MET B 1671 -38.04 -30.22 9.71
C MET B 1671 -36.97 -30.98 10.46
N ASP B 1672 -37.14 -32.30 10.57
CA ASP B 1672 -36.13 -33.14 11.21
C ASP B 1672 -34.85 -33.14 10.40
N GLU B 1673 -33.74 -32.79 11.05
CA GLU B 1673 -32.47 -32.69 10.33
C GLU B 1673 -31.96 -34.06 9.90
N HIS B 1674 -32.19 -35.09 10.72
CA HIS B 1674 -31.71 -36.42 10.36
C HIS B 1674 -32.42 -36.94 9.12
N MET B 1675 -33.74 -36.74 9.04
CA MET B 1675 -34.47 -37.16 7.85
C MET B 1675 -33.99 -36.43 6.61
N ALA B 1676 -33.80 -35.11 6.73
CA ALA B 1676 -33.34 -34.33 5.58
C ALA B 1676 -31.95 -34.78 5.14
N GLY B 1677 -31.05 -35.02 6.10
CA GLY B 1677 -29.72 -35.46 5.74
C GLY B 1677 -29.71 -36.82 5.06
N ALA B 1678 -30.49 -37.76 5.59
CA ALA B 1678 -30.57 -39.08 4.97
C ALA B 1678 -31.17 -39.00 3.57
N ALA B 1679 -32.21 -38.18 3.39
CA ALA B 1679 -32.81 -38.03 2.07
C ALA B 1679 -31.84 -37.40 1.10
N ALA B 1680 -31.06 -36.41 1.55
CA ALA B 1680 -30.07 -35.80 0.69
C ALA B 1680 -29.00 -36.81 0.28
N ALA B 1681 -28.51 -37.61 1.23
CA ALA B 1681 -27.54 -38.63 0.91
C ALA B 1681 -28.10 -39.62 -0.11
N MET B 1682 -29.34 -40.06 0.10
CA MET B 1682 -29.93 -41.03 -0.83
C MET B 1682 -30.10 -40.44 -2.22
N PHE B 1683 -30.52 -39.17 -2.31
CA PHE B 1683 -30.73 -38.58 -3.62
C PHE B 1683 -29.40 -38.32 -4.33
N LEU B 1684 -28.36 -37.96 -3.57
CA LEU B 1684 -27.04 -37.81 -4.18
C LEU B 1684 -26.53 -39.15 -4.69
N LEU B 1685 -26.78 -40.23 -3.94
CA LEU B 1685 -26.42 -41.56 -4.44
C LEU B 1685 -27.20 -41.91 -5.70
N CYS B 1686 -28.50 -41.57 -5.74
CA CYS B 1686 -29.29 -41.83 -6.93
C CYS B 1686 -28.73 -41.07 -8.13
N ALA B 1687 -28.39 -39.79 -7.92
CA ALA B 1687 -27.83 -39.01 -9.01
C ALA B 1687 -26.47 -39.54 -9.45
N VAL B 1688 -25.72 -40.13 -8.52
CA VAL B 1688 -24.48 -40.80 -8.89
C VAL B 1688 -24.77 -42.03 -9.75
N LYS B 1689 -25.82 -42.77 -9.43
CA LYS B 1689 -26.08 -44.03 -10.11
C LYS B 1689 -27.00 -43.89 -11.32
N VAL B 1690 -28.12 -43.18 -11.19
CA VAL B 1690 -29.04 -43.02 -12.32
C VAL B 1690 -29.13 -41.53 -12.68
N PRO B 1691 -28.12 -40.99 -13.37
CA PRO B 1691 -28.15 -39.55 -13.68
C PRO B 1691 -29.30 -39.13 -14.56
N ASP B 1692 -29.77 -39.99 -15.46
CA ASP B 1692 -30.80 -39.59 -16.41
C ASP B 1692 -32.12 -39.32 -15.70
N ALA B 1693 -32.56 -40.25 -14.84
CA ALA B 1693 -33.82 -40.07 -14.13
C ALA B 1693 -33.74 -38.87 -13.19
N VAL B 1694 -32.63 -38.71 -12.50
CA VAL B 1694 -32.47 -37.57 -11.60
C VAL B 1694 -32.51 -36.26 -12.39
N SER B 1695 -31.85 -36.22 -13.53
CA SER B 1695 -31.86 -35.02 -14.35
C SER B 1695 -33.27 -34.70 -14.85
N ASP B 1696 -34.00 -35.72 -15.29
CA ASP B 1696 -35.37 -35.49 -15.75
C ASP B 1696 -36.26 -34.98 -14.63
N MET B 1697 -36.14 -35.57 -13.44
CA MET B 1697 -36.93 -35.09 -12.31
C MET B 1697 -36.57 -33.66 -11.95
N LEU B 1698 -35.27 -33.33 -11.95
CA LEU B 1698 -34.85 -31.97 -11.62
C LEU B 1698 -35.39 -30.98 -12.63
N MET B 1699 -35.32 -31.31 -13.93
CA MET B 1699 -35.84 -30.40 -14.93
C MET B 1699 -37.35 -30.24 -14.83
N SER B 1700 -38.06 -31.32 -14.53
CA SER B 1700 -39.50 -31.23 -14.37
C SER B 1700 -39.88 -30.37 -13.17
N GLU B 1701 -39.11 -30.46 -12.08
CA GLU B 1701 -39.41 -29.68 -10.89
C GLU B 1701 -39.04 -28.21 -11.08
N PHE B 1702 -37.89 -27.93 -11.71
CA PHE B 1702 -37.45 -26.55 -11.86
C PHE B 1702 -38.31 -25.80 -12.86
N HIS B 1703 -38.81 -26.47 -13.89
CA HIS B 1703 -39.68 -25.86 -14.88
C HIS B 1703 -41.14 -26.14 -14.60
N HIS B 1704 -41.47 -26.50 -13.36
CA HIS B 1704 -42.84 -26.88 -13.01
C HIS B 1704 -43.77 -25.67 -13.15
N ALA B 1705 -45.04 -25.96 -13.44
CA ALA B 1705 -46.02 -24.91 -13.65
C ALA B 1705 -46.45 -24.23 -12.36
N GLU B 1706 -46.17 -24.84 -11.21
CA GLU B 1706 -46.57 -24.29 -9.92
C GLU B 1706 -45.42 -23.51 -9.30
N THR B 1707 -45.74 -22.32 -8.77
CA THR B 1707 -44.71 -21.52 -8.11
C THR B 1707 -44.13 -22.25 -6.92
N VAL B 1708 -45.00 -22.89 -6.13
CA VAL B 1708 -44.54 -23.62 -4.95
C VAL B 1708 -43.59 -24.72 -5.35
N GLN B 1709 -43.85 -25.39 -6.47
CA GLN B 1709 -42.99 -26.49 -6.89
C GLN B 1709 -41.59 -26.00 -7.23
N ARG B 1710 -41.48 -24.88 -7.94
CA ARG B 1710 -40.17 -24.35 -8.29
C ARG B 1710 -39.43 -23.85 -7.05
N LEU B 1711 -40.15 -23.17 -6.15
CA LEU B 1711 -39.53 -22.72 -4.92
C LEU B 1711 -39.03 -23.89 -4.08
N ASN B 1712 -39.82 -24.95 -3.98
CA ASN B 1712 -39.40 -26.14 -3.27
C ASN B 1712 -38.23 -26.81 -3.96
N ALA B 1713 -38.18 -26.77 -5.29
CA ALA B 1713 -37.04 -27.36 -5.99
C ALA B 1713 -35.76 -26.63 -5.64
N VAL B 1714 -35.80 -25.29 -5.59
CA VAL B 1714 -34.61 -24.55 -5.20
C VAL B 1714 -34.23 -24.84 -3.75
N LEU B 1715 -35.22 -24.92 -2.87
CA LEU B 1715 -34.93 -25.20 -1.47
C LEU B 1715 -34.34 -26.60 -1.30
N LYS B 1716 -34.86 -27.57 -2.04
CA LYS B 1716 -34.32 -28.93 -1.99
C LYS B 1716 -32.90 -28.97 -2.54
N PHE B 1717 -32.63 -28.20 -3.60
CA PHE B 1717 -31.26 -28.08 -4.08
C PHE B 1717 -30.35 -27.55 -2.98
N HIS B 1718 -30.84 -26.58 -2.22
CA HIS B 1718 -30.02 -26.03 -1.15
C HIS B 1718 -29.75 -27.07 -0.06
N THR B 1719 -30.75 -27.89 0.25
CA THR B 1719 -30.55 -28.94 1.23
C THR B 1719 -29.52 -29.97 0.75
N LEU B 1720 -29.60 -30.32 -0.54
CA LEU B 1720 -28.58 -31.18 -1.13
C LEU B 1720 -27.20 -30.54 -1.01
N TRP B 1721 -27.12 -29.24 -1.28
CA TRP B 1721 -25.84 -28.55 -1.17
C TRP B 1721 -25.30 -28.62 0.25
N ARG B 1722 -26.17 -28.44 1.24
CA ARG B 1722 -25.72 -28.51 2.63
C ARG B 1722 -25.18 -29.90 2.97
N PHE B 1723 -25.95 -30.93 2.67
CA PHE B 1723 -25.57 -32.29 3.06
C PHE B 1723 -24.67 -32.96 2.04
N ARG B 1724 -24.13 -32.20 1.10
CA ARG B 1724 -23.13 -32.73 0.17
C ARG B 1724 -21.97 -33.42 0.87
N TYR B 1725 -21.56 -32.93 2.03
CA TYR B 1725 -20.42 -33.49 2.73
C TYR B 1725 -20.78 -34.63 3.68
N GLN B 1726 -22.05 -34.98 3.79
CA GLN B 1726 -22.52 -35.98 4.74
C GLN B 1726 -23.12 -37.18 4.03
N VAL B 1727 -22.45 -37.69 3.00
CA VAL B 1727 -22.89 -38.86 2.26
C VAL B 1727 -22.02 -40.07 2.56
N TRP B 1728 -20.70 -39.90 2.49
CA TRP B 1728 -19.81 -41.01 2.82
C TRP B 1728 -19.94 -41.48 4.26
N PRO B 1729 -20.03 -40.62 5.28
CA PRO B 1729 -20.24 -41.15 6.64
C PRO B 1729 -21.51 -41.97 6.79
N ARG B 1730 -22.58 -41.60 6.08
CA ARG B 1730 -23.83 -42.34 6.18
C ARG B 1730 -23.82 -43.62 5.36
N MET B 1731 -22.84 -43.78 4.47
CA MET B 1731 -22.90 -44.86 3.50
C MET B 1731 -22.46 -46.18 4.11
N GLU B 1732 -21.20 -46.27 4.52
CA GLU B 1732 -20.65 -47.56 4.95
C GLU B 1732 -19.27 -47.33 5.55
N GLU B 1733 -18.93 -48.16 6.55
CA GLU B 1733 -17.63 -48.07 7.20
C GLU B 1733 -16.48 -48.47 6.28
N GLY B 1734 -16.75 -49.13 5.17
CA GLY B 1734 -15.70 -49.55 4.27
C GLY B 1734 -15.94 -49.18 2.82
N ALA B 1735 -16.76 -48.15 2.60
CA ALA B 1735 -17.07 -47.71 1.25
C ALA B 1735 -15.93 -46.88 0.69
N GLN B 1736 -16.14 -46.36 -0.52
CA GLN B 1736 -15.20 -45.51 -1.25
C GLN B 1736 -13.97 -46.29 -1.69
N GLN B 1737 -13.91 -47.56 -1.30
CA GLN B 1737 -13.12 -48.56 -2.00
C GLN B 1737 -13.97 -49.36 -2.98
N ILE B 1738 -15.17 -49.72 -2.56
CA ILE B 1738 -16.20 -50.17 -3.46
C ILE B 1738 -17.13 -48.98 -3.71
N PHE B 1739 -18.08 -49.16 -4.63
CA PHE B 1739 -19.02 -48.11 -5.02
C PHE B 1739 -18.24 -46.89 -5.52
N LYS B 1740 -17.50 -47.13 -6.60
CA LYS B 1740 -16.63 -46.10 -7.14
C LYS B 1740 -17.46 -44.94 -7.70
N ILE B 1741 -17.08 -43.72 -7.35
CA ILE B 1741 -17.72 -42.51 -7.82
C ILE B 1741 -16.73 -41.81 -8.75
N PRO B 1742 -17.09 -41.58 -10.02
CA PRO B 1742 -16.16 -40.94 -10.96
C PRO B 1742 -15.74 -39.56 -10.46
N PRO B 1743 -14.44 -39.33 -10.28
CA PRO B 1743 -13.96 -38.03 -9.83
C PRO B 1743 -14.20 -36.98 -10.91
N PRO B 1744 -14.32 -35.71 -10.52
CA PRO B 1744 -14.47 -34.65 -11.53
C PRO B 1744 -13.28 -34.64 -12.48
N SER B 1745 -13.56 -34.92 -13.75
CA SER B 1745 -12.51 -35.03 -14.76
C SER B 1745 -12.14 -33.64 -15.24
N ILE B 1746 -11.14 -33.06 -14.61
CA ILE B 1746 -10.62 -31.75 -15.02
C ILE B 1746 -9.67 -31.94 -16.19
N ASN B 1747 -9.90 -31.19 -17.26
CA ASN B 1747 -9.12 -31.34 -18.48
C ASN B 1747 -7.95 -30.36 -18.55
N PHE B 1748 -8.21 -29.09 -18.32
CA PHE B 1748 -7.18 -28.06 -18.41
C PHE B 1748 -6.55 -27.82 -17.04
N THR B 1749 -5.53 -26.99 -17.03
CA THR B 1749 -4.80 -26.64 -15.81
C THR B 1749 -4.86 -25.13 -15.60
N LEU B 1750 -5.02 -24.73 -14.35
CA LEU B 1750 -5.01 -23.32 -14.01
C LEU B 1750 -3.60 -22.76 -14.20
N PRO B 1751 -3.47 -21.44 -14.31
CA PRO B 1751 -2.13 -20.84 -14.40
C PRO B 1751 -1.27 -21.23 -13.21
N SER B 1752 0.03 -21.43 -13.48
CA SER B 1752 0.91 -22.00 -12.46
C SER B 1752 0.95 -21.17 -11.19
N PRO B 1753 1.12 -19.85 -11.22
CA PRO B 1753 0.74 -19.06 -10.05
C PRO B 1753 -0.68 -18.52 -10.23
N VAL B 1754 -1.45 -18.54 -9.14
CA VAL B 1754 -2.80 -18.00 -9.18
C VAL B 1754 -2.73 -16.52 -9.49
N LEU B 1755 -3.60 -16.07 -10.40
CA LEU B 1755 -3.47 -14.72 -10.94
C LEU B 1755 -3.83 -13.66 -9.91
N GLY B 1756 -4.95 -13.83 -9.22
CA GLY B 1756 -5.40 -12.88 -8.22
C GLY B 1756 -5.28 -13.42 -6.81
N MET B 1757 -5.70 -12.59 -5.87
CA MET B 1757 -5.74 -13.01 -4.47
C MET B 1757 -6.85 -14.04 -4.29
N PRO B 1758 -6.60 -15.13 -3.57
CA PRO B 1758 -7.65 -16.16 -3.40
C PRO B 1758 -8.90 -15.63 -2.74
N SER B 1759 -8.77 -14.69 -1.80
CA SER B 1759 -9.89 -14.12 -1.08
C SER B 1759 -9.40 -12.91 -0.30
N VAL B 1760 -10.33 -12.03 0.05
CA VAL B 1760 -10.03 -10.87 0.88
C VAL B 1760 -10.29 -11.26 2.34
N PRO B 1761 -9.28 -11.25 3.20
CA PRO B 1761 -9.52 -11.57 4.60
C PRO B 1761 -10.45 -10.55 5.26
N MET B 1762 -11.34 -11.03 6.09
CA MET B 1762 -12.26 -10.14 6.79
C MET B 1762 -11.53 -9.41 7.90
N PHE B 1763 -11.79 -8.12 8.01
CA PHE B 1763 -11.11 -7.31 9.01
C PHE B 1763 -11.67 -7.60 10.39
N ASP B 1764 -10.78 -7.86 11.34
CA ASP B 1764 -11.12 -8.13 12.73
C ASP B 1764 -12.18 -9.22 12.84
N PRO B 1765 -11.85 -10.47 12.52
CA PRO B 1765 -12.84 -11.53 12.64
C PRO B 1765 -13.14 -11.82 14.09
N PRO B 1766 -14.42 -11.98 14.45
CA PRO B 1766 -14.76 -12.36 15.82
C PRO B 1766 -14.27 -13.73 16.22
N TRP B 1767 -13.94 -14.58 15.25
CA TRP B 1767 -13.54 -15.96 15.51
C TRP B 1767 -12.03 -16.15 15.52
N VAL B 1768 -11.25 -15.08 15.41
CA VAL B 1768 -9.79 -15.16 15.46
C VAL B 1768 -9.33 -14.52 16.76
N PRO B 1769 -8.82 -15.29 17.72
CA PRO B 1769 -8.38 -14.70 18.99
C PRO B 1769 -7.09 -13.92 18.81
N GLN B 1770 -7.05 -12.73 19.40
CA GLN B 1770 -5.86 -11.88 19.31
C GLN B 1770 -4.85 -12.26 20.39
N LEU B 1803 -4.71 8.36 26.52
CA LEU B 1803 -4.71 7.13 25.75
C LEU B 1803 -5.12 7.39 24.30
N LYS B 1804 -4.34 8.24 23.62
CA LYS B 1804 -4.61 8.53 22.22
C LYS B 1804 -4.43 7.28 21.35
N ASN B 1805 -3.44 6.46 21.68
CA ASN B 1805 -3.17 5.27 20.88
C ASN B 1805 -4.34 4.30 20.91
N LEU B 1806 -4.94 4.09 22.07
CA LEU B 1806 -6.08 3.18 22.16
C LEU B 1806 -7.26 3.71 21.35
N GLN B 1807 -7.53 5.02 21.44
CA GLN B 1807 -8.65 5.60 20.71
C GLN B 1807 -8.43 5.51 19.21
N GLN B 1808 -7.22 5.80 18.74
CA GLN B 1808 -6.96 5.71 17.30
C GLN B 1808 -6.98 4.27 16.82
N GLU B 1809 -6.54 3.32 17.66
CA GLU B 1809 -6.64 1.91 17.28
C GLU B 1809 -8.10 1.48 17.18
N GLU B 1810 -8.94 1.93 18.12
CA GLU B 1810 -10.36 1.61 18.04
C GLU B 1810 -10.99 2.22 16.80
N GLU B 1811 -10.63 3.45 16.46
CA GLU B 1811 -11.16 4.07 15.25
C GLU B 1811 -10.71 3.31 14.01
N LYS B 1812 -9.45 2.89 13.98
CA LYS B 1812 -8.96 2.11 12.84
C LYS B 1812 -9.71 0.80 12.71
N LYS B 1813 -9.94 0.12 13.83
CA LYS B 1813 -10.68 -1.15 13.79
C LYS B 1813 -12.11 -0.92 13.30
N ARG B 1814 -12.76 0.14 13.78
CA ARG B 1814 -14.12 0.41 13.35
C ARG B 1814 -14.17 0.71 11.86
N LEU B 1815 -13.23 1.50 11.36
CA LEU B 1815 -13.20 1.78 9.92
C LEU B 1815 -12.94 0.52 9.10
N GLY B 1816 -12.04 -0.33 9.57
CA GLY B 1816 -11.77 -1.57 8.86
C GLY B 1816 -12.97 -2.49 8.83
N ARG B 1817 -13.69 -2.60 9.95
CA ARG B 1817 -14.90 -3.41 9.98
C ARG B 1817 -15.97 -2.83 9.06
N GLU B 1818 -16.12 -1.51 9.04
CA GLU B 1818 -17.10 -0.90 8.16
C GLU B 1818 -16.72 -1.07 6.69
N ALA B 1819 -15.42 -1.20 6.41
CA ALA B 1819 -14.97 -1.37 5.03
C ALA B 1819 -14.95 -2.82 4.57
N SER B 1820 -15.17 -3.78 5.47
CA SER B 1820 -15.10 -5.19 5.14
C SER B 1820 -16.50 -5.78 5.09
N LEU B 1821 -16.79 -6.53 4.04
CA LEU B 1821 -18.12 -7.08 3.82
C LEU B 1821 -18.20 -8.49 4.41
N ILE B 1822 -19.09 -8.65 5.38
CA ILE B 1822 -19.22 -9.93 6.05
C ILE B 1822 -20.21 -10.85 5.33
N THR B 1823 -21.13 -10.28 4.55
CA THR B 1823 -22.06 -11.10 3.78
C THR B 1823 -21.39 -11.82 2.62
N ALA B 1824 -20.15 -11.47 2.30
CA ALA B 1824 -19.45 -12.02 1.15
C ALA B 1824 -18.41 -13.07 1.54
N ILE B 1825 -18.50 -13.63 2.74
CA ILE B 1825 -17.59 -14.69 3.18
C ILE B 1825 -18.40 -15.84 3.73
N PRO B 1826 -17.91 -17.08 3.69
CA PRO B 1826 -18.61 -18.17 4.37
C PRO B 1826 -18.46 -18.02 5.87
N ILE B 1827 -19.53 -17.55 6.52
CA ILE B 1827 -19.41 -17.16 7.92
C ILE B 1827 -19.24 -18.37 8.82
N THR B 1828 -20.03 -19.42 8.59
CA THR B 1828 -19.94 -20.59 9.44
C THR B 1828 -18.72 -21.44 9.09
N GLN B 1829 -18.34 -21.49 7.82
CA GLN B 1829 -17.17 -22.26 7.43
C GLN B 1829 -15.90 -21.69 8.04
N GLU B 1830 -15.76 -20.37 8.06
CA GLU B 1830 -14.58 -19.74 8.61
C GLU B 1830 -14.58 -19.70 10.14
N ALA B 1831 -15.75 -19.86 10.76
CA ALA B 1831 -15.87 -19.79 12.21
C ALA B 1831 -15.81 -21.16 12.88
N CYS B 1832 -15.50 -22.21 12.12
CA CYS B 1832 -15.37 -23.55 12.67
C CYS B 1832 -13.89 -23.88 12.83
N TYR B 1833 -13.54 -24.47 13.98
CA TYR B 1833 -12.15 -24.82 14.23
C TYR B 1833 -11.73 -25.99 13.36
N GLU B 1834 -10.42 -26.21 13.31
CA GLU B 1834 -9.86 -27.34 12.56
C GLU B 1834 -9.01 -28.23 13.46
N PRO B 1907 -12.79 -36.31 4.08
CA PRO B 1907 -13.87 -35.33 4.06
C PRO B 1907 -14.28 -34.96 2.65
N GLN B 1908 -14.48 -35.96 1.79
CA GLN B 1908 -14.83 -35.70 0.40
C GLN B 1908 -16.28 -35.23 0.29
N ALA B 1909 -16.63 -34.75 -0.90
CA ALA B 1909 -17.95 -34.21 -1.16
C ALA B 1909 -18.56 -34.94 -2.35
N VAL B 1910 -19.85 -35.26 -2.24
CA VAL B 1910 -20.59 -35.93 -3.30
C VAL B 1910 -21.53 -34.91 -3.91
N PHE B 1911 -21.28 -34.56 -5.18
CA PHE B 1911 -22.12 -33.61 -5.89
C PHE B 1911 -22.00 -33.89 -7.38
N PRO B 1912 -22.78 -34.84 -7.91
CA PRO B 1912 -22.57 -35.28 -9.29
C PRO B 1912 -22.92 -34.23 -10.33
N ALA B 1913 -22.80 -34.61 -11.61
CA ALA B 1913 -22.89 -33.64 -12.70
C ALA B 1913 -24.32 -33.20 -12.94
N CYS B 1914 -25.31 -34.06 -12.65
CA CYS B 1914 -26.70 -33.63 -12.81
C CYS B 1914 -27.08 -32.58 -11.77
N ILE B 1915 -26.67 -32.78 -10.52
CA ILE B 1915 -26.98 -31.80 -9.48
C ILE B 1915 -26.27 -30.48 -9.78
N CYS B 1916 -25.05 -30.54 -10.32
CA CYS B 1916 -24.39 -29.32 -10.74
C CYS B 1916 -25.10 -28.66 -11.92
N ALA B 1917 -25.57 -29.47 -12.87
CA ALA B 1917 -26.30 -28.94 -14.01
C ALA B 1917 -27.61 -28.30 -13.59
N ALA B 1918 -28.12 -28.67 -12.42
CA ALA B 1918 -29.32 -28.03 -11.88
C ALA B 1918 -29.12 -26.55 -11.58
N VAL B 1919 -27.88 -26.07 -11.58
CA VAL B 1919 -27.62 -24.66 -11.28
C VAL B 1919 -28.16 -23.76 -12.39
N LEU B 1920 -28.06 -24.20 -13.65
CA LEU B 1920 -28.60 -23.40 -14.74
C LEU B 1920 -30.08 -23.08 -14.56
N PRO B 1921 -30.96 -24.05 -14.26
CA PRO B 1921 -32.35 -23.67 -13.94
C PRO B 1921 -32.46 -22.72 -12.77
N ILE B 1922 -31.58 -22.84 -11.77
CA ILE B 1922 -31.61 -21.91 -10.65
C ILE B 1922 -31.17 -20.52 -11.08
N VAL B 1923 -30.18 -20.44 -11.98
CA VAL B 1923 -29.80 -19.14 -12.54
C VAL B 1923 -30.98 -18.51 -13.26
N HIS B 1924 -31.72 -19.31 -14.03
CA HIS B 1924 -32.90 -18.77 -14.71
C HIS B 1924 -33.99 -18.37 -13.73
N LEU B 1925 -34.15 -19.14 -12.64
CA LEU B 1925 -35.16 -18.80 -11.64
C LEU B 1925 -34.77 -17.57 -10.83
N MET B 1926 -33.49 -17.17 -10.86
CA MET B 1926 -33.11 -15.92 -10.24
C MET B 1926 -33.90 -14.75 -10.82
N GLU B 1927 -34.39 -14.89 -12.05
CA GLU B 1927 -35.23 -13.89 -12.69
C GLU B 1927 -36.71 -14.22 -12.62
N ASP B 1928 -37.08 -15.35 -12.01
CA ASP B 1928 -38.48 -15.77 -11.93
C ASP B 1928 -39.14 -14.97 -10.82
N GLY B 1929 -39.90 -13.94 -11.20
CA GLY B 1929 -40.45 -13.04 -10.22
C GLY B 1929 -41.76 -13.51 -9.62
N GLU B 1930 -42.10 -14.77 -9.83
CA GLU B 1930 -43.38 -15.30 -9.38
C GLU B 1930 -43.37 -15.43 -7.87
N VAL B 1931 -44.41 -14.89 -7.23
CA VAL B 1931 -44.47 -14.76 -5.78
C VAL B 1931 -45.42 -15.81 -5.22
N ARG B 1932 -44.97 -16.53 -4.20
CA ARG B 1932 -45.82 -17.50 -3.51
C ARG B 1932 -46.87 -16.77 -2.67
N GLU B 1933 -47.85 -17.54 -2.19
CA GLU B 1933 -48.92 -16.94 -1.39
C GLU B 1933 -48.45 -16.51 -0.01
N ASP B 1934 -47.28 -16.95 0.42
CA ASP B 1934 -46.68 -16.49 1.67
C ASP B 1934 -45.83 -15.25 1.46
N GLY B 1935 -45.83 -14.68 0.26
CA GLY B 1935 -45.05 -13.51 -0.03
C GLY B 1935 -43.63 -13.78 -0.47
N VAL B 1936 -43.23 -15.05 -0.54
CA VAL B 1936 -41.86 -15.41 -0.91
C VAL B 1936 -41.80 -15.60 -2.42
N ALA B 1937 -40.87 -14.90 -3.07
CA ALA B 1937 -40.70 -14.99 -4.50
C ALA B 1937 -39.62 -16.00 -4.85
N VAL B 1938 -39.78 -16.62 -6.02
CA VAL B 1938 -38.79 -17.60 -6.48
C VAL B 1938 -37.44 -16.92 -6.72
N SER B 1939 -37.47 -15.68 -7.21
CA SER B 1939 -36.22 -14.99 -7.51
C SER B 1939 -35.39 -14.78 -6.25
N ALA B 1940 -36.03 -14.39 -5.14
CA ALA B 1940 -35.29 -14.15 -3.90
C ALA B 1940 -34.65 -15.44 -3.40
N VAL B 1941 -35.40 -16.54 -3.40
CA VAL B 1941 -34.86 -17.81 -2.96
C VAL B 1941 -33.70 -18.26 -3.84
N ALA B 1942 -33.87 -18.14 -5.16
CA ALA B 1942 -32.81 -18.57 -6.07
C ALA B 1942 -31.56 -17.74 -5.90
N GLN B 1943 -31.72 -16.41 -5.77
CA GLN B 1943 -30.56 -15.55 -5.55
C GLN B 1943 -29.87 -15.89 -4.25
N GLN B 1944 -30.63 -16.11 -3.18
CA GLN B 1944 -30.02 -16.44 -1.90
C GLN B 1944 -29.26 -17.75 -1.96
N VAL B 1945 -29.87 -18.78 -2.58
CA VAL B 1945 -29.24 -20.09 -2.65
C VAL B 1945 -27.96 -20.00 -3.46
N LEU B 1946 -28.00 -19.33 -4.61
CA LEU B 1946 -26.81 -19.24 -5.44
C LEU B 1946 -25.74 -18.37 -4.79
N TRP B 1947 -26.14 -17.31 -4.09
CA TRP B 1947 -25.15 -16.51 -3.38
C TRP B 1947 -24.45 -17.32 -2.31
N ASN B 1948 -25.20 -18.11 -1.54
CA ASN B 1948 -24.57 -18.95 -0.53
C ASN B 1948 -23.67 -20.00 -1.15
N CYS B 1949 -24.09 -20.59 -2.27
CA CYS B 1949 -23.25 -21.59 -2.92
C CYS B 1949 -21.96 -20.98 -3.45
N LEU B 1950 -22.03 -19.82 -4.09
CA LEU B 1950 -20.83 -19.16 -4.61
C LEU B 1950 -19.96 -18.64 -3.47
N ILE B 1951 -20.56 -18.29 -2.33
CA ILE B 1951 -19.79 -17.89 -1.17
C ILE B 1951 -19.02 -19.08 -0.61
N GLU B 1952 -19.68 -20.22 -0.49
CA GLU B 1952 -19.06 -21.37 0.18
C GLU B 1952 -17.98 -22.01 -0.69
N ASP B 1953 -18.36 -22.53 -1.85
CA ASP B 1953 -17.42 -23.21 -2.73
C ASP B 1953 -17.85 -23.01 -4.18
N PRO B 1954 -17.28 -22.03 -4.87
CA PRO B 1954 -17.64 -21.83 -6.28
C PRO B 1954 -17.12 -22.92 -7.19
N SER B 1955 -16.09 -23.66 -6.79
CA SER B 1955 -15.51 -24.67 -7.66
C SER B 1955 -16.52 -25.75 -7.99
N THR B 1956 -17.24 -26.26 -6.98
CA THR B 1956 -18.24 -27.28 -7.24
C THR B 1956 -19.42 -26.71 -8.02
N VAL B 1957 -19.75 -25.44 -7.80
CA VAL B 1957 -20.86 -24.84 -8.53
C VAL B 1957 -20.54 -24.75 -10.01
N LEU B 1958 -19.31 -24.34 -10.35
CA LEU B 1958 -18.93 -24.08 -11.72
C LEU B 1958 -18.21 -25.25 -12.39
N ARG B 1959 -18.06 -26.37 -11.69
CA ARG B 1959 -17.36 -27.52 -12.26
C ARG B 1959 -18.02 -28.00 -13.55
N HIS B 1960 -19.33 -28.19 -13.51
CA HIS B 1960 -20.04 -28.70 -14.69
C HIS B 1960 -19.89 -27.76 -15.88
N PHE B 1961 -20.10 -26.46 -15.64
CA PHE B 1961 -20.06 -25.49 -16.72
C PHE B 1961 -18.66 -25.39 -17.31
N LEU B 1962 -17.63 -25.41 -16.46
CA LEU B 1962 -16.27 -25.30 -16.96
C LEU B 1962 -15.85 -26.55 -17.71
N GLU B 1963 -16.25 -27.73 -17.24
CA GLU B 1963 -15.90 -28.96 -17.96
C GLU B 1963 -16.63 -29.06 -19.28
N LYS B 1964 -17.85 -28.52 -19.37
CA LYS B 1964 -18.64 -28.67 -20.59
C LYS B 1964 -17.95 -28.04 -21.80
N LEU B 1965 -17.17 -26.98 -21.61
CA LEU B 1965 -16.52 -26.34 -22.75
C LEU B 1965 -15.51 -27.26 -23.41
N THR B 1966 -14.66 -27.90 -22.61
CA THR B 1966 -13.75 -28.89 -23.16
C THR B 1966 -14.53 -30.08 -23.71
N ILE B 1967 -15.62 -30.45 -23.04
CA ILE B 1967 -16.40 -31.60 -23.50
C ILE B 1967 -17.03 -31.33 -24.86
N SER B 1968 -17.65 -30.16 -25.03
CA SER B 1968 -18.42 -29.90 -26.23
C SER B 1968 -18.46 -28.41 -26.52
N ASN B 1969 -18.88 -28.08 -27.74
CA ASN B 1969 -19.00 -26.70 -28.20
C ASN B 1969 -20.20 -26.05 -27.52
N ARG B 1970 -19.97 -25.41 -26.38
CA ARG B 1970 -21.06 -24.84 -25.59
C ARG B 1970 -20.69 -23.47 -25.03
N GLN B 1971 -19.70 -22.80 -25.63
CA GLN B 1971 -19.16 -21.56 -25.05
C GLN B 1971 -20.16 -20.42 -25.15
N ASP B 1972 -20.86 -20.32 -26.27
CA ASP B 1972 -21.83 -19.24 -26.43
C ASP B 1972 -22.93 -19.29 -25.39
N GLU B 1973 -23.17 -20.46 -24.81
CA GLU B 1973 -24.13 -20.61 -23.74
C GLU B 1973 -23.50 -20.52 -22.36
N LEU B 1974 -22.27 -20.99 -22.20
CA LEU B 1974 -21.60 -20.82 -20.91
C LEU B 1974 -21.41 -19.35 -20.59
N MET B 1975 -20.94 -18.57 -21.56
CA MET B 1975 -20.74 -17.15 -21.30
C MET B 1975 -22.07 -16.45 -21.04
N TYR B 1976 -23.11 -16.86 -21.76
CA TYR B 1976 -24.44 -16.30 -21.53
C TYR B 1976 -24.92 -16.58 -20.12
N MET B 1977 -24.73 -17.81 -19.64
CA MET B 1977 -25.20 -18.15 -18.30
C MET B 1977 -24.36 -17.46 -17.23
N LEU B 1978 -23.05 -17.35 -17.45
CA LEU B 1978 -22.21 -16.63 -16.49
C LEU B 1978 -22.58 -15.16 -16.41
N ARG B 1979 -22.84 -14.55 -17.56
CA ARG B 1979 -23.25 -13.14 -17.57
C ARG B 1979 -24.60 -12.98 -16.88
N LYS B 1980 -25.53 -13.91 -17.13
CA LYS B 1980 -26.83 -13.87 -16.47
C LYS B 1980 -26.67 -13.98 -14.95
N LEU B 1981 -25.83 -14.90 -14.49
CA LEU B 1981 -25.59 -15.06 -13.06
C LEU B 1981 -25.00 -13.80 -12.46
N LEU B 1982 -24.01 -13.21 -13.14
CA LEU B 1982 -23.39 -11.98 -12.63
C LEU B 1982 -24.40 -10.85 -12.57
N LEU B 1983 -25.22 -10.70 -13.61
CA LEU B 1983 -26.20 -9.62 -13.63
C LEU B 1983 -27.23 -9.78 -12.52
N ASN B 1984 -27.73 -11.00 -12.34
CA ASN B 1984 -28.76 -11.20 -11.33
C ASN B 1984 -28.20 -11.06 -9.91
N ILE B 1985 -27.03 -11.62 -9.65
CA ILE B 1985 -26.41 -11.46 -8.34
C ILE B 1985 -25.93 -10.03 -8.15
N GLY B 1986 -25.43 -9.41 -9.20
CA GLY B 1986 -25.05 -8.01 -9.16
C GLY B 1986 -23.60 -7.74 -8.77
N ASP B 1987 -22.85 -8.76 -8.42
CA ASP B 1987 -21.46 -8.59 -7.98
C ASP B 1987 -20.77 -9.93 -8.11
N PHE B 1988 -19.52 -9.98 -7.66
CA PHE B 1988 -18.77 -11.22 -7.55
C PHE B 1988 -17.88 -11.14 -6.33
N PRO B 1989 -18.03 -12.05 -5.36
CA PRO B 1989 -17.11 -12.09 -4.23
C PRO B 1989 -15.70 -12.39 -4.70
N ALA B 1990 -14.73 -12.04 -3.85
CA ALA B 1990 -13.33 -12.14 -4.24
C ALA B 1990 -12.95 -13.56 -4.60
N GLN B 1991 -13.37 -14.53 -3.78
CA GLN B 1991 -13.04 -15.92 -4.07
C GLN B 1991 -13.71 -16.39 -5.36
N THR B 1992 -14.97 -16.02 -5.56
CA THR B 1992 -15.68 -16.41 -6.77
C THR B 1992 -15.03 -15.82 -8.01
N SER B 1993 -14.71 -14.52 -7.96
CA SER B 1993 -14.09 -13.87 -9.10
C SER B 1993 -12.71 -14.45 -9.38
N HIS B 1994 -11.93 -14.72 -8.33
CA HIS B 1994 -10.61 -15.32 -8.51
C HIS B 1994 -10.72 -16.68 -9.19
N ILE B 1995 -11.63 -17.53 -8.69
CA ILE B 1995 -11.78 -18.87 -9.25
C ILE B 1995 -12.20 -18.78 -10.71
N LEU B 1996 -13.20 -17.93 -10.99
CA LEU B 1996 -13.71 -17.84 -12.35
C LEU B 1996 -12.66 -17.29 -13.31
N PHE B 1997 -11.89 -16.29 -12.86
CA PHE B 1997 -10.86 -15.72 -13.71
C PHE B 1997 -9.78 -16.75 -14.01
N ASN B 1998 -9.34 -17.48 -12.98
CA ASN B 1998 -8.30 -18.48 -13.21
C ASN B 1998 -8.80 -19.58 -14.14
N TYR B 1999 -10.04 -20.02 -13.98
CA TYR B 1999 -10.56 -21.07 -14.84
C TYR B 1999 -10.75 -20.59 -16.27
N LEU B 2000 -11.22 -19.35 -16.47
CA LEU B 2000 -11.35 -18.83 -17.83
C LEU B 2000 -10.00 -18.67 -18.51
N VAL B 2001 -9.00 -18.19 -17.76
CA VAL B 2001 -7.66 -18.08 -18.33
C VAL B 2001 -7.10 -19.46 -18.66
N GLY B 2002 -7.33 -20.43 -17.78
CA GLY B 2002 -6.88 -21.79 -18.06
C GLY B 2002 -7.57 -22.39 -19.27
N LEU B 2003 -8.84 -22.01 -19.48
CA LEU B 2003 -9.56 -22.47 -20.66
C LEU B 2003 -9.00 -21.87 -21.94
N ILE B 2004 -8.71 -20.56 -21.91
CA ILE B 2004 -8.03 -19.93 -23.04
C ILE B 2004 -6.71 -20.63 -23.31
N MET B 2005 -5.95 -20.92 -22.25
CA MET B 2005 -4.68 -21.60 -22.38
C MET B 2005 -4.85 -22.98 -23.00
N TYR B 2006 -5.87 -23.72 -22.56
CA TYR B 2006 -6.12 -25.06 -23.08
C TYR B 2006 -6.43 -25.01 -24.57
N PHE B 2007 -7.27 -24.07 -24.99
CA PHE B 2007 -7.63 -24.00 -26.40
C PHE B 2007 -6.50 -23.43 -27.24
N VAL B 2008 -5.56 -22.70 -26.64
CA VAL B 2008 -4.35 -22.31 -27.35
C VAL B 2008 -3.45 -23.52 -27.55
N ARG B 2009 -3.34 -24.38 -26.54
CA ARG B 2009 -2.40 -25.50 -26.64
C ARG B 2009 -3.01 -26.70 -27.35
N THR B 2010 -4.20 -27.12 -26.95
CA THR B 2010 -4.73 -28.31 -27.61
C THR B 2010 -5.51 -27.93 -28.85
N PRO B 2011 -5.13 -28.46 -30.01
CA PRO B 2011 -5.87 -28.17 -31.24
C PRO B 2011 -7.29 -28.71 -31.16
N CYS B 2012 -8.26 -27.81 -31.24
CA CYS B 2012 -9.65 -28.17 -31.16
C CYS B 2012 -10.41 -27.48 -32.28
N GLU B 2013 -11.53 -28.11 -32.69
CA GLU B 2013 -12.32 -27.55 -33.78
C GLU B 2013 -12.90 -26.19 -33.41
N TRP B 2014 -13.37 -26.03 -32.18
CA TRP B 2014 -14.00 -24.80 -31.72
C TRP B 2014 -13.09 -23.99 -30.80
N GLY B 2015 -11.79 -24.22 -30.86
CA GLY B 2015 -10.89 -23.56 -29.92
C GLY B 2015 -10.86 -22.06 -30.08
N MET B 2016 -10.72 -21.60 -31.32
CA MET B 2016 -10.69 -20.16 -31.57
C MET B 2016 -12.02 -19.51 -31.21
N ASP B 2017 -13.13 -20.17 -31.53
CA ASP B 2017 -14.44 -19.64 -31.20
C ASP B 2017 -14.63 -19.57 -29.69
N ALA B 2018 -14.19 -20.60 -28.98
CA ALA B 2018 -14.28 -20.59 -27.52
C ALA B 2018 -13.42 -19.49 -26.92
N ILE B 2019 -12.23 -19.27 -27.49
CA ILE B 2019 -11.36 -18.20 -27.01
C ILE B 2019 -12.00 -16.85 -27.21
N SER B 2020 -12.62 -16.62 -28.37
CA SER B 2020 -13.33 -15.37 -28.61
C SER B 2020 -14.47 -15.19 -27.62
N ALA B 2021 -15.25 -16.25 -27.40
CA ALA B 2021 -16.38 -16.16 -26.50
C ALA B 2021 -15.94 -15.87 -25.06
N THR B 2022 -14.83 -16.47 -24.63
CA THR B 2022 -14.36 -16.21 -23.27
C THR B 2022 -13.71 -14.84 -23.16
N LEU B 2023 -13.12 -14.33 -24.24
CA LEU B 2023 -12.57 -12.98 -24.21
C LEU B 2023 -13.67 -11.94 -24.18
N THR B 2024 -14.84 -12.27 -24.72
CA THR B 2024 -15.96 -11.34 -24.64
C THR B 2024 -16.48 -11.15 -23.22
N PHE B 2025 -16.06 -11.98 -22.26
CA PHE B 2025 -16.57 -11.91 -20.89
C PHE B 2025 -15.47 -11.80 -19.84
N LEU B 2026 -14.22 -12.12 -20.18
CA LEU B 2026 -13.15 -12.01 -19.21
C LEU B 2026 -12.97 -10.58 -18.74
N TRP B 2027 -13.32 -9.60 -19.57
CA TRP B 2027 -13.21 -8.21 -19.15
C TRP B 2027 -14.21 -7.88 -18.05
N GLU B 2028 -15.41 -8.42 -18.12
CA GLU B 2028 -16.35 -8.27 -17.02
C GLU B 2028 -15.86 -9.00 -15.78
N VAL B 2029 -15.29 -10.20 -15.96
CA VAL B 2029 -14.84 -10.99 -14.82
C VAL B 2029 -13.74 -10.26 -14.07
N VAL B 2030 -12.76 -9.73 -14.80
CA VAL B 2030 -11.55 -9.20 -14.18
C VAL B 2030 -11.80 -7.97 -13.33
N GLY B 2031 -12.93 -7.29 -13.52
CA GLY B 2031 -13.23 -6.12 -12.71
C GLY B 2031 -13.50 -6.43 -11.26
N TYR B 2032 -13.63 -7.70 -10.88
CA TYR B 2032 -13.88 -8.11 -9.52
C TYR B 2032 -12.74 -8.87 -8.89
N VAL B 2033 -11.80 -9.37 -9.68
CA VAL B 2033 -10.64 -10.07 -9.12
C VAL B 2033 -9.84 -9.10 -8.27
N GLU B 2034 -9.42 -9.58 -7.10
CA GLU B 2034 -8.73 -8.74 -6.13
C GLU B 2034 -7.23 -9.04 -6.15
N GLY B 2035 -6.43 -7.98 -6.09
CA GLY B 2035 -4.99 -8.16 -6.02
C GLY B 2035 -4.34 -8.57 -7.32
N LEU B 2036 -4.99 -8.34 -8.45
CA LEU B 2036 -4.41 -8.67 -9.74
C LEU B 2036 -3.61 -7.48 -10.25
N PHE B 2037 -2.34 -7.70 -10.56
CA PHE B 2037 -1.44 -6.65 -10.99
C PHE B 2037 -0.87 -7.00 -12.35
N PHE B 2038 -0.62 -5.96 -13.14
CA PHE B 2038 -0.22 -6.16 -14.54
C PHE B 2038 1.12 -6.89 -14.64
N LYS B 2039 2.06 -6.58 -13.75
CA LYS B 2039 3.36 -7.25 -13.81
C LYS B 2039 3.24 -8.74 -13.54
N ASP B 2040 2.47 -9.11 -12.51
CA ASP B 2040 2.25 -10.52 -12.23
C ASP B 2040 1.51 -11.19 -13.38
N LEU B 2041 0.58 -10.47 -14.00
CA LEU B 2041 -0.13 -11.00 -15.15
C LEU B 2041 0.83 -11.33 -16.28
N LYS B 2042 1.70 -10.38 -16.62
CA LYS B 2042 2.69 -10.62 -17.67
C LYS B 2042 3.60 -11.79 -17.30
N GLN B 2043 4.05 -11.85 -16.06
CA GLN B 2043 4.95 -12.91 -15.63
C GLN B 2043 4.29 -14.28 -15.81
N THR B 2044 3.09 -14.44 -15.26
CA THR B 2044 2.41 -15.73 -15.39
C THR B 2044 2.13 -16.07 -16.84
N MET B 2045 1.71 -15.09 -17.64
CA MET B 2045 1.33 -15.38 -19.02
C MET B 2045 2.53 -15.78 -19.86
N LYS B 2046 3.65 -15.07 -19.74
CA LYS B 2046 4.81 -15.46 -20.52
C LYS B 2046 5.45 -16.71 -19.96
N LYS B 2047 5.19 -17.05 -18.70
CA LYS B 2047 5.54 -18.37 -18.21
C LYS B 2047 4.71 -19.44 -18.90
N GLU B 2048 3.42 -19.18 -19.09
CA GLU B 2048 2.50 -20.15 -19.69
C GLU B 2048 2.50 -20.12 -21.21
N GLN B 2049 3.27 -19.24 -21.84
CA GLN B 2049 3.30 -19.09 -23.29
C GLN B 2049 1.90 -18.83 -23.84
N CYS B 2050 1.12 -18.01 -23.14
CA CYS B 2050 -0.22 -17.65 -23.57
C CYS B 2050 -0.48 -16.17 -23.39
N GLU B 2051 0.57 -15.35 -23.44
CA GLU B 2051 0.43 -13.93 -23.16
C GLU B 2051 -0.31 -13.21 -24.28
N VAL B 2052 -0.11 -13.63 -25.52
CA VAL B 2052 -0.66 -12.90 -26.66
C VAL B 2052 -2.18 -12.86 -26.61
N LYS B 2053 -2.80 -13.89 -26.06
CA LYS B 2053 -4.24 -14.05 -26.20
C LYS B 2053 -5.03 -13.10 -25.31
N LEU B 2054 -4.51 -12.75 -24.13
CA LEU B 2054 -5.23 -11.83 -23.26
C LEU B 2054 -4.51 -10.53 -22.96
N LEU B 2055 -3.24 -10.41 -23.34
CA LEU B 2055 -2.51 -9.15 -23.19
C LEU B 2055 -2.28 -8.55 -24.56
N VAL B 2056 -2.78 -7.33 -24.78
CA VAL B 2056 -2.61 -6.65 -26.05
C VAL B 2056 -1.18 -6.15 -26.24
N THR B 2057 -0.36 -6.23 -25.20
CA THR B 2057 1.05 -5.88 -25.24
C THR B 2057 1.83 -7.16 -24.95
N ALA B 2058 2.09 -7.95 -26.00
CA ALA B 2058 2.66 -9.28 -25.84
C ALA B 2058 4.12 -9.37 -26.25
N SER B 2059 4.45 -8.95 -27.47
CA SER B 2059 5.82 -8.92 -27.97
C SER B 2059 6.42 -10.32 -28.07
N MET B 2060 5.83 -11.12 -28.99
CA MET B 2060 6.39 -12.43 -29.31
C MET B 2060 7.26 -12.35 -30.55
N PRO B 2061 8.27 -13.23 -30.68
CA PRO B 2061 9.26 -13.07 -31.75
C PRO B 2061 8.74 -13.21 -33.16
N GLY B 2062 8.14 -14.36 -33.47
CA GLY B 2062 7.76 -14.71 -34.82
C GLY B 2062 8.18 -16.13 -35.14
N THR B 2063 8.12 -16.50 -36.41
CA THR B 2063 8.41 -17.86 -36.82
C THR B 2063 9.66 -18.01 -37.66
N LYS B 2064 9.98 -17.02 -38.50
CA LYS B 2064 11.23 -16.96 -39.24
C LYS B 2064 11.28 -17.99 -40.37
N THR B 2065 10.25 -18.84 -40.47
CA THR B 2065 10.12 -19.83 -41.52
C THR B 2065 8.81 -20.57 -41.31
N LEU B 2066 8.32 -21.21 -42.37
CA LEU B 2066 7.19 -22.13 -42.24
C LEU B 2066 7.13 -22.99 -43.49
N VAL B 2067 6.67 -24.22 -43.31
CA VAL B 2067 6.57 -25.20 -44.39
C VAL B 2067 5.14 -25.23 -44.90
N VAL B 2068 4.97 -25.04 -46.19
CA VAL B 2068 3.68 -25.10 -46.84
C VAL B 2068 3.64 -26.35 -47.70
N HIS B 2069 2.64 -27.19 -47.46
CA HIS B 2069 2.42 -28.40 -48.24
C HIS B 2069 1.63 -28.09 -49.48
N GLY B 2070 1.80 -28.93 -50.49
CA GLY B 2070 1.03 -28.79 -51.71
C GLY B 2070 -0.32 -29.45 -51.60
N GLN B 2071 -1.14 -29.25 -52.63
CA GLN B 2071 -2.42 -29.93 -52.69
C GLN B 2071 -2.23 -31.44 -52.79
N ASN B 2072 -1.30 -31.87 -53.64
CA ASN B 2072 -1.01 -33.29 -53.78
C ASN B 2072 -0.16 -33.76 -52.62
N GLU B 2073 -0.45 -34.96 -52.11
CA GLU B 2073 0.31 -35.50 -50.99
C GLU B 2073 1.70 -35.96 -51.42
N CYS B 2074 1.89 -36.32 -52.68
CA CYS B 2074 3.21 -36.65 -53.20
C CYS B 2074 3.98 -35.42 -53.67
N ASP B 2075 3.37 -34.24 -53.59
CA ASP B 2075 4.08 -33.02 -53.95
C ASP B 2075 5.15 -32.71 -52.90
N ILE B 2076 6.30 -32.23 -53.37
CA ILE B 2076 7.41 -31.92 -52.47
C ILE B 2076 7.09 -30.61 -51.75
N PRO B 2077 7.12 -30.58 -50.41
CA PRO B 2077 6.72 -29.38 -49.69
C PRO B 2077 7.67 -28.22 -49.94
N THR B 2078 7.14 -27.01 -49.81
CA THR B 2078 7.96 -25.81 -49.89
C THR B 2078 8.19 -25.25 -48.50
N GLN B 2079 9.24 -24.44 -48.37
CA GLN B 2079 9.52 -23.76 -47.12
C GLN B 2079 9.78 -22.29 -47.40
N LEU B 2080 9.04 -21.42 -46.73
CA LEU B 2080 9.15 -19.98 -46.95
C LEU B 2080 9.71 -19.32 -45.70
N PRO B 2081 10.81 -18.59 -45.81
CA PRO B 2081 11.28 -17.81 -44.66
C PRO B 2081 10.31 -16.67 -44.36
N VAL B 2082 10.00 -16.50 -43.08
CA VAL B 2082 9.07 -15.48 -42.63
C VAL B 2082 9.86 -14.32 -42.04
N HIS B 2083 9.55 -13.11 -42.49
CA HIS B 2083 10.17 -11.91 -41.97
C HIS B 2083 9.10 -11.06 -41.28
N GLU B 2084 9.55 -9.96 -40.67
CA GLU B 2084 8.65 -9.16 -39.85
C GLU B 2084 7.50 -8.58 -40.67
N ASP B 2085 7.80 -8.13 -41.90
CA ASP B 2085 6.81 -7.49 -42.74
C ASP B 2085 6.07 -8.44 -43.67
N THR B 2086 6.38 -9.73 -43.62
CA THR B 2086 5.73 -10.68 -44.52
C THR B 2086 4.28 -10.91 -44.08
N GLN B 2087 3.37 -10.84 -45.05
CA GLN B 2087 1.97 -11.17 -44.86
C GLN B 2087 1.68 -12.48 -45.58
N PHE B 2088 0.52 -13.05 -45.29
CA PHE B 2088 0.17 -14.32 -45.91
C PHE B 2088 -0.04 -14.19 -47.41
N GLU B 2089 -0.23 -12.98 -47.92
CA GLU B 2089 -0.38 -12.79 -49.36
C GLU B 2089 0.90 -13.16 -50.10
N ALA B 2090 2.04 -12.69 -49.62
CA ALA B 2090 3.31 -13.01 -50.27
C ALA B 2090 3.60 -14.51 -50.18
N LEU B 2091 3.33 -15.11 -49.03
CA LEU B 2091 3.52 -16.54 -48.88
C LEU B 2091 2.64 -17.31 -49.86
N LEU B 2092 1.37 -16.89 -50.00
CA LEU B 2092 0.47 -17.57 -50.92
C LEU B 2092 0.94 -17.41 -52.36
N LYS B 2093 1.43 -16.23 -52.72
CA LYS B 2093 1.92 -16.02 -54.08
C LYS B 2093 3.12 -16.91 -54.36
N GLU B 2094 4.05 -16.99 -53.41
CA GLU B 2094 5.22 -17.85 -53.58
C GLU B 2094 4.82 -19.31 -53.69
N CYS B 2095 3.82 -19.74 -52.89
CA CYS B 2095 3.38 -21.12 -52.97
C CYS B 2095 2.69 -21.42 -54.30
N LEU B 2096 1.88 -20.49 -54.80
CA LEU B 2096 1.25 -20.69 -56.10
C LEU B 2096 2.30 -20.81 -57.20
N GLU B 2097 3.33 -19.97 -57.14
CA GLU B 2097 4.42 -20.10 -58.11
C GLU B 2097 5.15 -21.43 -57.95
N PHE B 2098 5.32 -21.88 -56.71
CA PHE B 2098 6.11 -23.10 -56.48
C PHE B 2098 5.37 -24.35 -56.96
N PHE B 2099 4.10 -24.49 -56.58
CA PHE B 2099 3.38 -25.74 -56.83
C PHE B 2099 2.74 -25.81 -58.20
N ASN B 2100 3.15 -24.94 -59.13
CA ASN B 2100 2.77 -25.01 -60.54
C ASN B 2100 1.25 -24.90 -60.72
N ILE B 2101 0.71 -23.77 -60.28
CA ILE B 2101 -0.68 -23.42 -60.54
C ILE B 2101 -0.69 -22.26 -61.54
N PRO B 2102 -1.16 -22.47 -62.76
CA PRO B 2102 -0.88 -21.49 -63.83
C PRO B 2102 -1.83 -20.31 -63.84
N GLU B 2103 -2.07 -19.71 -62.68
CA GLU B 2103 -2.83 -18.48 -62.55
C GLU B 2103 -4.27 -18.62 -63.02
N SER B 2104 -4.65 -19.82 -63.48
CA SER B 2104 -6.04 -20.06 -63.85
C SER B 2104 -6.91 -20.16 -62.59
N GLN B 2105 -6.35 -20.73 -61.52
CA GLN B 2105 -7.01 -20.77 -60.21
C GLN B 2105 -6.03 -20.14 -59.23
N SER B 2106 -6.04 -18.81 -59.17
CA SER B 2106 -5.25 -18.10 -58.18
C SER B 2106 -6.06 -17.69 -56.96
N THR B 2107 -7.35 -17.41 -57.16
CA THR B 2107 -8.27 -17.17 -56.06
C THR B 2107 -8.94 -18.44 -55.56
N HIS B 2108 -8.74 -19.57 -56.24
CA HIS B 2108 -9.26 -20.83 -55.74
C HIS B 2108 -8.44 -21.34 -54.56
N TYR B 2109 -7.13 -21.11 -54.60
CA TYR B 2109 -6.21 -21.70 -53.64
C TYR B 2109 -6.00 -20.76 -52.46
N PHE B 2110 -6.13 -21.31 -51.26
CA PHE B 2110 -5.98 -20.55 -50.02
C PHE B 2110 -4.96 -21.24 -49.13
N LEU B 2111 -4.12 -20.43 -48.48
CA LEU B 2111 -3.28 -20.97 -47.41
C LEU B 2111 -4.16 -21.34 -46.23
N MET B 2112 -3.95 -22.54 -45.70
CA MET B 2112 -4.83 -23.04 -44.66
C MET B 2112 -3.99 -23.78 -43.63
N ASP B 2113 -4.47 -23.80 -42.40
CA ASP B 2113 -3.85 -24.56 -41.33
C ASP B 2113 -4.81 -25.66 -40.91
N LYS B 2114 -4.32 -26.89 -40.87
CA LYS B 2114 -5.16 -28.03 -40.55
C LYS B 2114 -5.16 -28.40 -39.08
N ARG B 2115 -3.99 -28.31 -38.43
CA ARG B 2115 -3.92 -28.61 -37.00
C ARG B 2115 -4.84 -27.68 -36.22
N TRP B 2116 -4.73 -26.39 -36.45
CA TRP B 2116 -5.68 -25.40 -35.96
C TRP B 2116 -6.51 -24.93 -37.14
N ASN B 2117 -7.83 -25.07 -37.04
CA ASN B 2117 -8.66 -24.83 -38.21
C ASN B 2117 -8.64 -23.34 -38.54
N LEU B 2118 -7.70 -22.95 -39.40
CA LEU B 2118 -7.47 -21.56 -39.74
C LEU B 2118 -7.27 -21.44 -41.25
N ILE B 2119 -7.97 -20.50 -41.87
CA ILE B 2119 -7.72 -20.13 -43.26
C ILE B 2119 -7.31 -18.66 -43.25
N HIS B 2120 -6.15 -18.37 -43.83
CA HIS B 2120 -5.44 -17.13 -43.57
C HIS B 2120 -5.86 -16.03 -44.52
N TYR B 2121 -6.30 -14.91 -43.96
CA TYR B 2121 -6.56 -13.72 -44.75
C TYR B 2121 -5.25 -13.16 -45.27
N ASN B 2122 -5.24 -12.75 -46.54
CA ASN B 2122 -3.98 -12.42 -47.20
C ASN B 2122 -3.26 -11.26 -46.55
N LYS B 2123 -4.00 -10.24 -46.13
CA LYS B 2123 -3.39 -9.03 -45.58
C LYS B 2123 -3.05 -9.15 -44.10
N THR B 2124 -2.99 -10.37 -43.55
CA THR B 2124 -2.58 -10.58 -42.17
C THR B 2124 -1.12 -11.00 -42.14
N TYR B 2125 -0.35 -10.36 -41.27
CA TYR B 2125 1.07 -10.67 -41.16
C TYR B 2125 1.27 -12.06 -40.58
N VAL B 2126 2.28 -12.77 -41.08
CA VAL B 2126 2.50 -14.15 -40.67
C VAL B 2126 2.83 -14.22 -39.19
N ARG B 2127 3.69 -13.33 -38.72
CA ARG B 2127 4.15 -13.40 -37.34
C ARG B 2127 3.07 -13.03 -36.33
N ASP B 2128 2.01 -12.36 -36.76
CA ASP B 2128 0.91 -12.05 -35.85
C ASP B 2128 0.18 -13.32 -35.43
N ILE B 2129 0.01 -14.26 -36.35
CA ILE B 2129 -0.73 -15.48 -36.08
C ILE B 2129 0.18 -16.60 -35.58
N TYR B 2130 1.38 -16.70 -36.14
CA TYR B 2130 2.35 -17.69 -35.69
C TYR B 2130 3.49 -16.99 -34.97
N PRO B 2131 3.34 -16.65 -33.70
CA PRO B 2131 4.29 -15.73 -33.06
C PRO B 2131 5.45 -16.43 -32.38
N PHE B 2132 5.32 -17.73 -32.12
CA PHE B 2132 6.36 -18.44 -31.40
C PHE B 2132 7.44 -18.92 -32.36
N ARG B 2133 8.68 -18.86 -31.90
CA ARG B 2133 9.86 -19.27 -32.68
C ARG B 2133 10.33 -20.66 -32.30
N ARG B 2134 9.40 -21.56 -32.02
CA ARG B 2134 9.75 -22.91 -31.61
C ARG B 2134 10.56 -23.62 -32.71
N SER B 2135 11.09 -24.79 -32.34
CA SER B 2135 11.90 -25.56 -33.28
C SER B 2135 11.10 -25.99 -34.50
N VAL B 2136 9.86 -26.43 -34.30
CA VAL B 2136 9.03 -26.91 -35.39
C VAL B 2136 8.28 -25.73 -36.00
N SER B 2137 8.49 -25.49 -37.29
CA SER B 2137 7.82 -24.41 -38.00
C SER B 2137 6.37 -24.77 -38.29
N PRO B 2138 5.50 -23.78 -38.42
CA PRO B 2138 4.09 -24.07 -38.76
C PRO B 2138 4.00 -24.75 -40.11
N GLN B 2139 3.05 -25.67 -40.22
CA GLN B 2139 2.81 -26.40 -41.45
C GLN B 2139 1.48 -25.96 -42.05
N LEU B 2140 1.52 -25.51 -43.29
CA LEU B 2140 0.35 -25.02 -43.99
C LEU B 2140 0.05 -25.88 -45.21
N ASN B 2141 -1.16 -25.71 -45.73
CA ASN B 2141 -1.63 -26.43 -46.90
C ASN B 2141 -2.14 -25.44 -47.93
N LEU B 2142 -1.82 -25.69 -49.19
CA LEU B 2142 -2.34 -24.90 -50.31
C LEU B 2142 -3.67 -25.51 -50.73
N VAL B 2143 -4.69 -25.26 -49.91
CA VAL B 2143 -5.98 -25.92 -50.10
C VAL B 2143 -6.72 -25.28 -51.25
N HIS B 2144 -7.16 -26.10 -52.21
CA HIS B 2144 -8.00 -25.64 -53.31
C HIS B 2144 -9.45 -25.58 -52.84
N MET B 2145 -10.05 -24.41 -52.92
CA MET B 2145 -11.43 -24.22 -52.52
C MET B 2145 -12.16 -23.40 -53.57
N HIS B 2146 -13.48 -23.54 -53.58
CA HIS B 2146 -14.31 -22.63 -54.35
C HIS B 2146 -14.13 -21.23 -53.77
N PRO B 2147 -13.83 -20.22 -54.60
CA PRO B 2147 -13.45 -18.90 -54.05
C PRO B 2147 -14.48 -18.32 -53.10
N GLU B 2148 -15.77 -18.51 -53.38
CA GLU B 2148 -16.78 -17.98 -52.48
C GLU B 2148 -16.74 -18.65 -51.12
N LYS B 2149 -16.57 -19.97 -51.09
CA LYS B 2149 -16.46 -20.67 -49.82
C LYS B 2149 -15.24 -20.23 -49.04
N GLY B 2150 -14.10 -20.09 -49.72
CA GLY B 2150 -12.91 -19.62 -49.05
C GLY B 2150 -13.06 -18.22 -48.49
N GLN B 2151 -13.69 -17.33 -49.25
CA GLN B 2151 -13.90 -15.98 -48.76
C GLN B 2151 -14.88 -15.95 -47.60
N GLU B 2152 -15.90 -16.81 -47.62
CA GLU B 2152 -16.81 -16.90 -46.49
C GLU B 2152 -16.08 -17.35 -45.23
N LEU B 2153 -15.24 -18.38 -45.35
CA LEU B 2153 -14.48 -18.85 -44.21
C LEU B 2153 -13.54 -17.76 -43.70
N ILE B 2154 -12.89 -17.04 -44.61
CA ILE B 2154 -12.00 -15.97 -44.21
C ILE B 2154 -12.77 -14.87 -43.49
N GLN B 2155 -13.95 -14.49 -44.01
CA GLN B 2155 -14.75 -13.47 -43.35
C GLN B 2155 -15.13 -13.90 -41.94
N LYS B 2156 -15.58 -15.16 -41.78
CA LYS B 2156 -16.00 -15.64 -40.47
C LYS B 2156 -14.83 -15.63 -39.49
N GLN B 2157 -13.68 -16.15 -39.91
CA GLN B 2157 -12.55 -16.24 -39.00
C GLN B 2157 -11.99 -14.87 -38.66
N VAL B 2158 -12.00 -13.95 -39.64
CA VAL B 2158 -11.54 -12.60 -39.37
C VAL B 2158 -12.47 -11.92 -38.37
N PHE B 2159 -13.78 -12.14 -38.50
CA PHE B 2159 -14.71 -11.58 -37.52
C PHE B 2159 -14.43 -12.12 -36.13
N THR B 2160 -14.19 -13.43 -36.02
CA THR B 2160 -13.90 -14.00 -34.70
C THR B 2160 -12.61 -13.42 -34.13
N ARG B 2161 -11.58 -13.29 -34.96
CA ARG B 2161 -10.31 -12.72 -34.49
C ARG B 2161 -10.48 -11.28 -34.03
N LYS B 2162 -11.25 -10.49 -34.78
CA LYS B 2162 -11.47 -9.10 -34.40
C LYS B 2162 -12.24 -9.02 -33.09
N LEU B 2163 -13.19 -9.92 -32.87
CA LEU B 2163 -13.89 -9.96 -31.58
C LEU B 2163 -12.93 -10.34 -30.46
N GLU B 2164 -11.99 -11.24 -30.73
CA GLU B 2164 -10.97 -11.55 -29.73
C GLU B 2164 -10.14 -10.31 -29.37
N GLU B 2165 -9.74 -9.54 -30.39
CA GLU B 2165 -8.96 -8.34 -30.12
C GLU B 2165 -9.77 -7.33 -29.32
N VAL B 2166 -11.05 -7.18 -29.65
CA VAL B 2166 -11.94 -6.34 -28.88
C VAL B 2166 -11.96 -6.78 -27.42
N GLY B 2167 -12.07 -8.09 -27.20
CA GLY B 2167 -12.05 -8.60 -25.84
C GLY B 2167 -10.74 -8.34 -25.13
N ARG B 2168 -9.63 -8.46 -25.83
CA ARG B 2168 -8.33 -8.16 -25.22
C ARG B 2168 -8.26 -6.71 -24.78
N VAL B 2169 -8.68 -5.79 -25.65
CA VAL B 2169 -8.66 -4.38 -25.30
C VAL B 2169 -9.56 -4.12 -24.11
N LEU B 2170 -10.76 -4.71 -24.11
CA LEU B 2170 -11.68 -4.50 -23.00
C LEU B 2170 -11.12 -5.08 -21.70
N PHE B 2171 -10.46 -6.23 -21.79
CA PHE B 2171 -9.86 -6.82 -20.60
C PHE B 2171 -8.79 -5.91 -20.03
N LEU B 2172 -7.95 -5.34 -20.89
CA LEU B 2172 -6.92 -4.43 -20.41
C LEU B 2172 -7.55 -3.17 -19.81
N ILE B 2173 -8.61 -2.66 -20.42
CA ILE B 2173 -9.27 -1.47 -19.90
C ILE B 2173 -9.82 -1.72 -18.50
N SER B 2174 -10.50 -2.85 -18.33
CA SER B 2174 -11.06 -3.18 -17.03
C SER B 2174 -9.96 -3.42 -16.00
N LEU B 2175 -8.86 -4.06 -16.41
CA LEU B 2175 -7.74 -4.25 -15.50
C LEU B 2175 -7.18 -2.92 -15.03
N THR B 2176 -7.00 -1.98 -15.95
CA THR B 2176 -6.49 -0.67 -15.57
C THR B 2176 -7.47 0.04 -14.62
N GLN B 2177 -8.76 -0.04 -14.91
CA GLN B 2177 -9.73 0.65 -14.08
C GLN B 2177 -9.89 0.02 -12.70
N LYS B 2178 -9.58 -1.27 -12.56
CA LYS B 2178 -9.65 -1.90 -11.25
C LYS B 2178 -8.48 -1.50 -10.36
N ILE B 2179 -7.36 -1.10 -10.96
CA ILE B 2179 -6.14 -0.80 -10.19
C ILE B 2179 -6.43 0.33 -9.21
N PRO B 2180 -5.97 0.26 -7.95
CA PRO B 2180 -6.29 1.31 -6.97
C PRO B 2180 -5.73 2.67 -7.34
N THR B 2181 -6.03 3.69 -6.53
CA THR B 2181 -5.52 5.02 -6.80
C THR B 2181 -4.00 5.03 -6.75
N ALA B 2182 -3.41 4.39 -5.74
CA ALA B 2182 -2.02 4.03 -5.80
C ALA B 2182 -1.84 2.86 -6.76
N HIS B 2183 -0.62 2.70 -7.28
CA HIS B 2183 -0.26 1.77 -8.34
C HIS B 2183 -0.83 2.18 -9.69
N LYS B 2184 -1.55 3.30 -9.77
CA LYS B 2184 -2.07 3.73 -11.06
C LYS B 2184 -0.94 4.20 -11.97
N GLN B 2185 -0.04 5.03 -11.44
CA GLN B 2185 1.05 5.55 -12.26
C GLN B 2185 2.02 4.45 -12.67
N SER B 2186 2.31 3.52 -11.77
CA SER B 2186 3.18 2.41 -12.11
C SER B 2186 2.58 1.57 -13.24
N HIS B 2187 1.30 1.25 -13.13
CA HIS B 2187 0.62 0.48 -14.16
C HIS B 2187 0.62 1.21 -15.48
N VAL B 2188 0.34 2.52 -15.45
CA VAL B 2188 0.29 3.31 -16.68
C VAL B 2188 1.67 3.36 -17.34
N SER B 2189 2.72 3.55 -16.54
CA SER B 2189 4.07 3.57 -17.09
C SER B 2189 4.42 2.22 -17.70
N MET B 2190 4.03 1.13 -17.04
CA MET B 2190 4.25 -0.19 -17.61
C MET B 2190 3.56 -0.32 -18.96
N LEU B 2191 2.31 0.13 -19.05
CA LEU B 2191 1.58 0.05 -20.31
C LEU B 2191 2.27 0.87 -21.39
N GLN B 2192 2.71 2.07 -21.06
CA GLN B 2192 3.33 2.94 -22.06
C GLN B 2192 4.63 2.35 -22.58
N GLU B 2193 5.47 1.84 -21.67
CA GLU B 2193 6.72 1.24 -22.11
C GLU B 2193 6.48 -0.04 -22.90
N ASP B 2194 5.47 -0.82 -22.51
CA ASP B 2194 5.15 -2.04 -23.26
C ASP B 2194 4.69 -1.70 -24.67
N LEU B 2195 3.86 -0.67 -24.81
CA LEU B 2195 3.42 -0.26 -26.14
C LEU B 2195 4.59 0.26 -26.97
N LEU B 2196 5.48 1.03 -26.35
CA LEU B 2196 6.63 1.56 -27.09
C LEU B 2196 7.54 0.44 -27.57
N ARG B 2197 7.83 -0.54 -26.70
CA ARG B 2197 8.71 -1.63 -27.07
C ARG B 2197 8.03 -2.67 -27.95
N LEU B 2198 6.71 -2.60 -28.09
CA LEU B 2198 6.00 -3.51 -28.97
C LEU B 2198 6.28 -3.12 -30.41
N PRO B 2199 6.91 -3.97 -31.22
CA PRO B 2199 7.30 -3.56 -32.58
C PRO B 2199 6.12 -3.25 -33.48
N SER B 2200 4.93 -3.73 -33.15
CA SER B 2200 3.76 -3.61 -34.02
C SER B 2200 2.59 -3.01 -33.26
N PHE B 2201 2.83 -2.00 -32.45
CA PHE B 2201 1.74 -1.42 -31.68
C PHE B 2201 0.82 -0.57 -32.54
N PRO B 2202 1.30 0.51 -33.19
CA PRO B 2202 0.37 1.34 -33.96
C PRO B 2202 -0.28 0.59 -35.10
N ARG B 2203 0.46 -0.33 -35.72
CA ARG B 2203 -0.10 -1.10 -36.82
C ARG B 2203 -1.24 -1.99 -36.34
N SER B 2204 -1.05 -2.67 -35.20
CA SER B 2204 -2.10 -3.50 -34.66
C SER B 2204 -3.31 -2.67 -34.24
N ALA B 2205 -3.06 -1.51 -33.63
CA ALA B 2205 -4.16 -0.69 -33.13
C ALA B 2205 -4.80 0.19 -34.19
N ILE B 2206 -4.26 0.21 -35.41
CA ILE B 2206 -4.72 1.15 -36.42
C ILE B 2206 -5.14 0.48 -37.72
N ASP B 2207 -4.72 -0.76 -37.99
CA ASP B 2207 -5.00 -1.38 -39.27
C ASP B 2207 -6.49 -1.72 -39.42
N ALA B 2208 -6.84 -2.16 -40.62
CA ALA B 2208 -8.20 -2.55 -40.96
C ALA B 2208 -8.14 -3.50 -42.13
N GLU B 2209 -9.25 -4.21 -42.35
CA GLU B 2209 -9.36 -5.19 -43.43
C GLU B 2209 -10.12 -4.53 -44.58
N PHE B 2210 -9.40 -3.70 -45.34
CA PHE B 2210 -10.02 -2.98 -46.46
C PHE B 2210 -10.43 -3.92 -47.58
N SER B 2211 -9.80 -5.09 -47.70
CA SER B 2211 -10.22 -6.06 -48.70
C SER B 2211 -11.46 -6.82 -48.28
N LEU B 2212 -11.87 -6.72 -47.02
CA LEU B 2212 -13.04 -7.43 -46.52
C LEU B 2212 -14.20 -6.50 -46.22
N PHE B 2213 -13.97 -5.19 -46.16
CA PHE B 2213 -15.07 -4.25 -45.95
C PHE B 2213 -15.96 -4.16 -47.17
N SER B 2214 -15.41 -4.39 -48.36
CA SER B 2214 -16.17 -4.18 -49.59
C SER B 2214 -17.17 -5.29 -49.86
N ASP B 2215 -17.04 -6.44 -49.22
CA ASP B 2215 -17.94 -7.55 -49.49
C ASP B 2215 -19.34 -7.21 -48.99
N PRO B 2216 -20.37 -7.34 -49.84
CA PRO B 2216 -21.74 -7.10 -49.36
C PRO B 2216 -22.19 -8.07 -48.28
N GLN B 2217 -21.58 -9.24 -48.19
CA GLN B 2217 -21.87 -10.22 -47.16
C GLN B 2217 -20.72 -10.24 -46.16
N ALA B 2218 -21.06 -10.15 -44.87
CA ALA B 2218 -20.09 -10.17 -43.78
C ALA B 2218 -19.07 -9.04 -43.88
N GLY B 2219 -19.42 -7.97 -44.58
CA GLY B 2219 -18.53 -6.82 -44.67
C GLY B 2219 -18.91 -5.74 -43.68
N LYS B 2220 -20.21 -5.53 -43.48
CA LYS B 2220 -20.66 -4.50 -42.55
C LYS B 2220 -20.45 -4.90 -41.10
N GLU B 2221 -20.53 -6.21 -40.81
CA GLU B 2221 -20.25 -6.67 -39.45
C GLU B 2221 -18.81 -6.39 -39.06
N LEU B 2222 -17.87 -6.64 -39.97
CA LEU B 2222 -16.49 -6.31 -39.71
C LEU B 2222 -16.31 -4.81 -39.50
N PHE B 2223 -17.07 -4.00 -40.22
CA PHE B 2223 -16.99 -2.55 -40.04
C PHE B 2223 -17.49 -2.13 -38.67
N GLY B 2224 -18.59 -2.74 -38.21
CA GLY B 2224 -19.07 -2.45 -36.87
C GLY B 2224 -18.06 -2.84 -35.81
N LEU B 2225 -17.46 -4.02 -35.97
CA LEU B 2225 -16.41 -4.43 -35.03
C LEU B 2225 -15.22 -3.48 -35.08
N ASP B 2226 -14.89 -2.98 -36.27
CA ASP B 2226 -13.76 -2.05 -36.39
C ASP B 2226 -14.06 -0.75 -35.68
N THR B 2227 -15.27 -0.23 -35.82
CA THR B 2227 -15.62 0.99 -35.09
C THR B 2227 -15.53 0.77 -33.60
N LEU B 2228 -16.05 -0.37 -33.12
CA LEU B 2228 -15.94 -0.69 -31.70
C LEU B 2228 -14.48 -0.74 -31.26
N GLN B 2229 -13.63 -1.38 -32.05
CA GLN B 2229 -12.23 -1.54 -31.69
C GLN B 2229 -11.50 -0.22 -31.68
N LYS B 2230 -11.77 0.66 -32.64
CA LYS B 2230 -11.13 1.97 -32.65
C LYS B 2230 -11.57 2.80 -31.45
N SER B 2231 -12.86 2.78 -31.13
CA SER B 2231 -13.32 3.50 -29.95
C SER B 2231 -12.68 2.96 -28.69
N LEU B 2232 -12.56 1.63 -28.59
CA LEU B 2232 -11.92 1.01 -27.43
C LEU B 2232 -10.46 1.41 -27.32
N TRP B 2233 -9.75 1.46 -28.45
CA TRP B 2233 -8.34 1.84 -28.43
C TRP B 2233 -8.19 3.29 -28.00
N ILE B 2234 -9.08 4.17 -28.47
CA ILE B 2234 -9.04 5.56 -28.02
C ILE B 2234 -9.26 5.64 -26.52
N GLN B 2235 -10.24 4.89 -26.01
CA GLN B 2235 -10.51 4.91 -24.57
C GLN B 2235 -9.34 4.37 -23.77
N LEU B 2236 -8.71 3.29 -24.26
CA LEU B 2236 -7.57 2.72 -23.57
C LEU B 2236 -6.40 3.68 -23.54
N LEU B 2237 -6.12 4.34 -24.66
CA LEU B 2237 -4.99 5.28 -24.69
C LEU B 2237 -5.28 6.52 -23.86
N GLU B 2238 -6.54 6.95 -23.79
CA GLU B 2238 -6.87 8.04 -22.88
C GLU B 2238 -6.71 7.62 -21.42
N GLU B 2239 -7.09 6.38 -21.11
CA GLU B 2239 -6.89 5.87 -19.75
C GLU B 2239 -5.41 5.83 -19.41
N MET B 2240 -4.57 5.43 -20.36
CA MET B 2240 -3.13 5.45 -20.16
C MET B 2240 -2.63 6.88 -19.98
N PHE B 2241 -3.12 7.81 -20.80
CA PHE B 2241 -2.66 9.19 -20.73
C PHE B 2241 -3.05 9.83 -19.41
N LEU B 2242 -4.30 9.64 -18.97
CA LEU B 2242 -4.77 10.17 -17.71
C LEU B 2242 -4.40 9.16 -16.62
N GLY B 2243 -3.32 9.45 -15.92
CA GLY B 2243 -2.71 8.48 -15.02
C GLY B 2243 -1.21 8.57 -15.13
N MET B 2244 -0.73 8.96 -16.30
CA MET B 2244 0.65 9.36 -16.45
C MET B 2244 0.84 10.72 -15.80
N PRO B 2245 2.07 11.08 -15.44
CA PRO B 2245 2.31 12.44 -14.94
C PRO B 2245 1.93 13.46 -15.98
N SER B 2246 1.30 14.56 -15.53
CA SER B 2246 0.90 15.61 -16.45
C SER B 2246 2.10 16.28 -17.11
N GLU B 2247 3.23 16.30 -16.41
CA GLU B 2247 4.47 16.85 -16.95
C GLU B 2247 5.40 15.77 -17.47
N PHE B 2248 4.84 14.71 -18.06
CA PHE B 2248 5.66 13.62 -18.55
C PHE B 2248 6.54 14.12 -19.68
N PRO B 2249 7.85 13.87 -19.64
CA PRO B 2249 8.72 14.34 -20.73
C PRO B 2249 8.52 13.52 -21.99
N TRP B 2250 7.78 14.08 -22.94
CA TRP B 2250 7.49 13.39 -24.19
C TRP B 2250 8.53 13.76 -25.24
N GLY B 2251 8.30 13.29 -26.46
CA GLY B 2251 9.18 13.58 -27.58
C GLY B 2251 8.44 13.38 -28.88
N ASP B 2252 9.10 12.75 -29.86
CA ASP B 2252 8.39 12.36 -31.07
C ASP B 2252 7.61 11.06 -30.88
N GLU B 2253 7.81 10.39 -29.76
CA GLU B 2253 7.11 9.13 -29.49
C GLU B 2253 5.63 9.33 -29.21
N ILE B 2254 5.22 10.53 -28.78
CA ILE B 2254 3.81 10.78 -28.51
C ILE B 2254 2.98 10.59 -29.76
N MET B 2255 3.55 10.90 -30.93
CA MET B 2255 2.87 10.63 -32.19
C MET B 2255 2.49 9.17 -32.30
N LEU B 2256 3.39 8.27 -31.88
CA LEU B 2256 3.12 6.84 -31.91
C LEU B 2256 1.82 6.51 -31.20
N PHE B 2257 1.51 7.25 -30.13
CA PHE B 2257 0.27 7.05 -29.41
C PHE B 2257 -0.87 7.90 -29.94
N LEU B 2258 -0.58 9.05 -30.55
CA LEU B 2258 -1.63 9.90 -31.06
C LEU B 2258 -2.07 9.50 -32.45
N ASN B 2259 -1.18 8.88 -33.24
CA ASN B 2259 -1.55 8.43 -34.57
C ASN B 2259 -2.77 7.52 -34.52
N VAL B 2260 -2.84 6.67 -33.49
CA VAL B 2260 -4.00 5.80 -33.32
C VAL B 2260 -5.27 6.62 -33.33
N PHE B 2261 -5.30 7.70 -32.53
CA PHE B 2261 -6.44 8.60 -32.55
C PHE B 2261 -6.72 9.05 -33.98
N ASN B 2262 -5.68 9.58 -34.64
CA ASN B 2262 -5.83 10.02 -36.02
C ASN B 2262 -6.29 8.88 -36.90
N GLY B 2263 -5.71 7.69 -36.70
CA GLY B 2263 -6.15 6.54 -37.48
C GLY B 2263 -7.64 6.30 -37.33
N ALA B 2264 -8.12 6.35 -36.09
CA ALA B 2264 -9.54 6.12 -35.84
C ALA B 2264 -10.40 7.17 -36.52
N LEU B 2265 -9.87 8.37 -36.72
CA LEU B 2265 -10.63 9.42 -37.40
C LEU B 2265 -10.50 9.36 -38.91
N ILE B 2266 -9.57 8.57 -39.45
CA ILE B 2266 -9.52 8.41 -40.90
C ILE B 2266 -10.53 7.37 -41.34
N LEU B 2267 -10.64 6.26 -40.61
CA LEU B 2267 -11.53 5.18 -41.00
C LEU B 2267 -12.99 5.56 -40.77
N HIS B 2268 -13.29 6.15 -39.62
CA HIS B 2268 -14.67 6.43 -39.21
C HIS B 2268 -14.79 7.89 -38.80
N PRO B 2269 -14.74 8.81 -39.75
CA PRO B 2269 -14.89 10.23 -39.41
C PRO B 2269 -16.33 10.62 -39.23
N GLU B 2270 -17.22 10.01 -40.01
CA GLU B 2270 -18.63 10.37 -40.00
C GLU B 2270 -19.41 9.66 -38.91
N ASP B 2271 -18.81 8.70 -38.22
CA ASP B 2271 -19.44 8.09 -37.06
C ASP B 2271 -19.47 9.08 -35.91
N SER B 2272 -20.68 9.45 -35.48
CA SER B 2272 -20.82 10.48 -34.44
C SER B 2272 -20.22 10.01 -33.13
N ALA B 2273 -20.43 8.74 -32.76
CA ALA B 2273 -19.87 8.23 -31.53
C ALA B 2273 -18.35 8.27 -31.55
N LEU B 2274 -17.75 7.79 -32.65
CA LEU B 2274 -16.30 7.86 -32.82
C LEU B 2274 -15.80 9.29 -32.84
N LEU B 2275 -16.50 10.18 -33.54
CA LEU B 2275 -16.10 11.59 -33.63
C LEU B 2275 -16.12 12.28 -32.28
N ARG B 2276 -17.18 12.08 -31.49
CA ARG B 2276 -17.23 12.73 -30.19
C ARG B 2276 -16.29 12.07 -29.19
N GLN B 2277 -16.06 10.77 -29.31
CA GLN B 2277 -15.04 10.13 -28.49
C GLN B 2277 -13.66 10.69 -28.80
N TYR B 2278 -13.35 10.87 -30.08
CA TYR B 2278 -12.09 11.47 -30.48
C TYR B 2278 -11.96 12.88 -29.92
N ALA B 2279 -12.99 13.70 -30.07
CA ALA B 2279 -12.92 15.07 -29.59
C ALA B 2279 -12.75 15.11 -28.08
N ALA B 2280 -13.50 14.28 -27.37
CA ALA B 2280 -13.39 14.25 -25.92
C ALA B 2280 -12.00 13.84 -25.47
N THR B 2281 -11.43 12.80 -26.08
CA THR B 2281 -10.11 12.35 -25.66
C THR B 2281 -9.03 13.34 -26.05
N VAL B 2282 -9.15 14.00 -27.21
CA VAL B 2282 -8.14 14.99 -27.57
C VAL B 2282 -8.21 16.19 -26.64
N ILE B 2283 -9.42 16.60 -26.24
CA ILE B 2283 -9.53 17.69 -25.27
C ILE B 2283 -8.98 17.26 -23.93
N ASN B 2284 -9.21 16.00 -23.55
CA ASN B 2284 -8.68 15.49 -22.28
C ASN B 2284 -7.16 15.48 -22.28
N THR B 2285 -6.54 15.09 -23.40
CA THR B 2285 -5.09 15.09 -23.48
C THR B 2285 -4.54 16.51 -23.55
N ALA B 2286 -5.25 17.43 -24.21
CA ALA B 2286 -4.79 18.82 -24.23
C ALA B 2286 -4.85 19.43 -22.84
N VAL B 2287 -5.88 19.11 -22.07
CA VAL B 2287 -5.97 19.60 -20.69
C VAL B 2287 -4.92 18.94 -19.81
N HIS B 2288 -4.78 17.63 -19.92
CA HIS B 2288 -3.85 16.90 -19.06
C HIS B 2288 -2.42 17.25 -19.39
N PHE B 2289 -1.98 16.96 -20.62
CA PHE B 2289 -0.64 17.32 -21.06
C PHE B 2289 -0.63 18.76 -21.57
N ASN B 2290 -0.95 19.68 -20.65
CA ASN B 2290 -1.13 21.08 -21.02
C ASN B 2290 0.16 21.67 -21.55
N HIS B 2291 1.29 21.41 -20.89
CA HIS B 2291 2.55 22.01 -21.32
C HIS B 2291 2.98 21.47 -22.68
N LEU B 2292 2.78 20.17 -22.91
CA LEU B 2292 3.11 19.60 -24.20
C LEU B 2292 2.25 20.21 -25.30
N PHE B 2293 0.96 20.38 -25.04
CA PHE B 2293 0.04 20.89 -26.05
C PHE B 2293 0.00 22.40 -26.10
N SER B 2294 0.77 23.08 -25.27
CA SER B 2294 0.92 24.53 -25.36
C SER B 2294 2.10 24.95 -26.22
N LEU B 2295 2.92 24.00 -26.68
CA LEU B 2295 4.10 24.31 -27.47
C LEU B 2295 4.14 23.42 -28.70
N SER B 2296 3.49 22.26 -28.60
CA SER B 2296 3.52 21.22 -29.60
C SER B 2296 2.28 20.37 -29.40
N GLY B 2297 2.27 19.17 -29.93
CA GLY B 2297 1.13 18.30 -29.65
C GLY B 2297 -0.04 18.53 -30.56
N TYR B 2298 -0.52 19.78 -30.64
CA TYR B 2298 -1.50 20.12 -31.66
C TYR B 2298 -0.95 19.87 -33.06
N GLN B 2299 0.37 19.97 -33.23
CA GLN B 2299 0.97 19.64 -34.51
C GLN B 2299 0.86 18.16 -34.82
N TRP B 2300 0.70 17.31 -33.82
CA TRP B 2300 0.48 15.89 -34.04
C TRP B 2300 -0.98 15.57 -34.34
N ILE B 2301 -1.90 16.49 -34.08
CA ILE B 2301 -3.33 16.22 -34.12
C ILE B 2301 -4.03 17.11 -35.14
N LEU B 2302 -3.72 18.40 -35.13
CA LEU B 2302 -4.44 19.34 -36.00
C LEU B 2302 -4.39 19.01 -37.48
N PRO B 2303 -3.27 18.58 -38.07
CA PRO B 2303 -3.31 18.28 -39.51
C PRO B 2303 -4.36 17.23 -39.88
N THR B 2304 -4.53 16.20 -39.05
CA THR B 2304 -5.54 15.20 -39.33
C THR B 2304 -6.95 15.78 -39.24
N MET B 2305 -7.21 16.58 -38.20
CA MET B 2305 -8.53 17.18 -38.05
C MET B 2305 -8.83 18.13 -39.20
N LEU B 2306 -7.83 18.89 -39.65
CA LEU B 2306 -8.01 19.78 -40.79
C LEU B 2306 -8.28 18.99 -42.06
N GLN B 2307 -7.56 17.88 -42.27
CA GLN B 2307 -7.80 17.08 -43.45
C GLN B 2307 -9.21 16.49 -43.44
N VAL B 2308 -9.68 16.03 -42.28
CA VAL B 2308 -11.03 15.48 -42.20
C VAL B 2308 -12.07 16.58 -42.39
N TYR B 2309 -11.81 17.75 -41.82
CA TYR B 2309 -12.73 18.88 -41.96
C TYR B 2309 -12.86 19.30 -43.41
N SER B 2310 -11.75 19.34 -44.15
CA SER B 2310 -11.79 19.72 -45.55
C SER B 2310 -12.38 18.62 -46.42
N ASP B 2311 -12.06 17.36 -46.12
CA ASP B 2311 -12.55 16.25 -46.92
C ASP B 2311 -14.07 16.17 -46.87
N TYR B 2312 -14.63 16.16 -45.67
CA TYR B 2312 -16.06 15.99 -45.49
C TYR B 2312 -16.73 17.36 -45.32
N GLU B 2313 -16.60 18.17 -46.38
CA GLU B 2313 -17.28 19.45 -46.41
C GLU B 2313 -18.80 19.27 -46.45
N SER B 2314 -19.27 18.22 -47.13
CA SER B 2314 -20.70 17.97 -47.26
C SER B 2314 -21.34 17.48 -45.98
N ASN B 2315 -20.56 17.15 -44.95
CA ASN B 2315 -21.09 16.64 -43.70
C ASN B 2315 -21.17 17.78 -42.70
N PRO B 2316 -22.33 18.40 -42.48
CA PRO B 2316 -22.40 19.52 -41.55
C PRO B 2316 -22.21 19.10 -40.10
N GLN B 2317 -22.56 17.87 -39.75
CA GLN B 2317 -22.39 17.41 -38.37
C GLN B 2317 -20.91 17.24 -38.03
N LEU B 2318 -20.15 16.63 -38.94
CA LEU B 2318 -18.71 16.47 -38.72
C LEU B 2318 -18.02 17.84 -38.66
N ARG B 2319 -18.39 18.74 -39.57
CA ARG B 2319 -17.78 20.07 -39.54
C ARG B 2319 -18.14 20.80 -38.26
N ARG B 2320 -19.39 20.68 -37.81
CA ARG B 2320 -19.78 21.29 -36.53
C ARG B 2320 -18.99 20.72 -35.36
N ALA B 2321 -18.79 19.41 -35.31
CA ALA B 2321 -18.00 18.81 -34.25
C ALA B 2321 -16.55 19.24 -34.27
N ILE B 2322 -15.94 19.30 -35.45
CA ILE B 2322 -14.55 19.75 -35.54
C ILE B 2322 -14.44 21.20 -35.12
N GLU B 2323 -15.40 22.04 -35.53
CA GLU B 2323 -15.37 23.44 -35.16
C GLU B 2323 -15.56 23.63 -33.67
N PHE B 2324 -16.43 22.82 -33.05
CA PHE B 2324 -16.59 22.88 -31.60
C PHE B 2324 -15.31 22.46 -30.88
N ALA B 2325 -14.65 21.39 -31.38
CA ALA B 2325 -13.40 20.96 -30.77
C ALA B 2325 -12.33 22.04 -30.89
N CYS B 2326 -12.23 22.69 -32.05
CA CYS B 2326 -11.28 23.77 -32.22
C CYS B 2326 -11.61 24.96 -31.34
N HIS B 2327 -12.90 25.24 -31.15
CA HIS B 2327 -13.30 26.30 -30.23
C HIS B 2327 -12.86 25.98 -28.81
N GLN B 2328 -13.03 24.74 -28.38
CA GLN B 2328 -12.57 24.35 -27.05
C GLN B 2328 -11.06 24.46 -26.94
N PHE B 2329 -10.34 24.09 -28.00
CA PHE B 2329 -8.88 24.23 -28.00
C PHE B 2329 -8.50 25.69 -27.82
N TYR B 2330 -9.14 26.58 -28.56
CA TYR B 2330 -8.84 27.99 -28.42
C TYR B 2330 -9.17 28.48 -27.02
N ILE B 2331 -10.21 27.91 -26.41
CA ILE B 2331 -10.54 28.25 -25.02
C ILE B 2331 -9.40 27.84 -24.10
N LEU B 2332 -8.86 26.64 -24.30
CA LEU B 2332 -7.76 26.17 -23.45
C LEU B 2332 -6.48 26.93 -23.74
N HIS B 2333 -5.93 26.75 -24.95
CA HIS B 2333 -4.75 27.47 -25.40
C HIS B 2333 -5.19 28.42 -26.49
N ARG B 2334 -4.91 29.71 -26.31
CA ARG B 2334 -5.54 30.68 -27.20
C ARG B 2334 -4.62 31.07 -28.36
N LYS B 2335 -3.52 31.74 -28.08
CA LYS B 2335 -2.61 32.15 -29.14
C LYS B 2335 -1.69 31.01 -29.56
N PRO B 2336 -1.10 30.26 -28.63
CA PRO B 2336 -0.31 29.10 -29.05
C PRO B 2336 -1.09 28.11 -29.90
N PHE B 2337 -2.36 27.87 -29.59
CA PHE B 2337 -3.13 26.95 -30.41
C PHE B 2337 -3.35 27.49 -31.82
N VAL B 2338 -3.61 28.79 -31.95
CA VAL B 2338 -3.79 29.36 -33.28
C VAL B 2338 -2.49 29.29 -34.08
N LEU B 2339 -1.35 29.55 -33.43
CA LEU B 2339 -0.08 29.45 -34.13
C LEU B 2339 0.19 28.01 -34.56
N GLN B 2340 -0.13 27.04 -33.70
CA GLN B 2340 0.06 25.64 -34.09
C GLN B 2340 -0.91 25.24 -35.20
N LEU B 2341 -2.13 25.79 -35.17
CA LEU B 2341 -3.10 25.52 -36.22
C LEU B 2341 -2.60 26.02 -37.56
N PHE B 2342 -2.03 27.23 -37.58
CA PHE B 2342 -1.48 27.76 -38.82
C PHE B 2342 -0.26 26.97 -39.27
N ALA B 2343 0.59 26.56 -38.34
CA ALA B 2343 1.75 25.77 -38.72
C ALA B 2343 1.36 24.39 -39.25
N SER B 2344 0.26 23.84 -38.76
CA SER B 2344 -0.20 22.53 -39.23
C SER B 2344 -1.11 22.62 -40.45
N VAL B 2345 -1.64 23.80 -40.76
CA VAL B 2345 -2.41 23.97 -41.98
C VAL B 2345 -1.55 24.47 -43.14
N ALA B 2346 -0.39 25.05 -42.85
CA ALA B 2346 0.46 25.57 -43.92
C ALA B 2346 0.89 24.48 -44.90
N PRO B 2347 1.37 23.31 -44.48
CA PRO B 2347 1.68 22.27 -45.46
C PRO B 2347 0.46 21.80 -46.23
N LEU B 2348 -0.71 21.82 -45.62
CA LEU B 2348 -1.93 21.32 -46.24
C LEU B 2348 -2.58 22.32 -47.18
N LEU B 2349 -2.21 23.59 -47.12
CA LEU B 2349 -2.82 24.58 -47.98
C LEU B 2349 -2.43 24.33 -49.44
N GLU B 2350 -3.38 24.63 -50.33
CA GLU B 2350 -3.15 24.52 -51.76
C GLU B 2350 -3.64 25.79 -52.44
N PHE B 2351 -2.99 26.13 -53.56
CA PHE B 2351 -3.35 27.32 -54.32
C PHE B 2351 -3.74 26.97 -55.75
N LYS B 2361 -6.49 14.89 -50.42
CA LYS B 2361 -5.92 15.88 -51.33
C LYS B 2361 -5.16 16.95 -50.53
N GLY B 2362 -5.82 18.08 -50.30
CA GLY B 2362 -5.21 19.15 -49.54
C GLY B 2362 -6.27 20.07 -48.98
N VAL B 2363 -5.96 20.69 -47.84
CA VAL B 2363 -6.90 21.58 -47.19
C VAL B 2363 -6.97 22.88 -47.98
N SER B 2364 -8.18 23.26 -48.38
CA SER B 2364 -8.37 24.45 -49.20
C SER B 2364 -8.17 25.71 -48.36
N ALA B 2365 -8.10 26.85 -49.05
CA ALA B 2365 -7.95 28.13 -48.39
C ALA B 2365 -9.27 28.69 -47.90
N GLN B 2366 -10.40 28.10 -48.32
CA GLN B 2366 -11.71 28.56 -47.87
C GLN B 2366 -12.19 27.80 -46.64
N CYS B 2367 -11.90 26.50 -46.54
CA CYS B 2367 -12.31 25.76 -45.36
C CYS B 2367 -11.55 26.21 -44.12
N LEU B 2368 -10.31 26.66 -44.29
CA LEU B 2368 -9.59 27.26 -43.17
C LEU B 2368 -10.28 28.53 -42.69
N PHE B 2369 -10.73 29.37 -43.62
CA PHE B 2369 -11.46 30.57 -43.22
C PHE B 2369 -12.80 30.22 -42.58
N ASP B 2370 -13.45 29.15 -43.05
CA ASP B 2370 -14.67 28.70 -42.42
C ASP B 2370 -14.41 28.25 -40.98
N LEU B 2371 -13.31 27.54 -40.76
CA LEU B 2371 -12.95 27.15 -39.41
C LEU B 2371 -12.71 28.37 -38.53
N LEU B 2372 -12.01 29.38 -39.06
CA LEU B 2372 -11.76 30.58 -38.28
C LEU B 2372 -13.05 31.31 -37.94
N GLN B 2373 -13.95 31.44 -38.92
CA GLN B 2373 -15.23 32.09 -38.66
C GLN B 2373 -16.09 31.31 -37.68
N SER B 2374 -15.93 29.99 -37.65
CA SER B 2374 -16.57 29.21 -36.59
C SER B 2374 -15.91 29.45 -35.26
N LEU B 2375 -14.60 29.72 -35.25
CA LEU B 2375 -13.90 30.02 -34.01
C LEU B 2375 -14.37 31.33 -33.41
N GLU B 2376 -14.60 32.34 -34.24
CA GLU B 2376 -14.91 33.67 -33.69
C GLU B 2376 -16.27 33.68 -33.00
N GLY B 2377 -17.23 32.90 -33.51
CA GLY B 2377 -18.56 32.85 -32.93
C GLY B 2377 -18.76 31.58 -32.11
N GLU B 2378 -19.50 31.71 -31.02
CA GLU B 2378 -19.76 30.56 -30.16
C GLU B 2378 -20.58 29.51 -30.89
N THR B 2379 -20.20 28.25 -30.72
CA THR B 2379 -20.85 27.13 -31.39
C THR B 2379 -21.51 26.23 -30.37
N THR B 2380 -22.71 25.75 -30.70
CA THR B 2380 -23.44 24.84 -29.82
C THR B 2380 -22.86 23.43 -29.89
N ASP B 2381 -22.99 22.71 -28.79
CA ASP B 2381 -22.51 21.33 -28.69
C ASP B 2381 -23.67 20.41 -29.05
N ILE B 2382 -23.67 19.91 -30.28
CA ILE B 2382 -24.75 19.05 -30.73
C ILE B 2382 -24.51 17.58 -30.38
N LEU B 2383 -23.26 17.15 -30.32
CA LEU B 2383 -22.94 15.76 -30.01
C LEU B 2383 -22.64 15.54 -28.54
N ASP B 2384 -22.77 16.57 -27.69
CA ASP B 2384 -22.46 16.50 -26.27
C ASP B 2384 -21.03 15.98 -26.05
N ILE B 2385 -20.09 16.72 -26.63
CA ILE B 2385 -18.68 16.38 -26.46
C ILE B 2385 -18.22 16.69 -25.04
N LEU B 2386 -18.68 17.80 -24.48
CA LEU B 2386 -18.20 18.23 -23.16
C LEU B 2386 -18.54 17.24 -22.07
N GLU B 2387 -19.65 16.52 -22.19
CA GLU B 2387 -20.04 15.59 -21.15
C GLU B 2387 -19.04 14.44 -21.00
N LEU B 2388 -18.24 14.18 -22.02
CA LEU B 2388 -17.21 13.15 -21.95
C LEU B 2388 -15.86 13.69 -21.53
N VAL B 2389 -15.73 15.01 -21.37
CA VAL B 2389 -14.46 15.59 -20.94
C VAL B 2389 -14.28 15.32 -19.45
N LYS B 2390 -13.13 14.73 -19.09
CA LYS B 2390 -12.89 14.37 -17.70
C LYS B 2390 -12.86 15.59 -16.80
N ALA B 2391 -12.19 16.65 -17.23
CA ALA B 2391 -12.17 17.91 -16.47
C ALA B 2391 -13.34 18.80 -16.86
N GLU B 2392 -14.55 18.24 -16.81
CA GLU B 2392 -15.73 18.94 -17.32
C GLU B 2392 -16.14 20.07 -16.40
N LYS B 2393 -15.64 21.26 -16.68
CA LYS B 2393 -15.98 22.49 -16.00
C LYS B 2393 -16.27 23.52 -17.09
N PRO B 2394 -16.67 24.74 -16.76
CA PRO B 2394 -16.60 25.79 -17.78
C PRO B 2394 -15.14 25.97 -18.18
N LEU B 2395 -14.79 25.56 -19.39
CA LEU B 2395 -13.39 25.49 -19.78
C LEU B 2395 -12.76 26.88 -19.75
N LYS B 2396 -11.56 26.96 -19.18
CA LYS B 2396 -10.83 28.20 -19.06
C LYS B 2396 -9.46 28.05 -19.72
N SER B 2397 -8.79 29.18 -19.91
CA SER B 2397 -7.44 29.14 -20.43
C SER B 2397 -6.51 28.45 -19.44
N LEU B 2398 -5.81 27.41 -19.90
CA LEU B 2398 -4.91 26.67 -19.04
C LEU B 2398 -3.69 27.49 -18.64
N ASP B 2399 -3.47 28.63 -19.27
CA ASP B 2399 -2.39 29.54 -18.91
C ASP B 2399 -2.99 30.80 -18.29
N PHE B 2400 -2.48 31.19 -17.12
CA PHE B 2400 -3.00 32.37 -16.44
C PHE B 2400 -2.73 33.64 -17.25
N CYS B 2401 -1.64 33.66 -18.02
CA CYS B 2401 -1.33 34.84 -18.83
C CYS B 2401 -2.41 35.12 -19.85
N TYR B 2402 -2.95 34.07 -20.47
CA TYR B 2402 -4.03 34.21 -21.42
C TYR B 2402 -5.39 34.30 -20.75
N GLY B 2403 -5.45 34.21 -19.43
CA GLY B 2403 -6.70 34.37 -18.71
C GLY B 2403 -7.32 35.74 -18.93
N ASN B 2404 -8.40 35.79 -19.70
CA ASN B 2404 -9.08 37.02 -20.06
C ASN B 2404 -10.37 36.64 -20.77
N GLU B 2405 -11.23 37.63 -20.98
CA GLU B 2405 -12.46 37.43 -21.72
C GLU B 2405 -12.23 37.52 -23.23
N ASP B 2406 -11.26 36.74 -23.70
CA ASP B 2406 -10.91 36.67 -25.12
C ASP B 2406 -11.53 35.46 -25.81
N LEU B 2407 -12.74 35.08 -25.40
CA LEU B 2407 -13.43 33.96 -26.03
C LEU B 2407 -13.65 34.17 -27.52
N THR B 2408 -13.70 35.42 -27.96
CA THR B 2408 -13.85 35.75 -29.37
C THR B 2408 -12.47 35.73 -30.03
N PHE B 2409 -12.34 34.98 -31.11
CA PHE B 2409 -11.09 34.90 -31.88
C PHE B 2409 -11.34 35.59 -33.22
N SER B 2410 -11.03 36.87 -33.28
CA SER B 2410 -11.21 37.62 -34.51
C SER B 2410 -10.18 37.19 -35.56
N ILE B 2411 -10.59 37.22 -36.82
CA ILE B 2411 -9.67 36.91 -37.91
C ILE B 2411 -8.55 37.94 -37.94
N SER B 2412 -8.86 39.19 -37.58
CA SER B 2412 -7.82 40.20 -37.47
C SER B 2412 -6.73 39.78 -36.49
N GLU B 2413 -7.12 39.10 -35.41
CA GLU B 2413 -6.12 38.61 -34.46
C GLU B 2413 -5.25 37.54 -35.11
N ALA B 2414 -5.83 36.67 -35.93
CA ALA B 2414 -5.04 35.68 -36.65
C ALA B 2414 -4.04 36.33 -37.60
N ILE B 2415 -4.50 37.37 -38.31
CA ILE B 2415 -3.60 38.08 -39.21
C ILE B 2415 -2.47 38.73 -38.43
N LYS B 2416 -2.77 39.32 -37.28
CA LYS B 2416 -1.74 39.90 -36.45
C LYS B 2416 -0.76 38.83 -35.95
N LEU B 2417 -1.27 37.65 -35.62
CA LEU B 2417 -0.39 36.56 -35.19
C LEU B 2417 0.58 36.17 -36.30
N CYS B 2418 0.06 36.01 -37.52
CA CYS B 2418 0.95 35.63 -38.62
C CYS B 2418 1.98 36.72 -38.89
N VAL B 2419 1.54 37.98 -38.86
CA VAL B 2419 2.46 39.09 -39.03
C VAL B 2419 3.55 39.07 -37.97
N THR B 2420 3.17 38.73 -36.74
CA THR B 2420 4.13 38.70 -35.64
C THR B 2420 5.12 37.56 -35.79
N VAL B 2421 4.65 36.38 -36.22
CA VAL B 2421 5.56 35.26 -36.43
C VAL B 2421 6.57 35.61 -37.53
N VAL B 2422 6.12 36.31 -38.56
CA VAL B 2422 7.05 36.74 -39.60
C VAL B 2422 8.01 37.79 -39.06
N ALA B 2423 7.50 38.74 -38.28
CA ALA B 2423 8.34 39.82 -37.76
C ALA B 2423 9.41 39.29 -36.80
N TYR B 2424 9.11 38.19 -36.11
CA TYR B 2424 10.07 37.62 -35.16
C TYR B 2424 11.32 37.13 -35.87
N ALA B 2425 11.15 36.36 -36.94
CA ALA B 2425 12.26 35.81 -37.71
C ALA B 2425 11.84 35.74 -39.17
N PRO B 2426 12.08 36.81 -39.94
CA PRO B 2426 11.56 36.86 -41.32
C PRO B 2426 12.07 35.75 -42.22
N GLU B 2427 13.29 35.26 -42.01
CA GLU B 2427 13.87 34.25 -42.90
C GLU B 2427 13.64 32.83 -42.44
N SER B 2428 12.96 32.62 -41.32
CA SER B 2428 12.69 31.28 -40.83
C SER B 2428 11.75 30.55 -41.79
N PHE B 2429 11.82 29.22 -41.75
CA PHE B 2429 10.87 28.42 -42.51
C PHE B 2429 9.45 28.61 -42.00
N ARG B 2430 9.30 28.67 -40.68
CA ARG B 2430 8.00 28.97 -40.09
C ARG B 2430 7.49 30.33 -40.55
N SER B 2431 8.39 31.27 -40.81
CA SER B 2431 7.99 32.56 -41.34
C SER B 2431 7.30 32.41 -42.69
N LEU B 2432 7.85 31.58 -43.57
CA LEU B 2432 7.22 31.42 -44.88
C LEU B 2432 5.95 30.59 -44.78
N GLN B 2433 5.87 29.67 -43.81
CA GLN B 2433 4.60 28.99 -43.55
C GLN B 2433 3.52 29.98 -43.17
N MET B 2434 3.84 30.90 -42.25
CA MET B 2434 2.84 31.89 -41.83
C MET B 2434 2.55 32.89 -42.94
N LEU B 2435 3.52 33.16 -43.82
CA LEU B 2435 3.25 33.98 -44.98
C LEU B 2435 2.26 33.30 -45.91
N MET B 2436 2.41 31.99 -46.12
CA MET B 2436 1.43 31.27 -46.92
C MET B 2436 0.06 31.31 -46.28
N VAL B 2437 0.00 31.15 -44.95
CA VAL B 2437 -1.29 31.21 -44.26
C VAL B 2437 -1.93 32.59 -44.43
N LEU B 2438 -1.14 33.65 -44.32
CA LEU B 2438 -1.67 34.99 -44.54
C LEU B 2438 -2.17 35.17 -45.96
N GLU B 2439 -1.40 34.65 -46.93
CA GLU B 2439 -1.80 34.75 -48.33
C GLU B 2439 -3.11 34.02 -48.58
N ALA B 2440 -3.35 32.94 -47.85
CA ALA B 2440 -4.63 32.24 -47.96
C ALA B 2440 -5.75 32.97 -47.25
N LEU B 2441 -5.45 33.62 -46.12
CA LEU B 2441 -6.51 34.20 -45.30
C LEU B 2441 -7.00 35.53 -45.82
N VAL B 2442 -6.09 36.41 -46.23
CA VAL B 2442 -6.47 37.80 -46.51
C VAL B 2442 -7.51 37.92 -47.62
N PRO B 2443 -7.38 37.24 -48.77
CA PRO B 2443 -8.45 37.34 -49.78
C PRO B 2443 -9.81 36.91 -49.26
N CYS B 2444 -9.86 35.80 -48.53
CA CYS B 2444 -11.13 35.35 -47.97
C CYS B 2444 -11.68 36.36 -46.99
N TYR B 2445 -10.80 36.97 -46.18
CA TYR B 2445 -11.24 37.97 -45.22
C TYR B 2445 -11.83 39.18 -45.93
N LEU B 2446 -11.19 39.65 -46.99
CA LEU B 2446 -11.70 40.79 -47.73
C LEU B 2446 -13.03 40.47 -48.38
N GLN B 2447 -13.15 39.30 -48.99
CA GLN B 2447 -14.42 38.91 -49.61
C GLN B 2447 -15.53 38.81 -48.57
N LYS B 2448 -15.22 38.25 -47.40
CA LYS B 2448 -16.20 38.14 -46.34
C LYS B 2448 -16.64 39.51 -45.85
N MET B 2449 -15.69 40.43 -45.69
CA MET B 2449 -16.05 41.79 -45.27
C MET B 2449 -16.96 42.45 -46.31
N LYS B 2450 -16.63 42.32 -47.59
CA LYS B 2450 -17.46 42.90 -48.64
C LYS B 2450 -18.86 42.30 -48.61
N ARG B 2451 -18.96 40.98 -48.47
CA ARG B 2451 -20.27 40.34 -48.43
C ARG B 2451 -21.07 40.80 -47.22
N GLN B 2452 -20.44 40.87 -46.05
CA GLN B 2452 -21.15 41.29 -44.85
C GLN B 2452 -21.66 42.72 -44.97
N THR B 2453 -20.83 43.63 -45.50
CA THR B 2453 -21.28 45.00 -45.63
C THR B 2453 -22.28 45.19 -46.77
N SER B 2454 -22.30 44.28 -47.74
CA SER B 2454 -23.32 44.32 -48.78
C SER B 2454 -24.66 43.80 -48.28
N GLN B 2455 -24.65 42.81 -47.39
CA GLN B 2455 -25.90 42.22 -46.92
C GLN B 2455 -26.64 43.11 -45.93
N VAL B 2456 -25.96 44.06 -45.29
CA VAL B 2456 -26.59 44.92 -44.29
C VAL B 2456 -26.62 46.35 -44.81
N GLU B 2457 -27.26 47.24 -44.07
CA GLU B 2457 -27.37 48.64 -44.48
C GLU B 2457 -26.00 49.30 -44.51
N THR B 2458 -25.81 50.21 -45.46
CA THR B 2458 -24.51 50.85 -45.64
C THR B 2458 -24.18 51.80 -44.49
N VAL B 2459 -25.18 52.44 -43.90
CA VAL B 2459 -24.91 53.46 -42.88
C VAL B 2459 -24.17 52.90 -41.66
N PRO B 2460 -24.61 51.79 -41.04
CA PRO B 2460 -23.87 51.29 -39.88
C PRO B 2460 -22.63 50.49 -40.26
N ALA B 2461 -22.72 49.76 -41.37
CA ALA B 2461 -21.62 48.89 -41.78
C ALA B 2461 -20.44 49.65 -42.37
N ALA B 2462 -20.65 50.88 -42.85
CA ALA B 2462 -19.56 51.63 -43.46
C ALA B 2462 -18.46 51.91 -42.45
N ARG B 2463 -18.84 52.35 -41.24
CA ARG B 2463 -17.84 52.63 -40.21
C ARG B 2463 -17.09 51.36 -39.83
N GLU B 2464 -17.81 50.25 -39.68
CA GLU B 2464 -17.17 49.00 -39.30
C GLU B 2464 -16.18 48.54 -40.37
N GLU B 2465 -16.57 48.62 -41.64
CA GLU B 2465 -15.68 48.16 -42.69
C GLU B 2465 -14.49 49.09 -42.86
N ILE B 2466 -14.70 50.41 -42.69
CA ILE B 2466 -13.58 51.34 -42.75
C ILE B 2466 -12.60 51.06 -41.62
N ALA B 2467 -13.11 50.84 -40.41
CA ALA B 2467 -12.22 50.51 -39.29
C ALA B 2467 -11.48 49.21 -39.53
N ALA B 2468 -12.17 48.20 -40.05
CA ALA B 2468 -11.52 46.92 -40.32
C ALA B 2468 -10.45 47.05 -41.39
N THR B 2469 -10.72 47.81 -42.45
CA THR B 2469 -9.72 48.02 -43.48
C THR B 2469 -8.52 48.79 -42.94
N ALA B 2470 -8.77 49.77 -42.06
CA ALA B 2470 -7.66 50.50 -41.44
C ALA B 2470 -6.82 49.57 -40.57
N ALA B 2471 -7.48 48.69 -39.81
CA ALA B 2471 -6.74 47.74 -38.98
C ALA B 2471 -5.91 46.79 -39.82
N LEU B 2472 -6.47 46.28 -40.91
CA LEU B 2472 -5.73 45.41 -41.80
C LEU B 2472 -4.56 46.15 -42.45
N ALA B 2473 -4.77 47.41 -42.79
CA ALA B 2473 -3.70 48.22 -43.36
C ALA B 2473 -2.57 48.41 -42.38
N THR B 2474 -2.89 48.70 -41.11
CA THR B 2474 -1.84 48.83 -40.10
C THR B 2474 -1.12 47.52 -39.88
N SER B 2475 -1.85 46.41 -39.88
CA SER B 2475 -1.22 45.10 -39.74
C SER B 2475 -0.27 44.80 -40.88
N LEU B 2476 -0.67 45.10 -42.11
CA LEU B 2476 0.19 44.82 -43.25
C LEU B 2476 1.35 45.80 -43.32
N GLN B 2477 1.17 47.04 -42.88
CA GLN B 2477 2.30 47.95 -42.80
C GLN B 2477 3.29 47.50 -41.73
N ALA B 2478 2.79 46.90 -40.65
CA ALA B 2478 3.69 46.29 -39.68
C ALA B 2478 4.45 45.13 -40.30
N LEU B 2479 3.76 44.32 -41.11
CA LEU B 2479 4.41 43.19 -41.77
C LEU B 2479 5.49 43.68 -42.73
N LEU B 2480 5.24 44.76 -43.45
CA LEU B 2480 6.22 45.26 -44.40
C LEU B 2480 7.38 45.95 -43.68
N TYR B 2481 7.08 46.71 -42.61
CA TYR B 2481 8.15 47.36 -41.85
C TYR B 2481 9.06 46.33 -41.22
N SER B 2482 8.49 45.30 -40.63
CA SER B 2482 9.24 44.31 -39.87
C SER B 2482 9.92 43.29 -40.74
N VAL B 2483 9.99 43.54 -42.04
CA VAL B 2483 10.66 42.67 -43.00
C VAL B 2483 11.51 43.58 -43.87
N GLU B 2484 12.78 43.73 -43.51
CA GLU B 2484 13.77 44.38 -44.36
C GLU B 2484 14.86 43.44 -44.81
N VAL B 2485 15.08 42.33 -44.10
CA VAL B 2485 16.07 41.35 -44.49
C VAL B 2485 15.63 40.52 -45.68
N LEU B 2486 14.36 40.61 -46.07
CA LEU B 2486 13.92 40.01 -47.33
C LEU B 2486 14.09 40.95 -48.51
N THR B 2487 14.44 42.21 -48.28
CA THR B 2487 14.81 43.10 -49.37
C THR B 2487 16.22 42.81 -49.89
N ARG B 2488 17.02 42.07 -49.14
CA ARG B 2488 18.40 41.82 -49.55
C ARG B 2488 18.44 40.94 -50.78
N PRO B 2489 19.41 41.15 -51.68
CA PRO B 2489 19.52 40.29 -52.86
C PRO B 2489 19.99 38.91 -52.43
N MET B 2490 19.81 37.94 -53.33
CA MET B 2490 20.27 36.58 -53.04
C MET B 2490 21.79 36.54 -53.07
N THR B 2491 22.40 36.40 -51.90
CA THR B 2491 23.85 36.22 -51.85
C THR B 2491 24.23 34.93 -52.57
N ALA B 2492 25.26 35.02 -53.39
CA ALA B 2492 25.59 33.93 -54.30
C ALA B 2492 25.99 32.68 -53.52
N PRO B 2493 25.25 31.56 -53.66
CA PRO B 2493 25.51 30.31 -52.94
C PRO B 2493 26.77 29.61 -53.44
N GLU B 2546 23.77 19.51 -54.67
CA GLU B 2546 24.56 20.46 -55.44
C GLU B 2546 23.67 21.42 -56.20
N GLU B 2547 23.39 21.10 -57.47
CA GLU B 2547 22.47 21.92 -58.26
C GLU B 2547 21.07 21.88 -57.68
N LEU B 2548 20.63 20.71 -57.21
CA LEU B 2548 19.34 20.61 -56.55
C LEU B 2548 19.31 21.45 -55.28
N ASP B 2549 20.42 21.45 -54.53
CA ASP B 2549 20.50 22.28 -53.33
C ASP B 2549 20.41 23.76 -53.69
N GLU B 2550 21.07 24.19 -54.77
CA GLU B 2550 20.98 25.57 -55.19
C GLU B 2550 19.55 25.93 -55.60
N ARG B 2551 18.88 25.03 -56.32
CA ARG B 2551 17.49 25.29 -56.71
C ARG B 2551 16.58 25.37 -55.49
N ILE B 2552 16.81 24.51 -54.49
CA ILE B 2552 16.03 24.58 -53.26
C ILE B 2552 16.26 25.90 -52.56
N SER B 2553 17.52 26.35 -52.49
CA SER B 2553 17.81 27.63 -51.87
C SER B 2553 17.14 28.77 -52.62
N ARG B 2554 17.12 28.71 -53.95
CA ARG B 2554 16.47 29.75 -54.75
C ARG B 2554 14.97 29.75 -54.52
N GLU B 2555 14.35 28.57 -54.42
CA GLU B 2555 12.92 28.51 -54.13
C GLU B 2555 12.62 29.08 -52.74
N GLU B 2556 13.45 28.75 -51.76
CA GLU B 2556 13.26 29.28 -50.41
C GLU B 2556 13.51 30.77 -50.35
N PHE B 2557 14.37 31.28 -51.23
CA PHE B 2557 14.57 32.72 -51.35
C PHE B 2557 13.35 33.39 -51.96
N ARG B 2558 12.81 32.81 -53.03
CA ARG B 2558 11.73 33.44 -53.78
C ARG B 2558 10.40 33.36 -53.06
N ARG B 2559 10.17 32.32 -52.27
CA ARG B 2559 8.84 32.09 -51.70
C ARG B 2559 8.36 33.24 -50.79
N PRO B 2560 9.13 33.69 -49.79
CA PRO B 2560 8.59 34.75 -48.92
C PRO B 2560 8.35 36.06 -49.66
N ARG B 2561 9.27 36.43 -50.55
CA ARG B 2561 9.12 37.66 -51.31
C ARG B 2561 7.87 37.62 -52.19
N GLU B 2562 7.68 36.51 -52.90
CA GLU B 2562 6.50 36.36 -53.74
C GLU B 2562 5.22 36.41 -52.92
N SER B 2563 5.21 35.73 -51.76
CA SER B 2563 4.01 35.74 -50.94
C SER B 2563 3.71 37.14 -50.41
N LEU B 2564 4.73 37.89 -49.99
CA LEU B 2564 4.52 39.25 -49.53
C LEU B 2564 3.96 40.12 -50.64
N LEU B 2565 4.53 40.02 -51.84
CA LEU B 2565 4.03 40.81 -52.95
C LEU B 2565 2.58 40.47 -53.25
N ASN B 2566 2.24 39.19 -53.27
CA ASN B 2566 0.86 38.79 -53.53
C ASN B 2566 -0.09 39.34 -52.48
N ILE B 2567 0.27 39.21 -51.20
CA ILE B 2567 -0.60 39.67 -50.12
C ILE B 2567 -0.85 41.17 -50.25
N CYS B 2568 0.22 41.94 -50.40
CA CYS B 2568 0.08 43.39 -50.45
C CYS B 2568 -0.69 43.83 -51.68
N THR B 2569 -0.43 43.21 -52.84
CA THR B 2569 -1.14 43.59 -54.05
C THR B 2569 -2.63 43.28 -53.92
N GLU B 2570 -2.97 42.09 -53.43
CA GLU B 2570 -4.38 41.73 -53.27
C GLU B 2570 -5.09 42.70 -52.34
N PHE B 2571 -4.48 42.97 -51.18
CA PHE B 2571 -5.11 43.87 -50.23
C PHE B 2571 -5.30 45.25 -50.82
N TYR B 2572 -4.26 45.79 -51.46
CA TYR B 2572 -4.35 47.15 -52.01
C TYR B 2572 -5.39 47.23 -53.11
N LYS B 2573 -5.38 46.26 -54.02
CA LYS B 2573 -6.35 46.27 -55.12
C LYS B 2573 -7.77 46.17 -54.62
N HIS B 2574 -8.02 45.31 -53.63
CA HIS B 2574 -9.39 45.18 -53.15
C HIS B 2574 -9.82 46.40 -52.35
N CYS B 2575 -8.95 46.93 -51.50
CA CYS B 2575 -9.35 47.96 -50.55
C CYS B 2575 -9.15 49.38 -51.06
N GLY B 2576 -8.64 49.58 -52.27
CA GLY B 2576 -8.63 50.90 -52.83
C GLY B 2576 -10.03 51.35 -53.25
N PRO B 2577 -10.54 50.72 -54.30
CA PRO B 2577 -11.91 51.04 -54.74
C PRO B 2577 -12.96 50.82 -53.66
N ARG B 2578 -12.77 49.78 -52.84
CA ARG B 2578 -13.73 49.53 -51.77
C ARG B 2578 -13.74 50.68 -50.78
N LEU B 2579 -12.56 51.19 -50.41
CA LEU B 2579 -12.51 52.32 -49.49
C LEU B 2579 -13.12 53.57 -50.13
N LYS B 2580 -12.87 53.79 -51.42
CA LYS B 2580 -13.48 54.93 -52.09
C LYS B 2580 -15.00 54.83 -52.06
N ILE B 2581 -15.54 53.65 -52.36
CA ILE B 2581 -16.98 53.44 -52.34
C ILE B 2581 -17.54 53.66 -50.94
N LEU B 2582 -16.84 53.15 -49.93
CA LEU B 2582 -17.30 53.30 -48.55
C LEU B 2582 -17.32 54.77 -48.14
N GLN B 2583 -16.26 55.51 -48.46
CA GLN B 2583 -16.23 56.92 -48.11
C GLN B 2583 -17.30 57.71 -48.87
N ASN B 2584 -17.61 57.28 -50.09
CA ASN B 2584 -18.75 57.87 -50.79
C ASN B 2584 -20.06 57.58 -50.05
N LEU B 2585 -20.19 56.36 -49.53
CA LEU B 2585 -21.39 55.93 -48.81
C LEU B 2585 -21.26 56.06 -47.30
N ALA B 2586 -20.20 56.71 -46.81
CA ALA B 2586 -20.00 56.83 -45.37
C ALA B 2586 -21.02 57.76 -44.73
N GLY B 2587 -21.61 58.67 -45.48
CA GLY B 2587 -22.52 59.65 -44.92
C GLY B 2587 -21.85 60.81 -44.22
N GLU B 2588 -20.53 60.90 -44.28
CA GLU B 2588 -19.81 61.99 -43.63
C GLU B 2588 -18.42 62.14 -44.28
N PRO B 2589 -18.07 63.34 -44.76
CA PRO B 2589 -16.74 63.54 -45.35
C PRO B 2589 -15.62 63.66 -44.33
N ARG B 2590 -15.92 63.56 -43.04
CA ARG B 2590 -14.88 63.67 -42.02
C ARG B 2590 -13.89 62.52 -42.11
N VAL B 2591 -14.31 61.38 -42.64
CA VAL B 2591 -13.42 60.24 -42.80
C VAL B 2591 -12.35 60.58 -43.82
N THR B 2592 -11.12 60.77 -43.35
CA THR B 2592 -10.01 61.08 -44.24
C THR B 2592 -9.59 59.83 -45.02
N ALA B 2593 -9.15 60.04 -46.26
CA ALA B 2593 -8.68 58.95 -47.11
C ALA B 2593 -7.31 58.49 -46.60
N LEU B 2594 -7.33 57.58 -45.64
CA LEU B 2594 -6.10 57.06 -45.07
C LEU B 2594 -5.31 56.32 -46.14
N GLU B 2595 -4.09 56.76 -46.39
CA GLU B 2595 -3.25 56.16 -47.43
C GLU B 2595 -2.72 54.83 -46.90
N LEU B 2596 -3.49 53.77 -47.14
CA LEU B 2596 -3.01 52.43 -46.84
C LEU B 2596 -1.76 52.14 -47.65
N LEU B 2597 -0.83 51.41 -47.04
CA LEU B 2597 0.48 51.13 -47.63
C LEU B 2597 1.22 52.45 -47.93
N ASP B 2598 1.70 53.05 -46.86
CA ASP B 2598 2.35 54.35 -46.92
C ASP B 2598 3.69 54.24 -47.65
N VAL B 2599 4.43 55.36 -47.70
CA VAL B 2599 5.62 55.46 -48.53
C VAL B 2599 6.61 54.35 -48.19
N LYS B 2600 6.86 54.13 -46.91
CA LYS B 2600 7.80 53.09 -46.53
C LYS B 2600 7.32 51.72 -46.96
N SER B 2601 6.01 51.48 -46.92
CA SER B 2601 5.46 50.22 -47.38
C SER B 2601 5.66 50.04 -48.88
N HIS B 2602 5.43 51.09 -49.67
CA HIS B 2602 5.68 51.01 -51.10
C HIS B 2602 7.15 50.77 -51.39
N MET B 2603 8.03 51.41 -50.62
CA MET B 2603 9.46 51.15 -50.77
C MET B 2603 9.80 49.70 -50.44
N ARG B 2604 9.16 49.14 -49.42
CA ARG B 2604 9.40 47.74 -49.09
C ARG B 2604 8.97 46.83 -50.22
N LEU B 2605 7.78 47.08 -50.78
CA LEU B 2605 7.31 46.26 -51.89
C LEU B 2605 8.24 46.39 -53.08
N ALA B 2606 8.71 47.60 -53.35
CA ALA B 2606 9.61 47.82 -54.48
C ALA B 2606 10.95 47.14 -54.28
N GLU B 2607 11.48 47.13 -53.04
CA GLU B 2607 12.78 46.52 -52.80
C GLU B 2607 12.68 45.00 -52.80
N ILE B 2608 11.55 44.46 -52.34
CA ILE B 2608 11.31 43.03 -52.46
C ILE B 2608 11.24 42.63 -53.93
N ALA B 2609 10.47 43.39 -54.72
CA ALA B 2609 10.41 43.11 -56.14
C ALA B 2609 11.75 43.32 -56.82
N HIS B 2610 12.56 44.25 -56.32
CA HIS B 2610 13.89 44.47 -56.87
C HIS B 2610 14.79 43.28 -56.60
N SER B 2611 14.71 42.70 -55.41
CA SER B 2611 15.47 41.48 -55.13
C SER B 2611 15.02 40.34 -56.04
N LEU B 2612 13.71 40.17 -56.20
CA LEU B 2612 13.22 39.13 -57.10
C LEU B 2612 13.68 39.35 -58.53
N LEU B 2613 13.65 40.60 -59.00
CA LEU B 2613 14.11 40.91 -60.35
C LEU B 2613 15.60 40.69 -60.50
N LYS B 2614 16.38 40.99 -59.45
CA LYS B 2614 17.80 40.74 -59.51
C LYS B 2614 18.11 39.25 -59.59
N LEU B 2615 17.28 38.41 -58.97
CA LEU B 2615 17.42 36.97 -59.15
C LEU B 2615 16.91 36.51 -60.52
N ALA B 2616 15.92 37.23 -61.08
CA ALA B 2616 15.16 36.74 -62.23
C ALA B 2616 15.99 36.33 -63.44
N PRO B 2617 16.97 37.11 -63.93
CA PRO B 2617 17.59 36.75 -65.22
C PRO B 2617 18.30 35.42 -65.21
N TYR B 2618 18.63 34.88 -64.03
CA TYR B 2618 19.28 33.58 -63.94
C TYR B 2618 18.31 32.44 -63.66
N ASP B 2619 17.09 32.74 -63.19
CA ASP B 2619 16.10 31.73 -62.87
C ASP B 2619 14.89 31.92 -63.77
N THR B 2620 14.58 30.91 -64.58
CA THR B 2620 13.36 30.96 -65.37
C THR B 2620 12.12 30.95 -64.49
N GLN B 2621 12.21 30.29 -63.33
CA GLN B 2621 11.05 30.21 -62.45
C GLN B 2621 10.81 31.52 -61.71
N THR B 2622 11.86 32.30 -61.46
CA THR B 2622 11.69 33.56 -60.75
C THR B 2622 10.95 34.60 -61.59
N MET B 2623 11.26 34.66 -62.89
CA MET B 2623 10.57 35.63 -63.73
C MET B 2623 9.15 35.18 -64.04
N GLU B 2624 8.89 33.88 -64.02
CA GLU B 2624 7.54 33.36 -64.16
C GLU B 2624 6.76 33.41 -62.86
N SER B 2625 7.38 33.87 -61.78
CA SER B 2625 6.70 33.92 -60.49
C SER B 2625 5.45 34.78 -60.57
N ARG B 2626 4.35 34.26 -60.04
CA ARG B 2626 3.09 34.98 -60.09
C ARG B 2626 3.10 36.20 -59.20
N GLY B 2627 3.81 36.16 -58.07
CA GLY B 2627 3.84 37.31 -57.19
C GLY B 2627 4.49 38.51 -57.81
N LEU B 2628 5.66 38.32 -58.43
CA LEU B 2628 6.35 39.43 -59.08
C LEU B 2628 5.55 39.98 -60.25
N ARG B 2629 4.98 39.10 -61.06
CA ARG B 2629 4.15 39.53 -62.19
C ARG B 2629 2.94 40.32 -61.70
N ARG B 2630 2.27 39.84 -60.65
CA ARG B 2630 1.13 40.55 -60.11
C ARG B 2630 1.52 41.91 -59.58
N TYR B 2631 2.65 41.99 -58.88
CA TYR B 2631 3.09 43.29 -58.39
C TYR B 2631 3.38 44.25 -59.53
N ILE B 2632 4.03 43.77 -60.58
CA ILE B 2632 4.42 44.66 -61.67
C ILE B 2632 3.21 45.12 -62.46
N MET B 2633 2.30 44.21 -62.79
CA MET B 2633 1.20 44.54 -63.69
C MET B 2633 -0.08 44.97 -62.98
N GLU B 2634 -0.14 44.88 -61.65
CA GLU B 2634 -1.36 45.19 -60.94
C GLU B 2634 -1.15 46.03 -59.69
N MET B 2635 0.08 46.38 -59.34
CA MET B 2635 0.36 47.23 -58.19
C MET B 2635 1.05 48.52 -58.56
N LEU B 2636 1.98 48.48 -59.52
CA LEU B 2636 2.58 49.71 -60.02
C LEU B 2636 1.56 50.65 -60.64
N PRO B 2637 0.64 50.20 -61.51
CA PRO B 2637 -0.37 51.14 -62.04
C PRO B 2637 -1.26 51.74 -60.97
N ILE B 2638 -1.59 50.97 -59.93
CA ILE B 2638 -2.56 51.44 -58.94
C ILE B 2638 -1.97 52.58 -58.12
N THR B 2639 -0.68 52.51 -57.81
CA THR B 2639 -0.06 53.52 -56.98
C THR B 2639 -0.11 54.89 -57.65
N ASP B 2640 -0.23 55.94 -56.83
CA ASP B 2640 -0.46 57.28 -57.34
C ASP B 2640 0.72 57.78 -58.17
N TRP B 2641 1.93 57.64 -57.64
CA TRP B 2641 3.16 58.14 -58.27
C TRP B 2641 3.13 59.65 -58.52
N SER B 2642 2.23 60.37 -57.86
CA SER B 2642 2.18 61.82 -58.00
C SER B 2642 3.08 62.51 -56.99
N ALA B 2643 2.98 62.11 -55.72
CA ALA B 2643 3.82 62.69 -54.69
C ALA B 2643 5.27 62.28 -54.89
N GLU B 2644 6.19 63.20 -54.60
CA GLU B 2644 7.61 62.91 -54.73
C GLU B 2644 8.09 61.84 -53.77
N ALA B 2645 7.38 61.65 -52.65
CA ALA B 2645 7.82 60.66 -51.67
C ALA B 2645 7.71 59.24 -52.20
N VAL B 2646 6.65 58.95 -52.96
CA VAL B 2646 6.43 57.59 -53.43
C VAL B 2646 7.24 57.27 -54.68
N ARG B 2647 7.65 58.29 -55.45
CA ARG B 2647 8.32 58.05 -56.71
C ARG B 2647 9.59 57.19 -56.62
N PRO B 2648 10.45 57.32 -55.60
CA PRO B 2648 11.69 56.50 -55.60
C PRO B 2648 11.45 55.01 -55.69
N ALA B 2649 10.32 54.50 -55.21
CA ALA B 2649 10.01 53.09 -55.42
C ALA B 2649 9.91 52.76 -56.91
N LEU B 2650 9.15 53.58 -57.64
CA LEU B 2650 9.04 53.40 -59.08
C LEU B 2650 10.38 53.58 -59.77
N ILE B 2651 11.18 54.54 -59.30
CA ILE B 2651 12.50 54.77 -59.90
C ILE B 2651 13.40 53.57 -59.70
N LEU B 2652 13.34 52.95 -58.52
CA LEU B 2652 14.13 51.75 -58.25
C LEU B 2652 13.71 50.61 -59.16
N ILE B 2653 12.40 50.40 -59.29
CA ILE B 2653 11.92 49.33 -60.16
C ILE B 2653 12.33 49.57 -61.61
N LEU B 2654 12.20 50.83 -62.06
CA LEU B 2654 12.57 51.17 -63.43
C LEU B 2654 14.05 50.98 -63.67
N LYS B 2655 14.88 51.36 -62.70
CA LYS B 2655 16.33 51.19 -62.85
C LYS B 2655 16.70 49.71 -62.89
N ARG B 2656 16.05 48.88 -62.06
CA ARG B 2656 16.32 47.45 -62.10
C ARG B 2656 15.92 46.86 -63.45
N LEU B 2657 14.75 47.24 -63.96
CA LEU B 2657 14.32 46.74 -65.27
C LEU B 2657 15.26 47.20 -66.37
N ASP B 2658 15.69 48.46 -66.31
CA ASP B 2658 16.63 48.98 -67.29
C ASP B 2658 17.93 48.20 -67.27
N ARG B 2659 18.44 47.91 -66.07
CA ARG B 2659 19.70 47.17 -65.97
C ARG B 2659 19.56 45.75 -66.49
N MET B 2660 18.47 45.06 -66.13
CA MET B 2660 18.32 43.68 -66.60
C MET B 2660 18.14 43.62 -68.10
N PHE B 2661 17.36 44.54 -68.68
CA PHE B 2661 17.16 44.52 -70.13
C PHE B 2661 18.40 44.98 -70.87
N ASN B 2662 19.18 45.89 -70.28
CA ASN B 2662 20.46 46.25 -70.87
C ASN B 2662 21.42 45.08 -70.88
N LYS B 2663 21.44 44.30 -69.79
CA LYS B 2663 22.28 43.11 -69.74
C LYS B 2663 21.83 42.07 -70.75
N ILE B 2664 20.51 41.91 -70.92
CA ILE B 2664 20.02 41.01 -71.95
C ILE B 2664 20.46 41.48 -73.34
N HIS B 2665 20.31 42.78 -73.60
CA HIS B 2665 20.76 43.38 -74.86
C HIS B 2665 22.27 43.42 -74.98
N LYS B 2666 23.01 43.22 -73.88
CA LYS B 2666 24.45 43.41 -73.88
C LYS B 2666 25.13 42.26 -74.62
N MET B 2667 26.45 42.18 -74.48
CA MET B 2667 27.26 41.17 -75.18
C MET B 2667 26.78 39.73 -74.97
N PRO B 2668 26.47 39.26 -73.75
CA PRO B 2668 26.15 37.83 -73.59
C PRO B 2668 24.89 37.41 -74.32
N THR B 2669 25.06 36.53 -75.31
CA THR B 2669 23.92 35.95 -76.00
C THR B 2669 23.20 34.92 -75.14
N LEU B 2670 23.90 34.29 -74.18
CA LEU B 2670 23.25 33.33 -73.31
C LEU B 2670 22.14 33.98 -72.50
N ARG B 2671 22.37 35.20 -72.03
CA ARG B 2671 21.34 35.93 -71.30
C ARG B 2671 20.08 36.12 -72.12
N ARG B 2672 20.20 36.13 -73.45
CA ARG B 2672 19.04 36.27 -74.32
C ARG B 2672 18.15 35.03 -74.29
N GLN B 2673 18.60 33.92 -73.71
CA GLN B 2673 17.75 32.74 -73.58
C GLN B 2673 16.58 32.97 -72.63
N VAL B 2674 16.57 34.09 -71.91
CA VAL B 2674 15.48 34.42 -71.00
C VAL B 2674 14.16 34.35 -71.74
N GLU B 2675 13.18 33.69 -71.13
CA GLU B 2675 11.86 33.59 -71.71
C GLU B 2675 11.26 34.97 -71.90
N TRP B 2676 10.70 35.22 -73.08
CA TRP B 2676 10.21 36.55 -73.39
C TRP B 2676 8.79 36.80 -72.90
N GLU B 2677 8.07 35.77 -72.46
CA GLU B 2677 6.76 36.00 -71.86
C GLU B 2677 6.85 36.80 -70.56
N PRO B 2678 7.70 36.42 -69.59
CA PRO B 2678 7.83 37.29 -68.39
C PRO B 2678 8.35 38.68 -68.71
N ALA B 2679 9.28 38.81 -69.65
CA ALA B 2679 9.79 40.13 -70.00
C ALA B 2679 8.70 40.99 -70.62
N SER B 2680 7.89 40.40 -71.51
CA SER B 2680 6.76 41.12 -72.07
C SER B 2680 5.75 41.48 -70.99
N SER B 2681 5.58 40.62 -69.99
CA SER B 2681 4.69 40.95 -68.89
C SER B 2681 5.20 42.15 -68.11
N LEU B 2682 6.51 42.20 -67.86
CA LEU B 2682 7.09 43.35 -67.18
C LEU B 2682 6.91 44.63 -67.99
N ILE B 2683 7.15 44.55 -69.29
CA ILE B 2683 6.97 45.71 -70.15
C ILE B 2683 5.51 46.15 -70.17
N GLU B 2684 4.59 45.18 -70.17
CA GLU B 2684 3.17 45.50 -70.13
C GLU B 2684 2.80 46.19 -68.82
N GLY B 2685 3.38 45.75 -67.71
CA GLY B 2685 3.16 46.44 -66.45
C GLY B 2685 3.66 47.87 -66.49
N VAL B 2686 4.83 48.08 -67.09
CA VAL B 2686 5.34 49.44 -67.24
C VAL B 2686 4.42 50.28 -68.11
N CYS B 2687 3.92 49.69 -69.21
CA CYS B 2687 3.00 50.40 -70.08
C CYS B 2687 1.72 50.78 -69.35
N LEU B 2688 1.18 49.85 -68.56
CA LEU B 2688 -0.05 50.13 -67.81
C LEU B 2688 0.18 51.22 -66.79
N THR B 2689 1.33 51.21 -66.11
CA THR B 2689 1.65 52.27 -65.17
C THR B 2689 1.75 53.62 -65.87
N LEU B 2690 2.41 53.65 -67.03
CA LEU B 2690 2.56 54.91 -67.77
C LEU B 2690 1.21 55.42 -68.25
N GLN B 2691 0.37 54.54 -68.76
CA GLN B 2691 -0.96 54.94 -69.23
C GLN B 2691 -1.82 55.45 -68.09
N ARG B 2692 -1.77 54.77 -66.94
CA ARG B 2692 -2.56 55.19 -65.79
C ARG B 2692 -2.09 56.55 -65.26
N GLN B 2693 -0.78 56.73 -65.14
CA GLN B 2693 -0.19 57.98 -64.64
C GLN B 2693 0.86 58.47 -65.61
N PRO B 2694 0.48 59.30 -66.58
CA PRO B 2694 1.47 59.84 -67.52
C PRO B 2694 2.53 60.71 -66.85
N ILE B 2695 2.28 61.18 -65.63
CA ILE B 2695 3.24 62.05 -64.94
C ILE B 2695 4.58 61.37 -64.76
N ILE B 2696 4.61 60.04 -64.67
CA ILE B 2696 5.87 59.31 -64.50
C ILE B 2696 6.71 59.31 -65.77
N SER B 2697 6.26 59.95 -66.85
CA SER B 2697 6.98 59.88 -68.11
C SER B 2697 8.32 60.60 -68.04
N PHE B 2698 8.44 61.63 -67.20
CA PHE B 2698 9.66 62.43 -67.18
C PHE B 2698 10.84 61.72 -66.51
N LEU B 2699 10.63 60.55 -65.93
CA LEU B 2699 11.71 59.84 -65.26
C LEU B 2699 12.78 59.42 -66.26
N PRO B 2700 14.04 59.82 -66.07
CA PRO B 2700 15.08 59.43 -67.04
C PRO B 2700 15.28 57.92 -67.15
N HIS B 2701 15.08 57.18 -66.06
CA HIS B 2701 15.22 55.74 -66.13
C HIS B 2701 14.17 55.12 -67.06
N LEU B 2702 12.98 55.72 -67.11
CA LEU B 2702 11.96 55.25 -68.06
C LEU B 2702 12.42 55.45 -69.49
N ARG B 2703 13.03 56.61 -69.79
CA ARG B 2703 13.54 56.85 -71.13
C ARG B 2703 14.64 55.88 -71.48
N SER B 2704 15.55 55.61 -70.53
CA SER B 2704 16.61 54.64 -70.78
C SER B 2704 16.04 53.24 -71.02
N LEU B 2705 15.01 52.86 -70.25
CA LEU B 2705 14.39 51.57 -70.44
C LEU B 2705 13.76 51.45 -71.82
N ILE B 2706 13.07 52.51 -72.26
CA ILE B 2706 12.44 52.49 -73.58
C ILE B 2706 13.50 52.41 -74.67
N ASN B 2707 14.62 53.13 -74.50
CA ASN B 2707 15.70 53.06 -75.47
C ASN B 2707 16.28 51.66 -75.55
N VAL B 2708 16.48 51.01 -74.38
CA VAL B 2708 17.01 49.65 -74.37
C VAL B 2708 16.04 48.69 -75.04
N CYS B 2709 14.74 48.86 -74.77
CA CYS B 2709 13.74 47.99 -75.40
C CYS B 2709 13.73 48.17 -76.92
N VAL B 2710 13.85 49.40 -77.39
CA VAL B 2710 13.91 49.64 -78.83
C VAL B 2710 15.15 48.98 -79.43
N ASN B 2711 16.30 49.14 -78.77
CA ASN B 2711 17.51 48.48 -79.26
C ASN B 2711 17.36 46.97 -79.25
N LEU B 2712 16.57 46.44 -78.32
CA LEU B 2712 16.33 45.00 -78.29
C LEU B 2712 15.46 44.55 -79.45
N VAL B 2713 14.39 45.31 -79.75
CA VAL B 2713 13.48 44.91 -80.81
C VAL B 2713 14.20 44.91 -82.16
N MET B 2714 14.96 45.97 -82.43
CA MET B 2714 15.80 45.98 -83.62
C MET B 2714 16.88 44.92 -83.51
N GLY B 2715 17.11 44.20 -84.60
CA GLY B 2715 18.18 43.23 -84.62
C GLY B 2715 19.53 43.89 -84.49
N VAL B 2716 20.15 43.78 -83.31
CA VAL B 2716 21.42 44.44 -83.02
C VAL B 2716 22.38 43.39 -82.47
N VAL B 2717 23.53 43.25 -83.13
CA VAL B 2717 24.57 42.35 -82.65
C VAL B 2717 25.27 43.03 -81.47
N GLY B 2718 25.45 42.28 -80.39
CA GLY B 2718 26.07 42.81 -79.19
C GLY B 2718 27.46 43.35 -79.43
N PRO B 2719 27.70 44.60 -79.01
CA PRO B 2719 28.99 45.28 -79.19
C PRO B 2719 29.93 45.09 -77.99
N TYR B 2734 21.68 36.65 -84.38
CA TYR B 2734 20.79 37.20 -83.36
C TYR B 2734 19.41 36.52 -83.41
N LEU B 2735 18.72 36.55 -82.29
CA LEU B 2735 17.36 36.00 -82.17
C LEU B 2735 16.39 37.15 -82.03
N SER B 2736 15.46 37.26 -82.96
CA SER B 2736 14.49 38.35 -82.92
C SER B 2736 13.49 38.12 -81.80
N PRO B 2737 13.17 39.14 -81.00
CA PRO B 2737 12.16 38.97 -79.97
C PRO B 2737 10.83 38.61 -80.58
N PRO B 2738 10.04 37.78 -79.90
CA PRO B 2738 8.77 37.32 -80.48
C PRO B 2738 7.72 38.41 -80.57
N LEU B 2739 6.55 38.04 -81.07
CA LEU B 2739 5.46 39.01 -81.25
C LEU B 2739 5.02 39.69 -79.95
N PRO B 2740 4.82 38.99 -78.83
CA PRO B 2740 4.31 39.70 -77.64
C PRO B 2740 5.28 40.75 -77.10
N PHE B 2741 6.56 40.44 -77.00
CA PHE B 2741 7.52 41.42 -76.50
C PHE B 2741 7.63 42.61 -77.43
N SER B 2742 7.68 42.37 -78.74
CA SER B 2742 7.75 43.46 -79.70
C SER B 2742 6.50 44.33 -79.62
N THR B 2743 5.34 43.72 -79.48
CA THR B 2743 4.10 44.48 -79.35
C THR B 2743 4.11 45.32 -78.09
N ALA B 2744 4.56 44.75 -76.97
CA ALA B 2744 4.61 45.51 -75.73
C ALA B 2744 5.57 46.68 -75.83
N VAL B 2745 6.74 46.46 -76.44
CA VAL B 2745 7.71 47.55 -76.60
C VAL B 2745 7.15 48.65 -77.49
N VAL B 2746 6.50 48.27 -78.59
CA VAL B 2746 5.92 49.25 -79.50
C VAL B 2746 4.81 50.04 -78.80
N ARG B 2747 4.00 49.36 -77.99
CA ARG B 2747 2.96 50.05 -77.23
C ARG B 2747 3.57 51.02 -76.24
N LEU B 2748 4.67 50.63 -75.59
CA LEU B 2748 5.35 51.54 -74.68
C LEU B 2748 5.88 52.76 -75.40
N VAL B 2749 6.47 52.56 -76.59
CA VAL B 2749 6.98 53.69 -77.36
C VAL B 2749 5.85 54.61 -77.76
N ALA B 2750 4.72 54.03 -78.21
CA ALA B 2750 3.58 54.85 -78.60
C ALA B 2750 3.05 55.65 -77.43
N LEU B 2751 2.91 55.02 -76.26
CA LEU B 2751 2.41 55.73 -75.09
C LEU B 2751 3.36 56.84 -74.68
N GLN B 2752 4.67 56.58 -74.73
CA GLN B 2752 5.64 57.60 -74.37
C GLN B 2752 5.58 58.79 -75.32
N ILE B 2753 5.45 58.51 -76.63
CA ILE B 2753 5.33 59.60 -77.60
C ILE B 2753 4.05 60.39 -77.35
N GLN B 2754 2.98 59.69 -76.97
CA GLN B 2754 1.73 60.36 -76.64
C GLN B 2754 1.90 61.28 -75.44
N ALA B 2755 2.64 60.83 -74.43
CA ALA B 2755 2.83 61.64 -73.22
C ALA B 2755 3.77 62.80 -73.47
N LEU B 2756 5.00 62.52 -73.90
CA LEU B 2756 5.98 63.55 -74.22
C LEU B 2756 5.78 63.97 -75.67
N LYS B 2757 5.05 65.07 -75.86
CA LYS B 2757 4.73 65.52 -77.22
C LYS B 2757 5.98 65.92 -77.99
N GLU B 2758 6.87 66.67 -77.35
CA GLU B 2758 8.08 67.16 -78.00
C GLU B 2758 9.37 66.73 -77.34
N ASP B 2759 9.34 66.36 -76.06
CA ASP B 2759 10.56 65.91 -75.39
C ASP B 2759 11.02 64.55 -75.89
N PHE B 2760 10.12 63.74 -76.44
CA PHE B 2760 10.44 62.42 -76.98
C PHE B 2760 9.86 62.31 -78.38
N PRO B 2761 10.46 62.98 -79.36
CA PRO B 2761 9.93 62.91 -80.72
C PRO B 2761 10.11 61.52 -81.32
N LEU B 2762 9.17 61.15 -82.20
CA LEU B 2762 9.32 59.92 -82.95
C LEU B 2762 10.50 59.98 -83.91
N SER B 2763 10.81 61.18 -84.41
CA SER B 2763 11.98 61.34 -85.26
C SER B 2763 13.24 60.93 -84.52
N HIS B 2764 13.31 61.21 -83.22
CA HIS B 2764 14.44 60.75 -82.42
C HIS B 2764 14.48 59.23 -82.35
N VAL B 2765 13.32 58.58 -82.27
CA VAL B 2765 13.28 57.13 -82.19
C VAL B 2765 13.73 56.51 -83.51
N ILE B 2766 13.37 57.12 -84.63
CA ILE B 2766 13.65 56.53 -85.94
C ILE B 2766 15.00 56.96 -86.52
N SER B 2767 15.62 58.00 -85.98
CA SER B 2767 16.88 58.49 -86.55
C SER B 2767 18.00 57.46 -86.52
N PRO B 2768 18.25 56.72 -85.42
CA PRO B 2768 19.41 55.81 -85.41
C PRO B 2768 19.26 54.61 -86.33
N PHE B 2769 18.19 54.58 -87.12
CA PHE B 2769 17.93 53.43 -87.98
C PHE B 2769 17.62 53.81 -89.43
N THR B 2770 17.59 55.09 -89.77
CA THR B 2770 17.32 55.50 -91.14
C THR B 2770 18.46 55.17 -92.09
N ASN B 2771 19.62 54.78 -91.57
CA ASN B 2771 20.75 54.44 -92.44
C ASN B 2771 20.47 53.14 -93.19
N GLN B 2772 21.14 52.98 -94.33
CA GLN B 2772 21.00 51.75 -95.09
C GLN B 2772 21.60 50.58 -94.31
N GLU B 2773 21.25 49.37 -94.73
CA GLU B 2773 21.58 48.11 -94.09
C GLU B 2773 20.84 47.93 -92.76
N ARG B 2774 20.08 48.93 -92.33
CA ARG B 2774 19.27 48.82 -91.12
C ARG B 2774 17.86 49.34 -91.31
N ARG B 2775 17.54 49.96 -92.45
CA ARG B 2775 16.20 50.49 -92.66
C ARG B 2775 15.17 49.37 -92.81
N GLU B 2776 15.56 48.21 -93.34
CA GLU B 2776 14.62 47.11 -93.48
C GLU B 2776 14.12 46.63 -92.12
N GLY B 2777 15.05 46.46 -91.18
CA GLY B 2777 14.65 46.04 -89.85
C GLY B 2777 13.80 47.07 -89.14
N MET B 2778 14.11 48.36 -89.35
CA MET B 2778 13.29 49.42 -88.78
C MET B 2778 11.88 49.37 -89.33
N LEU B 2779 11.76 49.21 -90.65
CA LEU B 2779 10.45 49.17 -91.28
C LEU B 2779 9.64 47.98 -90.79
N LEU B 2780 10.25 46.80 -90.71
CA LEU B 2780 9.52 45.59 -90.41
C LEU B 2780 9.37 45.32 -88.91
N ASN B 2781 10.11 46.02 -88.06
CA ASN B 2781 10.10 45.75 -86.63
C ASN B 2781 9.59 46.91 -85.79
N LEU B 2782 9.82 48.15 -86.21
CA LEU B 2782 9.36 49.31 -85.45
C LEU B 2782 8.31 50.11 -86.22
N LEU B 2783 8.62 50.56 -87.44
CA LEU B 2783 7.76 51.52 -88.12
C LEU B 2783 6.39 50.93 -88.43
N ILE B 2784 6.35 49.77 -89.09
CA ILE B 2784 5.06 49.16 -89.42
C ILE B 2784 4.30 48.73 -88.16
N PRO B 2785 4.90 48.06 -87.19
CA PRO B 2785 4.16 47.79 -85.94
C PRO B 2785 3.69 49.06 -85.25
N PHE B 2786 4.50 50.12 -85.26
CA PHE B 2786 4.09 51.36 -84.61
C PHE B 2786 2.86 51.95 -85.29
N VAL B 2787 2.89 52.01 -86.62
CA VAL B 2787 1.74 52.59 -87.34
C VAL B 2787 0.51 51.72 -87.17
N LEU B 2788 0.69 50.39 -87.16
CA LEU B 2788 -0.45 49.51 -86.95
C LEU B 2788 -1.04 49.70 -85.56
N THR B 2789 -0.20 49.86 -84.55
CA THR B 2789 -0.70 50.02 -83.18
C THR B 2789 -1.38 51.37 -83.00
N VAL B 2790 -0.84 52.42 -83.60
CA VAL B 2790 -1.38 53.76 -83.36
C VAL B 2790 -2.60 54.02 -84.24
N GLY B 2791 -2.47 53.82 -85.55
CA GLY B 2791 -3.56 54.15 -86.45
C GLY B 2791 -4.80 53.30 -86.24
N SER B 2792 -4.62 51.99 -86.08
CA SER B 2792 -5.75 51.11 -85.88
C SER B 2792 -6.29 51.25 -84.46
N GLY B 2793 -7.48 50.69 -84.24
CA GLY B 2793 -8.14 50.75 -82.97
C GLY B 2793 -9.28 51.75 -82.88
N SER B 2794 -9.34 52.70 -83.81
CA SER B 2794 -10.41 53.69 -83.82
C SER B 2794 -10.52 54.28 -85.22
N LYS B 2795 -11.67 54.91 -85.49
CA LYS B 2795 -11.86 55.58 -86.76
C LYS B 2795 -10.89 56.75 -86.91
N ASP B 2796 -10.67 57.50 -85.83
CA ASP B 2796 -9.73 58.61 -85.80
C ASP B 2796 -8.62 58.29 -84.80
N SER B 2797 -7.39 58.66 -85.17
CA SER B 2797 -6.21 58.36 -84.35
C SER B 2797 -5.45 59.67 -84.11
N PRO B 2798 -5.89 60.46 -83.14
CA PRO B 2798 -5.19 61.70 -82.81
C PRO B 2798 -3.99 61.52 -81.89
N TRP B 2799 -3.58 60.28 -81.61
CA TRP B 2799 -2.40 60.06 -80.78
C TRP B 2799 -1.15 60.62 -81.44
N LEU B 2800 -1.03 60.47 -82.75
CA LEU B 2800 0.12 60.95 -83.50
C LEU B 2800 -0.22 62.28 -84.15
N GLU B 2801 0.66 63.27 -83.99
CA GLU B 2801 0.42 64.59 -84.51
C GLU B 2801 0.82 64.68 -85.98
N GLN B 2802 0.47 65.80 -86.61
CA GLN B 2802 0.77 66.00 -88.03
C GLN B 2802 2.25 65.97 -88.35
N PRO B 2803 3.13 66.66 -87.60
CA PRO B 2803 4.56 66.58 -87.95
C PRO B 2803 5.12 65.17 -87.90
N GLU B 2804 4.66 64.34 -86.97
CA GLU B 2804 5.11 62.95 -86.92
C GLU B 2804 4.65 62.18 -88.15
N VAL B 2805 3.42 62.41 -88.60
CA VAL B 2805 2.94 61.76 -89.81
C VAL B 2805 3.77 62.19 -91.02
N GLN B 2806 4.08 63.49 -91.09
CA GLN B 2806 4.94 63.98 -92.18
C GLN B 2806 6.31 63.32 -92.14
N LEU B 2807 6.89 63.20 -90.94
CA LEU B 2807 8.20 62.58 -90.81
C LEU B 2807 8.17 61.12 -91.22
N LEU B 2808 7.14 60.38 -90.82
CA LEU B 2808 7.05 58.98 -91.21
C LEU B 2808 6.88 58.82 -92.71
N LEU B 2809 6.04 59.67 -93.32
CA LEU B 2809 5.86 59.61 -94.76
C LEU B 2809 7.17 59.92 -95.48
N GLN B 2810 7.89 60.93 -95.02
CA GLN B 2810 9.19 61.26 -95.61
C GLN B 2810 10.16 60.09 -95.46
N THR B 2811 10.16 59.44 -94.29
CA THR B 2811 11.06 58.31 -94.08
C THR B 2811 10.76 57.18 -95.06
N VAL B 2812 9.48 56.85 -95.23
CA VAL B 2812 9.12 55.75 -96.13
C VAL B 2812 9.50 56.10 -97.57
N ILE B 2813 9.18 57.32 -98.00
CA ILE B 2813 9.47 57.70 -99.39
C ILE B 2813 10.97 57.75 -99.63
N ASN B 2814 11.74 58.18 -98.62
CA ASN B 2814 13.20 58.17 -98.76
C ASN B 2814 13.74 56.75 -98.82
N VAL B 2815 13.11 55.81 -98.12
CA VAL B 2815 13.43 54.40 -98.36
C VAL B 2815 13.08 54.02 -99.78
N LEU B 2816 12.07 54.67 -100.37
CA LEU B 2816 11.62 54.33 -101.71
C LEU B 2816 12.38 55.08 -102.80
N LEU B 2817 12.28 56.41 -102.83
CA LEU B 2817 12.72 57.15 -104.01
C LEU B 2817 14.24 57.25 -104.14
N PRO B 2818 14.97 57.82 -103.17
CA PRO B 2818 16.42 57.86 -103.41
C PRO B 2818 17.08 56.49 -103.27
N LEU B 2854 17.75 49.75 -105.26
CA LEU B 2854 17.05 49.37 -104.04
C LEU B 2854 16.79 47.87 -104.02
N ALA B 2855 16.91 47.27 -102.84
CA ALA B 2855 16.71 45.83 -102.71
C ALA B 2855 15.24 45.47 -102.88
N GLU B 2856 15.00 44.22 -103.28
CA GLU B 2856 13.63 43.75 -103.50
C GLU B 2856 12.86 43.68 -102.20
N SER B 2857 13.45 43.03 -101.18
CA SER B 2857 12.78 42.95 -99.88
C SER B 2857 12.62 44.33 -99.26
N THR B 2858 13.63 45.18 -99.40
CA THR B 2858 13.53 46.55 -98.88
C THR B 2858 12.40 47.29 -99.57
N SER B 2859 12.29 47.15 -100.89
CA SER B 2859 11.21 47.82 -101.61
C SER B 2859 9.84 47.30 -101.19
N GLN B 2860 9.73 45.98 -101.00
CA GLN B 2860 8.45 45.41 -100.57
C GLN B 2860 8.07 45.93 -99.18
N ALA B 2861 9.03 45.98 -98.26
CA ALA B 2861 8.76 46.50 -96.93
C ALA B 2861 8.37 47.97 -96.99
N ALA B 2862 9.05 48.74 -97.84
CA ALA B 2862 8.73 50.16 -97.98
C ALA B 2862 7.32 50.35 -98.52
N TYR B 2863 6.93 49.56 -99.52
CA TYR B 2863 5.58 49.69 -100.08
C TYR B 2863 4.53 49.25 -99.07
N LEU B 2864 4.80 48.19 -98.30
CA LEU B 2864 3.87 47.79 -97.26
C LEU B 2864 3.71 48.89 -96.22
N ALA B 2865 4.82 49.51 -95.81
CA ALA B 2865 4.75 50.61 -94.86
C ALA B 2865 3.98 51.80 -95.44
N LEU B 2866 4.18 52.06 -96.74
CA LEU B 2866 3.45 53.13 -97.39
C LEU B 2866 1.95 52.87 -97.38
N LYS B 2867 1.55 51.63 -97.66
CA LYS B 2867 0.14 51.26 -97.58
C LYS B 2867 -0.39 51.45 -96.17
N VAL B 2868 0.38 51.01 -95.17
CA VAL B 2868 -0.07 51.09 -93.78
C VAL B 2868 -0.25 52.54 -93.38
N ILE B 2869 0.67 53.41 -93.77
CA ILE B 2869 0.57 54.83 -93.43
C ILE B 2869 -0.60 55.47 -94.16
N LEU B 2870 -0.79 55.12 -95.43
CA LEU B 2870 -1.88 55.71 -96.20
C LEU B 2870 -3.23 55.34 -95.60
N VAL B 2871 -3.39 54.09 -95.16
CA VAL B 2871 -4.69 53.64 -94.66
C VAL B 2871 -4.90 54.10 -93.22
N CYS B 2872 -3.95 53.78 -92.33
CA CYS B 2872 -4.11 54.11 -90.93
C CYS B 2872 -4.18 55.62 -90.70
N PHE B 2873 -3.32 56.37 -91.39
CA PHE B 2873 -3.21 57.82 -91.21
C PHE B 2873 -3.86 58.58 -92.36
N GLU B 2874 -4.96 58.06 -92.88
CA GLU B 2874 -5.61 58.69 -94.02
C GLU B 2874 -6.15 60.08 -93.65
N ARG B 2875 -6.85 60.18 -92.53
CA ARG B 2875 -7.41 61.47 -92.12
C ARG B 2875 -6.31 62.45 -91.75
N GLN B 2876 -5.24 61.97 -91.11
CA GLN B 2876 -4.19 62.86 -90.65
C GLN B 2876 -3.44 63.50 -91.81
N LEU B 2877 -3.40 62.83 -92.97
CA LEU B 2877 -2.67 63.40 -94.11
C LEU B 2877 -3.30 64.71 -94.57
N GLY B 2878 -4.62 64.77 -94.60
CA GLY B 2878 -5.29 66.02 -94.94
C GLY B 2878 -4.87 66.51 -96.32
N SER B 2879 -4.53 67.79 -96.38
CA SER B 2879 -4.13 68.42 -97.65
C SER B 2879 -2.69 68.02 -98.01
N GLN B 2880 -2.50 66.72 -98.24
CA GLN B 2880 -1.20 66.19 -98.64
C GLN B 2880 -1.35 65.06 -99.64
N TRP B 2881 -2.34 65.15 -100.53
CA TRP B 2881 -2.55 64.09 -101.50
C TRP B 2881 -1.92 64.38 -102.86
N TYR B 2882 -1.80 65.65 -103.25
CA TYR B 2882 -1.18 65.95 -104.53
C TYR B 2882 0.31 65.62 -104.51
N TRP B 2883 1.01 65.98 -103.43
CA TRP B 2883 2.43 65.66 -103.33
C TRP B 2883 2.64 64.15 -103.27
N LEU B 2884 1.77 63.44 -102.55
CA LEU B 2884 1.86 61.99 -102.52
C LEU B 2884 1.62 61.39 -103.90
N SER B 2885 0.66 61.94 -104.65
CA SER B 2885 0.42 61.45 -106.00
C SER B 2885 1.63 61.71 -106.89
N LEU B 2886 2.27 62.87 -106.75
CA LEU B 2886 3.48 63.15 -107.52
C LEU B 2886 4.59 62.17 -107.17
N GLN B 2887 4.77 61.90 -105.88
CA GLN B 2887 5.81 60.95 -105.47
C GLN B 2887 5.53 59.55 -106.01
N VAL B 2888 4.26 59.11 -105.95
CA VAL B 2888 3.92 57.80 -106.47
C VAL B 2888 4.12 57.74 -107.98
N LYS B 2889 3.79 58.83 -108.68
CA LYS B 2889 4.02 58.90 -110.12
C LYS B 2889 5.51 58.81 -110.44
N GLU B 2890 6.35 59.47 -109.64
CA GLU B 2890 7.79 59.35 -109.82
C GLU B 2890 8.27 57.94 -109.56
N MET B 2891 7.70 57.28 -108.54
CA MET B 2891 8.06 55.89 -108.27
C MET B 2891 7.71 54.99 -109.46
N ALA B 2892 6.53 55.21 -110.04
CA ALA B 2892 6.12 54.42 -111.20
C ALA B 2892 7.02 54.70 -112.39
N LEU B 2893 7.39 55.97 -112.60
CA LEU B 2893 8.26 56.31 -113.72
C LEU B 2893 9.65 55.68 -113.56
N ARG B 2894 10.19 55.69 -112.35
CA ARG B 2894 11.51 55.13 -112.10
C ARG B 2894 11.52 53.61 -112.00
N LYS B 2895 10.35 52.97 -111.97
CA LYS B 2895 10.25 51.54 -111.71
C LYS B 2895 10.97 51.18 -110.42
N VAL B 2896 10.68 51.95 -109.37
CA VAL B 2896 11.36 51.78 -108.09
C VAL B 2896 11.10 50.38 -107.54
N GLY B 2897 9.84 49.97 -107.49
CA GLY B 2897 9.52 48.64 -106.99
C GLY B 2897 10.04 47.53 -107.89
N GLY B 2898 9.89 47.69 -109.20
CA GLY B 2898 10.25 46.63 -110.12
C GLY B 2898 9.23 45.52 -110.06
N LEU B 2899 9.21 44.83 -108.92
CA LEU B 2899 8.17 43.88 -108.58
C LEU B 2899 7.38 44.42 -107.39
N ALA B 2900 6.11 44.05 -107.32
CA ALA B 2900 5.19 44.40 -106.24
C ALA B 2900 4.81 45.88 -106.29
N LEU B 2901 5.42 46.64 -107.19
CA LEU B 2901 4.91 47.97 -107.49
C LEU B 2901 3.52 47.87 -108.13
N TRP B 2902 3.36 46.91 -109.04
CA TRP B 2902 2.03 46.62 -109.55
C TRP B 2902 1.11 46.13 -108.45
N ASP B 2903 1.65 45.42 -107.46
CA ASP B 2903 0.85 45.04 -106.31
C ASP B 2903 0.40 46.26 -105.52
N PHE B 2904 1.29 47.25 -105.38
CA PHE B 2904 0.90 48.49 -104.71
C PHE B 2904 -0.19 49.22 -105.47
N LEU B 2905 -0.07 49.29 -106.79
CA LEU B 2905 -1.11 49.94 -107.60
C LEU B 2905 -2.42 49.17 -107.52
N ASP B 2906 -2.35 47.84 -107.52
CA ASP B 2906 -3.55 47.02 -107.35
C ASP B 2906 -4.20 47.29 -106.01
N PHE B 2907 -3.40 47.42 -104.95
CA PHE B 2907 -3.94 47.78 -103.64
C PHE B 2907 -4.62 49.14 -103.68
N ILE B 2908 -4.00 50.11 -104.34
CA ILE B 2908 -4.59 51.44 -104.44
C ILE B 2908 -5.93 51.38 -105.15
N VAL B 2909 -6.00 50.62 -106.24
CA VAL B 2909 -7.26 50.50 -106.97
C VAL B 2909 -8.30 49.77 -106.13
N ARG B 2910 -7.88 48.73 -105.40
CA ARG B 2910 -8.83 47.98 -104.57
C ARG B 2910 -9.44 48.85 -103.50
N THR B 2911 -8.60 49.52 -102.71
CA THR B 2911 -9.11 50.31 -101.59
C THR B 2911 -9.69 51.65 -102.03
N ARG B 2912 -9.35 52.11 -103.23
CA ARG B 2912 -9.79 53.41 -103.73
C ARG B 2912 -9.51 54.51 -102.70
N ILE B 2913 -8.29 54.50 -102.18
CA ILE B 2913 -7.80 55.45 -101.19
C ILE B 2913 -7.77 56.83 -101.85
N PRO B 2914 -7.83 57.93 -101.09
CA PRO B 2914 -7.88 59.27 -101.71
C PRO B 2914 -6.83 59.56 -102.76
N ILE B 2915 -5.76 58.76 -102.84
CA ILE B 2915 -4.82 58.95 -103.94
C ILE B 2915 -5.27 58.25 -105.22
N PHE B 2916 -6.24 57.34 -105.12
CA PHE B 2916 -6.72 56.63 -106.30
C PHE B 2916 -7.40 57.59 -107.27
N VAL B 2917 -8.17 58.54 -106.75
CA VAL B 2917 -8.83 59.50 -107.63
C VAL B 2917 -7.81 60.37 -108.35
N LEU B 2918 -6.70 60.71 -107.69
CA LEU B 2918 -5.66 61.49 -108.34
C LEU B 2918 -4.85 60.68 -109.34
N LEU B 2919 -4.61 59.40 -109.06
CA LEU B 2919 -3.79 58.56 -109.91
C LEU B 2919 -4.58 57.82 -110.97
N ARG B 2920 -5.90 57.96 -110.99
CA ARG B 2920 -6.71 57.31 -112.01
C ARG B 2920 -6.28 57.66 -113.44
N PRO B 2921 -6.06 58.93 -113.80
CA PRO B 2921 -5.67 59.22 -115.19
C PRO B 2921 -4.35 58.60 -115.59
N PHE B 2922 -3.33 58.72 -114.72
CA PHE B 2922 -2.02 58.14 -115.04
C PHE B 2922 -2.08 56.64 -115.20
N ILE B 2923 -2.78 55.96 -114.29
CA ILE B 2923 -2.89 54.51 -114.36
C ILE B 2923 -3.67 54.09 -115.61
N GLN B 2924 -4.77 54.78 -115.90
CA GLN B 2924 -5.64 54.35 -116.98
C GLN B 2924 -5.07 54.69 -118.35
N CYS B 2925 -4.92 55.99 -118.64
CA CYS B 2925 -4.55 56.39 -119.99
C CYS B 2925 -3.07 56.18 -120.28
N LYS B 2926 -2.21 56.38 -119.28
CA LYS B 2926 -0.76 56.38 -119.52
C LYS B 2926 -0.11 55.06 -119.13
N LEU B 2927 -0.31 54.62 -117.88
CA LEU B 2927 0.41 53.44 -117.38
C LEU B 2927 0.03 52.19 -118.17
N LEU B 2928 -1.26 52.00 -118.42
CA LEU B 2928 -1.69 50.82 -119.15
C LEU B 2928 -1.32 50.89 -120.63
N ALA B 2929 -1.02 52.08 -121.14
CA ALA B 2929 -0.60 52.18 -122.54
C ALA B 2929 0.77 51.56 -122.76
N GLN B 2930 1.64 51.59 -121.76
CA GLN B 2930 2.96 51.00 -121.91
C GLN B 2930 2.86 49.49 -122.01
N PRO B 2931 3.63 48.85 -122.90
CA PRO B 2931 3.56 47.40 -123.04
C PRO B 2931 4.15 46.69 -121.84
N ALA B 2932 3.68 45.47 -121.62
CA ALA B 2932 4.16 44.64 -120.53
C ALA B 2932 5.48 43.97 -120.90
N GLU B 2933 6.30 43.73 -119.88
CA GLU B 2933 7.62 43.14 -120.08
C GLU B 2933 7.61 41.62 -119.83
N ASN B 2934 7.13 41.21 -118.67
CA ASN B 2934 7.15 39.81 -118.28
C ASN B 2934 5.75 39.37 -117.88
N HIS B 2935 5.53 38.05 -117.95
CA HIS B 2935 4.23 37.50 -117.59
C HIS B 2935 3.87 37.78 -116.13
N GLU B 2936 4.88 37.81 -115.25
CA GLU B 2936 4.61 38.10 -113.85
C GLU B 2936 3.99 39.49 -113.69
N GLU B 2937 4.56 40.48 -114.39
CA GLU B 2937 3.96 41.81 -114.39
C GLU B 2937 2.73 41.87 -115.28
N LEU B 2938 2.66 41.02 -116.30
CA LEU B 2938 1.51 41.02 -117.20
C LEU B 2938 0.24 40.63 -116.46
N SER B 2939 0.33 39.62 -115.58
CA SER B 2939 -0.85 39.21 -114.81
C SER B 2939 -1.34 40.33 -113.90
N ALA B 2940 -0.41 41.00 -113.21
CA ALA B 2940 -0.80 42.10 -112.34
C ALA B 2940 -1.38 43.26 -113.13
N ARG B 2941 -0.81 43.55 -114.29
CA ARG B 2941 -1.35 44.62 -115.14
C ARG B 2941 -2.76 44.29 -115.60
N GLN B 2942 -2.98 43.04 -116.01
CA GLN B 2942 -4.32 42.63 -116.42
C GLN B 2942 -5.30 42.70 -115.27
N HIS B 2943 -4.88 42.29 -114.07
CA HIS B 2943 -5.76 42.38 -112.91
C HIS B 2943 -6.11 43.83 -112.60
N ILE B 2944 -5.13 44.72 -112.69
CA ILE B 2944 -5.38 46.15 -112.45
C ILE B 2944 -6.34 46.69 -113.49
N SER B 2945 -6.15 46.33 -114.76
CA SER B 2945 -7.05 46.79 -115.80
C SER B 2945 -8.47 46.29 -115.58
N ASP B 2946 -8.62 45.03 -115.15
CA ASP B 2946 -9.94 44.51 -114.84
C ASP B 2946 -10.56 45.26 -113.67
N GLN B 2947 -9.77 45.58 -112.64
CA GLN B 2947 -10.29 46.29 -111.49
C GLN B 2947 -10.60 47.75 -111.80
N LEU B 2948 -10.03 48.31 -112.87
CA LEU B 2948 -10.27 49.72 -113.18
C LEU B 2948 -11.70 49.93 -113.68
N GLU B 2949 -12.10 49.24 -114.74
CA GLU B 2949 -13.42 49.39 -115.32
C GLU B 2949 -14.19 48.08 -115.22
N ARG B 2950 -15.52 48.20 -115.14
CA ARG B 2950 -16.43 47.07 -115.05
C ARG B 2950 -16.18 46.22 -113.81
N ARG B 2951 -15.72 46.86 -112.73
CA ARG B 2951 -15.48 46.15 -111.47
C ARG B 2951 -15.53 47.16 -110.34
N PHE B 2952 -16.59 47.09 -109.53
CA PHE B 2952 -16.75 47.99 -108.39
C PHE B 2952 -16.17 47.38 -107.11
N ILE B 2953 -16.62 46.19 -106.76
CA ILE B 2953 -16.16 45.37 -105.63
C ILE B 2953 -15.89 46.24 -104.40
N PRO B 2954 -16.93 46.66 -103.69
CA PRO B 2954 -16.71 47.48 -102.49
C PRO B 2954 -16.16 46.69 -101.32
N ARG B 2955 -14.85 46.44 -101.33
CA ARG B 2955 -14.19 45.67 -100.27
C ARG B 2955 -14.02 46.41 -98.93
N PRO B 2956 -13.76 47.73 -98.88
CA PRO B 2956 -13.46 48.34 -97.59
C PRO B 2956 -14.61 48.21 -96.60
N LEU B 2957 -14.26 47.98 -95.33
CA LEU B 2957 -15.26 47.82 -94.28
C LEU B 2957 -14.60 48.18 -92.95
N CYS B 2958 -14.87 49.41 -92.47
CA CYS B 2958 -14.45 49.89 -91.15
C CYS B 2958 -12.96 49.65 -90.88
N LYS B 2959 -12.16 49.55 -91.94
CA LYS B 2959 -10.70 49.50 -91.87
C LYS B 2959 -10.17 48.27 -91.15
N SER B 2960 -11.07 47.39 -90.68
CA SER B 2960 -10.61 46.20 -89.96
C SER B 2960 -9.98 45.20 -90.92
N SER B 2961 -10.61 44.96 -92.07
CA SER B 2961 -10.07 44.03 -93.05
C SER B 2961 -8.72 44.53 -93.58
N LEU B 2962 -8.60 45.83 -93.81
CA LEU B 2962 -7.34 46.38 -94.29
C LEU B 2962 -6.22 46.19 -93.27
N ILE B 2963 -6.52 46.41 -91.99
CA ILE B 2963 -5.50 46.25 -90.96
C ILE B 2963 -5.13 44.78 -90.82
N ALA B 2964 -6.11 43.88 -90.92
CA ALA B 2964 -5.80 42.45 -90.88
C ALA B 2964 -4.91 42.06 -92.06
N GLU B 2965 -5.21 42.58 -93.24
CA GLU B 2965 -4.37 42.31 -94.40
C GLU B 2965 -2.95 42.82 -94.20
N PHE B 2966 -2.81 44.04 -93.66
CA PHE B 2966 -1.49 44.59 -93.41
C PHE B 2966 -0.72 43.74 -92.42
N ASN B 2967 -1.37 43.31 -91.35
CA ASN B 2967 -0.68 42.49 -90.35
C ASN B 2967 -0.27 41.14 -90.92
N SER B 2968 -1.14 40.53 -91.73
CA SER B 2968 -0.80 39.25 -92.34
C SER B 2968 0.37 39.40 -93.31
N GLU B 2969 0.37 40.46 -94.11
CA GLU B 2969 1.48 40.69 -95.03
C GLU B 2969 2.76 40.97 -94.28
N LEU B 2970 2.69 41.70 -93.17
CA LEU B 2970 3.86 41.95 -92.34
C LEU B 2970 4.40 40.64 -91.78
N LYS B 2971 3.53 39.76 -91.30
CA LYS B 2971 3.98 38.47 -90.80
C LYS B 2971 4.65 37.66 -91.89
N ILE B 2972 4.05 37.62 -93.09
CA ILE B 2972 4.62 36.86 -94.19
C ILE B 2972 5.99 37.40 -94.57
N LEU B 2973 6.12 38.73 -94.66
CA LEU B 2973 7.40 39.32 -95.03
C LEU B 2973 8.45 39.09 -93.94
N LYS B 2974 8.05 39.16 -92.68
CA LYS B 2974 8.98 38.90 -91.58
C LYS B 2974 9.48 37.46 -91.63
N GLU B 2975 8.58 36.51 -91.91
CA GLU B 2975 8.99 35.12 -92.02
C GLU B 2975 9.89 34.89 -93.23
N ALA B 2976 9.64 35.63 -94.32
CA ALA B 2976 10.43 35.44 -95.53
C ALA B 2976 11.82 36.06 -95.41
N VAL B 2977 11.95 37.13 -94.61
CA VAL B 2977 13.24 37.81 -94.51
C VAL B 2977 14.29 36.92 -93.85
N HIS B 2978 13.94 36.31 -92.72
CA HIS B 2978 14.94 35.55 -91.96
C HIS B 2978 15.31 34.26 -92.66
N SER B 2979 14.38 33.65 -93.40
CA SER B 2979 14.66 32.40 -94.10
C SER B 2979 15.64 32.62 -95.25
N LEU C 31 19.55 -23.24 55.44
CA LEU C 31 18.79 -23.38 56.67
C LEU C 31 18.58 -22.03 57.34
N TRP C 32 18.84 -21.98 58.65
CA TRP C 32 18.68 -20.74 59.39
C TRP C 32 19.63 -19.66 58.89
N ILE C 33 20.86 -20.06 58.52
CA ILE C 33 21.86 -19.11 58.03
C ILE C 33 21.70 -18.82 56.54
N ASN C 34 20.72 -19.44 55.88
CA ASN C 34 20.48 -19.21 54.46
C ASN C 34 19.21 -18.42 54.22
N LYS C 35 18.89 -17.50 55.13
CA LYS C 35 17.73 -16.64 54.95
C LYS C 35 17.92 -15.73 53.74
N PRO C 36 16.83 -15.36 53.06
CA PRO C 36 16.97 -14.43 51.93
C PRO C 36 17.56 -13.09 52.32
N TRP C 37 17.29 -12.62 53.54
CA TRP C 37 17.78 -11.32 53.98
C TRP C 37 19.07 -11.40 54.80
N VAL C 38 19.43 -12.58 55.30
CA VAL C 38 20.65 -12.68 56.10
C VAL C 38 21.88 -12.43 55.24
N HIS C 39 21.82 -12.76 53.95
CA HIS C 39 22.93 -12.46 53.05
C HIS C 39 23.08 -10.95 52.88
N SER C 40 21.97 -10.22 52.82
CA SER C 40 22.04 -8.76 52.80
C SER C 40 22.66 -8.24 54.09
N LEU C 41 22.35 -8.88 55.21
CA LEU C 41 22.98 -8.51 56.48
C LEU C 41 24.49 -8.73 56.41
N LEU C 42 24.92 -9.84 55.81
CA LEU C 42 26.36 -10.10 55.67
C LEU C 42 27.01 -9.07 54.76
N ARG C 43 26.32 -8.66 53.69
CA ARG C 43 26.87 -7.63 52.81
C ARG C 43 27.01 -6.30 53.54
N ILE C 44 26.00 -5.93 54.33
CA ILE C 44 26.09 -4.70 55.11
C ILE C 44 27.23 -4.80 56.12
N CYS C 45 27.41 -5.98 56.71
CA CYS C 45 28.52 -6.18 57.62
C CYS C 45 29.86 -6.02 56.91
N ALA C 46 29.95 -6.52 55.67
CA ALA C 46 31.18 -6.34 54.90
C ALA C 46 31.45 -4.86 54.63
N ILE C 47 30.40 -4.11 54.30
CA ILE C 47 30.56 -2.67 54.11
C ILE C 47 31.03 -2.01 55.40
N ILE C 48 30.48 -2.45 56.53
CA ILE C 48 30.90 -1.92 57.83
C ILE C 48 32.36 -2.23 58.09
N SER C 49 32.80 -3.44 57.73
CA SER C 49 34.20 -3.80 57.89
C SER C 49 35.09 -2.93 57.02
N VAL C 50 34.66 -2.64 55.79
CA VAL C 50 35.41 -1.74 54.92
C VAL C 50 35.54 -0.37 55.56
N ILE C 51 34.43 0.14 56.11
CA ILE C 51 34.47 1.45 56.77
C ILE C 51 35.43 1.41 57.95
N SER C 52 35.37 0.36 58.76
CA SER C 52 36.22 0.27 59.94
C SER C 52 37.69 0.22 59.55
N VAL C 53 38.04 -0.58 58.53
CA VAL C 53 39.43 -0.65 58.12
C VAL C 53 39.87 0.65 57.48
N CYS C 54 38.94 1.40 56.88
CA CYS C 54 39.25 2.74 56.43
C CYS C 54 39.42 3.71 57.59
N MET C 55 38.90 3.38 58.76
CA MET C 55 39.03 4.20 59.95
C MET C 55 40.08 3.67 60.91
N ASN C 56 41.18 3.12 60.38
CA ASN C 56 42.27 2.59 61.21
C ASN C 56 43.57 3.24 60.73
N THR C 57 43.85 4.42 61.25
CA THR C 57 45.08 5.15 60.95
C THR C 57 45.65 5.71 62.25
N PRO C 58 46.97 5.86 62.34
CA PRO C 58 47.54 6.51 63.52
C PRO C 58 47.04 7.94 63.73
N MET C 59 46.90 8.70 62.65
CA MET C 59 46.41 10.08 62.78
C MET C 59 44.95 10.10 63.23
N THR C 60 44.12 9.21 62.67
CA THR C 60 42.72 9.15 63.08
C THR C 60 42.60 8.75 64.54
N PHE C 61 43.39 7.76 64.97
CA PHE C 61 43.35 7.33 66.36
C PHE C 61 43.83 8.44 67.29
N GLU C 62 44.86 9.18 66.88
CA GLU C 62 45.29 10.33 67.67
C GLU C 62 44.19 11.37 67.76
N HIS C 63 43.46 11.59 66.67
CA HIS C 63 42.35 12.52 66.69
C HIS C 63 41.23 12.05 67.62
N TYR C 64 40.88 10.77 67.55
CA TYR C 64 39.79 10.22 68.35
C TYR C 64 40.13 8.80 68.78
N PRO C 65 40.72 8.64 69.96
CA PRO C 65 40.87 7.29 70.53
C PRO C 65 39.54 6.58 70.72
N PRO C 66 38.44 7.31 71.00
CA PRO C 66 37.13 6.64 70.93
C PRO C 66 36.87 5.96 69.61
N LEU C 67 37.30 6.55 68.50
CA LEU C 67 37.18 5.85 67.22
C LEU C 67 38.01 4.58 67.21
N GLN C 68 39.18 4.58 67.88
CA GLN C 68 39.98 3.37 67.98
C GLN C 68 39.22 2.27 68.70
N TYR C 69 38.60 2.61 69.84
CA TYR C 69 37.79 1.61 70.55
C TYR C 69 36.62 1.14 69.70
N VAL C 70 35.97 2.07 69.00
CA VAL C 70 34.80 1.72 68.18
C VAL C 70 35.19 0.76 67.07
N THR C 71 36.29 1.05 66.37
CA THR C 71 36.71 0.17 65.29
C THR C 71 37.18 -1.17 65.82
N PHE C 72 37.80 -1.21 67.01
CA PHE C 72 38.15 -2.50 67.59
C PHE C 72 36.91 -3.33 67.87
N THR C 73 35.89 -2.71 68.45
CA THR C 73 34.66 -3.44 68.76
C THR C 73 33.96 -3.91 67.49
N LEU C 74 33.92 -3.05 66.47
CA LEU C 74 33.32 -3.44 65.20
C LEU C 74 34.06 -4.61 64.58
N ASP C 75 35.39 -4.55 64.58
CA ASP C 75 36.18 -5.65 64.02
C ASP C 75 35.96 -6.93 64.80
N THR C 76 35.87 -6.84 66.13
CA THR C 76 35.63 -8.04 66.93
C THR C 76 34.28 -8.66 66.58
N LEU C 77 33.24 -7.83 66.51
CA LEU C 77 31.92 -8.35 66.17
C LEU C 77 31.90 -8.97 64.78
N LEU C 78 32.53 -8.30 63.81
CA LEU C 78 32.55 -8.82 62.45
C LEU C 78 33.34 -10.12 62.36
N MET C 79 34.47 -10.20 63.06
CA MET C 79 35.25 -11.43 63.07
C MET C 79 34.46 -12.56 63.69
N PHE C 80 33.78 -12.30 64.80
CA PHE C 80 32.93 -13.32 65.42
C PHE C 80 31.88 -13.82 64.44
N LEU C 81 31.15 -12.88 63.81
CA LEU C 81 30.08 -13.27 62.89
C LEU C 81 30.62 -14.05 61.70
N TYR C 82 31.73 -13.59 61.12
CA TYR C 82 32.24 -14.24 59.92
C TYR C 82 32.84 -15.61 60.23
N THR C 83 33.51 -15.74 61.38
CA THR C 83 33.98 -17.06 61.77
C THR C 83 32.82 -18.01 62.00
N ALA C 84 31.76 -17.53 62.66
CA ALA C 84 30.59 -18.38 62.90
C ALA C 84 29.96 -18.83 61.58
N GLU C 85 29.79 -17.90 60.63
CA GLU C 85 29.18 -18.29 59.38
C GLU C 85 30.09 -19.20 58.56
N MET C 86 31.42 -18.99 58.64
CA MET C 86 32.32 -19.88 57.92
C MET C 86 32.27 -21.29 58.48
N ILE C 87 32.30 -21.43 59.80
CA ILE C 87 32.26 -22.77 60.38
C ILE C 87 30.90 -23.42 60.14
N ALA C 88 29.82 -22.63 60.14
CA ALA C 88 28.52 -23.19 59.79
C ALA C 88 28.49 -23.67 58.35
N LYS C 89 29.06 -22.88 57.43
CA LYS C 89 29.07 -23.26 56.02
C LYS C 89 29.91 -24.51 55.79
N MET C 90 31.07 -24.61 56.44
CA MET C 90 31.92 -25.79 56.27
C MET C 90 31.34 -27.03 56.95
N HIS C 91 30.30 -26.88 57.76
CA HIS C 91 29.63 -28.04 58.34
C HIS C 91 28.95 -28.91 57.30
N ILE C 92 28.73 -28.39 56.09
CA ILE C 92 28.09 -29.13 55.01
C ILE C 92 29.10 -29.54 53.95
N ARG C 93 29.78 -28.57 53.35
CA ARG C 93 30.77 -28.86 52.31
C ARG C 93 32.10 -29.24 52.94
N GLY C 94 32.81 -30.14 52.26
CA GLY C 94 34.09 -30.59 52.75
C GLY C 94 35.16 -29.52 52.66
N ILE C 95 36.23 -29.73 53.41
CA ILE C 95 37.36 -28.79 53.43
C ILE C 95 38.15 -28.90 52.14
N ASP C 105 31.51 -19.63 42.71
CA ASP C 105 32.77 -19.46 42.00
C ASP C 105 33.97 -19.60 42.93
N ARG C 106 34.03 -20.73 43.63
CA ARG C 106 35.14 -21.05 44.55
C ARG C 106 35.31 -19.95 45.60
N TRP C 107 34.19 -19.53 46.20
CA TRP C 107 34.23 -18.47 47.19
C TRP C 107 34.62 -18.95 48.58
N CYS C 108 34.71 -20.27 48.78
CA CYS C 108 35.07 -20.78 50.10
C CYS C 108 36.47 -20.33 50.50
N VAL C 109 37.43 -20.44 49.58
CA VAL C 109 38.79 -20.03 49.88
C VAL C 109 38.86 -18.53 50.11
N PHE C 110 38.12 -17.75 49.31
CA PHE C 110 38.12 -16.30 49.49
C PHE C 110 37.57 -15.91 50.85
N ASP C 111 36.47 -16.52 51.27
CA ASP C 111 35.89 -16.21 52.56
C ASP C 111 36.81 -16.65 53.70
N GLY C 112 37.45 -17.81 53.56
CA GLY C 112 38.41 -18.24 54.57
C GLY C 112 39.58 -17.28 54.70
N PHE C 113 40.09 -16.78 53.56
CA PHE C 113 41.18 -15.83 53.60
C PHE C 113 40.73 -14.51 54.21
N MET C 114 39.49 -14.09 53.93
CA MET C 114 38.95 -12.89 54.55
C MET C 114 38.87 -13.05 56.07
N VAL C 115 38.43 -14.22 56.53
CA VAL C 115 38.37 -14.49 57.97
C VAL C 115 39.77 -14.47 58.57
N PHE C 116 40.74 -15.03 57.86
CA PHE C 116 42.12 -14.98 58.33
C PHE C 116 42.62 -13.55 58.43
N CYS C 117 42.30 -12.71 57.44
CA CYS C 117 42.68 -11.31 57.49
C CYS C 117 42.02 -10.61 58.68
N LEU C 118 40.76 -10.96 58.95
CA LEU C 118 40.08 -10.38 60.12
C LEU C 118 40.77 -10.80 61.41
N TRP C 119 41.19 -12.07 61.50
CA TRP C 119 41.94 -12.51 62.67
C TRP C 119 43.23 -11.73 62.83
N VAL C 120 43.96 -11.53 61.73
CA VAL C 120 45.22 -10.81 61.79
C VAL C 120 44.99 -9.36 62.23
N SER C 121 43.97 -8.72 61.66
CA SER C 121 43.66 -7.35 62.04
C SER C 121 43.27 -7.25 63.51
N LEU C 122 42.48 -8.22 63.99
CA LEU C 122 42.06 -8.20 65.38
C LEU C 122 43.25 -8.36 66.33
N VAL C 123 44.15 -9.30 66.04
CA VAL C 123 45.29 -9.48 66.93
C VAL C 123 46.24 -8.28 66.85
N LEU C 124 46.38 -7.69 65.66
CA LEU C 124 47.19 -6.48 65.54
C LEU C 124 46.61 -5.35 66.37
N GLN C 125 45.29 -5.17 66.34
CA GLN C 125 44.68 -4.12 67.13
C GLN C 125 44.77 -4.43 68.62
N VAL C 126 44.74 -5.71 68.99
CA VAL C 126 44.96 -6.08 70.39
C VAL C 126 46.35 -5.67 70.83
N PHE C 127 47.35 -5.93 69.99
CA PHE C 127 48.70 -5.48 70.30
C PHE C 127 48.77 -3.96 70.37
N GLU C 128 48.00 -3.28 69.53
CA GLU C 128 47.93 -1.82 69.60
C GLU C 128 47.39 -1.37 70.95
N ILE C 129 46.35 -2.04 71.44
CA ILE C 129 45.81 -1.72 72.76
C ILE C 129 46.85 -1.98 73.84
N ALA C 130 47.65 -3.04 73.67
CA ALA C 130 48.74 -3.32 74.59
C ALA C 130 49.85 -2.29 74.54
N ASP C 131 49.83 -1.41 73.53
CA ASP C 131 50.78 -0.31 73.39
C ASP C 131 52.21 -0.80 73.22
N ILE C 132 52.39 -2.08 72.88
CA ILE C 132 53.73 -2.59 72.60
C ILE C 132 54.30 -1.90 71.37
N VAL C 133 53.49 -1.75 70.33
CA VAL C 133 53.89 -1.09 69.09
C VAL C 133 53.12 0.21 68.97
N ASP C 134 53.83 1.29 68.65
CA ASP C 134 53.27 2.64 68.60
C ASP C 134 52.41 2.89 67.36
N GLN C 135 52.04 1.85 66.62
CA GLN C 135 51.20 1.89 65.41
C GLN C 135 51.95 2.46 64.20
N MET C 136 53.15 2.99 64.39
CA MET C 136 53.93 3.48 63.26
C MET C 136 54.72 2.38 62.56
N SER C 137 54.64 1.15 63.04
CA SER C 137 55.32 0.05 62.39
C SER C 137 54.64 -0.28 61.07
N PRO C 138 55.37 -0.87 60.12
CA PRO C 138 54.74 -1.31 58.88
C PRO C 138 53.72 -2.43 59.06
N TRP C 139 53.50 -2.90 60.29
CA TRP C 139 52.58 -4.00 60.52
C TRP C 139 51.17 -3.68 60.06
N GLY C 140 50.82 -2.39 59.97
CA GLY C 140 49.52 -2.01 59.45
C GLY C 140 49.27 -2.49 58.04
N MET C 141 50.34 -2.75 57.28
CA MET C 141 50.18 -3.30 55.93
C MET C 141 49.51 -4.66 55.95
N LEU C 142 49.50 -5.35 57.09
CA LEU C 142 48.76 -6.60 57.20
C LEU C 142 47.28 -6.40 56.94
N ARG C 143 46.78 -5.18 57.10
CA ARG C 143 45.39 -4.86 56.84
C ARG C 143 45.10 -4.62 55.36
N ILE C 144 46.12 -4.74 54.50
CA ILE C 144 45.92 -4.47 53.07
C ILE C 144 44.82 -5.33 52.45
N PRO C 145 44.76 -6.64 52.69
CA PRO C 145 43.70 -7.44 52.05
C PRO C 145 42.31 -7.18 52.61
N ARG C 146 42.20 -6.57 53.79
CA ARG C 146 40.88 -6.37 54.40
C ARG C 146 39.92 -5.60 53.51
N PRO C 147 40.29 -4.48 52.89
CA PRO C 147 39.35 -3.79 52.00
C PRO C 147 38.89 -4.65 50.83
N LEU C 148 39.64 -5.70 50.48
CA LEU C 148 39.19 -6.58 49.41
C LEU C 148 37.88 -7.27 49.75
N ILE C 149 37.50 -7.30 51.04
CA ILE C 149 36.21 -7.85 51.41
C ILE C 149 35.07 -7.08 50.78
N MET C 150 35.32 -5.86 50.29
CA MET C 150 34.30 -5.12 49.57
C MET C 150 33.85 -5.86 48.33
N ILE C 151 34.73 -6.66 47.73
CA ILE C 151 34.33 -7.48 46.60
C ILE C 151 33.22 -8.44 47.00
N ARG C 152 33.30 -8.97 48.23
CA ARG C 152 32.25 -9.85 48.74
C ARG C 152 30.91 -9.13 48.75
N ALA C 153 30.92 -7.80 48.84
CA ALA C 153 29.68 -7.04 48.80
C ALA C 153 28.98 -7.14 47.45
N PHE C 154 29.74 -7.27 46.35
CA PHE C 154 29.17 -7.25 45.02
C PHE C 154 29.25 -8.60 44.32
N ARG C 155 29.38 -9.69 45.08
CA ARG C 155 29.47 -11.00 44.44
C ARG C 155 28.17 -11.37 43.73
N ILE C 156 27.03 -11.01 44.30
CA ILE C 156 25.75 -11.38 43.69
C ILE C 156 25.53 -10.63 42.38
N TYR C 157 25.93 -9.37 42.30
CA TYR C 157 25.70 -8.54 41.13
C TYR C 157 26.70 -8.79 40.01
N PHE C 158 27.46 -9.88 40.08
CA PHE C 158 28.44 -10.22 39.05
C PHE C 158 27.94 -11.30 38.10
N ARG C 159 26.64 -11.61 38.14
CA ARG C 159 26.03 -12.57 37.24
C ARG C 159 24.96 -11.85 36.42
N PHE C 160 24.97 -12.07 35.12
CA PHE C 160 24.04 -11.44 34.19
C PHE C 160 23.35 -12.53 33.38
N GLU C 161 22.54 -12.11 32.40
CA GLU C 161 21.87 -13.07 31.54
C GLU C 161 22.86 -13.85 30.69
N LEU C 162 24.03 -13.28 30.44
CA LEU C 162 25.03 -13.93 29.60
C LEU C 162 25.58 -15.16 30.31
N PRO C 163 25.60 -16.33 29.66
CA PRO C 163 26.19 -17.52 30.29
C PRO C 163 27.68 -17.38 30.55
N ARG C 164 28.25 -18.36 31.27
CA ARG C 164 29.65 -18.28 31.63
C ARG C 164 30.55 -18.29 30.40
N THR C 165 30.22 -19.12 29.41
CA THR C 165 31.08 -19.25 28.23
C THR C 165 31.17 -17.94 27.46
N ARG C 166 30.03 -17.27 27.27
CA ARG C 166 30.04 -16.01 26.54
C ARG C 166 30.88 -14.95 27.26
N ILE C 167 30.73 -14.85 28.58
CA ILE C 167 31.48 -13.86 29.34
C ILE C 167 32.97 -14.18 29.29
N THR C 168 33.32 -15.46 29.40
CA THR C 168 34.73 -15.84 29.33
C THR C 168 35.32 -15.52 27.97
N ASN C 169 34.59 -15.77 26.89
CA ASN C 169 35.09 -15.46 25.56
C ASN C 169 35.24 -13.95 25.38
N ILE C 170 34.28 -13.17 25.86
CA ILE C 170 34.37 -11.71 25.77
C ILE C 170 35.59 -11.21 26.52
N LEU C 171 35.78 -11.71 27.74
CA LEU C 171 36.93 -11.27 28.54
C LEU C 171 38.25 -11.71 27.91
N LYS C 172 38.28 -12.90 27.31
CA LYS C 172 39.50 -13.34 26.64
C LYS C 172 39.83 -12.44 25.46
N ARG C 173 38.84 -12.11 24.65
CA ARG C 173 39.09 -11.23 23.51
C ARG C 173 39.54 -9.85 23.97
N SER C 174 38.87 -9.31 24.99
CA SER C 174 39.25 -8.00 25.50
C SER C 174 40.65 -8.02 26.08
N GLY C 175 41.00 -9.08 26.80
CA GLY C 175 42.33 -9.17 27.37
C GLY C 175 43.41 -9.31 26.31
N GLU C 176 43.14 -10.08 25.25
CA GLU C 176 44.11 -10.18 24.17
C GLU C 176 44.30 -8.84 23.48
N GLN C 177 43.19 -8.11 23.23
CA GLN C 177 43.32 -6.79 22.63
C GLN C 177 44.09 -5.83 23.53
N ILE C 178 43.81 -5.87 24.84
CA ILE C 178 44.50 -5.01 25.78
C ILE C 178 45.98 -5.35 25.82
N TRP C 179 46.31 -6.64 25.77
CA TRP C 179 47.72 -7.05 25.75
C TRP C 179 48.42 -6.54 24.50
N SER C 180 47.76 -6.65 23.35
CA SER C 180 48.37 -6.16 22.12
C SER C 180 48.60 -4.66 22.17
N VAL C 181 47.61 -3.91 22.67
CA VAL C 181 47.75 -2.47 22.77
C VAL C 181 48.81 -2.09 23.79
N SER C 182 48.92 -2.87 24.86
CA SER C 182 49.96 -2.62 25.86
C SER C 182 51.35 -2.84 25.26
N ILE C 183 51.49 -3.89 24.45
CA ILE C 183 52.76 -4.11 23.76
C ILE C 183 53.06 -2.95 22.83
N PHE C 184 52.05 -2.47 22.10
CA PHE C 184 52.24 -1.33 21.22
C PHE C 184 52.68 -0.09 21.99
N LEU C 185 52.03 0.17 23.12
CA LEU C 185 52.39 1.32 23.94
C LEU C 185 53.80 1.19 24.49
N LEU C 186 54.18 -0.02 24.91
CA LEU C 186 55.53 -0.25 25.39
C LEU C 186 56.55 0.00 24.28
N PHE C 187 56.23 -0.44 23.06
CA PHE C 187 57.12 -0.18 21.92
C PHE C 187 57.28 1.32 21.69
N PHE C 188 56.17 2.05 21.73
CA PHE C 188 56.26 3.49 21.52
C PHE C 188 57.03 4.18 22.63
N LEU C 189 56.82 3.74 23.88
CA LEU C 189 57.56 4.30 25.00
C LEU C 189 59.05 4.05 24.87
N LEU C 190 59.43 2.84 24.48
CA LEU C 190 60.85 2.54 24.28
C LEU C 190 61.42 3.40 23.16
N LEU C 191 60.68 3.55 22.06
CA LEU C 191 61.17 4.37 20.96
C LEU C 191 61.41 5.81 21.40
N TYR C 192 60.44 6.40 22.09
CA TYR C 192 60.59 7.78 22.51
C TYR C 192 61.63 7.94 23.61
N GLY C 193 61.78 6.94 24.48
CA GLY C 193 62.84 7.00 25.47
C GLY C 193 64.22 6.96 24.83
N ILE C 194 64.39 6.11 23.81
CA ILE C 194 65.66 6.07 23.10
C ILE C 194 65.91 7.40 22.40
N LEU C 195 64.88 7.98 21.78
CA LEU C 195 65.04 9.27 21.12
C LEU C 195 65.42 10.36 22.13
N GLY C 196 64.79 10.34 23.31
CA GLY C 196 65.12 11.33 24.33
C GLY C 196 66.54 11.17 24.84
N VAL C 197 66.97 9.91 25.04
CA VAL C 197 68.33 9.67 25.51
C VAL C 197 69.34 10.16 24.50
N GLN C 198 69.12 9.86 23.22
CA GLN C 198 70.08 10.24 22.19
C GLN C 198 69.92 11.68 21.72
N MET C 199 68.87 12.38 22.17
CA MET C 199 68.68 13.77 21.80
C MET C 199 68.77 14.73 22.97
N PHE C 200 68.82 14.24 24.21
CA PHE C 200 68.93 15.09 25.38
C PHE C 200 69.81 14.41 26.41
N GLY C 201 70.39 15.22 27.28
CA GLY C 201 71.24 14.71 28.33
C GLY C 201 70.63 14.85 29.71
N THR C 202 71.37 15.46 30.63
CA THR C 202 70.90 15.69 31.99
C THR C 202 70.62 17.18 32.16
N PHE C 203 69.38 17.52 32.51
CA PHE C 203 68.98 18.91 32.68
C PHE C 203 69.55 19.42 34.01
N THR C 204 70.86 19.63 34.00
CA THR C 204 71.59 20.02 35.19
C THR C 204 72.25 21.38 35.09
N TYR C 205 72.66 21.81 33.90
CA TYR C 205 73.28 23.12 33.77
C TYR C 205 72.27 24.22 34.04
N HIS C 206 72.65 25.16 34.90
CA HIS C 206 71.80 26.28 35.26
C HIS C 206 72.61 27.57 35.23
N CYS C 207 71.91 28.69 35.03
CA CYS C 207 72.53 30.00 35.14
C CYS C 207 72.62 30.37 36.61
N VAL C 208 73.84 30.58 37.10
CA VAL C 208 74.07 30.89 38.50
C VAL C 208 74.99 32.11 38.58
N VAL C 209 74.97 32.76 39.74
CA VAL C 209 75.86 33.89 39.96
C VAL C 209 77.31 33.44 39.78
N ASN C 210 78.08 34.25 39.05
CA ASN C 210 79.42 33.84 38.66
C ASN C 210 80.34 33.60 39.84
N ASP C 211 80.04 34.19 41.00
CA ASP C 211 80.85 33.99 42.20
C ASP C 211 80.25 32.88 43.05
N THR C 212 80.30 31.67 42.51
CA THR C 212 79.78 30.48 43.16
C THR C 212 80.88 29.44 43.29
N LYS C 213 80.92 28.78 44.44
CA LYS C 213 81.93 27.76 44.68
C LYS C 213 81.29 26.38 44.77
N PRO C 214 81.99 25.33 44.32
CA PRO C 214 81.45 23.98 44.44
C PRO C 214 81.25 23.59 45.90
N GLY C 215 80.20 22.82 46.16
CA GLY C 215 79.87 22.47 47.52
C GLY C 215 79.34 23.62 48.34
N ASN C 216 78.88 24.69 47.69
CA ASN C 216 78.37 25.85 48.40
C ASN C 216 77.09 26.38 47.72
N VAL C 217 76.33 25.49 47.08
CA VAL C 217 75.13 25.92 46.37
C VAL C 217 74.11 26.42 47.38
N THR C 218 73.51 27.58 47.06
CA THR C 218 72.46 28.16 47.87
C THR C 218 71.28 28.51 46.97
N TRP C 219 70.09 28.54 47.57
CA TRP C 219 68.93 29.04 46.83
C TRP C 219 69.16 30.46 46.35
N ASN C 220 69.90 31.27 47.11
CA ASN C 220 70.23 32.61 46.67
C ASN C 220 71.17 32.61 45.47
N SER C 221 71.96 31.54 45.32
CA SER C 221 72.90 31.49 44.19
C SER C 221 72.17 31.34 42.86
N LEU C 222 71.03 30.65 42.85
CA LEU C 222 70.31 30.44 41.62
C LEU C 222 69.62 31.72 41.16
N ALA C 223 69.29 31.77 39.88
CA ALA C 223 68.52 32.87 39.33
C ALA C 223 67.06 32.75 39.75
N ILE C 224 66.33 33.87 39.62
CA ILE C 224 64.94 33.92 40.02
C ILE C 224 64.05 34.22 38.82
N PRO C 225 63.26 33.26 38.33
CA PRO C 225 63.26 31.87 38.81
C PRO C 225 64.41 31.08 38.21
N ASP C 226 64.72 29.92 38.79
CA ASP C 226 65.80 29.10 38.27
C ASP C 226 65.46 28.60 36.87
N THR C 227 66.46 28.65 35.99
CA THR C 227 66.31 28.23 34.61
C THR C 227 67.52 27.38 34.22
N HIS C 228 67.47 26.86 33.00
CA HIS C 228 68.56 26.06 32.45
C HIS C 228 69.30 26.85 31.39
N CYS C 229 70.37 26.26 30.89
CA CYS C 229 71.22 26.90 29.88
C CYS C 229 72.08 25.84 29.23
N SER C 230 73.07 26.28 28.45
CA SER C 230 74.03 25.39 27.83
C SER C 230 75.36 26.11 27.81
N PRO C 231 76.46 25.42 28.13
CA PRO C 231 77.79 26.07 28.04
C PRO C 231 78.14 26.49 26.62
N GLU C 232 77.52 25.89 25.60
CA GLU C 232 77.74 26.32 24.24
C GLU C 232 77.22 27.74 24.04
N LEU C 233 77.90 28.49 23.17
CA LEU C 233 77.59 29.89 22.98
C LEU C 233 76.41 30.14 22.06
N GLU C 234 75.93 29.13 21.33
CA GLU C 234 74.86 29.32 20.36
C GLU C 234 73.73 28.32 20.50
N GLU C 235 73.73 27.48 21.54
CA GLU C 235 72.71 26.47 21.75
C GLU C 235 71.92 26.79 23.01
N GLY C 236 70.61 26.86 22.88
CA GLY C 236 69.77 27.12 24.02
C GLY C 236 69.89 28.55 24.52
N TYR C 237 69.36 28.76 25.72
CA TYR C 237 69.39 30.09 26.32
C TYR C 237 70.79 30.42 26.83
N GLN C 238 71.15 31.69 26.73
CA GLN C 238 72.43 32.20 27.19
C GLN C 238 72.22 33.08 28.41
N CYS C 239 73.01 32.83 29.46
CA CYS C 239 72.85 33.59 30.69
C CYS C 239 73.21 35.05 30.47
N PRO C 240 72.53 35.97 31.13
CA PRO C 240 72.87 37.40 31.00
C PRO C 240 74.16 37.70 31.74
N PRO C 241 74.71 38.91 31.58
CA PRO C 241 75.93 39.27 32.32
C PRO C 241 75.72 39.13 33.83
N GLY C 242 76.77 38.68 34.51
CA GLY C 242 76.69 38.37 35.92
C GLY C 242 76.29 36.96 36.24
N PHE C 243 75.78 36.22 35.27
CA PHE C 243 75.39 34.82 35.43
C PHE C 243 76.15 33.96 34.45
N LYS C 244 76.60 32.81 34.90
CA LYS C 244 77.30 31.84 34.06
C LYS C 244 76.59 30.50 34.13
N CYS C 245 76.72 29.73 33.05
CA CYS C 245 76.12 28.41 32.98
C CYS C 245 77.04 27.40 33.65
N MET C 246 76.51 26.64 34.60
CA MET C 246 77.31 25.66 35.33
C MET C 246 76.60 24.32 35.36
N ASP C 247 77.40 23.27 35.56
CA ASP C 247 76.88 21.92 35.53
C ASP C 247 75.89 21.67 36.67
N LEU C 248 76.17 22.22 37.85
CA LEU C 248 75.37 21.99 39.06
C LEU C 248 75.29 20.51 39.40
N GLU C 249 76.30 19.74 39.00
CA GLU C 249 76.47 18.37 39.46
C GLU C 249 77.80 18.20 40.19
N ASP C 250 78.87 18.80 39.67
CA ASP C 250 80.12 18.84 40.41
C ASP C 250 80.01 19.70 41.66
N LEU C 251 78.96 20.53 41.74
CA LEU C 251 78.74 21.39 42.90
C LEU C 251 78.23 20.62 44.11
N GLY C 252 77.96 19.32 43.97
CA GLY C 252 77.51 18.51 45.08
C GLY C 252 76.03 18.20 45.09
N LEU C 253 75.29 18.57 44.05
CA LEU C 253 73.87 18.26 44.00
C LEU C 253 73.66 16.76 43.88
N SER C 254 72.60 16.27 44.50
CA SER C 254 72.29 14.85 44.57
C SER C 254 71.12 14.52 43.64
N ARG C 255 70.93 13.22 43.43
CA ARG C 255 69.86 12.75 42.55
C ARG C 255 68.48 12.86 43.21
N GLN C 256 68.43 12.79 44.53
CA GLN C 256 67.13 12.82 45.22
C GLN C 256 66.41 14.15 44.99
N GLU C 257 67.13 15.26 45.11
CA GLU C 257 66.50 16.56 44.89
C GLU C 257 66.16 16.76 43.42
N LEU C 258 67.02 16.29 42.52
CA LEU C 258 66.69 16.32 41.09
C LEU C 258 65.59 15.33 40.75
N GLY C 259 65.41 14.28 41.56
CA GLY C 259 64.35 13.33 41.36
C GLY C 259 64.54 12.49 40.11
N TYR C 260 63.41 11.99 39.60
CA TYR C 260 63.40 11.18 38.39
C TYR C 260 63.15 11.99 37.13
N SER C 261 63.06 13.32 37.23
CA SER C 261 62.83 14.15 36.07
C SER C 261 64.08 14.24 35.22
N GLY C 262 63.93 14.03 33.90
CA GLY C 262 65.03 14.17 32.96
C GLY C 262 65.12 12.97 32.05
N PHE C 263 66.26 12.86 31.38
CA PHE C 263 66.56 11.76 30.45
C PHE C 263 67.93 11.18 30.75
N ASN C 264 68.19 10.91 32.04
CA ASN C 264 69.52 10.49 32.47
C ASN C 264 69.92 9.16 31.84
N GLU C 265 69.03 8.17 31.90
CA GLU C 265 69.29 6.87 31.29
C GLU C 265 67.99 6.39 30.66
N ILE C 266 67.98 5.13 30.21
CA ILE C 266 66.81 4.60 29.51
C ILE C 266 65.60 4.56 30.44
N GLY C 267 65.79 4.13 31.68
CA GLY C 267 64.67 4.04 32.59
C GLY C 267 64.09 5.41 32.94
N THR C 268 64.95 6.38 33.24
CA THR C 268 64.48 7.71 33.54
C THR C 268 63.78 8.33 32.33
N SER C 269 64.35 8.14 31.14
CA SER C 269 63.74 8.68 29.94
C SER C 269 62.37 8.05 29.68
N ILE C 270 62.26 6.73 29.87
CA ILE C 270 60.98 6.06 29.66
C ILE C 270 59.94 6.56 30.65
N PHE C 271 60.34 6.72 31.92
CA PHE C 271 59.41 7.21 32.93
C PHE C 271 58.97 8.63 32.60
N THR C 272 59.89 9.48 32.18
CA THR C 272 59.54 10.85 31.83
C THR C 272 58.64 10.91 30.61
N VAL C 273 58.89 10.05 29.62
CA VAL C 273 58.04 9.99 28.44
C VAL C 273 56.64 9.55 28.81
N TYR C 274 56.52 8.55 29.67
CA TYR C 274 55.20 8.12 30.12
C TYR C 274 54.50 9.23 30.89
N GLU C 275 55.24 9.96 31.73
CA GLU C 275 54.65 11.08 32.46
C GLU C 275 54.14 12.16 31.50
N ALA C 276 54.93 12.47 30.47
CA ALA C 276 54.51 13.48 29.51
C ALA C 276 53.32 13.01 28.68
N SER C 277 53.23 11.70 28.44
CA SER C 277 52.12 11.18 27.65
C SER C 277 50.78 11.44 28.31
N SER C 278 50.74 11.48 29.64
CA SER C 278 49.53 11.82 30.37
C SER C 278 49.25 13.32 30.37
N GLN C 279 49.95 14.09 29.54
CA GLN C 279 49.77 15.53 29.44
C GLN C 279 49.93 16.21 30.80
N GLU C 280 50.94 15.76 31.56
CA GLU C 280 51.20 16.28 32.89
C GLU C 280 52.68 16.62 33.01
N GLY C 281 52.95 17.89 33.34
CA GLY C 281 54.32 18.32 33.62
C GLY C 281 55.28 18.16 32.47
N TRP C 282 54.83 18.37 31.24
CA TRP C 282 55.70 18.27 30.07
C TRP C 282 56.03 19.63 29.47
N VAL C 283 55.16 20.62 29.63
CA VAL C 283 55.44 21.95 29.11
C VAL C 283 56.68 22.55 29.77
N PHE C 284 56.77 22.40 31.09
CA PHE C 284 57.99 22.83 31.78
C PHE C 284 59.19 22.01 31.35
N LEU C 285 58.97 20.72 31.11
CA LEU C 285 60.03 19.88 30.55
C LEU C 285 60.43 20.39 29.17
N MET C 286 59.46 20.82 28.37
CA MET C 286 59.75 21.38 27.07
C MET C 286 60.57 22.66 27.19
N TYR C 287 60.23 23.52 28.15
CA TYR C 287 61.00 24.74 28.36
C TYR C 287 62.43 24.42 28.77
N ARG C 288 62.60 23.45 29.67
CA ARG C 288 63.94 23.06 30.08
C ARG C 288 64.74 22.50 28.91
N ALA C 289 64.10 21.69 28.07
CA ALA C 289 64.79 21.15 26.90
C ALA C 289 65.18 22.25 25.93
N ILE C 290 64.29 23.24 25.73
CA ILE C 290 64.62 24.37 24.87
C ILE C 290 65.80 25.15 25.42
N ASP C 291 65.82 25.36 26.74
CA ASP C 291 66.93 26.09 27.35
C ASP C 291 68.24 25.32 27.21
N SER C 292 68.19 23.99 27.38
CA SER C 292 69.40 23.19 27.43
C SER C 292 69.82 22.62 26.09
N PHE C 293 69.03 22.80 25.03
CA PHE C 293 69.29 22.13 23.77
C PHE C 293 68.70 22.96 22.64
N PRO C 294 69.08 22.68 21.39
CA PRO C 294 68.54 23.44 20.27
C PRO C 294 67.01 23.36 20.22
N ARG C 295 66.40 24.47 19.81
CA ARG C 295 64.95 24.59 19.86
C ARG C 295 64.27 23.54 18.99
N TRP C 296 64.78 23.32 17.78
CA TRP C 296 64.09 22.43 16.84
C TRP C 296 64.01 21.02 17.40
N ARG C 297 65.05 20.56 18.09
CA ARG C 297 65.01 19.24 18.69
C ARG C 297 63.86 19.11 19.66
N SER C 298 63.74 20.08 20.59
CA SER C 298 62.67 20.02 21.58
C SER C 298 61.30 20.10 20.91
N TYR C 299 61.15 21.02 19.95
CA TYR C 299 59.86 21.17 19.29
C TYR C 299 59.45 19.87 18.60
N PHE C 300 60.33 19.32 17.76
CA PHE C 300 60.01 18.09 17.05
C PHE C 300 59.70 16.96 18.02
N TYR C 301 60.58 16.76 19.01
CA TYR C 301 60.41 15.64 19.93
C TYR C 301 59.09 15.73 20.69
N PHE C 302 58.82 16.88 21.31
CA PHE C 302 57.63 16.98 22.14
C PHE C 302 56.36 16.99 21.31
N ILE C 303 56.37 17.65 20.15
CA ILE C 303 55.18 17.65 19.30
C ILE C 303 54.85 16.23 18.85
N THR C 304 55.87 15.48 18.40
CA THR C 304 55.61 14.10 18.00
C THR C 304 55.12 13.27 19.18
N LEU C 305 55.72 13.43 20.35
CA LEU C 305 55.32 12.64 21.51
C LEU C 305 53.87 12.93 21.88
N ILE C 306 53.47 14.20 21.87
CA ILE C 306 52.09 14.55 22.22
C ILE C 306 51.13 14.06 21.16
N PHE C 307 51.47 14.23 19.89
CA PHE C 307 50.55 13.85 18.82
C PHE C 307 50.34 12.34 18.78
N PHE C 308 51.40 11.56 18.99
CA PHE C 308 51.29 10.11 18.88
C PHE C 308 50.89 9.47 20.21
N LEU C 309 51.70 9.65 21.25
CA LEU C 309 51.45 8.96 22.50
C LEU C 309 50.25 9.55 23.25
N ALA C 310 50.16 10.87 23.32
CA ALA C 310 49.12 11.49 24.13
C ALA C 310 47.76 11.54 23.45
N TRP C 311 47.71 11.33 22.13
CA TRP C 311 46.44 11.39 21.42
C TRP C 311 46.08 10.08 20.75
N LEU C 312 46.97 9.50 19.95
CA LEU C 312 46.61 8.31 19.19
C LEU C 312 46.64 7.06 20.07
N VAL C 313 47.79 6.78 20.67
CA VAL C 313 47.95 5.54 21.43
C VAL C 313 46.98 5.49 22.61
N LYS C 314 46.79 6.63 23.28
CA LYS C 314 45.87 6.65 24.42
C LYS C 314 44.45 6.35 23.97
N ASN C 315 44.03 6.90 22.83
CA ASN C 315 42.69 6.65 22.32
C ASN C 315 42.54 5.26 21.73
N VAL C 316 43.65 4.58 21.45
CA VAL C 316 43.55 3.17 21.03
C VAL C 316 42.90 2.33 22.13
N PHE C 317 43.21 2.64 23.39
CA PHE C 317 42.57 1.94 24.49
C PHE C 317 41.06 2.19 24.51
N ILE C 318 40.64 3.42 24.24
CA ILE C 318 39.22 3.73 24.17
C ILE C 318 38.57 2.95 23.03
N ALA C 319 39.26 2.86 21.89
CA ALA C 319 38.74 2.06 20.78
C ALA C 319 38.59 0.60 21.17
N VAL C 320 39.56 0.08 21.92
CA VAL C 320 39.47 -1.32 22.37
C VAL C 320 38.28 -1.51 23.29
N ILE C 321 38.05 -0.56 24.20
CA ILE C 321 36.90 -0.67 25.10
C ILE C 321 35.59 -0.59 24.31
N ILE C 322 35.55 0.25 23.28
CA ILE C 322 34.36 0.33 22.44
C ILE C 322 34.12 -1.00 21.72
N GLU C 323 35.18 -1.62 21.21
CA GLU C 323 35.03 -2.93 20.59
C GLU C 323 34.56 -3.97 21.60
N THR C 324 35.04 -3.87 22.84
CA THR C 324 34.57 -4.76 23.89
C THR C 324 33.08 -4.61 24.12
N PHE C 325 32.61 -3.36 24.19
CA PHE C 325 31.18 -3.14 24.38
C PHE C 325 30.37 -3.61 23.17
N ALA C 326 30.92 -3.47 21.97
CA ALA C 326 30.25 -4.00 20.79
C ALA C 326 30.13 -5.52 20.85
N GLU C 327 31.19 -6.19 21.29
CA GLU C 327 31.14 -7.64 21.48
C GLU C 327 30.11 -8.01 22.53
N ILE C 328 30.03 -7.22 23.60
CA ILE C 328 29.02 -7.46 24.62
C ILE C 328 27.62 -7.34 24.03
N ARG C 329 27.40 -6.33 23.21
CA ARG C 329 26.11 -6.18 22.54
C ARG C 329 25.80 -7.38 21.66
N VAL C 330 26.80 -7.86 20.92
CA VAL C 330 26.59 -9.00 20.03
C VAL C 330 26.21 -10.23 20.83
N GLN C 331 26.95 -10.49 21.92
CA GLN C 331 26.66 -11.68 22.73
C GLN C 331 25.31 -11.57 23.41
N PHE C 332 24.93 -10.38 23.85
CA PHE C 332 23.60 -10.18 24.42
C PHE C 332 22.52 -10.42 23.39
N GLN C 333 22.74 -9.97 22.16
CA GLN C 333 21.72 -10.08 21.12
C GLN C 333 21.61 -11.50 20.57
N GLN C 334 22.71 -12.23 20.50
CA GLN C 334 22.72 -13.56 19.89
C GLN C 334 22.42 -14.68 20.88
N MET C 335 22.19 -14.36 22.16
CA MET C 335 21.92 -15.39 23.14
C MET C 335 20.63 -16.14 22.80
N TRP C 336 19.60 -15.41 22.39
CA TRP C 336 18.33 -16.02 22.03
C TRP C 336 18.24 -16.31 20.53
N THR C 348 -7.97 -3.69 32.00
CA THR C 348 -8.26 -2.80 33.13
C THR C 348 -9.63 -3.10 33.72
N GLN C 349 -10.65 -3.13 32.86
CA GLN C 349 -11.99 -3.48 33.31
C GLN C 349 -12.01 -4.92 33.80
N MET C 350 -12.63 -5.14 34.95
CA MET C 350 -12.62 -6.44 35.61
C MET C 350 -14.05 -6.91 35.84
N PHE C 351 -14.27 -8.21 35.69
CA PHE C 351 -15.59 -8.76 35.98
C PHE C 351 -15.87 -8.67 37.47
N HIS C 352 -17.13 -8.43 37.80
CA HIS C 352 -17.57 -8.27 39.17
C HIS C 352 -19.02 -8.72 39.30
N GLU C 353 -19.31 -9.47 40.35
CA GLU C 353 -20.68 -9.88 40.62
C GLU C 353 -21.42 -8.74 41.30
N ASP C 354 -22.51 -8.30 40.68
CA ASP C 354 -23.22 -7.11 41.13
C ASP C 354 -24.07 -7.44 42.36
N ALA C 355 -24.79 -6.45 42.88
CA ALA C 355 -25.65 -6.68 44.03
C ALA C 355 -26.76 -7.66 43.69
N ALA C 356 -27.32 -7.56 42.48
CA ALA C 356 -28.36 -8.49 42.05
C ALA C 356 -27.81 -9.91 41.87
N GLY C 357 -26.50 -10.08 41.87
CA GLY C 357 -25.89 -11.37 41.65
C GLY C 357 -25.42 -11.62 40.23
N GLY C 358 -25.66 -10.69 39.30
CA GLY C 358 -25.25 -10.84 37.94
C GLY C 358 -23.88 -10.24 37.67
N TRP C 359 -23.28 -10.69 36.58
CA TRP C 359 -21.95 -10.24 36.21
C TRP C 359 -22.01 -8.82 35.63
N GLN C 360 -20.90 -8.12 35.77
CA GLN C 360 -20.73 -6.83 35.11
C GLN C 360 -19.24 -6.60 34.91
N LEU C 361 -18.92 -5.61 34.08
CA LEU C 361 -17.53 -5.23 33.81
C LEU C 361 -17.30 -3.85 34.39
N VAL C 362 -16.62 -3.79 35.54
CA VAL C 362 -16.29 -2.52 36.17
C VAL C 362 -14.78 -2.43 36.34
N ALA C 363 -14.24 -1.25 36.02
CA ALA C 363 -12.81 -1.02 36.12
C ALA C 363 -12.35 -0.98 37.57
N PRO C 374 -12.37 19.85 46.43
CA PRO C 374 -11.27 20.45 45.67
C PRO C 374 -11.33 20.14 44.19
N ALA C 375 -12.54 20.07 43.64
CA ALA C 375 -12.68 19.81 42.20
C ALA C 375 -12.06 20.93 41.38
N CYS C 376 -12.29 22.18 41.78
CA CYS C 376 -11.63 23.30 41.12
C CYS C 376 -10.12 23.24 41.31
N LEU C 377 -9.66 22.79 42.47
CA LEU C 377 -8.23 22.59 42.67
C LEU C 377 -7.67 21.53 41.75
N GLN C 378 -8.47 20.53 41.38
CA GLN C 378 -8.02 19.56 40.38
C GLN C 378 -7.72 20.25 39.06
N LYS C 379 -8.61 21.13 38.62
CA LYS C 379 -8.35 21.92 37.41
C LYS C 379 -7.11 22.79 37.59
N MET C 380 -6.99 23.42 38.76
CA MET C 380 -5.86 24.32 38.99
C MET C 380 -4.53 23.57 38.89
N MET C 381 -4.45 22.40 39.51
CA MET C 381 -3.21 21.63 39.45
C MET C 381 -2.98 21.08 38.04
N ARG C 382 -4.02 20.57 37.39
CA ARG C 382 -3.85 19.99 36.07
C ARG C 382 -3.61 21.06 35.00
N SER C 383 -3.97 22.31 35.27
CA SER C 383 -3.79 23.36 34.27
C SER C 383 -2.31 23.61 34.03
N SER C 384 -1.93 23.69 32.75
CA SER C 384 -0.53 23.95 32.40
C SER C 384 -0.07 25.33 32.85
N VAL C 385 -1.00 26.26 33.05
CA VAL C 385 -0.63 27.59 33.54
C VAL C 385 0.00 27.47 34.92
N PHE C 386 -0.51 26.55 35.75
CA PHE C 386 0.08 26.34 37.06
C PHE C 386 1.50 25.81 36.95
N HIS C 387 1.75 24.88 36.02
CA HIS C 387 3.11 24.38 35.82
C HIS C 387 4.03 25.49 35.35
N MET C 388 3.56 26.35 34.45
CA MET C 388 4.37 27.48 34.01
C MET C 388 4.67 28.42 35.16
N PHE C 389 3.68 28.66 36.02
CA PHE C 389 3.89 29.50 37.19
C PHE C 389 4.93 28.89 38.13
N ILE C 390 4.86 27.57 38.31
CA ILE C 390 5.84 26.89 39.17
C ILE C 390 7.24 27.04 38.59
N LEU C 391 7.37 26.87 37.28
CA LEU C 391 8.67 27.04 36.64
C LEU C 391 9.19 28.46 36.81
N SER C 392 8.31 29.45 36.64
CA SER C 392 8.71 30.84 36.81
C SER C 392 9.15 31.10 38.25
N MET C 393 8.43 30.57 39.22
CA MET C 393 8.82 30.74 40.61
C MET C 393 10.17 30.10 40.90
N VAL C 394 10.41 28.91 40.33
CA VAL C 394 11.71 28.26 40.49
C VAL C 394 12.81 29.15 39.94
N THR C 395 12.60 29.68 38.74
CA THR C 395 13.62 30.52 38.11
C THR C 395 13.89 31.77 38.95
N VAL C 396 12.83 32.43 39.40
CA VAL C 396 13.00 33.65 40.18
C VAL C 396 13.72 33.35 41.48
N ASP C 397 13.34 32.26 42.15
CA ASP C 397 13.96 31.90 43.42
C ASP C 397 15.45 31.62 43.23
N VAL C 398 15.81 30.84 42.21
CA VAL C 398 17.22 30.50 42.04
C VAL C 398 18.02 31.73 41.63
N ILE C 399 17.42 32.62 40.82
CA ILE C 399 18.12 33.84 40.45
C ILE C 399 18.37 34.71 41.66
N VAL C 400 17.38 34.86 42.53
CA VAL C 400 17.55 35.66 43.74
C VAL C 400 18.61 35.03 44.64
N ALA C 401 18.56 33.70 44.80
CA ALA C 401 19.51 33.03 45.68
C ALA C 401 20.94 33.18 45.16
N ALA C 402 21.15 33.03 43.85
CA ALA C 402 22.49 33.14 43.31
C ALA C 402 23.00 34.58 43.30
N SER C 403 22.12 35.56 43.49
CA SER C 403 22.50 36.96 43.45
C SER C 403 22.85 37.51 44.83
N ASN C 404 23.20 36.63 45.78
CA ASN C 404 23.57 37.06 47.13
C ASN C 404 25.08 37.27 47.22
N TYR C 405 25.57 38.17 46.37
CA TYR C 405 27.00 38.39 46.25
C TYR C 405 27.56 39.03 47.51
N TYR C 406 28.86 38.82 47.73
CA TYR C 406 29.53 39.36 48.90
C TYR C 406 29.60 40.88 48.83
N LYS C 407 29.35 41.53 49.97
CA LYS C 407 29.35 42.98 50.05
C LYS C 407 30.19 43.54 51.19
N GLY C 408 30.56 42.72 52.17
CA GLY C 408 31.34 43.20 53.29
C GLY C 408 31.09 42.32 54.50
N GLU C 409 31.82 42.64 55.58
CA GLU C 409 31.74 41.89 56.82
C GLU C 409 30.75 42.48 57.81
N ASN C 410 30.03 43.54 57.44
CA ASN C 410 29.09 44.22 58.31
C ASN C 410 27.64 43.94 57.92
N PHE C 411 27.36 42.70 57.49
CA PHE C 411 26.02 42.32 57.05
C PHE C 411 25.56 41.10 57.84
N ARG C 412 24.26 41.08 58.15
CA ARG C 412 23.73 40.08 59.07
C ARG C 412 23.88 38.67 58.50
N ARG C 413 23.39 38.44 57.28
CA ARG C 413 23.38 37.14 56.64
C ARG C 413 22.66 36.08 57.48
N GLN C 414 21.82 36.50 58.41
CA GLN C 414 21.05 35.57 59.23
C GLN C 414 19.57 35.89 59.18
N TYR C 415 19.24 37.17 59.05
CA TYR C 415 17.87 37.63 58.93
C TYR C 415 17.74 38.65 57.80
N ASP C 416 18.60 38.56 56.80
CA ASP C 416 18.61 39.51 55.70
C ASP C 416 17.45 39.24 54.75
N GLU C 417 17.37 40.05 53.70
CA GLU C 417 16.28 39.91 52.74
C GLU C 417 16.36 38.58 52.00
N PHE C 418 17.57 38.12 51.71
CA PHE C 418 17.73 36.87 50.95
C PHE C 418 17.21 35.67 51.73
N TYR C 419 17.48 35.64 53.04
CA TYR C 419 16.94 34.56 53.87
C TYR C 419 15.41 34.59 53.87
N LEU C 420 14.83 35.79 53.96
CA LEU C 420 13.37 35.90 53.94
C LEU C 420 12.80 35.43 52.60
N ALA C 421 13.46 35.78 51.50
CA ALA C 421 13.01 35.34 50.20
C ALA C 421 13.09 33.82 50.07
N GLU C 422 14.17 33.23 50.59
CA GLU C 422 14.28 31.78 50.61
C GLU C 422 13.16 31.16 51.43
N VAL C 423 12.83 31.78 52.57
CA VAL C 423 11.72 31.29 53.39
C VAL C 423 10.43 31.34 52.60
N ALA C 424 10.19 32.46 51.91
CA ALA C 424 8.94 32.61 51.16
C ALA C 424 8.84 31.58 50.04
N PHE C 425 9.93 31.36 49.31
CA PHE C 425 9.88 30.39 48.21
C PHE C 425 9.76 28.97 48.74
N THR C 426 10.40 28.67 49.88
CA THR C 426 10.21 27.36 50.49
C THR C 426 8.76 27.16 50.90
N VAL C 427 8.14 28.20 51.46
CA VAL C 427 6.73 28.11 51.81
C VAL C 427 5.88 27.86 50.58
N LEU C 428 6.16 28.59 49.49
CA LEU C 428 5.40 28.42 48.26
C LEU C 428 5.51 27.00 47.73
N PHE C 429 6.72 26.46 47.72
CA PHE C 429 6.92 25.11 47.20
C PHE C 429 6.31 24.06 48.13
N ASP C 430 6.33 24.31 49.44
CA ASP C 430 5.65 23.39 50.35
C ASP C 430 4.16 23.39 50.12
N LEU C 431 3.58 24.56 49.90
CA LEU C 431 2.15 24.63 49.57
C LEU C 431 1.86 23.90 48.26
N GLU C 432 2.74 24.06 47.27
CA GLU C 432 2.56 23.37 46.00
C GLU C 432 2.59 21.85 46.19
N ALA C 433 3.56 21.37 46.97
CA ALA C 433 3.67 19.93 47.19
C ALA C 433 2.45 19.39 47.94
N LEU C 434 2.01 20.11 48.97
CA LEU C 434 0.83 19.67 49.71
C LEU C 434 -0.41 19.66 48.82
N LEU C 435 -0.57 20.68 47.98
CA LEU C 435 -1.71 20.72 47.07
C LEU C 435 -1.67 19.56 46.08
N LYS C 436 -0.49 19.27 45.54
CA LYS C 436 -0.37 18.15 44.61
C LYS C 436 -0.69 16.82 45.30
N ILE C 437 -0.21 16.65 46.53
CA ILE C 437 -0.51 15.44 47.28
C ILE C 437 -2.01 15.32 47.53
N TRP C 438 -2.65 16.44 47.89
CA TRP C 438 -4.09 16.41 48.11
C TRP C 438 -4.83 16.02 46.83
N CYS C 439 -4.46 16.65 45.70
CA CYS C 439 -5.21 16.42 44.48
C CYS C 439 -5.03 15.00 43.95
N LEU C 440 -3.80 14.50 43.95
CA LEU C 440 -3.53 13.18 43.39
C LEU C 440 -3.46 12.08 44.44
N GLY C 441 -3.63 12.40 45.72
CA GLY C 441 -3.51 11.40 46.76
C GLY C 441 -2.07 11.15 47.14
N PHE C 442 -1.84 10.84 48.42
CA PHE C 442 -0.49 10.60 48.91
C PHE C 442 0.16 9.45 48.15
N THR C 443 -0.54 8.31 48.09
CA THR C 443 -0.05 7.20 47.29
C THR C 443 0.03 7.58 45.83
N GLY C 444 -0.98 8.28 45.32
CA GLY C 444 -0.96 8.69 43.92
C GLY C 444 0.19 9.62 43.61
N TYR C 445 0.47 10.56 44.51
CA TYR C 445 1.59 11.48 44.28
C TYR C 445 2.92 10.74 44.34
N ILE C 446 3.10 9.87 45.34
CA ILE C 446 4.38 9.20 45.50
C ILE C 446 4.61 8.15 44.42
N SER C 447 3.54 7.64 43.80
CA SER C 447 3.67 6.60 42.79
C SER C 447 4.07 7.12 41.43
N SER C 448 4.23 8.44 41.27
CA SER C 448 4.58 8.99 39.97
C SER C 448 5.96 8.56 39.49
N SER C 449 6.80 8.05 40.39
CA SER C 449 8.16 7.58 40.12
C SER C 449 9.09 8.72 39.72
N LEU C 450 8.60 9.95 39.62
CA LEU C 450 9.43 11.11 39.32
C LEU C 450 9.18 12.28 40.26
N HIS C 451 8.00 12.36 40.89
CA HIS C 451 7.76 13.34 41.94
C HIS C 451 8.51 13.02 43.22
N LYS C 452 9.12 11.85 43.31
CA LYS C 452 9.91 11.51 44.50
C LYS C 452 11.07 12.49 44.68
N PHE C 453 11.74 12.86 43.59
CA PHE C 453 12.81 13.84 43.67
C PHE C 453 12.27 15.19 44.10
N GLU C 454 11.09 15.56 43.61
CA GLU C 454 10.47 16.81 44.03
C GLU C 454 10.17 16.81 45.52
N LEU C 455 9.66 15.70 46.04
CA LEU C 455 9.38 15.60 47.47
C LEU C 455 10.67 15.63 48.28
N LEU C 456 11.73 14.99 47.77
CA LEU C 456 13.01 15.06 48.45
C LEU C 456 13.52 16.49 48.52
N LEU C 457 13.39 17.23 47.42
CA LEU C 457 13.78 18.63 47.43
C LEU C 457 12.92 19.44 48.40
N VAL C 458 11.63 19.11 48.47
CA VAL C 458 10.73 19.80 49.40
C VAL C 458 11.20 19.58 50.83
N ILE C 459 11.51 18.33 51.18
CA ILE C 459 11.99 18.03 52.53
C ILE C 459 13.30 18.73 52.81
N GLY C 460 14.22 18.70 51.83
CA GLY C 460 15.51 19.35 52.03
C GLY C 460 15.41 20.84 52.22
N THR C 461 14.54 21.49 51.43
CA THR C 461 14.35 22.93 51.59
C THR C 461 13.65 23.25 52.90
N THR C 462 12.70 22.40 53.32
CA THR C 462 12.04 22.62 54.60
C THR C 462 13.03 22.52 55.75
N LEU C 463 13.93 21.54 55.71
CA LEU C 463 14.98 21.45 56.72
C LEU C 463 15.92 22.65 56.63
N HIS C 464 16.27 23.05 55.41
CA HIS C 464 17.22 24.14 55.19
C HIS C 464 16.66 25.49 55.62
N VAL C 465 15.33 25.62 55.73
CA VAL C 465 14.74 26.89 56.10
C VAL C 465 15.12 27.29 57.52
N TYR C 466 15.47 26.33 58.37
CA TYR C 466 15.83 26.67 59.74
C TYR C 466 17.16 27.41 59.76
N PRO C 467 17.31 28.40 60.65
CA PRO C 467 18.59 29.14 60.70
C PRO C 467 19.78 28.26 61.01
N ASP C 468 19.60 27.18 61.77
CA ASP C 468 20.73 26.32 62.09
C ASP C 468 21.31 25.68 60.83
N LEU C 469 20.46 25.22 59.93
CA LEU C 469 20.91 24.55 58.71
C LEU C 469 21.06 25.51 57.53
N TYR C 470 20.78 26.80 57.72
CA TYR C 470 20.89 27.75 56.63
C TYR C 470 22.33 27.91 56.18
N HIS C 471 22.53 27.97 54.86
CA HIS C 471 23.86 28.10 54.26
C HIS C 471 24.78 26.99 54.76
N SER C 472 24.28 25.76 54.72
CA SER C 472 25.05 24.58 55.09
C SER C 472 24.99 23.58 53.95
N GLN C 473 25.43 22.35 54.21
CA GLN C 473 25.37 21.31 53.17
C GLN C 473 23.94 21.12 52.66
N PHE C 474 22.93 21.36 53.50
CA PHE C 474 21.55 21.21 53.07
C PHE C 474 21.16 22.20 51.98
N THR C 475 21.91 23.31 51.85
CA THR C 475 21.67 24.22 50.72
C THR C 475 21.85 23.50 49.39
N TYR C 476 22.61 22.41 49.38
CA TYR C 476 22.74 21.58 48.19
C TYR C 476 21.36 21.19 47.64
N PHE C 477 20.42 20.90 48.54
CA PHE C 477 19.07 20.59 48.10
C PHE C 477 18.42 21.77 47.39
N GLN C 478 18.53 22.96 47.97
CA GLN C 478 17.83 24.13 47.45
C GLN C 478 18.24 24.42 46.01
N VAL C 479 19.55 24.55 45.79
CA VAL C 479 20.06 24.83 44.45
C VAL C 479 19.74 23.72 43.46
N LEU C 480 19.33 22.55 43.93
CA LEU C 480 18.94 21.48 43.03
C LEU C 480 17.57 21.70 42.40
N ARG C 481 16.79 22.67 42.90
CA ARG C 481 15.44 22.85 42.37
C ARG C 481 15.44 23.23 40.90
N VAL C 482 16.54 23.79 40.39
CA VAL C 482 16.60 24.12 38.97
C VAL C 482 16.49 22.87 38.10
N VAL C 483 16.68 21.69 38.69
CA VAL C 483 16.48 20.45 37.95
C VAL C 483 15.04 20.37 37.43
N ARG C 484 14.08 20.83 38.23
CA ARG C 484 12.69 20.85 37.77
C ARG C 484 12.54 21.66 36.49
N LEU C 485 13.38 22.68 36.31
CA LEU C 485 13.32 23.49 35.10
C LEU C 485 13.51 22.65 33.84
N ILE C 486 14.19 21.50 33.95
CA ILE C 486 14.37 20.63 32.80
C ILE C 486 13.06 20.20 32.17
N LYS C 487 11.94 20.41 32.86
CA LYS C 487 10.64 20.05 32.29
C LYS C 487 10.18 21.02 31.21
N ILE C 488 10.88 22.14 31.00
CA ILE C 488 10.39 23.12 30.03
C ILE C 488 10.43 22.57 28.61
N SER C 489 11.44 21.78 28.26
CA SER C 489 11.61 21.30 26.90
C SER C 489 11.46 19.79 26.87
N PRO C 490 10.41 19.25 26.25
CA PRO C 490 10.35 17.79 26.07
C PRO C 490 11.51 17.24 25.29
N ALA C 491 12.03 18.00 24.32
CA ALA C 491 13.19 17.55 23.56
C ALA C 491 14.40 17.39 24.47
N LEU C 492 14.60 18.32 25.40
CA LEU C 492 15.73 18.21 26.31
C LEU C 492 15.59 16.98 27.21
N GLU C 493 14.38 16.72 27.71
CA GLU C 493 14.17 15.55 28.54
C GLU C 493 14.42 14.27 27.75
N ASP C 494 13.93 14.20 26.52
CA ASP C 494 14.18 13.03 25.68
C ASP C 494 15.67 12.85 25.42
N PHE C 495 16.38 13.95 25.17
CA PHE C 495 17.81 13.86 24.95
C PHE C 495 18.53 13.37 26.20
N VAL C 496 18.12 13.84 27.37
CA VAL C 496 18.73 13.39 28.61
C VAL C 496 18.50 11.90 28.81
N TYR C 497 17.27 11.45 28.58
CA TYR C 497 16.97 10.03 28.74
C TYR C 497 17.76 9.18 27.77
N LYS C 498 17.89 9.63 26.51
CA LYS C 498 18.62 8.85 25.53
C LYS C 498 20.12 8.84 25.82
N ILE C 499 20.68 9.99 26.23
CA ILE C 499 22.10 10.07 26.50
C ILE C 499 22.46 9.30 27.77
N PHE C 500 21.50 9.14 28.68
CA PHE C 500 21.69 8.26 29.82
C PHE C 500 21.23 6.84 29.55
N GLY C 501 20.29 6.67 28.62
CA GLY C 501 19.84 5.35 28.20
C GLY C 501 19.32 4.52 29.35
N PRO C 502 19.65 3.23 29.35
CA PRO C 502 19.33 2.39 30.51
C PRO C 502 20.07 2.90 31.74
N GLY C 503 19.28 3.38 32.71
CA GLY C 503 19.88 3.92 33.91
C GLY C 503 20.66 2.89 34.70
N LYS C 504 20.29 1.62 34.58
CA LYS C 504 20.98 0.56 35.33
C LYS C 504 22.44 0.47 34.92
N LYS C 505 22.73 0.57 33.62
CA LYS C 505 24.10 0.41 33.16
C LYS C 505 25.00 1.55 33.63
N LEU C 506 24.53 2.79 33.47
CA LEU C 506 25.31 3.93 33.94
C LEU C 506 25.46 3.91 35.46
N GLY C 507 24.39 3.55 36.17
CA GLY C 507 24.49 3.44 37.61
C GLY C 507 25.48 2.38 38.05
N SER C 508 25.49 1.23 37.35
CA SER C 508 26.45 0.19 37.66
C SER C 508 27.88 0.67 37.41
N LEU C 509 28.09 1.40 36.32
CA LEU C 509 29.42 1.94 36.04
C LEU C 509 29.85 2.89 37.14
N VAL C 510 28.96 3.78 37.57
CA VAL C 510 29.31 4.75 38.61
C VAL C 510 29.60 4.03 39.92
N VAL C 511 28.77 3.04 40.27
CA VAL C 511 28.98 2.29 41.50
C VAL C 511 30.31 1.56 41.47
N PHE C 512 30.64 0.94 40.33
CA PHE C 512 31.93 0.27 40.21
C PHE C 512 33.09 1.24 40.34
N THR C 513 32.96 2.42 39.72
CA THR C 513 34.02 3.42 39.83
C THR C 513 34.21 3.87 41.27
N ALA C 514 33.11 4.13 41.98
CA ALA C 514 33.22 4.54 43.38
C ALA C 514 33.81 3.43 44.24
N SER C 515 33.40 2.18 43.99
CA SER C 515 33.95 1.06 44.74
C SER C 515 35.45 0.91 44.49
N LEU C 516 35.88 1.05 43.24
CA LEU C 516 37.30 0.99 42.94
C LEU C 516 38.06 2.10 43.63
N LEU C 517 37.50 3.32 43.61
CA LEU C 517 38.16 4.43 44.30
C LEU C 517 38.30 4.15 45.78
N ILE C 518 37.23 3.65 46.41
CA ILE C 518 37.28 3.37 47.84
C ILE C 518 38.30 2.28 48.15
N VAL C 519 38.30 1.22 47.35
CA VAL C 519 39.22 0.10 47.61
C VAL C 519 40.66 0.55 47.45
N MET C 520 40.96 1.26 46.36
CA MET C 520 42.32 1.73 46.14
C MET C 520 42.74 2.73 47.21
N SER C 521 41.83 3.60 47.62
CA SER C 521 42.15 4.56 48.68
C SER C 521 42.46 3.85 49.98
N ALA C 522 41.66 2.83 50.33
CA ALA C 522 41.92 2.09 51.56
C ALA C 522 43.25 1.34 51.49
N ILE C 523 43.53 0.72 50.35
CA ILE C 523 44.79 -0.01 50.21
C ILE C 523 45.97 0.94 50.34
N SER C 524 45.92 2.08 49.65
CA SER C 524 47.00 3.05 49.74
C SER C 524 47.13 3.60 51.16
N LEU C 525 46.00 3.86 51.82
CA LEU C 525 46.03 4.39 53.18
C LEU C 525 46.72 3.41 54.11
N GLN C 526 46.38 2.12 54.02
CA GLN C 526 47.07 1.15 54.85
C GLN C 526 48.52 0.98 54.43
N MET C 527 48.85 1.30 53.17
CA MET C 527 50.23 1.23 52.73
C MET C 527 51.06 2.38 53.27
N PHE C 528 50.54 3.60 53.26
CA PHE C 528 51.33 4.79 53.54
C PHE C 528 50.78 5.58 54.73
N CYS C 529 50.19 4.90 55.71
CA CYS C 529 49.74 5.60 56.90
C CYS C 529 50.89 5.92 57.85
N PHE C 530 51.89 5.05 57.93
CA PHE C 530 52.96 5.16 58.90
C PHE C 530 54.20 5.87 58.36
N VAL C 531 54.17 6.35 57.13
CA VAL C 531 55.34 6.97 56.55
C VAL C 531 55.51 8.37 57.11
N GLU C 532 56.69 8.64 57.66
CA GLU C 532 56.95 9.93 58.29
C GLU C 532 57.16 11.02 57.25
N GLU C 533 56.90 12.26 57.67
CA GLU C 533 57.00 13.43 56.79
C GLU C 533 56.16 13.25 55.53
N LEU C 534 54.98 12.69 55.70
CA LEU C 534 54.04 12.49 54.61
C LEU C 534 52.66 12.90 55.06
N ASP C 535 51.93 13.64 54.22
CA ASP C 535 50.62 14.15 54.57
C ASP C 535 49.50 13.63 53.69
N ARG C 536 49.81 13.12 52.49
CA ARG C 536 48.78 12.71 51.56
C ARG C 536 48.09 11.41 51.95
N PHE C 537 48.66 10.64 52.87
CA PHE C 537 48.09 9.35 53.24
C PHE C 537 48.10 9.18 54.75
N THR C 538 47.75 10.24 55.48
CA THR C 538 47.63 10.13 56.93
C THR C 538 46.27 9.58 57.32
N THR C 539 45.21 10.27 56.93
CA THR C 539 43.84 9.85 57.22
C THR C 539 43.16 9.38 55.95
N PHE C 540 42.01 8.73 56.13
CA PHE C 540 41.25 8.25 54.97
C PHE C 540 40.81 9.37 54.04
N PRO C 541 40.27 10.50 54.52
CA PRO C 541 39.90 11.55 53.56
C PRO C 541 41.06 12.03 52.72
N ARG C 542 42.25 12.17 53.31
CA ARG C 542 43.40 12.62 52.54
C ARG C 542 43.84 11.57 51.52
N ALA C 543 43.76 10.29 51.89
CA ALA C 543 44.07 9.23 50.93
C ALA C 543 43.09 9.24 49.77
N PHE C 544 41.80 9.44 50.06
CA PHE C 544 40.81 9.51 48.99
C PHE C 544 41.07 10.70 48.10
N MET C 545 41.41 11.85 48.68
CA MET C 545 41.73 13.03 47.88
C MET C 545 42.93 12.77 46.99
N SER C 546 43.97 12.12 47.52
CA SER C 546 45.14 11.81 46.71
C SER C 546 44.81 10.88 45.56
N MET C 547 44.04 9.82 45.84
CA MET C 547 43.69 8.88 44.78
C MET C 547 42.81 9.53 43.72
N PHE C 548 41.87 10.38 44.15
CA PHE C 548 41.03 11.09 43.20
C PHE C 548 41.86 12.03 42.34
N GLN C 549 42.83 12.71 42.96
CA GLN C 549 43.74 13.58 42.21
C GLN C 549 44.50 12.78 41.16
N ILE C 550 45.00 11.59 41.54
CA ILE C 550 45.71 10.76 40.58
C ILE C 550 44.77 10.34 39.45
N LEU C 551 43.52 10.05 39.79
CA LEU C 551 42.54 9.70 38.76
C LEU C 551 42.33 10.85 37.79
N THR C 552 42.26 12.07 38.30
CA THR C 552 42.07 13.24 37.45
C THR C 552 43.31 13.61 36.65
N GLN C 553 44.45 12.97 36.90
CA GLN C 553 45.72 13.16 36.21
C GLN C 553 46.33 14.53 36.45
N GLU C 554 45.73 15.38 37.29
CA GLU C 554 46.26 16.71 37.55
C GLU C 554 47.19 16.64 38.74
N GLY C 555 48.50 16.69 38.48
CA GLY C 555 49.48 16.66 39.55
C GLY C 555 49.76 15.31 40.14
N TRP C 556 49.30 14.23 39.50
CA TRP C 556 49.57 12.90 40.02
C TRP C 556 51.07 12.61 40.09
N VAL C 557 51.83 13.20 39.18
CA VAL C 557 53.28 13.04 39.22
C VAL C 557 53.84 13.64 40.51
N ASP C 558 53.27 14.76 40.96
CA ASP C 558 53.71 15.34 42.22
C ASP C 558 53.42 14.39 43.39
N VAL C 559 52.25 13.76 43.39
CA VAL C 559 51.92 12.80 44.44
C VAL C 559 52.90 11.64 44.43
N MET C 560 53.19 11.12 43.24
CA MET C 560 54.14 10.02 43.13
C MET C 560 55.52 10.41 43.60
N ASP C 561 55.97 11.62 43.24
CA ASP C 561 57.28 12.10 43.68
C ASP C 561 57.34 12.25 45.19
N GLN C 562 56.28 12.80 45.79
CA GLN C 562 56.24 12.92 47.24
C GLN C 562 56.30 11.56 47.91
N THR C 563 55.56 10.59 47.38
CA THR C 563 55.60 9.25 47.94
C THR C 563 56.99 8.63 47.81
N LEU C 564 57.62 8.81 46.65
CA LEU C 564 58.95 8.27 46.44
C LEU C 564 59.96 8.89 47.40
N ASN C 565 59.89 10.20 47.60
CA ASN C 565 60.78 10.84 48.55
C ASN C 565 60.50 10.38 49.97
N ALA C 566 59.23 10.08 50.28
CA ALA C 566 58.89 9.70 51.64
C ALA C 566 59.35 8.27 51.96
N VAL C 567 59.18 7.34 51.01
CA VAL C 567 59.49 5.95 51.30
C VAL C 567 60.99 5.74 51.44
N GLY C 568 61.79 6.39 50.60
CA GLY C 568 63.23 6.23 50.59
C GLY C 568 63.71 5.68 49.25
N HIS C 569 64.65 4.73 49.32
CA HIS C 569 65.22 4.11 48.14
C HIS C 569 64.91 2.63 48.02
N MET C 570 64.91 1.89 49.13
CA MET C 570 64.67 0.46 49.07
C MET C 570 63.25 0.16 48.59
N TRP C 571 62.26 0.88 49.11
CA TRP C 571 60.88 0.67 48.72
C TRP C 571 60.44 1.56 47.57
N ALA C 572 61.31 2.44 47.08
CA ALA C 572 60.92 3.38 46.03
C ALA C 572 60.50 2.69 44.74
N PRO C 573 61.26 1.74 44.17
CA PRO C 573 60.79 1.13 42.92
C PRO C 573 59.46 0.41 43.06
N LEU C 574 59.20 -0.24 44.20
CA LEU C 574 57.96 -0.97 44.36
C LEU C 574 56.76 -0.04 44.39
N VAL C 575 56.82 1.02 45.19
CA VAL C 575 55.71 1.95 45.25
C VAL C 575 55.58 2.71 43.93
N ALA C 576 56.70 2.97 43.25
CA ALA C 576 56.61 3.60 41.93
C ALA C 576 55.88 2.72 40.94
N ILE C 577 56.18 1.41 40.96
CA ILE C 577 55.48 0.49 40.07
C ILE C 577 54.01 0.42 40.43
N TYR C 578 53.70 0.41 41.73
CA TYR C 578 52.30 0.39 42.16
C TYR C 578 51.55 1.61 41.65
N PHE C 579 52.14 2.80 41.81
CA PHE C 579 51.46 4.01 41.36
C PHE C 579 51.36 4.05 39.83
N ILE C 580 52.38 3.60 39.12
CA ILE C 580 52.32 3.58 37.66
C ILE C 580 51.22 2.66 37.19
N LEU C 581 51.11 1.47 37.80
CA LEU C 581 50.05 0.55 37.44
C LEU C 581 48.68 1.15 37.74
N TYR C 582 48.53 1.80 38.89
CA TYR C 582 47.24 2.41 39.21
C TYR C 582 46.89 3.50 38.22
N HIS C 583 47.85 4.36 37.87
CA HIS C 583 47.58 5.43 36.93
C HIS C 583 47.23 4.88 35.56
N LEU C 584 47.97 3.88 35.09
CA LEU C 584 47.65 3.24 33.83
C LEU C 584 46.23 2.71 33.84
N PHE C 585 45.89 1.93 34.87
CA PHE C 585 44.57 1.33 34.94
C PHE C 585 43.49 2.40 34.97
N ALA C 586 43.65 3.41 35.82
CA ALA C 586 42.67 4.48 35.91
C ALA C 586 42.46 5.14 34.55
N THR C 587 43.53 5.73 34.00
CA THR C 587 43.39 6.53 32.79
C THR C 587 42.90 5.71 31.60
N LEU C 588 43.37 4.47 31.46
CA LEU C 588 43.07 3.68 30.27
C LEU C 588 41.94 2.70 30.49
N ILE C 589 41.26 2.73 31.64
CA ILE C 589 40.12 1.87 31.91
C ILE C 589 38.89 2.66 32.29
N LEU C 590 38.98 3.50 33.33
CA LEU C 590 37.78 4.12 33.87
C LEU C 590 37.19 5.13 32.88
N LEU C 591 38.01 6.03 32.36
CA LEU C 591 37.50 7.02 31.42
C LEU C 591 37.05 6.36 30.13
N SER C 592 37.76 5.32 29.68
CA SER C 592 37.35 4.59 28.50
C SER C 592 36.01 3.92 28.70
N LEU C 593 35.78 3.34 29.88
CA LEU C 593 34.49 2.74 30.18
C LEU C 593 33.39 3.79 30.20
N PHE C 594 33.68 4.97 30.76
CA PHE C 594 32.70 6.05 30.73
C PHE C 594 32.32 6.41 29.30
N VAL C 595 33.32 6.57 28.44
CA VAL C 595 33.05 6.93 27.04
C VAL C 595 32.26 5.83 26.36
N ALA C 596 32.64 4.58 26.59
CA ALA C 596 31.96 3.46 25.94
C ALA C 596 30.51 3.36 26.40
N VAL C 597 30.25 3.56 27.69
CA VAL C 597 28.89 3.51 28.19
C VAL C 597 28.06 4.64 27.60
N ILE C 598 28.65 5.84 27.52
CA ILE C 598 27.92 6.97 26.93
C ILE C 598 27.58 6.68 25.47
N LEU C 599 28.54 6.15 24.72
CA LEU C 599 28.28 5.83 23.32
C LEU C 599 27.21 4.76 23.19
N ASP C 600 27.27 3.73 24.05
CA ASP C 600 26.28 2.67 24.00
C ASP C 600 24.89 3.19 24.30
N ASN C 601 24.77 4.10 25.27
CA ASN C 601 23.48 4.73 25.53
C ASN C 601 23.02 5.53 24.31
N LEU C 602 23.94 6.29 23.70
CA LEU C 602 23.59 7.04 22.50
C LEU C 602 23.29 6.11 21.33
N GLU C 603 24.05 5.03 21.21
CA GLU C 603 23.83 4.08 20.13
C GLU C 603 22.43 3.48 20.25
N LEU C 604 21.71 3.44 19.14
CA LEU C 604 20.35 2.93 19.15
C LEU C 604 20.35 1.44 19.44
N ASP C 605 19.27 0.99 20.10
CA ASP C 605 19.15 -0.42 20.46
C ASP C 605 19.13 -1.29 19.22
N GLU C 606 19.73 -2.48 19.35
CA GLU C 606 19.85 -3.37 18.20
C GLU C 606 18.49 -3.78 17.66
N ASP C 607 17.54 -4.08 18.55
CA ASP C 607 16.20 -4.44 18.10
C ASP C 607 15.54 -3.27 17.39
N LEU C 608 15.68 -2.06 17.94
CA LEU C 608 15.13 -0.89 17.28
C LEU C 608 15.79 -0.65 15.93
N LYS C 609 17.11 -0.86 15.85
CA LYS C 609 17.80 -0.69 14.57
C LYS C 609 17.30 -1.69 13.54
N LYS C 610 17.11 -2.95 13.94
CA LYS C 610 16.58 -3.94 13.01
C LYS C 610 15.17 -3.58 12.57
N LEU C 611 14.34 -3.11 13.50
CA LEU C 611 12.98 -2.69 13.14
C LEU C 611 13.02 -1.53 12.14
N LYS C 612 13.88 -0.55 12.37
CA LYS C 612 13.95 0.59 11.48
C LYS C 612 14.48 0.17 10.10
N GLN C 613 15.43 -0.76 10.07
CA GLN C 613 15.90 -1.27 8.79
C GLN C 613 14.78 -2.02 8.06
N LEU C 614 13.94 -2.73 8.81
CA LEU C 614 12.84 -3.48 8.20
C LEU C 614 11.86 -2.55 7.50
N LYS C 615 11.58 -1.39 8.09
CA LYS C 615 10.64 -0.45 7.50
C LYS C 615 11.14 0.17 6.20
N GLN C 616 12.43 0.03 5.89
CA GLN C 616 12.97 0.59 4.66
C GLN C 616 12.66 -0.31 3.46
N PRO C 641 7.23 36.28 -16.47
CA PRO C 641 6.77 35.74 -17.75
C PRO C 641 7.23 36.58 -18.93
N GLN C 642 8.33 36.18 -19.56
CA GLN C 642 8.86 36.94 -20.67
C GLN C 642 7.93 36.85 -21.88
N MET C 643 7.60 38.00 -22.45
CA MET C 643 6.66 38.07 -23.56
C MET C 643 7.36 38.63 -24.79
N VAL C 644 6.84 38.26 -25.96
CA VAL C 644 7.52 38.55 -27.21
C VAL C 644 7.48 40.04 -27.49
N LYS C 645 8.66 40.64 -27.60
CA LYS C 645 8.81 42.05 -27.92
C LYS C 645 9.62 42.16 -29.20
N ILE C 646 9.09 42.90 -30.17
CA ILE C 646 9.73 43.09 -31.45
C ILE C 646 9.90 44.58 -31.72
N SER C 647 11.06 44.94 -32.25
CA SER C 647 11.37 46.33 -32.56
C SER C 647 11.03 46.64 -34.00
N LYS C 648 11.13 47.92 -34.34
CA LYS C 648 10.92 48.43 -35.70
C LYS C 648 9.49 48.26 -36.19
N LEU C 649 8.54 48.05 -35.28
CA LEU C 649 7.13 48.07 -35.64
C LEU C 649 6.69 49.50 -35.92
N PRO C 650 5.62 49.68 -36.71
CA PRO C 650 5.21 51.05 -37.09
C PRO C 650 4.72 51.90 -35.94
N SER C 651 4.79 51.42 -34.69
CA SER C 651 4.33 52.05 -33.46
C SER C 651 2.81 52.08 -33.40
N ASP C 652 2.11 51.62 -34.43
CA ASP C 652 0.67 51.46 -34.39
C ASP C 652 0.26 50.00 -34.29
N PHE C 653 1.21 49.08 -34.32
CA PHE C 653 0.94 47.65 -34.25
C PHE C 653 1.42 47.14 -32.90
N THR C 654 0.48 46.69 -32.06
CA THR C 654 0.81 46.13 -30.77
C THR C 654 1.00 44.63 -30.92
N VAL C 655 2.19 44.15 -30.58
CA VAL C 655 2.47 42.72 -30.74
C VAL C 655 1.56 41.93 -29.81
N PRO C 656 0.97 40.82 -30.26
CA PRO C 656 0.08 40.05 -29.39
C PRO C 656 0.86 39.44 -28.23
N LYS C 657 0.12 39.12 -27.17
CA LYS C 657 0.72 38.52 -25.98
C LYS C 657 1.08 37.08 -26.29
N ILE C 658 2.33 36.87 -26.72
CA ILE C 658 2.87 35.54 -26.97
C ILE C 658 4.12 35.39 -26.13
N ARG C 659 4.26 34.24 -25.50
CA ARG C 659 5.40 33.99 -24.63
C ARG C 659 6.66 33.75 -25.45
N GLU C 660 7.78 34.28 -24.94
CA GLU C 660 9.05 34.12 -25.65
C GLU C 660 9.45 32.66 -25.78
N SER C 661 9.16 31.85 -24.77
CA SER C 661 9.50 30.44 -24.83
C SER C 661 8.79 29.76 -26.00
N PHE C 662 7.49 30.03 -26.15
CA PHE C 662 6.75 29.42 -27.24
C PHE C 662 7.26 29.89 -28.59
N MET C 663 7.57 31.17 -28.71
CA MET C 663 8.07 31.69 -29.99
C MET C 663 9.41 31.09 -30.35
N LYS C 664 10.30 30.95 -29.36
CA LYS C 664 11.59 30.34 -29.63
C LYS C 664 11.43 28.88 -30.06
N GLN C 665 10.63 28.11 -29.33
CA GLN C 665 10.46 26.71 -29.69
C GLN C 665 9.68 26.57 -31.00
N PHE C 666 8.89 27.59 -31.35
CA PHE C 666 8.12 27.57 -32.59
C PHE C 666 9.03 27.82 -33.78
N ILE C 667 9.92 28.80 -33.65
CA ILE C 667 10.83 29.14 -34.74
C ILE C 667 11.87 28.05 -34.94
N ASP C 668 12.36 27.47 -33.84
CA ASP C 668 13.44 26.50 -33.94
C ASP C 668 13.03 25.29 -34.78
N ARG C 669 11.81 24.82 -34.62
CA ARG C 669 11.33 23.68 -35.40
C ARG C 669 10.93 24.12 -36.80
N TYR C 702 -20.75 25.34 -66.06
CA TYR C 702 -20.32 24.00 -65.73
C TYR C 702 -20.62 23.68 -64.27
N ILE C 703 -20.59 24.71 -63.44
CA ILE C 703 -20.89 24.59 -62.00
C ILE C 703 -19.99 23.54 -61.33
N ASP C 704 -18.71 23.53 -61.71
CA ASP C 704 -17.77 22.58 -61.12
C ASP C 704 -17.46 22.91 -59.67
N GLN C 705 -17.54 24.18 -59.28
CA GLN C 705 -17.27 24.54 -57.89
C GLN C 705 -18.27 23.89 -56.94
N LYS C 706 -19.54 23.88 -57.32
CA LYS C 706 -20.55 23.23 -56.49
C LYS C 706 -20.31 21.72 -56.41
N LEU C 707 -19.99 21.10 -57.53
CA LEU C 707 -19.74 19.66 -57.55
C LEU C 707 -18.43 19.29 -56.88
N ARG C 708 -17.54 20.26 -56.61
CA ARG C 708 -16.30 19.97 -55.92
C ARG C 708 -16.56 19.44 -54.51
N LYS C 709 -17.60 19.95 -53.85
CA LYS C 709 -17.97 19.45 -52.53
C LYS C 709 -18.29 17.96 -52.57
N SER C 710 -19.16 17.56 -53.50
CA SER C 710 -19.53 16.16 -53.64
C SER C 710 -18.33 15.31 -54.03
N VAL C 711 -17.50 15.82 -54.94
CA VAL C 711 -16.34 15.06 -55.38
C VAL C 711 -15.37 14.82 -54.22
N PHE C 712 -15.11 15.86 -53.43
CA PHE C 712 -14.24 15.73 -52.26
C PHE C 712 -14.80 14.73 -51.28
N SER C 713 -16.10 14.82 -50.98
CA SER C 713 -16.69 13.90 -50.01
C SER C 713 -16.66 12.46 -50.50
N ILE C 714 -16.97 12.23 -51.78
CA ILE C 714 -16.99 10.87 -52.31
C ILE C 714 -15.58 10.30 -52.34
N ARG C 715 -14.58 11.11 -52.73
CA ARG C 715 -13.21 10.66 -52.69
C ARG C 715 -12.78 10.30 -51.27
N ALA C 716 -13.16 11.13 -50.29
CA ALA C 716 -12.79 10.86 -48.92
C ALA C 716 -13.40 9.56 -48.42
N ARG C 717 -14.68 9.33 -48.73
CA ARG C 717 -15.35 8.13 -48.24
C ARG C 717 -14.86 6.86 -48.91
N ASN C 718 -14.25 6.97 -50.08
CA ASN C 718 -13.82 5.79 -50.81
C ASN C 718 -12.83 4.97 -49.99
N LEU C 719 -13.00 3.65 -50.00
CA LEU C 719 -12.15 2.77 -49.20
C LEU C 719 -10.70 2.82 -49.65
N LEU C 720 -10.46 3.02 -50.95
CA LEU C 720 -9.08 3.10 -51.44
C LEU C 720 -8.36 4.29 -50.82
N GLU C 721 -9.02 5.45 -50.75
CA GLU C 721 -8.38 6.64 -50.21
C GLU C 721 -8.10 6.49 -48.72
N LYS C 722 -9.04 5.91 -47.97
CA LYS C 722 -8.81 5.65 -46.56
C LYS C 722 -7.67 4.65 -46.38
N GLU C 723 -7.60 3.64 -47.23
CA GLU C 723 -6.51 2.68 -47.15
C GLU C 723 -5.17 3.35 -47.41
N THR C 724 -5.12 4.25 -48.40
CA THR C 724 -3.87 4.95 -48.69
C THR C 724 -3.46 5.87 -47.55
N ALA C 725 -4.42 6.57 -46.94
CA ALA C 725 -4.10 7.42 -45.81
C ALA C 725 -3.60 6.60 -44.62
N VAL C 726 -4.24 5.46 -44.35
CA VAL C 726 -3.80 4.60 -43.26
C VAL C 726 -2.42 4.03 -43.57
N THR C 727 -2.14 3.72 -44.84
CA THR C 727 -0.82 3.24 -45.22
C THR C 727 0.23 4.32 -45.02
N LYS C 728 -0.11 5.57 -45.32
CA LYS C 728 0.81 6.68 -45.05
C LYS C 728 1.09 6.79 -43.55
N ILE C 729 0.05 6.66 -42.72
CA ILE C 729 0.25 6.70 -41.28
C ILE C 729 1.15 5.56 -40.84
N LEU C 730 0.93 4.36 -41.38
CA LEU C 730 1.73 3.20 -41.01
C LEU C 730 3.19 3.38 -41.43
N ARG C 731 3.42 3.91 -42.62
CA ARG C 731 4.78 4.15 -43.08
C ARG C 731 5.47 5.21 -42.23
N ALA C 732 4.74 6.26 -41.84
CA ALA C 732 5.31 7.25 -40.93
C ALA C 732 5.69 6.61 -39.60
N CYS C 733 4.82 5.75 -39.08
CA CYS C 733 5.12 5.06 -37.82
C CYS C 733 6.34 4.15 -37.97
N THR C 734 6.44 3.43 -39.08
CA THR C 734 7.58 2.56 -39.31
C THR C 734 8.87 3.35 -39.40
N ARG C 735 8.85 4.48 -40.10
CA ARG C 735 10.03 5.34 -40.18
C ARG C 735 10.40 5.87 -38.80
N GLN C 736 9.40 6.29 -38.02
CA GLN C 736 9.66 6.78 -36.67
C GLN C 736 10.32 5.72 -35.81
N ARG C 737 9.82 4.48 -35.89
CA ARG C 737 10.43 3.41 -35.11
C ARG C 737 11.84 3.08 -35.59
N MET C 738 12.06 3.13 -36.91
CA MET C 738 13.39 2.87 -37.45
C MET C 738 14.38 3.93 -36.98
N LEU C 739 13.96 5.20 -36.95
CA LEU C 739 14.85 6.27 -36.50
C LEU C 739 15.25 6.08 -35.04
N SER C 740 14.31 5.69 -34.20
CA SER C 740 14.59 5.51 -32.77
C SER C 740 15.54 4.34 -32.55
N GLU C 843 23.66 45.29 -21.15
CA GLU C 843 23.14 44.90 -19.85
C GLU C 843 23.38 43.41 -19.59
N HIS C 844 23.43 42.64 -20.68
CA HIS C 844 23.64 41.20 -20.59
C HIS C 844 24.91 40.72 -21.26
N ARG C 845 25.49 41.49 -22.18
CA ARG C 845 26.70 41.06 -22.87
C ARG C 845 27.88 41.04 -21.90
N PHE C 846 28.78 40.08 -22.11
CA PHE C 846 30.01 39.86 -21.37
C PHE C 846 29.78 39.35 -19.95
N ARG C 847 28.52 39.23 -19.50
CA ARG C 847 28.26 38.44 -18.31
C ARG C 847 28.57 36.98 -18.56
N ASN C 848 28.20 36.47 -19.74
CA ASN C 848 28.55 35.12 -20.13
C ASN C 848 30.06 34.92 -20.14
N PHE C 849 30.82 35.97 -20.45
CA PHE C 849 32.27 35.89 -20.39
C PHE C 849 32.74 35.50 -18.99
N CYS C 850 32.26 36.21 -17.98
CA CYS C 850 32.61 35.88 -16.61
C CYS C 850 32.09 34.51 -16.22
N ARG C 851 30.88 34.16 -16.68
CA ARG C 851 30.32 32.86 -16.34
C ARG C 851 31.20 31.73 -16.86
N VAL C 852 31.68 31.86 -18.10
CA VAL C 852 32.57 30.84 -18.66
C VAL C 852 33.90 30.84 -17.93
N VAL C 853 34.43 32.03 -17.60
CA VAL C 853 35.75 32.10 -16.98
C VAL C 853 35.73 31.44 -15.61
N VAL C 854 34.71 31.73 -14.80
CA VAL C 854 34.70 31.29 -13.40
C VAL C 854 34.43 29.81 -13.23
N ARG C 855 34.27 29.06 -14.32
CA ARG C 855 33.97 27.64 -14.23
C ARG C 855 35.02 26.75 -14.88
N ALA C 856 36.14 27.33 -15.33
CA ALA C 856 37.18 26.53 -15.96
C ALA C 856 37.83 25.58 -14.94
N ARG C 857 38.12 24.37 -15.39
CA ARG C 857 38.66 23.33 -14.53
C ARG C 857 39.73 22.55 -15.29
N PHE C 858 40.10 21.40 -14.76
CA PHE C 858 41.14 20.54 -15.32
C PHE C 858 42.48 21.27 -15.41
N THR C 873 45.15 7.26 -18.60
CA THR C 873 44.95 7.70 -17.23
C THR C 873 45.85 6.93 -16.26
N LYS C 874 47.16 7.16 -16.36
CA LYS C 874 48.11 6.47 -15.49
C LYS C 874 47.98 6.96 -14.06
N TYR C 875 48.23 8.26 -13.84
CA TYR C 875 48.04 8.87 -12.53
C TYR C 875 46.68 9.57 -12.49
N HIS C 876 45.63 8.74 -12.39
CA HIS C 876 44.27 9.26 -12.35
C HIS C 876 44.05 10.11 -11.09
N GLN C 877 44.59 9.67 -9.96
CA GLN C 877 44.44 10.44 -8.73
C GLN C 877 45.08 11.81 -8.85
N LEU C 878 46.25 11.89 -9.48
CA LEU C 878 46.89 13.18 -9.68
C LEU C 878 46.04 14.10 -10.56
N TYR C 879 45.46 13.56 -11.62
CA TYR C 879 44.59 14.36 -12.48
C TYR C 879 43.37 14.86 -11.71
N ASP C 880 42.75 13.99 -10.91
CA ASP C 880 41.59 14.40 -10.13
C ASP C 880 41.95 15.48 -9.11
N LEU C 881 43.08 15.31 -8.43
CA LEU C 881 43.51 16.31 -7.46
C LEU C 881 43.79 17.65 -8.13
N LEU C 882 44.40 17.61 -9.33
CA LEU C 882 44.64 18.85 -10.07
C LEU C 882 43.32 19.51 -10.46
N GLY C 883 42.35 18.73 -10.92
CA GLY C 883 41.09 19.28 -11.37
C GLY C 883 40.06 19.39 -10.27
N LEU C 884 40.52 19.27 -9.01
CA LEU C 884 39.60 19.28 -7.88
C LEU C 884 38.79 20.57 -7.80
N VAL C 885 39.45 21.72 -7.97
CA VAL C 885 38.80 23.01 -7.84
C VAL C 885 39.11 23.86 -9.07
N THR C 886 38.37 24.95 -9.21
CA THR C 886 38.50 25.81 -10.38
C THR C 886 39.81 26.60 -10.32
N TYR C 887 40.17 27.17 -11.47
CA TYR C 887 41.38 28.00 -11.54
C TYR C 887 41.25 29.21 -10.64
N LEU C 888 40.07 29.84 -10.63
CA LEU C 888 39.83 30.95 -9.72
C LEU C 888 39.97 30.51 -8.27
N ASP C 889 39.52 29.29 -7.97
CA ASP C 889 39.71 28.75 -6.63
C ASP C 889 41.19 28.62 -6.29
N TRP C 890 42.00 28.14 -7.24
CA TRP C 890 43.43 28.04 -6.99
C TRP C 890 44.05 29.40 -6.73
N VAL C 891 43.66 30.40 -7.53
CA VAL C 891 44.19 31.75 -7.34
C VAL C 891 43.81 32.28 -5.96
N MET C 892 42.55 32.10 -5.58
CA MET C 892 42.10 32.59 -4.28
C MET C 892 42.81 31.88 -3.14
N ILE C 893 43.00 30.57 -3.25
CA ILE C 893 43.69 29.82 -2.21
C ILE C 893 45.13 30.29 -2.09
N THR C 894 45.82 30.47 -3.20
CA THR C 894 47.20 30.94 -3.16
C THR C 894 47.29 32.33 -2.55
N VAL C 895 46.37 33.21 -2.93
CA VAL C 895 46.38 34.57 -2.38
C VAL C 895 46.11 34.55 -0.88
N THR C 896 45.15 33.74 -0.44
CA THR C 896 44.86 33.64 0.98
C THR C 896 46.05 33.09 1.76
N ILE C 897 46.72 32.08 1.20
CA ILE C 897 47.88 31.51 1.87
C ILE C 897 49.01 32.53 1.95
N CYS C 898 49.24 33.28 0.88
CA CYS C 898 50.26 34.32 0.91
C CYS C 898 49.91 35.39 1.94
N SER C 899 48.62 35.75 2.04
CA SER C 899 48.21 36.73 3.04
C SER C 899 48.42 36.19 4.45
N CYS C 900 48.15 34.91 4.67
CA CYS C 900 48.39 34.31 5.98
C CYS C 900 49.87 34.34 6.32
N ILE C 901 50.73 34.01 5.35
CA ILE C 901 52.17 34.05 5.59
C ILE C 901 52.60 35.48 5.90
N SER C 902 52.04 36.45 5.19
CA SER C 902 52.36 37.86 5.47
C SER C 902 51.92 38.24 6.88
N MET C 903 50.73 37.79 7.30
CA MET C 903 50.25 38.10 8.65
C MET C 903 51.10 37.41 9.71
N MET C 904 51.72 36.29 9.38
CA MET C 904 52.61 35.63 10.34
C MET C 904 53.81 36.49 10.68
N PHE C 905 54.10 37.52 9.89
CA PHE C 905 55.14 38.48 10.19
C PHE C 905 54.61 39.74 10.88
N GLU C 906 53.29 39.82 11.11
CA GLU C 906 52.68 41.03 11.66
C GLU C 906 52.80 41.03 13.18
N SER C 907 54.03 41.22 13.65
CA SER C 907 54.29 41.37 15.07
C SER C 907 53.85 42.74 15.55
N PRO C 908 53.61 42.91 16.85
CA PRO C 908 53.24 44.24 17.35
C PRO C 908 54.27 45.31 17.05
N PHE C 909 55.56 44.96 17.06
CA PHE C 909 56.58 45.93 16.69
C PHE C 909 56.60 46.17 15.18
N ARG C 910 56.50 45.10 14.40
CA ARG C 910 56.44 45.22 12.94
C ARG C 910 54.97 45.34 12.54
N ARG C 911 54.42 46.53 12.78
CA ARG C 911 53.02 46.77 12.49
C ARG C 911 52.76 46.74 10.99
N VAL C 912 51.60 46.21 10.61
CA VAL C 912 51.22 46.15 9.20
C VAL C 912 51.05 47.55 8.64
N MET C 913 50.54 48.49 9.44
CA MET C 913 50.30 49.84 8.96
C MET C 913 51.59 50.55 8.57
N HIS C 914 52.75 50.03 9.00
CA HIS C 914 54.03 50.68 8.71
C HIS C 914 54.93 49.87 7.79
N ALA C 915 54.87 48.54 7.84
CA ALA C 915 55.77 47.72 7.04
C ALA C 915 55.31 47.71 5.59
N PRO C 916 56.15 48.13 4.64
CA PRO C 916 55.70 48.18 3.23
C PRO C 916 55.30 46.82 2.67
N THR C 917 56.01 45.75 3.04
CA THR C 917 55.72 44.44 2.48
C THR C 917 54.33 43.97 2.88
N LEU C 918 53.99 44.11 4.16
CA LEU C 918 52.67 43.71 4.62
C LEU C 918 51.58 44.56 3.97
N GLN C 919 51.86 45.85 3.78
CA GLN C 919 50.91 46.71 3.08
C GLN C 919 50.66 46.22 1.66
N ILE C 920 51.73 45.87 0.95
CA ILE C 920 51.60 45.39 -0.43
C ILE C 920 50.83 44.08 -0.46
N ALA C 921 51.12 43.18 0.48
CA ALA C 921 50.40 41.91 0.53
C ALA C 921 48.92 42.13 0.78
N GLU C 922 48.58 43.04 1.71
CA GLU C 922 47.17 43.32 1.97
C GLU C 922 46.50 43.94 0.74
N TYR C 923 47.19 44.85 0.06
CA TYR C 923 46.66 45.43 -1.17
C TYR C 923 46.35 44.33 -2.18
N VAL C 924 47.30 43.40 -2.38
CA VAL C 924 47.12 42.34 -3.35
C VAL C 924 45.92 41.48 -2.99
N PHE C 925 45.84 41.07 -1.72
CA PHE C 925 44.73 40.21 -1.31
C PHE C 925 43.40 40.91 -1.50
N VAL C 926 43.30 42.17 -1.09
CA VAL C 926 42.04 42.90 -1.19
C VAL C 926 41.64 43.06 -2.65
N ILE C 927 42.59 43.45 -3.51
CA ILE C 927 42.27 43.65 -4.91
C ILE C 927 41.80 42.35 -5.55
N PHE C 928 42.53 41.26 -5.30
CA PHE C 928 42.17 40.00 -5.95
C PHE C 928 40.84 39.49 -5.44
N MET C 929 40.58 39.57 -4.13
CA MET C 929 39.30 39.12 -3.61
C MET C 929 38.17 39.98 -4.14
N SER C 930 38.38 41.30 -4.25
CA SER C 930 37.36 42.16 -4.82
C SER C 930 37.06 41.76 -6.25
N ILE C 931 38.09 41.51 -7.05
CA ILE C 931 37.89 41.13 -8.44
C ILE C 931 37.13 39.81 -8.54
N GLU C 932 37.55 38.82 -7.74
CA GLU C 932 36.90 37.52 -7.78
C GLU C 932 35.44 37.61 -7.37
N LEU C 933 35.15 38.31 -6.28
CA LEU C 933 33.77 38.43 -5.81
C LEU C 933 32.93 39.20 -6.81
N ASN C 934 33.47 40.29 -7.38
CA ASN C 934 32.72 41.06 -8.36
C ASN C 934 32.40 40.22 -9.59
N LEU C 935 33.38 39.44 -10.07
CA LEU C 935 33.13 38.59 -11.22
C LEU C 935 32.09 37.52 -10.92
N LYS C 936 32.18 36.90 -9.74
CA LYS C 936 31.20 35.89 -9.37
C LYS C 936 29.80 36.48 -9.26
N ILE C 937 29.69 37.67 -8.68
CA ILE C 937 28.39 38.34 -8.57
C ILE C 937 27.84 38.63 -9.95
N MET C 938 28.68 39.17 -10.84
CA MET C 938 28.21 39.48 -12.18
C MET C 938 27.78 38.23 -12.94
N ALA C 939 28.48 37.11 -12.73
CA ALA C 939 28.19 35.91 -13.50
C ALA C 939 26.98 35.17 -12.93
N ASP C 940 27.08 34.70 -11.69
CA ASP C 940 26.07 33.83 -11.11
C ASP C 940 25.04 34.56 -10.26
N GLY C 941 25.10 35.89 -10.23
CA GLY C 941 24.15 36.65 -9.43
C GLY C 941 24.53 36.64 -7.96
N LEU C 942 23.65 37.21 -7.15
CA LEU C 942 23.88 37.34 -5.72
C LEU C 942 22.86 36.59 -4.88
N PHE C 943 21.57 36.80 -5.10
CA PHE C 943 20.53 36.18 -4.29
C PHE C 943 19.50 35.41 -5.10
N PHE C 944 19.11 35.92 -6.27
CA PHE C 944 18.02 35.29 -7.02
C PHE C 944 18.38 33.88 -7.45
N THR C 945 19.59 33.69 -7.94
CA THR C 945 20.03 32.36 -8.36
C THR C 945 20.21 31.48 -7.13
N PRO C 946 19.64 30.27 -7.11
CA PRO C 946 19.84 29.40 -5.95
C PRO C 946 21.30 29.07 -5.69
N THR C 947 22.11 28.95 -6.74
CA THR C 947 23.54 28.67 -6.61
C THR C 947 24.39 29.92 -6.82
N ALA C 948 23.90 31.07 -6.36
CA ALA C 948 24.64 32.32 -6.51
C ALA C 948 25.76 32.37 -5.47
N VAL C 949 26.42 33.53 -5.37
CA VAL C 949 27.52 33.68 -4.41
C VAL C 949 27.00 33.54 -2.99
N ILE C 950 25.85 34.14 -2.70
CA ILE C 950 25.25 34.06 -1.36
C ILE C 950 24.30 32.88 -1.36
N ARG C 951 24.76 31.74 -0.87
CA ARG C 951 23.95 30.53 -0.80
C ARG C 951 23.90 29.89 0.57
N ASP C 952 24.88 30.14 1.44
CA ASP C 952 24.91 29.52 2.76
C ASP C 952 25.78 30.40 3.66
N PHE C 953 26.22 29.82 4.78
CA PHE C 953 27.08 30.56 5.71
C PHE C 953 28.41 30.92 5.07
N GLY C 954 28.88 30.13 4.11
CA GLY C 954 30.16 30.40 3.49
C GLY C 954 30.18 31.72 2.73
N GLY C 955 29.14 31.98 1.94
CA GLY C 955 29.07 33.24 1.22
C GLY C 955 29.00 34.43 2.14
N VAL C 956 28.21 34.32 3.22
CA VAL C 956 28.11 35.40 4.19
C VAL C 956 29.46 35.65 4.85
N MET C 957 30.16 34.58 5.21
CA MET C 957 31.47 34.72 5.84
C MET C 957 32.45 35.38 4.88
N ASP C 958 32.44 34.98 3.60
CA ASP C 958 33.33 35.60 2.64
C ASP C 958 33.03 37.07 2.44
N ILE C 959 31.74 37.42 2.39
CA ILE C 959 31.37 38.83 2.26
C ILE C 959 31.83 39.63 3.47
N PHE C 960 31.65 39.06 4.66
CA PHE C 960 32.09 39.75 5.88
C PHE C 960 33.59 39.96 5.87
N ILE C 961 34.36 38.93 5.49
CA ILE C 961 35.81 39.05 5.45
C ILE C 961 36.23 40.10 4.43
N TYR C 962 35.60 40.10 3.26
CA TYR C 962 35.93 41.09 2.24
C TYR C 962 35.64 42.50 2.72
N LEU C 963 34.48 42.70 3.35
CA LEU C 963 34.15 44.04 3.84
C LEU C 963 35.13 44.49 4.92
N VAL C 964 35.49 43.59 5.83
CA VAL C 964 36.46 43.95 6.88
C VAL C 964 37.79 44.32 6.25
N SER C 965 38.25 43.52 5.28
CA SER C 965 39.54 43.80 4.65
C SER C 965 39.51 45.14 3.91
N LEU C 966 38.41 45.41 3.19
CA LEU C 966 38.31 46.67 2.46
C LEU C 966 38.28 47.86 3.42
N ILE C 967 37.54 47.74 4.51
CA ILE C 967 37.52 48.82 5.50
C ILE C 967 38.89 49.04 6.09
N PHE C 968 39.59 47.97 6.44
CA PHE C 968 40.93 48.09 7.00
C PHE C 968 41.89 48.74 6.02
N LEU C 969 41.82 48.34 4.75
CA LEU C 969 42.72 48.91 3.75
C LEU C 969 42.43 50.39 3.52
N CYS C 970 41.15 50.75 3.45
CA CYS C 970 40.79 52.15 3.20
C CYS C 970 41.15 53.03 4.38
N TRP C 971 40.94 52.54 5.61
CA TRP C 971 41.19 53.37 6.79
C TRP C 971 42.68 53.48 7.08
N MET C 972 43.32 52.34 7.35
CA MET C 972 44.73 52.28 7.72
C MET C 972 45.02 53.22 8.88
N PRO C 973 44.55 52.89 10.08
CA PRO C 973 44.77 53.80 11.21
C PRO C 973 46.23 53.89 11.61
N GLN C 974 46.60 55.02 12.21
CA GLN C 974 47.96 55.23 12.68
C GLN C 974 48.13 54.98 14.17
N ASN C 975 47.06 55.07 14.95
CA ASN C 975 47.10 54.79 16.38
C ASN C 975 45.90 53.95 16.73
N VAL C 976 46.14 52.75 17.25
CA VAL C 976 45.08 51.84 17.62
C VAL C 976 45.03 51.72 19.14
N PRO C 977 44.08 52.39 19.80
CA PRO C 977 43.98 52.25 21.26
C PRO C 977 43.57 50.84 21.67
N ALA C 978 43.93 50.48 22.89
CA ALA C 978 43.52 49.19 23.43
C ALA C 978 42.01 49.17 23.65
N GLU C 979 41.40 48.03 23.33
CA GLU C 979 39.96 47.84 23.48
C GLU C 979 39.17 48.92 22.73
N SER C 980 39.65 49.26 21.54
CA SER C 980 39.04 50.28 20.71
C SER C 980 38.46 49.65 19.44
N GLY C 981 37.82 50.49 18.63
CA GLY C 981 37.21 50.00 17.42
C GLY C 981 38.22 49.47 16.42
N ALA C 982 39.35 50.16 16.28
CA ALA C 982 40.37 49.73 15.32
C ALA C 982 40.95 48.38 15.72
N GLN C 983 41.15 48.16 17.02
CA GLN C 983 41.65 46.86 17.48
C GLN C 983 40.67 45.75 17.14
N LEU C 984 39.37 46.01 17.34
CA LEU C 984 38.37 45.02 16.98
C LEU C 984 38.36 44.77 15.48
N LEU C 985 38.55 45.82 14.68
CA LEU C 985 38.64 45.65 13.24
C LEU C 985 39.82 44.77 12.86
N MET C 986 40.97 44.98 13.51
CA MET C 986 42.13 44.15 13.24
C MET C 986 41.89 42.70 13.65
N VAL C 987 41.22 42.51 14.79
CA VAL C 987 40.90 41.15 15.24
C VAL C 987 40.01 40.46 14.23
N LEU C 988 38.99 41.17 13.73
CA LEU C 988 38.11 40.58 12.72
C LEU C 988 38.89 40.29 11.44
N ARG C 989 39.80 41.17 11.06
CA ARG C 989 40.67 40.92 9.93
C ARG C 989 41.50 39.65 10.13
N CYS C 990 41.87 39.37 11.37
CA CYS C 990 42.65 38.16 11.66
C CYS C 990 41.90 36.88 11.34
N LEU C 991 40.58 36.95 11.15
CA LEU C 991 39.79 35.79 10.77
C LEU C 991 39.97 35.41 9.30
N ARG C 992 40.95 35.99 8.63
CA ARG C 992 41.12 35.76 7.20
C ARG C 992 41.35 34.29 6.82
N PRO C 993 42.17 33.50 7.52
CA PRO C 993 42.40 32.12 7.07
C PRO C 993 41.16 31.25 7.03
N LEU C 994 40.01 31.74 7.50
CA LEU C 994 38.78 30.95 7.44
C LEU C 994 38.33 30.68 6.03
N ARG C 995 38.81 31.44 5.04
CA ARG C 995 38.39 31.23 3.66
C ARG C 995 38.81 29.86 3.16
N ILE C 996 39.89 29.29 3.70
CA ILE C 996 40.32 27.97 3.28
C ILE C 996 39.27 26.93 3.66
N PHE C 997 38.52 27.17 4.74
CA PHE C 997 37.42 26.29 5.09
C PHE C 997 36.33 26.29 4.02
N LYS C 998 36.27 27.33 3.20
CA LYS C 998 35.24 27.44 2.17
C LYS C 998 35.76 27.10 0.78
N LEU C 999 37.06 27.23 0.55
CA LEU C 999 37.62 27.04 -0.78
C LEU C 999 38.06 25.60 -1.05
N VAL C 1000 37.85 24.69 -0.11
CA VAL C 1000 38.27 23.30 -0.31
C VAL C 1000 37.09 22.38 -0.05
N PRO C 1001 36.77 21.46 -0.97
CA PRO C 1001 35.63 20.56 -0.74
C PRO C 1001 35.78 19.70 0.50
N GLN C 1002 36.99 19.22 0.80
CA GLN C 1002 37.17 18.39 1.98
C GLN C 1002 36.91 19.19 3.26
N MET C 1003 37.39 20.43 3.31
CA MET C 1003 37.16 21.26 4.49
C MET C 1003 35.67 21.53 4.68
N ARG C 1004 34.96 21.82 3.59
CA ARG C 1004 33.52 22.04 3.71
C ARG C 1004 32.81 20.78 4.16
N LYS C 1005 33.25 19.62 3.66
CA LYS C 1005 32.66 18.36 4.10
C LYS C 1005 32.88 18.15 5.60
N VAL C 1006 34.09 18.42 6.08
CA VAL C 1006 34.39 18.25 7.50
C VAL C 1006 33.55 19.20 8.34
N VAL C 1007 33.42 20.45 7.90
CA VAL C 1007 32.62 21.43 8.63
C VAL C 1007 31.16 21.01 8.66
N ARG C 1008 30.65 20.52 7.54
CA ARG C 1008 29.26 20.04 7.50
C ARG C 1008 29.06 18.87 8.46
N GLU C 1009 29.99 17.91 8.45
CA GLU C 1009 29.87 16.77 9.35
C GLU C 1009 29.92 17.21 10.81
N LEU C 1010 30.79 18.16 11.13
CA LEU C 1010 30.87 18.64 12.51
C LEU C 1010 29.61 19.38 12.92
N PHE C 1011 29.10 20.26 12.05
CA PHE C 1011 27.89 21.02 12.38
C PHE C 1011 26.63 20.17 12.32
N SER C 1012 26.71 18.95 11.81
CA SER C 1012 25.55 18.06 11.85
C SER C 1012 25.07 17.83 13.28
N GLY C 1013 25.99 17.63 14.21
CA GLY C 1013 25.63 17.37 15.60
C GLY C 1013 25.54 18.63 16.45
N PHE C 1014 25.22 19.75 15.81
CA PHE C 1014 25.16 21.03 16.52
C PHE C 1014 24.09 21.02 17.60
N LYS C 1015 22.93 20.44 17.31
CA LYS C 1015 21.85 20.41 18.30
C LYS C 1015 22.25 19.60 19.52
N GLU C 1016 22.86 18.43 19.32
CA GLU C 1016 23.29 17.62 20.45
C GLU C 1016 24.38 18.32 21.25
N ILE C 1017 25.33 18.96 20.56
CA ILE C 1017 26.38 19.69 21.25
C ILE C 1017 25.77 20.81 22.09
N PHE C 1018 24.78 21.52 21.54
CA PHE C 1018 24.13 22.59 22.27
C PHE C 1018 23.37 22.05 23.49
N LEU C 1019 22.73 20.89 23.35
CA LEU C 1019 22.03 20.31 24.50
C LEU C 1019 23.00 19.92 25.60
N VAL C 1020 24.14 19.32 25.23
CA VAL C 1020 25.14 18.98 26.23
C VAL C 1020 25.69 20.25 26.87
N SER C 1021 25.83 21.31 26.08
CA SER C 1021 26.28 22.59 26.63
C SER C 1021 25.27 23.14 27.61
N ILE C 1022 23.98 22.99 27.31
CA ILE C 1022 22.94 23.44 28.24
C ILE C 1022 23.02 22.66 29.55
N LEU C 1023 23.21 21.35 29.45
CA LEU C 1023 23.35 20.55 30.66
C LEU C 1023 24.56 20.99 31.49
N LEU C 1024 25.68 21.21 30.82
CA LEU C 1024 26.89 21.63 31.53
C LEU C 1024 26.71 23.00 32.16
N LEU C 1025 26.05 23.93 31.45
CA LEU C 1025 25.81 25.25 32.01
C LEU C 1025 24.85 25.17 33.19
N THR C 1026 23.88 24.26 33.15
CA THR C 1026 23.00 24.06 34.28
C THR C 1026 23.77 23.57 35.50
N LEU C 1027 24.65 22.59 35.30
CA LEU C 1027 25.47 22.09 36.39
C LEU C 1027 26.37 23.20 36.95
N MET C 1028 26.99 23.97 36.06
CA MET C 1028 27.86 25.05 36.49
C MET C 1028 27.07 26.11 37.25
N LEU C 1029 25.86 26.42 36.79
CA LEU C 1029 25.05 27.42 37.49
C LEU C 1029 24.66 26.93 38.88
N VAL C 1030 24.29 25.65 39.00
CA VAL C 1030 23.94 25.11 40.31
C VAL C 1030 25.12 25.21 41.26
N PHE C 1031 26.28 24.70 40.83
CA PHE C 1031 27.43 24.70 41.72
C PHE C 1031 27.96 26.11 41.97
N ALA C 1032 27.77 27.02 41.02
CA ALA C 1032 28.20 28.40 41.22
C ALA C 1032 27.32 29.10 42.22
N SER C 1033 26.01 28.86 42.17
CA SER C 1033 25.12 29.40 43.19
C SER C 1033 25.47 28.85 44.56
N PHE C 1034 25.76 27.54 44.63
CA PHE C 1034 26.18 26.95 45.90
C PHE C 1034 27.44 27.62 46.42
N GLY C 1035 28.44 27.78 45.55
CA GLY C 1035 29.69 28.39 45.97
C GLY C 1035 29.55 29.84 46.38
N VAL C 1036 28.68 30.58 45.67
CA VAL C 1036 28.45 31.98 46.03
C VAL C 1036 27.76 32.07 47.38
N GLN C 1037 26.79 31.19 47.63
CA GLN C 1037 26.09 31.22 48.91
C GLN C 1037 27.01 30.83 50.06
N LEU C 1038 27.92 29.88 49.84
CA LEU C 1038 28.71 29.36 50.95
C LEU C 1038 30.06 30.03 51.12
N PHE C 1039 30.62 30.66 50.09
CA PHE C 1039 32.00 31.14 50.12
C PHE C 1039 32.15 32.62 49.78
N ALA C 1040 31.07 33.40 49.84
CA ALA C 1040 31.15 34.81 49.47
C ALA C 1040 32.04 35.54 50.45
N GLY C 1041 33.25 35.89 50.01
CA GLY C 1041 34.18 36.64 50.83
C GLY C 1041 34.93 35.84 51.87
N LYS C 1042 34.75 34.51 51.90
CA LYS C 1042 35.43 33.67 52.86
C LYS C 1042 36.70 33.04 52.31
N LEU C 1043 37.02 33.28 51.05
CA LEU C 1043 38.25 32.77 50.45
C LEU C 1043 39.41 33.73 50.55
N ALA C 1044 39.20 34.93 51.10
CA ALA C 1044 40.25 35.92 51.23
C ALA C 1044 40.85 35.86 52.63
N LYS C 1045 42.17 35.84 52.70
CA LYS C 1045 42.87 35.89 53.98
C LYS C 1045 44.16 36.66 53.78
N CYS C 1046 44.89 36.85 54.88
CA CYS C 1046 46.13 37.60 54.82
C CYS C 1046 47.18 36.83 54.04
N ASN C 1047 47.91 37.55 53.19
CA ASN C 1047 48.98 36.92 52.42
C ASN C 1047 50.08 36.38 53.34
N ASP C 1048 50.26 36.99 54.50
CA ASP C 1048 51.23 36.48 55.46
C ASP C 1048 50.66 35.26 56.14
N PRO C 1049 51.28 34.08 55.99
CA PRO C 1049 50.71 32.87 56.62
C PRO C 1049 50.63 32.96 58.14
N ASN C 1050 51.62 33.59 58.78
CA ASN C 1050 51.64 33.63 60.24
C ASN C 1050 50.47 34.43 60.79
N ILE C 1051 50.15 35.56 60.16
CA ILE C 1051 49.03 36.37 60.61
C ILE C 1051 47.73 35.65 60.26
N ILE C 1052 46.85 35.51 61.25
CA ILE C 1052 45.57 34.83 61.08
C ILE C 1052 44.41 35.81 61.12
N ARG C 1053 44.26 36.53 62.22
CA ARG C 1053 43.16 37.48 62.33
C ARG C 1053 43.34 38.65 61.38
N ARG C 1054 42.24 39.07 60.76
CA ARG C 1054 42.30 40.14 59.77
C ARG C 1054 42.74 41.47 60.37
N GLU C 1055 42.47 41.68 61.66
CA GLU C 1055 42.85 42.93 62.30
C GLU C 1055 44.36 43.12 62.35
N ASP C 1056 45.12 42.04 62.28
CA ASP C 1056 46.58 42.11 62.32
C ASP C 1056 47.21 42.11 60.94
N CYS C 1057 46.42 42.08 59.88
CA CYS C 1057 46.94 42.03 58.50
C CYS C 1057 47.24 43.46 58.06
N ASN C 1058 48.41 43.94 58.46
CA ASN C 1058 48.86 45.29 58.10
C ASN C 1058 50.37 45.32 58.20
N GLY C 1059 50.94 46.51 58.03
CA GLY C 1059 52.38 46.63 58.05
C GLY C 1059 53.02 45.93 56.86
N ILE C 1060 54.25 45.46 57.06
CA ILE C 1060 54.99 44.74 56.03
C ILE C 1060 55.55 43.47 56.65
N PHE C 1061 55.86 42.52 55.77
CA PHE C 1061 56.48 41.27 56.18
C PHE C 1061 57.32 40.74 55.04
N ARG C 1062 58.28 39.88 55.38
CA ARG C 1062 59.16 39.29 54.39
C ARG C 1062 58.53 38.01 53.84
N ILE C 1063 58.50 37.89 52.53
CA ILE C 1063 57.89 36.77 51.84
C ILE C 1063 58.95 36.08 51.00
N ASN C 1064 58.91 34.74 50.99
CA ASN C 1064 59.84 33.95 50.21
C ASN C 1064 59.38 33.88 48.75
N VAL C 1065 60.29 34.15 47.83
CA VAL C 1065 59.98 34.13 46.42
C VAL C 1065 60.24 32.74 45.86
N SER C 1066 59.29 32.24 45.08
CA SER C 1066 59.46 30.93 44.46
C SER C 1066 60.63 30.95 43.48
N VAL C 1067 61.43 29.88 43.52
CA VAL C 1067 62.61 29.80 42.66
C VAL C 1067 62.48 28.60 41.72
N SER C 1068 62.40 27.41 42.31
CA SER C 1068 62.29 26.19 41.51
C SER C 1068 61.45 25.17 42.27
N LYS C 1069 60.44 24.63 41.60
CA LYS C 1069 59.60 23.61 42.21
C LYS C 1069 60.23 22.23 42.14
N ASN C 1070 61.14 22.01 41.19
CA ASN C 1070 61.75 20.71 40.99
C ASN C 1070 63.05 20.53 41.76
N LEU C 1071 63.46 21.52 42.55
CA LEU C 1071 64.67 21.42 43.34
C LEU C 1071 64.34 21.34 44.83
N ASN C 1072 65.16 20.60 45.57
CA ASN C 1072 64.97 20.33 46.98
C ASN C 1072 66.26 20.56 47.75
N LEU C 1073 66.91 21.70 47.49
CA LEU C 1073 68.16 22.04 48.16
C LEU C 1073 67.87 22.30 49.64
N LYS C 1074 68.06 21.28 50.48
CA LYS C 1074 67.72 21.37 51.89
C LYS C 1074 68.85 21.88 52.76
N LEU C 1075 70.05 22.08 52.20
CA LEU C 1075 71.19 22.53 53.00
C LEU C 1075 71.00 24.01 53.33
N ARG C 1076 70.49 24.28 54.53
CA ARG C 1076 70.30 25.64 55.03
C ARG C 1076 70.86 25.71 56.44
N PRO C 1077 72.19 25.79 56.58
CA PRO C 1077 72.79 25.83 57.93
C PRO C 1077 72.35 27.04 58.74
N GLY C 1078 72.57 28.24 58.19
CA GLY C 1078 72.20 29.45 58.88
C GLY C 1078 71.66 30.51 57.93
N GLU C 1079 71.34 30.10 56.71
CA GLU C 1079 70.84 31.01 55.69
C GLU C 1079 69.31 30.99 55.67
N LYS C 1080 68.74 32.01 55.01
CA LYS C 1080 67.32 32.14 54.83
C LYS C 1080 66.97 32.08 53.35
N LYS C 1081 65.78 31.57 53.06
CA LYS C 1081 65.36 31.44 51.68
C LYS C 1081 65.21 32.82 51.02
N PRO C 1082 65.46 32.92 49.72
CA PRO C 1082 65.37 34.22 49.06
C PRO C 1082 63.97 34.80 49.17
N GLY C 1083 63.90 36.11 49.36
CA GLY C 1083 62.62 36.78 49.52
C GLY C 1083 62.84 38.25 49.78
N PHE C 1084 61.74 38.95 49.99
CA PHE C 1084 61.80 40.39 50.19
C PHE C 1084 60.52 40.86 50.87
N TRP C 1085 60.51 42.14 51.24
CA TRP C 1085 59.47 42.69 52.10
C TRP C 1085 58.33 43.29 51.28
N VAL C 1086 57.11 42.87 51.58
CA VAL C 1086 55.91 43.37 50.93
C VAL C 1086 54.85 43.65 52.00
N PRO C 1087 53.90 44.54 51.76
CA PRO C 1087 52.87 44.80 52.77
C PRO C 1087 51.91 43.62 52.90
N ARG C 1088 51.32 43.50 54.09
CA ARG C 1088 50.33 42.47 54.35
C ARG C 1088 48.98 42.90 53.78
N VAL C 1089 48.34 42.00 53.03
CA VAL C 1089 47.07 42.29 52.38
C VAL C 1089 46.12 41.11 52.59
N TRP C 1090 44.87 41.43 52.90
CA TRP C 1090 43.80 40.43 53.03
C TRP C 1090 43.10 40.36 51.68
N ALA C 1091 43.56 39.45 50.82
CA ALA C 1091 43.18 39.46 49.41
C ALA C 1091 42.75 38.08 48.95
N ASN C 1092 41.95 38.07 47.88
CA ASN C 1092 41.50 36.85 47.24
C ASN C 1092 42.62 36.21 46.43
N PRO C 1093 42.51 34.92 46.11
CA PRO C 1093 43.57 34.25 45.34
C PRO C 1093 43.79 34.82 43.95
N ARG C 1094 42.93 35.72 43.47
CA ARG C 1094 43.14 36.47 42.23
C ARG C 1094 42.96 35.56 41.01
N ASN C 1095 42.86 34.25 41.22
CA ASN C 1095 42.61 33.31 40.15
C ASN C 1095 41.22 32.69 40.21
N PHE C 1096 40.60 32.67 41.38
CA PHE C 1096 39.27 32.09 41.55
C PHE C 1096 38.68 32.63 42.84
N ASN C 1097 37.54 33.29 42.75
CA ASN C 1097 36.84 33.78 43.92
C ASN C 1097 35.35 33.67 43.68
N PHE C 1098 34.59 33.62 44.77
CA PHE C 1098 33.15 33.45 44.72
C PHE C 1098 32.44 34.71 45.20
N ASP C 1099 32.99 35.88 44.89
CA ASP C 1099 32.36 37.13 45.27
C ASP C 1099 31.11 37.43 44.45
N ASN C 1100 30.94 36.78 43.31
CA ASN C 1100 29.76 36.98 42.48
C ASN C 1100 29.54 35.73 41.64
N VAL C 1101 28.36 35.67 41.02
CA VAL C 1101 27.99 34.49 40.25
C VAL C 1101 28.90 34.34 39.04
N GLY C 1102 29.29 35.46 38.41
CA GLY C 1102 30.16 35.37 37.25
C GLY C 1102 31.53 34.82 37.59
N ASN C 1103 32.12 35.29 38.68
CA ASN C 1103 33.41 34.76 39.11
C ASN C 1103 33.31 33.29 39.45
N ALA C 1104 32.23 32.89 40.12
CA ALA C 1104 32.05 31.48 40.45
C ALA C 1104 31.93 30.62 39.20
N MET C 1105 31.17 31.09 38.21
CA MET C 1105 31.04 30.34 36.96
C MET C 1105 32.37 30.23 36.24
N LEU C 1106 33.14 31.33 36.22
CA LEU C 1106 34.45 31.28 35.57
C LEU C 1106 35.38 30.31 36.28
N ALA C 1107 35.39 30.33 37.62
CA ALA C 1107 36.24 29.42 38.36
C ALA C 1107 35.83 27.97 38.12
N LEU C 1108 34.53 27.70 38.09
CA LEU C 1108 34.07 26.34 37.83
C LEU C 1108 34.43 25.90 36.41
N PHE C 1109 34.34 26.81 35.44
CA PHE C 1109 34.74 26.48 34.07
C PHE C 1109 36.22 26.15 34.02
N GLU C 1110 37.05 26.92 34.73
CA GLU C 1110 38.47 26.61 34.79
C GLU C 1110 38.71 25.26 35.43
N VAL C 1111 37.98 24.95 36.50
CA VAL C 1111 38.13 23.66 37.17
C VAL C 1111 37.75 22.53 36.22
N LEU C 1112 36.69 22.72 35.43
CA LEU C 1112 36.24 21.68 34.52
C LEU C 1112 37.34 21.24 33.56
N SER C 1113 38.25 22.15 33.21
CA SER C 1113 39.38 21.80 32.35
C SER C 1113 40.41 20.92 33.05
N LEU C 1114 40.25 20.70 34.36
CA LEU C 1114 41.19 19.89 35.15
C LEU C 1114 42.59 20.47 35.13
N LYS C 1115 42.70 21.79 35.07
CA LYS C 1115 43.98 22.48 35.09
C LYS C 1115 44.03 23.37 36.32
N GLY C 1116 44.85 22.99 37.29
CA GLY C 1116 45.00 23.77 38.51
C GLY C 1116 43.87 23.63 39.50
N TRP C 1117 42.96 22.68 39.29
CA TRP C 1117 41.86 22.50 40.24
C TRP C 1117 42.38 22.05 41.60
N VAL C 1118 43.56 21.43 41.66
CA VAL C 1118 44.14 21.04 42.93
C VAL C 1118 44.40 22.27 43.79
N GLU C 1119 44.87 23.35 43.18
CA GLU C 1119 45.07 24.59 43.93
C GLU C 1119 43.77 25.10 44.50
N VAL C 1120 42.69 25.06 43.71
CA VAL C 1120 41.38 25.50 44.20
C VAL C 1120 40.92 24.63 45.36
N ARG C 1121 41.10 23.31 45.23
CA ARG C 1121 40.70 22.40 46.29
C ARG C 1121 41.45 22.69 47.58
N ASP C 1122 42.77 22.87 47.48
CA ASP C 1122 43.57 23.15 48.67
C ASP C 1122 43.18 24.48 49.29
N VAL C 1123 42.93 25.50 48.47
CA VAL C 1123 42.51 26.80 48.99
C VAL C 1123 41.18 26.67 49.73
N ILE C 1124 40.22 25.96 49.13
CA ILE C 1124 38.92 25.80 49.77
C ILE C 1124 39.07 25.06 51.10
N ILE C 1125 39.85 23.98 51.10
CA ILE C 1125 40.01 23.21 52.33
C ILE C 1125 40.68 24.04 53.41
N HIS C 1126 41.75 24.75 53.07
CA HIS C 1126 42.52 25.47 54.07
C HIS C 1126 41.79 26.72 54.56
N ARG C 1127 40.96 27.32 53.72
CA ARG C 1127 40.33 28.59 54.06
C ARG C 1127 38.87 28.48 54.44
N VAL C 1128 38.24 27.32 54.25
CA VAL C 1128 36.84 27.11 54.62
C VAL C 1128 36.67 25.95 55.58
N GLY C 1129 37.14 24.76 55.19
CA GLY C 1129 37.00 23.59 56.01
C GLY C 1129 37.04 22.32 55.19
N PRO C 1130 37.54 21.23 55.79
CA PRO C 1130 37.67 19.98 55.04
C PRO C 1130 36.34 19.41 54.58
N ILE C 1131 35.24 19.81 55.21
CA ILE C 1131 33.93 19.30 54.80
C ILE C 1131 33.60 19.75 53.37
N HIS C 1132 33.94 21.00 53.04
CA HIS C 1132 33.55 21.55 51.75
C HIS C 1132 34.34 20.96 50.58
N GLY C 1133 35.37 20.16 50.86
CA GLY C 1133 36.05 19.47 49.77
C GLY C 1133 35.15 18.51 49.03
N ILE C 1134 34.09 18.04 49.72
CA ILE C 1134 33.09 17.19 49.06
C ILE C 1134 32.47 17.94 47.89
N TYR C 1135 32.23 19.23 48.06
CA TYR C 1135 31.63 20.04 46.99
C TYR C 1135 32.48 20.02 45.73
N ILE C 1136 33.77 20.32 45.85
CA ILE C 1136 34.62 20.38 44.67
C ILE C 1136 34.82 18.98 44.09
N HIS C 1137 34.92 17.97 44.94
CA HIS C 1137 35.08 16.60 44.44
C HIS C 1137 33.85 16.17 43.64
N VAL C 1138 32.66 16.45 44.16
CA VAL C 1138 31.43 16.11 43.45
C VAL C 1138 31.35 16.85 42.13
N PHE C 1139 31.69 18.14 42.15
CA PHE C 1139 31.66 18.91 40.91
C PHE C 1139 32.59 18.33 39.86
N VAL C 1140 33.81 17.99 40.28
CA VAL C 1140 34.79 17.45 39.34
C VAL C 1140 34.30 16.12 38.78
N PHE C 1141 33.79 15.24 39.64
CA PHE C 1141 33.31 13.95 39.17
C PHE C 1141 32.11 14.08 38.24
N LEU C 1142 31.18 14.99 38.52
CA LEU C 1142 30.00 15.13 37.70
C LEU C 1142 30.26 15.89 36.40
N GLY C 1143 31.29 16.72 36.34
CA GLY C 1143 31.56 17.45 35.12
C GLY C 1143 32.69 16.88 34.30
N CYS C 1144 33.80 16.53 34.95
CA CYS C 1144 34.97 16.05 34.23
C CYS C 1144 34.82 14.60 33.78
N MET C 1145 34.23 13.75 34.62
CA MET C 1145 34.03 12.36 34.24
C MET C 1145 32.74 12.12 33.47
N ILE C 1146 31.87 13.11 33.37
CA ILE C 1146 30.59 12.93 32.68
C ILE C 1146 30.43 13.95 31.57
N GLY C 1147 30.46 15.24 31.92
CA GLY C 1147 30.16 16.26 30.93
C GLY C 1147 31.11 16.24 29.74
N LEU C 1148 32.41 16.18 30.01
CA LEU C 1148 33.37 16.02 28.92
C LEU C 1148 33.17 14.68 28.23
N THR C 1149 32.88 13.65 29.01
CA THR C 1149 32.54 12.35 28.42
C THR C 1149 31.28 12.45 27.57
N LEU C 1150 30.31 13.24 28.02
CA LEU C 1150 29.10 13.45 27.21
C LEU C 1150 29.43 14.12 25.88
N PHE C 1151 30.29 15.14 25.91
CA PHE C 1151 30.69 15.81 24.69
C PHE C 1151 31.40 14.84 23.74
N VAL C 1152 32.32 14.05 24.27
CA VAL C 1152 33.03 13.08 23.45
C VAL C 1152 32.05 12.08 22.84
N GLY C 1153 31.13 11.58 23.65
CA GLY C 1153 30.17 10.61 23.15
C GLY C 1153 29.28 11.18 22.06
N VAL C 1154 28.76 12.39 22.26
CA VAL C 1154 27.85 12.94 21.27
C VAL C 1154 28.59 13.25 19.97
N VAL C 1155 29.83 13.74 20.06
CA VAL C 1155 30.59 14.01 18.83
C VAL C 1155 30.89 12.71 18.10
N ILE C 1156 31.31 11.67 18.82
CA ILE C 1156 31.62 10.40 18.17
C ILE C 1156 30.36 9.80 17.54
N ALA C 1157 29.23 9.87 18.26
CA ALA C 1157 27.98 9.34 17.71
C ALA C 1157 27.57 10.10 16.47
N ASN C 1158 27.71 11.42 16.47
CA ASN C 1158 27.40 12.20 15.27
C ASN C 1158 28.30 11.81 14.11
N PHE C 1159 29.59 11.62 14.38
CA PHE C 1159 30.49 11.20 13.31
C PHE C 1159 30.11 9.83 12.75
N ASN C 1160 29.76 8.89 13.64
CA ASN C 1160 29.34 7.57 13.18
C ASN C 1160 28.08 7.65 12.35
N GLU C 1161 27.13 8.49 12.77
CA GLU C 1161 25.89 8.65 12.00
C GLU C 1161 26.18 9.26 10.62
N ASN C 1162 27.10 10.22 10.57
CA ASN C 1162 27.36 10.90 9.30
C ASN C 1162 27.93 9.97 8.25
N LYS C 1163 28.68 8.95 8.66
CA LYS C 1163 29.25 8.00 7.71
C LYS C 1163 28.33 6.83 7.43
N GLY C 1164 27.12 6.83 7.98
CA GLY C 1164 26.13 5.82 7.63
C GLY C 1164 26.31 4.47 8.29
N THR C 1165 26.89 4.43 9.49
CA THR C 1165 27.06 3.18 10.22
C THR C 1165 26.25 3.12 11.50
N ALA C 1166 25.71 4.24 11.98
CA ALA C 1166 24.95 4.23 13.22
C ALA C 1166 23.68 3.39 13.09
N LEU C 1167 23.01 3.49 11.94
CA LEU C 1167 21.76 2.74 11.74
C LEU C 1167 22.01 1.26 11.55
N LEU C 1168 23.22 0.86 11.18
CA LEU C 1168 23.52 -0.55 10.95
C LEU C 1168 23.73 -1.26 12.28
N THR C 1169 23.65 -2.59 12.23
CA THR C 1169 23.93 -3.40 13.40
C THR C 1169 25.44 -3.62 13.53
N VAL C 1170 25.84 -4.18 14.67
CA VAL C 1170 27.25 -4.47 14.89
C VAL C 1170 27.74 -5.51 13.89
N ASP C 1171 26.92 -6.53 13.62
CA ASP C 1171 27.31 -7.56 12.68
C ASP C 1171 27.46 -6.99 11.27
N GLN C 1172 26.57 -6.08 10.88
CA GLN C 1172 26.68 -5.44 9.58
C GLN C 1172 27.97 -4.64 9.48
N ARG C 1173 28.32 -3.91 10.55
CA ARG C 1173 29.57 -3.16 10.55
C ARG C 1173 30.77 -4.09 10.45
N ARG C 1174 30.74 -5.21 11.17
CA ARG C 1174 31.84 -6.17 11.08
C ARG C 1174 31.97 -6.73 9.67
N TRP C 1175 30.84 -7.06 9.05
CA TRP C 1175 30.88 -7.57 7.68
C TRP C 1175 31.44 -6.54 6.71
N GLU C 1176 31.02 -5.28 6.85
CA GLU C 1176 31.54 -4.24 5.97
C GLU C 1176 33.04 -4.04 6.17
N ASP C 1177 33.49 -4.05 7.43
CA ASP C 1177 34.91 -3.92 7.70
C ASP C 1177 35.69 -5.09 7.12
N LEU C 1178 35.15 -6.29 7.23
CA LEU C 1178 35.82 -7.45 6.65
C LEU C 1178 35.90 -7.33 5.14
N LYS C 1179 34.83 -6.86 4.50
CA LYS C 1179 34.87 -6.66 3.05
C LYS C 1179 35.92 -5.65 2.65
N SER C 1180 35.99 -4.53 3.38
CA SER C 1180 36.99 -3.51 3.07
C SER C 1180 38.40 -4.05 3.27
N ARG C 1181 38.61 -4.83 4.34
CA ARG C 1181 39.92 -5.40 4.60
C ARG C 1181 40.32 -6.37 3.50
N LEU C 1182 39.41 -7.27 3.11
CA LEU C 1182 39.70 -8.21 2.04
C LEU C 1182 39.91 -7.53 0.71
N LYS C 1183 39.36 -6.32 0.52
CA LYS C 1183 39.58 -5.61 -0.73
C LYS C 1183 41.05 -5.28 -0.92
N ILE C 1184 41.79 -5.05 0.17
CA ILE C 1184 43.20 -4.68 0.07
C ILE C 1184 44.15 -5.84 0.32
N ALA C 1185 43.62 -7.04 0.54
CA ALA C 1185 44.47 -8.21 0.74
C ALA C 1185 45.11 -8.61 -0.58
N GLN C 1186 46.37 -9.04 -0.52
CA GLN C 1186 47.14 -9.40 -1.69
C GLN C 1186 47.86 -10.73 -1.47
N PRO C 1187 48.16 -11.45 -2.54
CA PRO C 1187 48.83 -12.75 -2.39
C PRO C 1187 50.23 -12.59 -1.82
N LEU C 1188 50.69 -13.66 -1.17
CA LEU C 1188 52.03 -13.68 -0.61
C LEU C 1188 53.08 -13.69 -1.71
N HIS C 1189 54.32 -13.39 -1.34
CA HIS C 1189 55.38 -13.21 -2.31
C HIS C 1189 56.50 -14.23 -2.14
N LEU C 1190 56.14 -15.50 -1.96
CA LEU C 1190 57.15 -16.54 -1.79
C LEU C 1190 57.32 -17.33 -3.08
N PRO C 1191 58.47 -17.23 -3.75
CA PRO C 1191 58.72 -18.10 -4.89
C PRO C 1191 58.94 -19.53 -4.43
N PRO C 1192 58.68 -20.51 -5.30
CA PRO C 1192 58.85 -21.91 -4.89
C PRO C 1192 60.31 -22.24 -4.59
N ARG C 1193 60.50 -23.16 -3.66
CA ARG C 1193 61.84 -23.63 -3.33
C ARG C 1193 62.32 -24.61 -4.39
N PRO C 1194 63.43 -24.34 -5.08
CA PRO C 1194 63.92 -25.28 -6.09
C PRO C 1194 64.37 -26.59 -5.48
N ASP C 1195 64.29 -27.64 -6.29
CA ASP C 1195 64.74 -28.96 -5.90
C ASP C 1195 66.15 -29.23 -6.43
N ASN C 1196 66.87 -30.10 -5.72
CA ASN C 1196 68.23 -30.53 -6.04
C ASN C 1196 69.27 -29.42 -5.88
N ASP C 1197 68.85 -28.19 -5.60
CA ASP C 1197 69.79 -27.10 -5.32
C ASP C 1197 69.88 -26.96 -3.80
N GLY C 1198 70.61 -27.89 -3.20
CA GLY C 1198 70.66 -27.96 -1.74
C GLY C 1198 71.21 -26.71 -1.10
N PHE C 1199 72.20 -26.08 -1.76
CA PHE C 1199 72.82 -24.89 -1.18
C PHE C 1199 71.80 -23.76 -1.00
N ARG C 1200 70.95 -23.53 -1.99
CA ARG C 1200 69.92 -22.51 -1.90
C ARG C 1200 68.64 -22.99 -1.23
N ALA C 1201 68.29 -24.27 -1.41
CA ALA C 1201 67.09 -24.79 -0.74
C ALA C 1201 67.26 -24.79 0.77
N LYS C 1202 68.44 -25.17 1.27
CA LYS C 1202 68.69 -25.14 2.69
C LYS C 1202 68.61 -23.71 3.22
N MET C 1203 69.16 -22.75 2.48
CA MET C 1203 69.07 -21.36 2.90
C MET C 1203 67.63 -20.88 2.91
N TYR C 1204 66.83 -21.27 1.91
CA TYR C 1204 65.43 -20.92 1.89
C TYR C 1204 64.70 -21.49 3.10
N ASP C 1205 64.99 -22.74 3.45
CA ASP C 1205 64.39 -23.33 4.63
C ASP C 1205 64.81 -22.58 5.90
N ILE C 1206 66.07 -22.16 5.96
CA ILE C 1206 66.56 -21.43 7.13
C ILE C 1206 65.85 -20.10 7.28
N THR C 1207 65.71 -19.36 6.18
CA THR C 1207 65.13 -18.02 6.26
C THR C 1207 63.65 -18.08 6.63
N GLN C 1208 62.96 -19.17 6.30
CA GLN C 1208 61.54 -19.30 6.57
C GLN C 1208 61.25 -19.99 7.90
N HIS C 1209 62.26 -20.35 8.65
CA HIS C 1209 62.03 -21.01 9.93
C HIS C 1209 61.54 -19.98 10.95
N PRO C 1210 60.45 -20.25 11.67
CA PRO C 1210 59.95 -19.28 12.66
C PRO C 1210 60.96 -18.94 13.73
N PHE C 1211 61.77 -19.92 14.15
CA PHE C 1211 62.83 -19.63 15.11
C PHE C 1211 63.82 -18.62 14.55
N PHE C 1212 64.09 -18.68 13.25
CA PHE C 1212 64.98 -17.69 12.64
C PHE C 1212 64.38 -16.29 12.71
N LYS C 1213 63.07 -16.17 12.45
CA LYS C 1213 62.41 -14.88 12.55
C LYS C 1213 62.47 -14.35 13.98
N ARG C 1214 62.22 -15.23 14.96
CA ARG C 1214 62.31 -14.81 16.34
C ARG C 1214 63.73 -14.39 16.70
N THR C 1215 64.72 -15.10 16.18
CA THR C 1215 66.12 -14.72 16.40
C THR C 1215 66.41 -13.34 15.84
N ILE C 1216 65.93 -13.06 14.62
CA ILE C 1216 66.14 -11.75 14.02
C ILE C 1216 65.46 -10.67 14.85
N ALA C 1217 64.24 -10.93 15.31
CA ALA C 1217 63.54 -9.96 16.14
C ALA C 1217 64.31 -9.68 17.43
N LEU C 1218 64.82 -10.74 18.08
CA LEU C 1218 65.57 -10.56 19.30
C LEU C 1218 66.86 -9.78 19.06
N LEU C 1219 67.54 -10.06 17.95
CA LEU C 1219 68.75 -9.31 17.64
C LEU C 1219 68.45 -7.83 17.41
N VAL C 1220 67.36 -7.53 16.71
CA VAL C 1220 66.99 -6.14 16.50
C VAL C 1220 66.65 -5.47 17.83
N LEU C 1221 65.95 -6.19 18.71
CA LEU C 1221 65.63 -5.64 20.02
C LEU C 1221 66.90 -5.34 20.81
N ALA C 1222 67.88 -6.25 20.77
CA ALA C 1222 69.12 -6.03 21.49
C ALA C 1222 69.88 -4.83 20.92
N GLN C 1223 69.91 -4.71 19.59
CA GLN C 1223 70.57 -3.56 18.97
C GLN C 1223 69.88 -2.26 19.37
N SER C 1224 68.55 -2.28 19.44
CA SER C 1224 67.82 -1.09 19.88
C SER C 1224 68.13 -0.77 21.34
N VAL C 1225 68.27 -1.80 22.18
CA VAL C 1225 68.62 -1.58 23.58
C VAL C 1225 70.02 -0.99 23.69
N LEU C 1226 70.90 -1.30 22.73
CA LEU C 1226 72.27 -0.78 22.75
C LEU C 1226 72.32 0.75 22.82
N LEU C 1227 71.20 1.45 22.65
CA LEU C 1227 71.15 2.89 22.77
C LEU C 1227 70.66 3.35 24.14
N SER C 1228 70.98 2.57 25.19
CA SER C 1228 70.49 2.90 26.52
C SER C 1228 71.05 4.23 27.01
N VAL C 1229 72.33 4.48 26.78
CA VAL C 1229 72.97 5.71 27.21
C VAL C 1229 73.22 6.59 26.00
N LYS C 1230 73.36 7.88 26.25
CA LYS C 1230 73.60 8.84 25.18
C LYS C 1230 74.98 8.63 24.58
N TRP C 1231 75.06 8.67 23.26
CA TRP C 1231 76.31 8.48 22.55
C TRP C 1231 77.05 9.80 22.43
N ASP C 1232 78.23 9.89 23.05
CA ASP C 1232 79.05 11.07 23.01
C ASP C 1232 80.48 10.69 22.66
N VAL C 1233 81.18 11.61 21.99
CA VAL C 1233 82.59 11.39 21.68
C VAL C 1233 83.41 11.41 22.97
N GLU C 1234 83.04 12.28 23.92
CA GLU C 1234 83.73 12.33 25.20
C GLU C 1234 83.41 11.15 26.10
N ASP C 1235 82.44 10.33 25.73
CA ASP C 1235 82.07 9.17 26.53
C ASP C 1235 83.18 8.13 26.51
N PRO C 1236 83.69 7.69 27.65
CA PRO C 1236 84.73 6.66 27.66
C PRO C 1236 84.22 5.24 27.41
N VAL C 1237 82.90 5.05 27.30
CA VAL C 1237 82.34 3.72 27.11
C VAL C 1237 81.53 3.61 25.82
N THR C 1238 81.63 4.61 24.93
CA THR C 1238 80.92 4.53 23.66
C THR C 1238 81.58 3.57 22.67
N VAL C 1239 82.86 3.26 22.87
CA VAL C 1239 83.54 2.32 21.97
C VAL C 1239 82.92 0.93 22.00
N PRO C 1240 82.65 0.32 23.18
CA PRO C 1240 81.98 -0.98 23.16
C PRO C 1240 80.62 -0.93 22.49
N LEU C 1241 79.86 0.15 22.69
CA LEU C 1241 78.56 0.27 22.03
C LEU C 1241 78.70 0.34 20.52
N ALA C 1242 79.68 1.11 20.05
CA ALA C 1242 79.91 1.20 18.61
C ALA C 1242 80.32 -0.15 18.05
N THR C 1243 81.19 -0.88 18.74
CA THR C 1243 81.63 -2.18 18.26
C THR C 1243 80.45 -3.16 18.22
N MET C 1244 79.62 -3.17 19.26
CA MET C 1244 78.47 -4.06 19.29
C MET C 1244 77.50 -3.73 18.16
N SER C 1245 77.27 -2.43 17.92
CA SER C 1245 76.39 -2.03 16.84
C SER C 1245 76.96 -2.44 15.49
N VAL C 1246 78.28 -2.35 15.32
CA VAL C 1246 78.92 -2.78 14.09
C VAL C 1246 78.71 -4.28 13.88
N VAL C 1247 78.88 -5.06 14.94
CA VAL C 1247 78.69 -6.51 14.83
C VAL C 1247 77.24 -6.82 14.46
N PHE C 1248 76.29 -6.14 15.11
CA PHE C 1248 74.89 -6.35 14.79
C PHE C 1248 74.57 -5.98 13.35
N THR C 1249 75.13 -4.87 12.88
CA THR C 1249 74.91 -4.47 11.49
C THR C 1249 75.48 -5.48 10.52
N PHE C 1250 76.67 -6.01 10.83
CA PHE C 1250 77.24 -7.05 9.98
C PHE C 1250 76.34 -8.28 9.93
N ILE C 1251 75.80 -8.66 11.09
CA ILE C 1251 74.89 -9.81 11.15
C ILE C 1251 73.65 -9.55 10.30
N PHE C 1252 73.07 -8.35 10.43
CA PHE C 1252 71.87 -8.02 9.68
C PHE C 1252 72.14 -8.02 8.17
N VAL C 1253 73.28 -7.48 7.76
CA VAL C 1253 73.60 -7.43 6.33
C VAL C 1253 73.81 -8.83 5.78
N LEU C 1254 74.54 -9.68 6.53
CA LEU C 1254 74.74 -11.04 6.04
C LEU C 1254 73.43 -11.81 5.98
N GLU C 1255 72.54 -11.59 6.96
CA GLU C 1255 71.23 -12.22 6.91
C GLU C 1255 70.42 -11.75 5.71
N VAL C 1256 70.47 -10.45 5.42
CA VAL C 1256 69.74 -9.94 4.27
C VAL C 1256 70.28 -10.54 2.98
N THR C 1257 71.60 -10.64 2.86
CA THR C 1257 72.18 -11.25 1.66
C THR C 1257 71.79 -12.72 1.54
N MET C 1258 71.77 -13.43 2.67
CA MET C 1258 71.34 -14.83 2.64
C MET C 1258 69.88 -14.93 2.19
N LYS C 1259 69.02 -14.05 2.70
CA LYS C 1259 67.62 -14.07 2.28
C LYS C 1259 67.49 -13.77 0.79
N ILE C 1260 68.29 -12.83 0.29
CA ILE C 1260 68.22 -12.47 -1.12
C ILE C 1260 68.65 -13.65 -1.98
N ILE C 1261 69.76 -14.29 -1.63
CA ILE C 1261 70.26 -15.40 -2.46
C ILE C 1261 69.32 -16.60 -2.36
N ALA C 1262 68.70 -16.82 -1.20
CA ALA C 1262 67.81 -17.96 -1.06
C ALA C 1262 66.49 -17.73 -1.79
N MET C 1263 65.89 -16.55 -1.62
CA MET C 1263 64.54 -16.32 -2.13
C MET C 1263 64.56 -15.96 -3.62
N SER C 1264 65.18 -14.83 -3.96
CA SER C 1264 65.27 -14.35 -5.34
C SER C 1264 66.07 -13.05 -5.39
N PRO C 1265 66.89 -12.85 -6.42
CA PRO C 1265 67.56 -11.54 -6.57
C PRO C 1265 66.60 -10.38 -6.80
N ALA C 1266 65.38 -10.66 -7.27
CA ALA C 1266 64.41 -9.59 -7.53
C ALA C 1266 63.12 -9.83 -6.78
N GLY C 1267 62.77 -11.10 -6.56
CA GLY C 1267 61.58 -11.40 -5.79
C GLY C 1267 61.67 -10.92 -4.36
N PHE C 1268 62.89 -10.89 -3.81
CA PHE C 1268 63.09 -10.31 -2.49
C PHE C 1268 62.60 -8.88 -2.43
N TRP C 1269 62.77 -8.13 -3.52
CA TRP C 1269 62.30 -6.75 -3.59
C TRP C 1269 60.79 -6.64 -3.57
N GLN C 1270 60.06 -7.73 -3.80
CA GLN C 1270 58.59 -7.66 -3.85
C GLN C 1270 58.01 -7.19 -2.51
N SER C 1271 58.52 -7.73 -1.41
CA SER C 1271 58.01 -7.36 -0.09
C SER C 1271 58.52 -5.98 0.31
N ARG C 1272 57.59 -5.12 0.72
CA ARG C 1272 57.99 -3.79 1.18
C ARG C 1272 58.86 -3.87 2.44
N ARG C 1273 58.55 -4.83 3.32
CA ARG C 1273 59.37 -5.03 4.50
C ARG C 1273 60.81 -5.34 4.12
N ASN C 1274 61.00 -6.18 3.10
CA ASN C 1274 62.34 -6.50 2.64
C ASN C 1274 63.03 -5.29 2.05
N ARG C 1275 62.29 -4.44 1.32
CA ARG C 1275 62.89 -3.21 0.80
C ARG C 1275 63.36 -2.31 1.93
N TYR C 1276 62.53 -2.16 2.97
CA TYR C 1276 62.91 -1.35 4.11
C TYR C 1276 64.14 -1.93 4.81
N ASP C 1277 64.18 -3.26 4.94
CA ASP C 1277 65.34 -3.90 5.55
C ASP C 1277 66.60 -3.68 4.74
N LEU C 1278 66.49 -3.76 3.41
CA LEU C 1278 67.65 -3.51 2.56
C LEU C 1278 68.13 -2.08 2.70
N LEU C 1279 67.20 -1.12 2.75
CA LEU C 1279 67.58 0.27 2.94
C LEU C 1279 68.27 0.47 4.28
N VAL C 1280 67.74 -0.17 5.34
CA VAL C 1280 68.34 -0.04 6.66
C VAL C 1280 69.75 -0.62 6.67
N THR C 1281 69.94 -1.77 6.03
CA THR C 1281 71.27 -2.38 6.00
C THR C 1281 72.25 -1.54 5.18
N SER C 1282 71.76 -0.92 4.11
CA SER C 1282 72.62 -0.01 3.34
C SER C 1282 73.05 1.17 4.20
N LEU C 1283 72.12 1.76 4.94
CA LEU C 1283 72.48 2.82 5.87
C LEU C 1283 73.48 2.32 6.89
N GLY C 1284 73.31 1.07 7.34
CA GLY C 1284 74.21 0.52 8.34
C GLY C 1284 75.63 0.38 7.83
N VAL C 1285 75.79 -0.15 6.61
CA VAL C 1285 77.14 -0.31 6.07
C VAL C 1285 77.76 1.05 5.77
N VAL C 1286 76.95 2.01 5.31
CA VAL C 1286 77.46 3.35 5.09
C VAL C 1286 77.96 3.95 6.41
N TRP C 1287 77.18 3.77 7.48
CA TRP C 1287 77.61 4.27 8.78
C TRP C 1287 78.87 3.56 9.25
N VAL C 1288 78.98 2.27 8.97
CA VAL C 1288 80.15 1.51 9.40
C VAL C 1288 81.41 2.04 8.73
N VAL C 1289 81.34 2.25 7.41
CA VAL C 1289 82.51 2.74 6.71
C VAL C 1289 82.83 4.18 7.12
N LEU C 1290 81.79 4.99 7.37
CA LEU C 1290 82.03 6.35 7.85
C LEU C 1290 82.72 6.34 9.21
N HIS C 1291 82.29 5.44 10.10
CA HIS C 1291 82.95 5.30 11.39
C HIS C 1291 84.41 4.87 11.21
N PHE C 1292 84.65 3.93 10.31
CA PHE C 1292 86.02 3.53 10.01
C PHE C 1292 86.84 4.67 9.43
N ALA C 1293 86.19 5.67 8.83
CA ALA C 1293 86.89 6.79 8.21
C ALA C 1293 86.80 8.08 9.01
N LEU C 1294 85.59 8.52 9.37
CA LEU C 1294 85.41 9.83 10.00
C LEU C 1294 85.67 9.79 11.50
N LEU C 1295 84.93 8.93 12.22
CA LEU C 1295 85.04 8.80 13.67
C LEU C 1295 84.77 10.15 14.36
N ASN C 1296 83.53 10.61 14.22
CA ASN C 1296 83.12 11.87 14.80
C ASN C 1296 81.76 11.70 15.47
N ALA C 1297 81.38 12.72 16.25
CA ALA C 1297 80.07 12.70 16.90
C ALA C 1297 78.93 12.64 15.89
N TYR C 1298 79.14 13.24 14.72
CA TYR C 1298 78.14 13.13 13.65
C TYR C 1298 77.97 11.69 13.22
N THR C 1299 79.07 10.93 13.16
CA THR C 1299 78.98 9.51 12.83
C THR C 1299 78.18 8.76 13.89
N TYR C 1300 78.41 9.07 15.16
CA TYR C 1300 77.65 8.41 16.23
C TYR C 1300 76.17 8.74 16.12
N MET C 1301 75.85 10.00 15.81
CA MET C 1301 74.45 10.37 15.63
C MET C 1301 73.83 9.63 14.45
N MET C 1302 74.58 9.48 13.36
CA MET C 1302 74.09 8.74 12.21
C MET C 1302 73.84 7.28 12.57
N GLY C 1303 74.74 6.67 13.33
CA GLY C 1303 74.54 5.29 13.75
C GLY C 1303 73.33 5.13 14.65
N ALA C 1304 73.14 6.10 15.57
CA ALA C 1304 71.95 6.08 16.40
C ALA C 1304 70.69 6.19 15.56
N CYS C 1305 70.71 7.06 14.56
CA CYS C 1305 69.55 7.19 13.67
C CYS C 1305 69.29 5.89 12.92
N VAL C 1306 70.35 5.22 12.46
CA VAL C 1306 70.19 3.95 11.75
C VAL C 1306 69.57 2.91 12.67
N ILE C 1307 70.05 2.83 13.91
CA ILE C 1307 69.49 1.87 14.86
C ILE C 1307 68.02 2.18 15.13
N VAL C 1308 67.70 3.48 15.24
CA VAL C 1308 66.31 3.88 15.46
C VAL C 1308 65.45 3.47 14.27
N PHE C 1309 65.96 3.63 13.05
CA PHE C 1309 65.23 3.22 11.86
C PHE C 1309 64.97 1.72 11.87
N ARG C 1310 65.98 0.93 12.26
CA ARG C 1310 65.78 -0.51 12.30
C ARG C 1310 64.77 -0.91 13.38
N PHE C 1311 64.82 -0.22 14.52
CA PHE C 1311 63.84 -0.50 15.57
C PHE C 1311 62.43 -0.13 15.12
N PHE C 1312 62.30 0.93 14.34
CA PHE C 1312 61.01 1.26 13.75
C PHE C 1312 60.57 0.17 12.77
N SER C 1313 61.53 -0.36 12.01
CA SER C 1313 61.21 -1.42 11.05
C SER C 1313 60.77 -2.70 11.73
N ILE C 1314 61.28 -2.98 12.94
CA ILE C 1314 60.93 -4.23 13.60
C ILE C 1314 59.44 -4.32 13.91
N CYS C 1315 58.72 -3.20 13.88
CA CYS C 1315 57.28 -3.23 14.09
C CYS C 1315 56.57 -4.04 13.01
N GLY C 1316 57.15 -4.11 11.81
CA GLY C 1316 56.52 -4.81 10.71
C GLY C 1316 56.64 -6.32 10.74
N LYS C 1317 57.44 -6.87 11.65
CA LYS C 1317 57.58 -8.31 11.77
C LYS C 1317 56.66 -8.92 12.80
N HIS C 1318 55.81 -8.12 13.43
CA HIS C 1318 54.82 -8.60 14.39
C HIS C 1318 53.43 -8.27 13.86
N VAL C 1319 52.55 -9.27 13.83
CA VAL C 1319 51.24 -9.10 13.21
C VAL C 1319 50.44 -8.04 13.95
N THR C 1320 50.37 -8.14 15.27
CA THR C 1320 49.61 -7.17 16.05
C THR C 1320 50.20 -5.78 15.91
N LEU C 1321 51.52 -5.66 16.02
CA LEU C 1321 52.17 -4.36 15.86
C LEU C 1321 51.96 -3.80 14.46
N LYS C 1322 52.03 -4.66 13.45
CA LYS C 1322 51.81 -4.21 12.08
C LYS C 1322 50.38 -3.68 11.92
N MET C 1323 49.40 -4.39 12.45
CA MET C 1323 48.02 -3.95 12.35
C MET C 1323 47.80 -2.62 13.06
N LEU C 1324 48.37 -2.48 14.26
CA LEU C 1324 48.18 -1.24 15.00
C LEU C 1324 48.88 -0.07 14.33
N LEU C 1325 50.09 -0.29 13.79
CA LEU C 1325 50.77 0.78 13.08
C LEU C 1325 50.02 1.18 11.83
N LEU C 1326 49.48 0.20 11.09
CA LEU C 1326 48.65 0.53 9.94
C LEU C 1326 47.43 1.33 10.36
N THR C 1327 46.80 0.94 11.47
CA THR C 1327 45.68 1.70 12.00
C THR C 1327 46.08 3.15 12.26
N VAL C 1328 47.22 3.35 12.91
CA VAL C 1328 47.66 4.69 13.27
C VAL C 1328 47.91 5.53 12.01
N VAL C 1329 48.62 4.95 11.03
CA VAL C 1329 48.98 5.74 9.86
C VAL C 1329 47.76 6.03 9.00
N VAL C 1330 46.86 5.06 8.85
CA VAL C 1330 45.66 5.30 8.06
C VAL C 1330 44.74 6.31 8.76
N SER C 1331 44.67 6.24 10.10
CA SER C 1331 43.89 7.23 10.83
C SER C 1331 44.49 8.62 10.65
N MET C 1332 45.82 8.73 10.66
CA MET C 1332 46.45 10.01 10.39
C MET C 1332 46.11 10.50 8.99
N TYR C 1333 46.14 9.61 8.00
CA TYR C 1333 45.82 10.01 6.64
C TYR C 1333 44.37 10.50 6.55
N LYS C 1334 43.44 9.80 7.20
CA LYS C 1334 42.05 10.21 7.16
C LYS C 1334 41.83 11.52 7.88
N SER C 1335 42.52 11.73 9.00
CA SER C 1335 42.35 12.92 9.82
C SER C 1335 43.26 14.06 9.40
N PHE C 1336 44.00 13.89 8.30
CA PHE C 1336 44.83 14.97 7.78
C PHE C 1336 44.05 16.27 7.63
N PHE C 1337 42.86 16.20 7.02
CA PHE C 1337 42.10 17.42 6.80
C PHE C 1337 41.53 17.98 8.10
N ILE C 1338 41.17 17.13 9.05
CA ILE C 1338 40.73 17.62 10.36
C ILE C 1338 41.88 18.35 11.05
N ILE C 1339 43.09 17.79 10.95
CA ILE C 1339 44.27 18.46 11.52
C ILE C 1339 44.50 19.79 10.82
N VAL C 1340 44.29 19.83 9.51
CA VAL C 1340 44.45 21.08 8.77
C VAL C 1340 43.45 22.12 9.27
N GLY C 1341 42.20 21.71 9.48
CA GLY C 1341 41.22 22.63 10.02
C GLY C 1341 41.56 23.12 11.41
N MET C 1342 42.05 22.22 12.26
CA MET C 1342 42.50 22.62 13.59
C MET C 1342 43.64 23.61 13.50
N PHE C 1343 44.57 23.38 12.58
CA PHE C 1343 45.69 24.29 12.40
C PHE C 1343 45.22 25.65 11.90
N LEU C 1344 44.22 25.66 11.01
CA LEU C 1344 43.68 26.93 10.52
C LEU C 1344 43.04 27.70 11.66
N LEU C 1345 42.25 27.03 12.49
CA LEU C 1345 41.64 27.71 13.64
C LEU C 1345 42.71 28.20 14.60
N LEU C 1346 43.74 27.39 14.82
CA LEU C 1346 44.83 27.80 15.71
C LEU C 1346 45.55 29.01 15.15
N LEU C 1347 45.75 29.08 13.83
CA LEU C 1347 46.40 30.22 13.22
C LEU C 1347 45.54 31.47 13.35
N CYS C 1348 44.23 31.35 13.16
CA CYS C 1348 43.34 32.49 13.34
C CYS C 1348 43.41 33.00 14.77
N TYR C 1349 43.34 32.09 15.73
CA TYR C 1349 43.42 32.51 17.13
C TYR C 1349 44.80 33.06 17.46
N ALA C 1350 45.85 32.58 16.79
CA ALA C 1350 47.19 33.12 17.01
C ALA C 1350 47.27 34.56 16.54
N PHE C 1351 46.74 34.86 15.36
CA PHE C 1351 46.70 36.23 14.91
C PHE C 1351 45.89 37.11 15.86
N ALA C 1352 44.75 36.59 16.32
CA ALA C 1352 43.93 37.34 17.25
C ALA C 1352 44.69 37.65 18.55
N GLY C 1353 45.38 36.64 19.09
CA GLY C 1353 46.13 36.85 20.32
C GLY C 1353 47.29 37.80 20.13
N VAL C 1354 47.97 37.71 18.99
CA VAL C 1354 49.07 38.64 18.69
C VAL C 1354 48.55 40.06 18.67
N VAL C 1355 47.39 40.27 18.05
CA VAL C 1355 46.81 41.61 18.04
C VAL C 1355 46.43 42.04 19.45
N LEU C 1356 45.84 41.13 20.22
CA LEU C 1356 45.32 41.51 21.54
C LEU C 1356 46.42 41.59 22.58
N PHE C 1357 47.12 40.47 22.82
CA PHE C 1357 48.01 40.33 23.96
C PHE C 1357 49.47 40.30 23.54
N GLY C 1358 49.83 41.14 22.55
CA GLY C 1358 51.21 41.13 22.07
C GLY C 1358 52.19 41.78 23.02
N THR C 1359 51.71 42.66 23.91
CA THR C 1359 52.59 43.42 24.77
C THR C 1359 52.20 43.29 26.24
N VAL C 1360 51.57 42.16 26.61
CA VAL C 1360 51.11 41.98 27.98
C VAL C 1360 52.30 41.79 28.90
N LYS C 1361 52.26 42.46 30.06
CA LYS C 1361 53.29 42.30 31.07
C LYS C 1361 53.38 40.84 31.52
N TYR C 1362 54.60 40.37 31.73
CA TYR C 1362 54.81 38.98 32.14
C TYR C 1362 54.08 38.67 33.44
N GLY C 1363 53.46 37.50 33.49
CA GLY C 1363 52.69 37.08 34.64
C GLY C 1363 53.17 35.74 35.17
N GLU C 1364 52.22 34.98 35.74
CA GLU C 1364 52.55 33.70 36.35
C GLU C 1364 53.09 32.73 35.31
N ASN C 1365 52.45 32.66 34.14
CA ASN C 1365 52.92 31.80 33.07
C ASN C 1365 53.45 32.57 31.87
N ILE C 1366 53.05 33.83 31.70
CA ILE C 1366 53.57 34.64 30.60
C ILE C 1366 55.01 35.03 30.93
N ASN C 1367 55.93 34.61 30.07
CA ASN C 1367 57.35 34.84 30.29
C ASN C 1367 58.02 34.93 28.93
N ARG C 1368 59.35 34.80 28.90
CA ARG C 1368 60.04 34.74 27.62
C ARG C 1368 59.70 33.48 26.84
N HIS C 1369 59.23 32.44 27.52
CA HIS C 1369 58.87 31.19 26.84
C HIS C 1369 57.48 31.27 26.24
N ALA C 1370 56.47 31.48 27.09
CA ALA C 1370 55.07 31.51 26.66
C ALA C 1370 54.59 32.95 26.65
N ASN C 1371 54.52 33.53 25.47
CA ASN C 1371 54.00 34.89 25.32
C ASN C 1371 53.55 35.06 23.87
N PHE C 1372 52.77 36.11 23.64
CA PHE C 1372 52.19 36.40 22.33
C PHE C 1372 52.93 37.53 21.63
N SER C 1373 54.24 37.59 21.82
CA SER C 1373 55.03 38.63 21.16
C SER C 1373 55.16 38.39 19.66
N SER C 1374 55.23 37.12 19.25
CA SER C 1374 55.39 36.78 17.85
C SER C 1374 54.33 35.75 17.45
N ALA C 1375 54.07 35.67 16.15
CA ALA C 1375 53.09 34.73 15.65
C ALA C 1375 53.49 33.29 15.95
N GLY C 1376 54.77 32.97 15.78
CA GLY C 1376 55.23 31.63 16.09
C GLY C 1376 55.08 31.29 17.57
N LYS C 1377 55.44 32.23 18.44
CA LYS C 1377 55.26 32.01 19.87
C LYS C 1377 53.79 31.84 20.22
N ALA C 1378 52.92 32.63 19.59
CA ALA C 1378 51.49 32.49 19.83
C ALA C 1378 50.99 31.13 19.39
N ILE C 1379 51.45 30.65 18.24
CA ILE C 1379 51.05 29.32 17.76
C ILE C 1379 51.50 28.25 18.74
N THR C 1380 52.75 28.35 19.20
CA THR C 1380 53.25 27.35 20.14
C THR C 1380 52.47 27.37 21.44
N VAL C 1381 52.15 28.57 21.95
CA VAL C 1381 51.39 28.66 23.20
C VAL C 1381 50.00 28.07 23.02
N LEU C 1382 49.35 28.37 21.90
CA LEU C 1382 48.02 27.83 21.66
C LEU C 1382 48.05 26.31 21.56
N PHE C 1383 49.07 25.76 20.90
CA PHE C 1383 49.20 24.31 20.84
C PHE C 1383 49.41 23.72 22.22
N ARG C 1384 50.26 24.35 23.04
CA ARG C 1384 50.52 23.83 24.36
C ARG C 1384 49.32 23.95 25.28
N ILE C 1385 48.43 24.92 25.00
CA ILE C 1385 47.26 25.11 25.86
C ILE C 1385 46.37 23.88 25.86
N VAL C 1386 46.12 23.31 24.69
CA VAL C 1386 45.16 22.21 24.57
C VAL C 1386 45.85 20.88 24.78
N THR C 1387 47.10 20.90 25.23
CA THR C 1387 47.89 19.68 25.38
C THR C 1387 48.50 19.61 26.78
N GLY C 1388 47.76 20.06 27.79
CA GLY C 1388 48.20 19.88 29.16
C GLY C 1388 49.04 21.02 29.71
N GLU C 1389 48.54 22.25 29.65
CA GLU C 1389 49.19 23.40 30.22
C GLU C 1389 48.18 24.21 31.02
N ASP C 1390 48.68 24.93 32.02
CA ASP C 1390 47.82 25.74 32.89
C ASP C 1390 47.34 26.96 32.11
N TRP C 1391 46.39 26.71 31.20
CA TRP C 1391 45.88 27.78 30.35
C TRP C 1391 45.12 28.81 31.15
N ASN C 1392 44.49 28.42 32.26
CA ASN C 1392 43.73 29.38 33.06
C ASN C 1392 44.63 30.47 33.62
N LYS C 1393 45.81 30.08 34.10
CA LYS C 1393 46.77 31.09 34.58
C LYS C 1393 47.23 31.99 33.44
N ILE C 1394 47.41 31.42 32.25
CA ILE C 1394 47.78 32.23 31.10
C ILE C 1394 46.70 33.25 30.79
N MET C 1395 45.43 32.82 30.81
CA MET C 1395 44.33 33.73 30.55
C MET C 1395 44.26 34.82 31.60
N HIS C 1396 44.42 34.46 32.87
CA HIS C 1396 44.38 35.46 33.93
C HIS C 1396 45.51 36.46 33.78
N ASP C 1397 46.69 36.01 33.38
CA ASP C 1397 47.78 36.93 33.10
C ASP C 1397 47.41 37.84 31.93
N CYS C 1398 46.78 37.29 30.90
CA CYS C 1398 46.28 38.12 29.81
C CYS C 1398 45.13 39.02 30.26
N MET C 1399 44.49 38.68 31.39
CA MET C 1399 43.42 39.49 31.96
C MET C 1399 43.96 40.55 32.92
N VAL C 1400 45.22 40.94 32.77
CA VAL C 1400 45.79 41.96 33.65
C VAL C 1400 45.18 43.32 33.31
N GLN C 1401 44.89 44.10 34.34
CA GLN C 1401 44.29 45.42 34.21
C GLN C 1401 45.00 46.38 35.15
N PRO C 1402 44.89 47.68 34.91
CA PRO C 1402 45.46 48.64 35.85
C PRO C 1402 44.80 48.49 37.21
N PRO C 1403 45.49 48.88 38.29
CA PRO C 1403 46.81 49.53 38.30
C PRO C 1403 47.99 48.57 38.20
N PHE C 1404 47.75 47.32 37.80
CA PHE C 1404 48.84 46.38 37.63
C PHE C 1404 49.66 46.68 36.38
N CYS C 1405 49.10 47.39 35.41
CA CYS C 1405 49.78 47.73 34.17
C CYS C 1405 49.58 49.21 33.88
N THR C 1406 50.54 49.80 33.17
CA THR C 1406 50.50 51.22 32.85
C THR C 1406 49.74 51.44 31.55
N PRO C 1407 48.48 51.89 31.60
CA PRO C 1407 47.71 52.03 30.37
C PRO C 1407 48.26 53.14 29.48
N ASP C 1408 48.07 52.95 28.18
CA ASP C 1408 48.43 53.95 27.18
C ASP C 1408 47.17 54.43 26.48
N GLU C 1409 47.08 55.75 26.28
CA GLU C 1409 45.88 56.35 25.73
C GLU C 1409 45.90 56.47 24.21
N PHE C 1410 46.99 56.06 23.56
CA PHE C 1410 47.12 56.24 22.11
C PHE C 1410 47.15 54.92 21.36
N THR C 1411 48.07 54.03 21.70
CA THR C 1411 48.31 52.82 20.92
C THR C 1411 48.21 51.59 21.81
N TYR C 1412 47.84 50.47 21.18
CA TYR C 1412 47.68 49.21 21.90
C TYR C 1412 48.98 48.45 22.07
N TRP C 1413 50.05 48.84 21.39
CA TRP C 1413 51.33 48.17 21.54
C TRP C 1413 52.22 48.84 22.57
N ALA C 1414 51.73 49.86 23.27
CA ALA C 1414 52.48 50.52 24.32
C ALA C 1414 51.70 50.59 25.63
N THR C 1415 50.68 49.76 25.78
CA THR C 1415 49.82 49.82 26.96
C THR C 1415 50.14 48.76 28.01
N ASP C 1416 50.82 47.68 27.63
CA ASP C 1416 51.28 46.67 28.57
C ASP C 1416 50.13 45.98 29.30
N CYS C 1417 48.90 46.29 28.91
CA CYS C 1417 47.71 45.73 29.53
C CYS C 1417 47.10 44.65 28.64
N GLY C 1418 45.91 44.18 29.02
CA GLY C 1418 45.21 43.21 28.23
C GLY C 1418 43.71 43.43 28.32
N ASN C 1419 43.00 42.89 27.33
CA ASN C 1419 41.54 43.01 27.27
C ASN C 1419 40.94 41.92 28.16
N TYR C 1420 40.36 42.34 29.28
CA TYR C 1420 39.79 41.42 30.27
C TYR C 1420 38.72 40.53 29.64
N ALA C 1421 37.62 41.14 29.19
CA ALA C 1421 36.57 40.38 28.55
C ALA C 1421 37.07 39.74 27.25
N GLY C 1422 37.92 40.45 26.53
CA GLY C 1422 38.48 39.89 25.30
C GLY C 1422 39.28 38.64 25.57
N ALA C 1423 40.16 38.67 26.58
CA ALA C 1423 40.95 37.50 26.92
C ALA C 1423 40.05 36.36 27.38
N LEU C 1424 39.06 36.66 28.22
CA LEU C 1424 38.16 35.62 28.69
C LEU C 1424 37.47 34.92 27.54
N MET C 1425 36.83 35.71 26.65
CA MET C 1425 36.12 35.12 25.52
C MET C 1425 37.08 34.36 24.61
N TYR C 1426 38.24 34.94 24.32
CA TYR C 1426 39.19 34.30 23.41
C TYR C 1426 39.62 32.94 23.93
N PHE C 1427 40.09 32.88 25.17
CA PHE C 1427 40.61 31.63 25.69
C PHE C 1427 39.50 30.60 25.88
N CYS C 1428 38.35 31.01 26.42
CA CYS C 1428 37.26 30.06 26.61
C CYS C 1428 36.79 29.49 25.28
N SER C 1429 36.62 30.36 24.28
CA SER C 1429 36.17 29.89 22.97
C SER C 1429 37.19 28.95 22.34
N PHE C 1430 38.47 29.29 22.42
CA PHE C 1430 39.49 28.45 21.81
C PHE C 1430 39.52 27.07 22.47
N TYR C 1431 39.49 27.05 23.81
CA TYR C 1431 39.54 25.76 24.49
C TYR C 1431 38.31 24.93 24.18
N VAL C 1432 37.12 25.55 24.18
CA VAL C 1432 35.90 24.81 23.89
C VAL C 1432 35.95 24.24 22.48
N ILE C 1433 36.38 25.04 21.51
CA ILE C 1433 36.35 24.61 20.11
C ILE C 1433 37.37 23.49 19.87
N ILE C 1434 38.57 23.62 20.43
CA ILE C 1434 39.62 22.67 20.11
C ILE C 1434 39.61 21.48 21.06
N ALA C 1435 39.81 21.74 22.34
CA ALA C 1435 40.02 20.66 23.31
C ALA C 1435 38.76 19.87 23.60
N TYR C 1436 37.59 20.35 23.19
CA TYR C 1436 36.33 19.68 23.51
C TYR C 1436 35.57 19.19 22.28
N ILE C 1437 35.97 19.54 21.07
CA ILE C 1437 35.18 19.19 19.90
C ILE C 1437 35.96 18.35 18.91
N MET C 1438 37.03 18.92 18.35
CA MET C 1438 37.72 18.27 17.25
C MET C 1438 38.59 17.11 17.70
N LEU C 1439 39.14 17.18 18.92
CA LEU C 1439 39.86 16.03 19.44
C LEU C 1439 38.95 14.82 19.55
N ASN C 1440 37.67 15.03 19.84
CA ASN C 1440 36.72 13.93 19.81
C ASN C 1440 36.57 13.38 18.40
N LEU C 1441 36.65 14.24 17.38
CA LEU C 1441 36.65 13.75 16.01
C LEU C 1441 37.87 12.89 15.74
N LEU C 1442 39.03 13.29 16.26
CA LEU C 1442 40.21 12.44 16.13
C LEU C 1442 40.01 11.10 16.81
N VAL C 1443 39.39 11.10 18.00
CA VAL C 1443 39.10 9.86 18.70
C VAL C 1443 38.18 8.97 17.86
N ALA C 1444 37.15 9.57 17.27
CA ALA C 1444 36.22 8.80 16.45
C ALA C 1444 36.92 8.20 15.25
N ILE C 1445 37.80 8.97 14.60
CA ILE C 1445 38.55 8.44 13.47
C ILE C 1445 39.45 7.28 13.91
N ILE C 1446 40.08 7.43 15.06
CA ILE C 1446 40.93 6.35 15.59
C ILE C 1446 40.11 5.10 15.80
N VAL C 1447 38.92 5.24 16.39
CA VAL C 1447 38.07 4.08 16.66
C VAL C 1447 37.64 3.43 15.35
N GLU C 1448 37.25 4.24 14.37
CA GLU C 1448 36.83 3.70 13.08
C GLU C 1448 37.95 2.91 12.43
N ASN C 1449 39.16 3.46 12.40
CA ASN C 1449 40.27 2.77 11.75
C ASN C 1449 40.66 1.52 12.52
N PHE C 1450 40.62 1.57 13.85
CA PHE C 1450 40.94 0.38 14.64
C PHE C 1450 39.95 -0.73 14.36
N SER C 1451 38.66 -0.39 14.28
CA SER C 1451 37.66 -1.38 13.90
C SER C 1451 37.95 -1.93 12.51
N LEU C 1452 38.35 -1.05 11.58
CA LEU C 1452 38.58 -1.48 10.20
C LEU C 1452 39.74 -2.46 10.10
N PHE C 1453 40.82 -2.20 10.82
CA PHE C 1453 42.06 -2.95 10.60
C PHE C 1453 42.31 -4.06 11.61
N TYR C 1454 41.98 -3.86 12.88
CA TYR C 1454 42.31 -4.84 13.89
C TYR C 1454 41.46 -6.10 13.71
N SER C 1455 42.10 -7.26 13.77
CA SER C 1455 41.44 -8.53 13.54
C SER C 1455 41.80 -9.51 14.65
N THR C 1456 40.82 -10.31 15.05
CA THR C 1456 41.02 -11.35 16.04
C THR C 1456 40.27 -12.59 15.60
N GLU C 1457 40.70 -13.75 16.11
CA GLU C 1457 40.09 -15.02 15.75
C GLU C 1457 38.63 -15.05 16.21
N GLU C 1458 37.69 -14.97 15.28
CA GLU C 1458 36.28 -14.93 15.58
C GLU C 1458 35.64 -16.29 15.33
N ASP C 1459 34.31 -16.34 15.49
CA ASP C 1459 33.54 -17.57 15.33
C ASP C 1459 32.82 -17.63 13.99
N GLN C 1460 32.07 -16.59 13.65
CA GLN C 1460 31.27 -16.56 12.42
C GLN C 1460 31.77 -15.48 11.48
N LEU C 1461 33.09 -15.36 11.35
CA LEU C 1461 33.69 -14.36 10.47
C LEU C 1461 35.02 -14.88 9.97
N LEU C 1462 35.46 -14.33 8.84
CA LEU C 1462 36.76 -14.70 8.29
C LEU C 1462 37.87 -14.00 9.08
N SER C 1463 38.89 -14.76 9.46
CA SER C 1463 39.92 -14.27 10.36
C SER C 1463 41.23 -14.06 9.61
N TYR C 1464 42.18 -13.43 10.30
CA TYR C 1464 43.50 -13.20 9.72
C TYR C 1464 44.23 -14.51 9.46
N ASN C 1465 44.11 -15.47 10.38
CA ASN C 1465 44.74 -16.77 10.17
C ASN C 1465 44.17 -17.46 8.94
N ASP C 1466 42.85 -17.37 8.76
CA ASP C 1466 42.24 -17.93 7.55
C ASP C 1466 42.74 -17.21 6.31
N LEU C 1467 42.90 -15.90 6.38
CA LEU C 1467 43.44 -15.15 5.25
C LEU C 1467 44.84 -15.62 4.88
N ARG C 1468 45.70 -15.76 5.90
CA ARG C 1468 47.07 -16.21 5.64
C ARG C 1468 47.09 -17.62 5.06
N HIS C 1469 46.28 -18.52 5.62
CA HIS C 1469 46.24 -19.88 5.10
C HIS C 1469 45.71 -19.92 3.67
N PHE C 1470 44.70 -19.09 3.36
CA PHE C 1470 44.20 -19.01 2.01
C PHE C 1470 45.27 -18.49 1.05
N GLN C 1471 46.05 -17.50 1.49
CA GLN C 1471 47.15 -17.01 0.66
C GLN C 1471 48.18 -18.11 0.43
N ILE C 1472 48.48 -18.89 1.46
CA ILE C 1472 49.43 -19.99 1.33
C ILE C 1472 48.92 -21.00 0.31
N ILE C 1473 47.64 -21.36 0.40
CA ILE C 1473 47.07 -22.32 -0.54
C ILE C 1473 47.11 -21.77 -1.95
N TRP C 1474 46.77 -20.49 -2.11
CA TRP C 1474 46.82 -19.88 -3.45
C TRP C 1474 48.23 -19.91 -4.01
N ASN C 1475 49.23 -19.59 -3.18
CA ASN C 1475 50.61 -19.59 -3.65
C ASN C 1475 51.04 -21.00 -4.05
N MET C 1476 50.68 -22.00 -3.25
CA MET C 1476 50.99 -23.36 -3.64
C MET C 1476 50.17 -23.82 -4.83
N VAL C 1477 49.13 -23.08 -5.20
CA VAL C 1477 48.36 -23.37 -6.41
C VAL C 1477 48.89 -22.54 -7.56
N ASP C 1478 48.84 -21.21 -7.41
CA ASP C 1478 49.25 -20.33 -8.50
C ASP C 1478 50.75 -20.45 -8.74
N ASP C 1479 51.13 -20.34 -10.01
CA ASP C 1479 52.52 -20.55 -10.44
C ASP C 1479 53.30 -19.25 -10.54
N LYS C 1480 52.84 -18.31 -11.36
CA LYS C 1480 53.60 -17.10 -11.66
C LYS C 1480 52.87 -15.85 -11.18
N ARG C 1481 52.01 -15.99 -10.17
CA ARG C 1481 51.30 -14.86 -9.57
C ARG C 1481 50.49 -14.08 -10.60
N GLU C 1482 49.93 -14.78 -11.57
CA GLU C 1482 49.06 -14.13 -12.55
C GLU C 1482 47.78 -13.60 -11.89
N GLY C 1483 47.24 -14.33 -10.93
CA GLY C 1483 45.99 -13.97 -10.30
C GLY C 1483 44.75 -14.38 -11.06
N VAL C 1484 44.91 -14.98 -12.23
CA VAL C 1484 43.79 -15.47 -13.03
C VAL C 1484 43.98 -16.96 -13.26
N ILE C 1485 42.97 -17.75 -12.93
CA ILE C 1485 43.07 -19.20 -13.03
C ILE C 1485 41.77 -19.76 -13.59
N PRO C 1486 41.86 -20.87 -14.32
CA PRO C 1486 40.66 -21.52 -14.85
C PRO C 1486 39.94 -22.35 -13.81
N THR C 1487 38.90 -23.07 -14.24
CA THR C 1487 38.06 -23.83 -13.31
C THR C 1487 38.86 -24.93 -12.61
N PHE C 1488 39.75 -25.61 -13.34
CA PHE C 1488 40.47 -26.74 -12.76
C PHE C 1488 41.34 -26.29 -11.59
N ARG C 1489 42.03 -25.16 -11.75
CA ARG C 1489 42.84 -24.64 -10.66
C ARG C 1489 41.98 -24.26 -9.46
N VAL C 1490 40.81 -23.67 -9.71
CA VAL C 1490 39.92 -23.28 -8.63
C VAL C 1490 39.45 -24.50 -7.86
N LYS C 1491 39.03 -25.55 -8.57
CA LYS C 1491 38.51 -26.73 -7.89
C LYS C 1491 39.61 -27.46 -7.14
N PHE C 1492 40.84 -27.48 -7.69
CA PHE C 1492 41.94 -28.08 -6.96
C PHE C 1492 42.27 -27.28 -5.70
N LEU C 1493 42.22 -25.95 -5.81
CA LEU C 1493 42.44 -25.11 -4.63
C LEU C 1493 41.39 -25.39 -3.56
N LEU C 1494 40.13 -25.50 -3.98
CA LEU C 1494 39.06 -25.82 -3.04
C LEU C 1494 39.30 -27.17 -2.39
N ARG C 1495 39.76 -28.15 -3.17
CA ARG C 1495 40.12 -29.45 -2.60
C ARG C 1495 41.27 -29.33 -1.61
N LEU C 1496 42.17 -28.38 -1.83
CA LEU C 1496 43.35 -28.25 -0.98
C LEU C 1496 43.16 -27.30 0.19
N LEU C 1497 41.97 -26.71 0.34
CA LEU C 1497 41.72 -25.82 1.47
C LEU C 1497 41.69 -26.61 2.77
N ARG C 1498 42.47 -26.17 3.76
CA ARG C 1498 42.55 -26.85 5.04
C ARG C 1498 42.25 -25.88 6.18
N GLY C 1499 42.45 -26.33 7.41
CA GLY C 1499 42.21 -25.48 8.57
C GLY C 1499 40.75 -25.30 8.90
N ARG C 1500 40.38 -24.09 9.32
CA ARG C 1500 38.98 -23.82 9.67
C ARG C 1500 38.07 -23.94 8.45
N LEU C 1501 38.60 -23.66 7.25
CA LEU C 1501 37.83 -23.75 6.02
C LEU C 1501 37.86 -25.14 5.39
N GLU C 1502 38.16 -26.16 6.18
CA GLU C 1502 38.17 -27.52 5.67
C GLU C 1502 36.76 -27.92 5.21
N VAL C 1503 36.68 -28.54 4.05
CA VAL C 1503 35.42 -28.98 3.47
C VAL C 1503 35.49 -30.49 3.32
N ASP C 1504 34.90 -31.21 4.27
CA ASP C 1504 34.84 -32.66 4.17
C ASP C 1504 34.01 -33.06 2.97
N LEU C 1505 34.44 -34.13 2.28
CA LEU C 1505 33.78 -34.54 1.04
C LEU C 1505 32.34 -34.94 1.31
N ASP C 1506 32.12 -35.96 2.13
CA ASP C 1506 30.77 -36.44 2.41
C ASP C 1506 29.94 -35.42 3.15
N LYS C 1507 30.56 -34.43 3.79
CA LYS C 1507 29.80 -33.44 4.55
C LYS C 1507 29.25 -32.34 3.66
N ASP C 1508 30.06 -31.81 2.76
CA ASP C 1508 29.67 -30.66 1.94
C ASP C 1508 30.06 -30.86 0.48
N LYS C 1509 29.80 -32.05 -0.06
CA LYS C 1509 30.01 -32.26 -1.49
C LYS C 1509 29.14 -31.33 -2.32
N LEU C 1510 27.88 -31.19 -1.93
CA LEU C 1510 26.98 -30.28 -2.64
C LEU C 1510 27.46 -28.84 -2.54
N LEU C 1511 27.94 -28.44 -1.36
CA LEU C 1511 28.48 -27.09 -1.20
C LEU C 1511 29.69 -26.87 -2.09
N PHE C 1512 30.58 -27.86 -2.16
CA PHE C 1512 31.76 -27.75 -3.01
C PHE C 1512 31.37 -27.62 -4.47
N LYS C 1513 30.39 -28.41 -4.92
CA LYS C 1513 29.91 -28.29 -6.30
C LYS C 1513 29.30 -26.92 -6.54
N HIS C 1514 28.53 -26.42 -5.58
CA HIS C 1514 27.93 -25.10 -5.72
C HIS C 1514 28.99 -24.02 -5.85
N MET C 1515 30.04 -24.10 -5.03
CA MET C 1515 31.11 -23.12 -5.09
C MET C 1515 31.84 -23.18 -6.43
N CYS C 1516 32.13 -24.40 -6.91
CA CYS C 1516 32.82 -24.53 -8.18
C CYS C 1516 31.99 -23.96 -9.31
N TYR C 1517 30.69 -24.26 -9.33
CA TYR C 1517 29.84 -23.72 -10.38
C TYR C 1517 29.67 -22.22 -10.25
N GLU C 1518 29.69 -21.69 -9.03
CA GLU C 1518 29.66 -20.24 -8.85
C GLU C 1518 30.89 -19.59 -9.45
N MET C 1519 32.05 -20.19 -9.22
CA MET C 1519 33.27 -19.67 -9.83
C MET C 1519 33.21 -19.77 -11.35
N GLU C 1520 32.64 -20.84 -11.87
CA GLU C 1520 32.47 -20.97 -13.32
C GLU C 1520 31.58 -19.86 -13.87
N ARG C 1521 30.44 -19.63 -13.21
CA ARG C 1521 29.43 -18.72 -13.73
C ARG C 1521 29.78 -17.25 -13.53
N LEU C 1522 30.65 -16.95 -12.56
CA LEU C 1522 30.90 -15.55 -12.23
C LEU C 1522 31.49 -14.78 -13.42
N HIS C 1523 32.22 -15.45 -14.31
CA HIS C 1523 32.78 -14.80 -15.48
C HIS C 1523 32.48 -15.58 -16.76
N ASN C 1524 31.37 -16.32 -16.76
CA ASN C 1524 30.98 -17.14 -17.91
C ASN C 1524 32.10 -18.08 -18.31
N GLY C 1525 32.73 -18.69 -17.32
CA GLY C 1525 33.90 -19.51 -17.55
C GLY C 1525 35.21 -18.74 -17.57
N GLY C 1526 35.17 -17.42 -17.42
CA GLY C 1526 36.39 -16.64 -17.38
C GLY C 1526 37.15 -16.81 -16.08
N ASP C 1527 38.44 -16.53 -16.14
CA ASP C 1527 39.32 -16.75 -14.99
C ASP C 1527 39.04 -15.75 -13.89
N VAL C 1528 39.10 -16.23 -12.64
CA VAL C 1528 38.85 -15.39 -11.47
C VAL C 1528 40.01 -14.42 -11.28
N THR C 1529 39.84 -13.44 -10.40
CA THR C 1529 40.84 -12.41 -10.16
C THR C 1529 41.41 -12.48 -8.74
N PHE C 1530 41.42 -13.67 -8.15
CA PHE C 1530 41.97 -13.94 -6.82
C PHE C 1530 41.10 -13.33 -5.74
N HIS C 1531 40.14 -12.51 -6.13
CA HIS C 1531 39.17 -11.95 -5.20
C HIS C 1531 37.80 -12.57 -5.32
N ASP C 1532 37.44 -13.06 -6.51
CA ASP C 1532 36.19 -13.79 -6.66
C ASP C 1532 36.19 -15.04 -5.79
N VAL C 1533 37.31 -15.78 -5.80
CA VAL C 1533 37.46 -16.91 -4.88
C VAL C 1533 37.42 -16.41 -3.44
N LEU C 1534 38.15 -15.33 -3.17
CA LEU C 1534 38.18 -14.80 -1.81
C LEU C 1534 36.81 -14.29 -1.37
N SER C 1535 36.11 -13.59 -2.26
CA SER C 1535 34.76 -13.12 -1.92
C SER C 1535 33.82 -14.28 -1.69
N MET C 1536 33.91 -15.32 -2.53
CA MET C 1536 33.07 -16.50 -2.35
C MET C 1536 33.34 -17.17 -1.02
N LEU C 1537 34.62 -17.34 -0.66
CA LEU C 1537 34.96 -17.95 0.61
C LEU C 1537 34.46 -17.12 1.78
N SER C 1538 34.60 -15.80 1.69
CA SER C 1538 34.10 -14.94 2.75
C SER C 1538 32.58 -15.06 2.89
N TYR C 1539 31.87 -15.08 1.76
CA TYR C 1539 30.42 -15.18 1.82
C TYR C 1539 29.97 -16.52 2.40
N ARG C 1540 30.63 -17.61 1.99
CA ARG C 1540 30.22 -18.93 2.44
C ARG C 1540 30.67 -19.25 3.87
N SER C 1541 31.50 -18.41 4.47
CA SER C 1541 32.04 -18.67 5.80
C SER C 1541 31.36 -17.84 6.89
N VAL C 1542 30.26 -17.16 6.57
CA VAL C 1542 29.57 -16.30 7.53
C VAL C 1542 28.08 -16.56 7.43
N ASP C 1543 27.33 -15.92 8.33
CA ASP C 1543 25.87 -15.99 8.33
C ASP C 1543 25.36 -14.83 7.48
N ILE C 1544 24.85 -15.15 6.29
CA ILE C 1544 24.44 -14.11 5.35
C ILE C 1544 23.29 -13.29 5.93
N ARG C 1545 22.31 -13.97 6.53
CA ARG C 1545 21.11 -13.28 7.01
C ARG C 1545 21.44 -12.29 8.11
N LYS C 1546 22.35 -12.63 9.02
CA LYS C 1546 22.66 -11.79 10.15
C LYS C 1546 23.74 -10.75 9.86
N SER C 1547 24.32 -10.75 8.66
CA SER C 1547 25.44 -9.87 8.38
C SER C 1547 25.14 -8.86 7.29
N LEU C 1548 24.65 -9.30 6.14
CA LEU C 1548 24.49 -8.41 4.99
C LEU C 1548 23.37 -7.41 5.23
N GLN C 1549 23.43 -6.31 4.48
CA GLN C 1549 22.36 -5.32 4.49
C GLN C 1549 21.18 -5.84 3.67
N LEU C 1550 20.04 -5.14 3.82
CA LEU C 1550 18.76 -5.64 3.28
C LEU C 1550 18.86 -5.92 1.78
N GLU C 1551 19.15 -4.89 0.99
CA GLU C 1551 19.21 -5.07 -0.46
C GLU C 1551 20.31 -6.04 -0.85
N GLU C 1552 21.48 -5.91 -0.23
CA GLU C 1552 22.57 -6.82 -0.53
C GLU C 1552 22.21 -8.25 -0.13
N LEU C 1553 21.55 -8.43 1.01
CA LEU C 1553 21.13 -9.77 1.42
C LEU C 1553 20.14 -10.36 0.43
N LEU C 1554 19.18 -9.57 -0.03
CA LEU C 1554 18.22 -10.08 -1.00
C LEU C 1554 18.91 -10.48 -2.30
N ALA C 1555 19.81 -9.63 -2.79
CA ALA C 1555 20.52 -9.94 -4.03
C ALA C 1555 21.37 -11.20 -3.88
N ARG C 1556 22.09 -11.33 -2.76
CA ARG C 1556 22.92 -12.50 -2.55
C ARG C 1556 22.09 -13.77 -2.43
N GLU C 1557 20.97 -13.69 -1.70
CA GLU C 1557 20.10 -14.86 -1.57
C GLU C 1557 19.54 -15.27 -2.93
N GLN C 1558 19.10 -14.30 -3.73
CA GLN C 1558 18.60 -14.63 -5.06
C GLN C 1558 19.69 -15.27 -5.92
N LEU C 1559 20.90 -14.71 -5.88
CA LEU C 1559 21.98 -15.25 -6.69
C LEU C 1559 22.33 -16.68 -6.26
N GLU C 1560 22.43 -16.90 -4.95
CA GLU C 1560 22.75 -18.25 -4.47
C GLU C 1560 21.64 -19.25 -4.81
N TYR C 1561 20.39 -18.83 -4.68
CA TYR C 1561 19.27 -19.71 -5.02
C TYR C 1561 19.29 -20.06 -6.50
N THR C 1562 19.54 -19.06 -7.36
CA THR C 1562 19.62 -19.31 -8.79
C THR C 1562 20.77 -20.25 -9.11
N ILE C 1563 21.92 -20.05 -8.46
CA ILE C 1563 23.07 -20.93 -8.70
C ILE C 1563 22.75 -22.36 -8.27
N GLU C 1564 22.10 -22.51 -7.12
CA GLU C 1564 21.75 -23.85 -6.65
C GLU C 1564 20.78 -24.52 -7.61
N GLU C 1565 19.78 -23.77 -8.10
CA GLU C 1565 18.84 -24.33 -9.06
C GLU C 1565 19.54 -24.74 -10.34
N GLU C 1566 20.46 -23.92 -10.82
CA GLU C 1566 21.21 -24.27 -12.03
C GLU C 1566 22.04 -25.52 -11.81
N VAL C 1567 22.69 -25.63 -10.66
CA VAL C 1567 23.51 -26.81 -10.37
C VAL C 1567 22.64 -28.05 -10.31
N ALA C 1568 21.49 -27.97 -9.65
CA ALA C 1568 20.61 -29.12 -9.56
C ALA C 1568 20.08 -29.51 -10.94
N LYS C 1569 19.74 -28.53 -11.77
CA LYS C 1569 19.25 -28.82 -13.11
C LYS C 1569 20.33 -29.50 -13.95
N GLN C 1570 21.57 -28.99 -13.87
CA GLN C 1570 22.65 -29.61 -14.63
C GLN C 1570 22.92 -31.02 -14.14
N THR C 1571 22.89 -31.24 -12.83
CA THR C 1571 23.10 -32.57 -12.29
C THR C 1571 22.03 -33.54 -12.74
N ILE C 1572 20.76 -33.08 -12.72
CA ILE C 1572 19.67 -33.94 -13.18
C ILE C 1572 19.82 -34.25 -14.66
N ARG C 1573 20.20 -33.26 -15.46
CA ARG C 1573 20.41 -33.48 -16.89
C ARG C 1573 21.53 -34.50 -17.13
N MET C 1574 22.61 -34.38 -16.38
CA MET C 1574 23.72 -35.33 -16.53
C MET C 1574 23.30 -36.74 -16.12
N TRP C 1575 22.54 -36.86 -15.03
CA TRP C 1575 22.13 -38.18 -14.55
C TRP C 1575 21.03 -38.80 -15.41
N LEU C 1576 20.27 -37.99 -16.15
CA LEU C 1576 19.18 -38.50 -16.97
C LEU C 1576 19.57 -38.71 -18.43
N LYS C 1577 20.57 -38.00 -18.93
CA LYS C 1577 21.00 -38.21 -20.31
C LYS C 1577 21.54 -39.61 -20.51
N LYS C 1578 22.31 -40.11 -19.54
CA LYS C 1578 22.85 -41.46 -19.61
C LYS C 1578 21.74 -42.50 -19.44
N GLY D 188 68.68 74.58 49.57
CA GLY D 188 68.37 73.26 49.05
C GLY D 188 69.60 72.42 48.79
N GLN D 189 70.75 72.93 49.25
CA GLN D 189 72.00 72.21 49.07
C GLN D 189 72.00 70.91 49.87
N CYS D 190 72.77 69.94 49.38
CA CYS D 190 72.78 68.62 50.00
C CYS D 190 73.39 68.67 51.39
N PHE D 191 72.74 67.99 52.33
CA PHE D 191 73.22 67.87 53.71
C PHE D 191 72.85 66.48 54.20
N THR D 192 73.80 65.55 54.07
CA THR D 192 73.59 64.19 54.54
C THR D 192 73.85 64.12 56.04
N VAL D 193 72.88 63.59 56.79
CA VAL D 193 73.03 63.50 58.24
C VAL D 193 74.03 62.40 58.56
N GLU D 194 75.12 62.78 59.21
CA GLU D 194 76.16 61.82 59.59
C GLU D 194 76.28 61.68 61.10
N SER D 195 76.46 62.77 61.82
CA SER D 195 76.62 62.75 63.27
C SER D 195 75.31 63.19 63.93
N ALA D 196 74.75 62.32 64.76
CA ALA D 196 73.54 62.68 65.49
C ALA D 196 73.80 63.82 66.46
N ASP D 197 74.94 63.80 67.15
CA ASP D 197 75.29 64.80 68.13
C ASP D 197 75.83 66.09 67.51
N ALA D 198 75.85 66.18 66.18
CA ALA D 198 76.35 67.39 65.52
C ALA D 198 75.45 68.58 65.85
N VAL D 199 74.18 68.50 65.48
CA VAL D 199 73.21 69.54 65.73
C VAL D 199 71.91 68.89 66.20
N CYS D 200 70.88 69.72 66.37
CA CYS D 200 69.54 69.24 66.66
C CYS D 200 68.49 70.18 66.06
N ASN D 226 66.33 75.98 57.42
CA ASN D 226 67.19 75.66 58.56
C ASN D 226 67.01 74.21 58.99
N LEU D 227 65.85 73.91 59.57
CA LEU D 227 65.57 72.57 60.05
C LEU D 227 65.13 71.62 58.94
N SER D 228 64.83 72.15 57.74
CA SER D 228 64.42 71.34 56.60
C SER D 228 65.56 71.08 55.64
N ASP D 229 66.78 70.96 56.15
CA ASP D 229 67.98 70.81 55.33
C ASP D 229 68.87 69.71 55.87
N PHE D 230 68.27 68.54 56.15
CA PHE D 230 69.03 67.39 56.64
C PHE D 230 68.54 66.14 55.92
N TYR D 231 69.16 65.85 54.77
CA TYR D 231 68.79 64.68 54.00
C TYR D 231 69.35 63.42 54.65
N LEU D 232 68.52 62.39 54.75
CA LEU D 232 68.96 61.14 55.33
C LEU D 232 69.95 60.44 54.40
N SER D 233 70.72 59.51 54.98
CA SER D 233 71.75 58.81 54.21
C SER D 233 71.12 57.97 53.11
N PHE D 234 70.05 57.24 53.42
CA PHE D 234 69.39 56.39 52.44
C PHE D 234 68.11 57.03 51.90
N CYS D 235 67.16 57.34 52.77
CA CYS D 235 65.92 57.99 52.36
C CYS D 235 66.18 59.50 52.31
N ASN D 236 66.86 59.92 51.25
CA ASN D 236 67.30 61.31 51.11
C ASN D 236 66.18 62.28 50.80
N SER D 237 64.91 61.88 50.88
CA SER D 237 63.79 62.78 50.64
C SER D 237 63.17 63.29 51.93
N TYR D 238 63.82 63.08 53.06
CA TYR D 238 63.28 63.47 54.36
C TYR D 238 64.29 64.32 55.12
N THR D 239 63.79 65.29 55.87
CA THR D 239 64.61 66.14 56.72
C THR D 239 64.13 66.02 58.16
N LEU D 240 64.91 66.60 59.07
CA LEU D 240 64.54 66.58 60.48
C LEU D 240 63.21 67.29 60.69
N TRP D 241 62.97 68.37 59.94
CA TRP D 241 61.67 69.02 59.99
C TRP D 241 60.57 68.06 59.54
N GLU D 242 60.84 67.28 58.49
CA GLU D 242 59.85 66.33 58.01
C GLU D 242 59.59 65.22 59.01
N LEU D 243 60.58 64.89 59.84
CA LEU D 243 60.43 63.77 60.77
C LEU D 243 59.77 64.20 62.08
N PHE D 244 60.25 65.28 62.68
CA PHE D 244 59.68 65.73 63.95
C PHE D 244 58.28 66.32 63.78
N SER D 245 57.82 66.53 62.57
CA SER D 245 56.49 67.08 62.32
C SER D 245 55.51 65.93 62.10
N GLY D 246 55.10 65.31 63.20
CA GLY D 246 54.07 64.29 63.15
C GLY D 246 54.50 62.91 63.57
N LEU D 247 55.69 62.49 63.15
CA LEU D 247 56.17 61.17 63.49
C LEU D 247 56.52 61.09 64.96
N SER D 248 56.32 59.92 65.55
CA SER D 248 56.59 59.71 66.97
C SER D 248 57.10 58.27 67.15
N SER D 249 58.41 58.13 67.30
CA SER D 249 58.97 56.84 67.57
C SER D 249 58.54 56.36 68.96
N PRO D 250 58.14 55.09 69.11
CA PRO D 250 57.58 54.64 70.38
C PRO D 250 58.54 54.76 71.56
N SER D 251 59.85 54.57 71.34
CA SER D 251 60.80 54.57 72.43
C SER D 251 60.84 55.92 73.13
N THR D 252 60.83 57.00 72.37
CA THR D 252 60.95 58.37 72.85
C THR D 252 59.81 59.22 72.33
N LEU D 253 58.58 58.74 72.52
CA LEU D 253 57.41 59.35 71.90
C LEU D 253 57.10 60.71 72.51
N ASN D 254 58.05 61.62 72.40
CA ASN D 254 57.83 63.02 72.76
C ASN D 254 58.44 63.97 71.74
N CYS D 255 59.08 63.46 70.70
CA CYS D 255 59.69 64.29 69.65
C CYS D 255 58.61 64.65 68.64
N SER D 256 57.98 65.81 68.86
CA SER D 256 56.95 66.33 67.98
C SER D 256 57.24 67.76 67.58
N LEU D 257 58.50 68.02 67.19
CA LEU D 257 59.01 69.30 66.73
C LEU D 257 59.01 70.38 67.82
N ASP D 258 58.53 70.07 69.02
CA ASP D 258 58.54 71.02 70.12
C ASP D 258 59.77 70.88 71.00
N VAL D 259 60.12 69.64 71.37
CA VAL D 259 61.31 69.38 72.17
C VAL D 259 62.59 69.59 71.39
N VAL D 260 62.50 69.72 70.06
CA VAL D 260 63.69 69.91 69.23
C VAL D 260 64.38 71.21 69.59
N LEU D 261 63.61 72.29 69.77
CA LEU D 261 64.18 73.59 70.07
C LEU D 261 64.61 73.74 71.52
N THR D 262 64.31 72.77 72.38
CA THR D 262 64.69 72.85 73.78
C THR D 262 66.20 72.78 73.95
CA MET D 267 69.31 67.49 74.16
C MET D 267 69.37 65.98 73.99
N THR D 268 69.24 65.26 75.11
CA THR D 268 69.28 63.80 75.06
C THR D 268 68.13 63.24 74.25
N THR D 269 66.92 63.79 74.43
CA THR D 269 65.77 63.30 73.69
C THR D 269 65.95 63.52 72.19
N CYS D 270 66.44 64.70 71.80
CA CYS D 270 66.67 64.97 70.39
C CYS D 270 67.72 64.03 69.81
N ARG D 271 68.80 63.81 70.54
CA ARG D 271 69.85 62.90 70.08
C ARG D 271 69.31 61.49 69.90
N GLN D 272 68.54 61.01 70.88
CA GLN D 272 67.99 59.66 70.78
C GLN D 272 66.99 59.55 69.63
N CYS D 273 66.18 60.59 69.41
CA CYS D 273 65.24 60.58 68.29
C CYS D 273 65.97 60.55 66.96
N ILE D 274 67.04 61.34 66.82
CA ILE D 274 67.81 61.34 65.59
C ILE D 274 68.45 59.97 65.37
N GLU D 275 68.99 59.38 66.42
CA GLU D 275 69.63 58.07 66.29
C GLU D 275 68.60 57.00 65.92
N ALA D 276 67.40 57.07 66.51
CA ALA D 276 66.35 56.11 66.15
C ALA D 276 65.92 56.29 64.70
N TYR D 277 65.84 57.53 64.24
CA TYR D 277 65.53 57.76 62.83
C TYR D 277 66.61 57.18 61.93
N GLN D 278 67.87 57.35 62.32
CA GLN D 278 68.97 56.79 61.52
C GLN D 278 68.93 55.27 61.53
N ASP D 279 68.56 54.67 62.66
CA ASP D 279 68.40 53.21 62.70
C ASP D 279 67.27 52.75 61.80
N TYR D 280 66.16 53.49 61.79
CA TYR D 280 65.07 53.21 60.86
C TYR D 280 65.57 53.28 59.42
N ASP D 281 66.35 54.31 59.10
CA ASP D 281 66.90 54.45 57.77
C ASP D 281 67.82 53.29 57.42
N HIS D 282 68.64 52.85 58.38
CA HIS D 282 69.52 51.72 58.16
C HIS D 282 68.74 50.45 57.87
N HIS D 283 67.68 50.20 58.65
CA HIS D 283 66.88 49.01 58.43
C HIS D 283 66.18 49.06 57.07
N ALA D 284 65.68 50.23 56.69
CA ALA D 284 65.08 50.38 55.38
C ALA D 284 66.10 50.14 54.28
N GLN D 285 67.33 50.64 54.46
CA GLN D 285 68.38 50.41 53.48
C GLN D 285 68.69 48.93 53.36
N GLU D 286 68.74 48.21 54.49
CA GLU D 286 69.00 46.78 54.44
C GLU D 286 67.90 46.02 53.72
N LYS D 287 66.64 46.36 54.00
CA LYS D 287 65.54 45.69 53.32
C LYS D 287 65.54 46.01 51.84
N TYR D 288 65.89 47.26 51.48
CA TYR D 288 65.99 47.61 50.07
C TYR D 288 67.14 46.87 49.40
N GLU D 289 68.23 46.64 50.13
CA GLU D 289 69.32 45.83 49.59
C GLU D 289 68.86 44.41 49.33
N GLU D 290 68.07 43.84 50.25
CA GLU D 290 67.51 42.52 50.02
C GLU D 290 66.62 42.52 48.78
N PHE D 291 65.77 43.54 48.65
CA PHE D 291 64.87 43.61 47.50
C PHE D 291 65.63 43.72 46.18
N GLU D 292 66.67 44.57 46.15
CA GLU D 292 67.41 44.74 44.90
C GLU D 292 68.29 43.53 44.61
N SER D 293 68.72 42.81 45.64
CA SER D 293 69.39 41.53 45.41
C SER D 293 68.43 40.53 44.78
N VAL D 294 67.18 40.51 45.25
CA VAL D 294 66.18 39.63 44.64
C VAL D 294 65.93 40.02 43.20
N LEU D 295 65.78 41.33 42.94
CA LEU D 295 65.48 41.78 41.59
C LEU D 295 66.66 41.53 40.65
N HIS D 296 67.89 41.67 41.15
CA HIS D 296 69.06 41.47 40.31
C HIS D 296 69.13 40.05 39.79
N LYS D 297 68.68 39.07 40.58
CA LYS D 297 68.66 37.68 40.14
C LYS D 297 67.55 37.39 39.15
N TYR D 298 66.66 38.34 38.89
CA TYR D 298 65.57 38.16 37.93
C TYR D 298 66.11 38.38 36.53
N LEU D 299 66.11 37.32 35.72
CA LEU D 299 66.75 37.39 34.41
C LEU D 299 65.90 38.18 33.41
N GLN D 300 64.58 38.08 33.51
CA GLN D 300 63.68 38.69 32.54
C GLN D 300 63.40 40.15 32.84
N SER D 301 64.28 40.83 33.58
CA SER D 301 64.08 42.23 33.91
C SER D 301 64.09 43.14 32.70
N ASP D 302 64.66 42.69 31.58
CA ASP D 302 64.74 43.50 30.38
C ASP D 302 63.59 43.23 29.42
N GLU D 303 62.68 42.31 29.74
CA GLU D 303 61.58 41.99 28.84
C GLU D 303 60.24 41.83 29.55
N TYR D 304 60.15 42.07 30.85
CA TYR D 304 58.88 41.86 31.54
C TYR D 304 57.83 42.89 31.11
N SER D 305 58.26 44.10 30.77
CA SER D 305 57.34 45.12 30.30
C SER D 305 58.07 46.07 29.37
N VAL D 306 57.30 46.78 28.56
CA VAL D 306 57.85 47.77 27.66
C VAL D 306 57.89 49.15 28.31
N LYS D 307 56.81 49.52 28.99
CA LYS D 307 56.74 50.83 29.65
C LYS D 307 57.44 50.86 31.00
N SER D 308 57.94 49.73 31.48
CA SER D 308 58.53 49.64 32.81
C SER D 308 60.00 49.24 32.70
N CYS D 309 60.83 49.91 33.48
CA CYS D 309 62.26 49.65 33.57
C CYS D 309 62.63 49.26 34.99
N PRO D 310 63.55 48.32 35.17
CA PRO D 310 63.91 47.90 36.54
C PRO D 310 64.37 49.04 37.41
N GLU D 311 65.04 50.05 36.85
CA GLU D 311 65.43 51.21 37.63
C GLU D 311 64.22 51.93 38.20
N ASP D 312 63.17 52.08 37.40
CA ASP D 312 61.94 52.70 37.89
C ASP D 312 61.34 51.87 39.02
N CYS D 313 61.34 50.55 38.88
CA CYS D 313 60.84 49.69 39.94
C CYS D 313 61.64 49.87 41.22
N LYS D 314 62.97 49.93 41.11
CA LYS D 314 63.80 50.14 42.29
C LYS D 314 63.49 51.47 42.95
N ILE D 315 63.33 52.53 42.15
CA ILE D 315 63.08 53.85 42.71
C ILE D 315 61.73 53.88 43.43
N VAL D 316 60.70 53.32 42.80
CA VAL D 316 59.38 53.36 43.43
C VAL D 316 59.34 52.47 44.66
N TYR D 317 60.04 51.34 44.63
CA TYR D 317 60.10 50.49 45.81
C TYR D 317 60.81 51.20 46.95
N LYS D 318 61.90 51.91 46.64
CA LYS D 318 62.60 52.67 47.67
C LYS D 318 61.69 53.74 48.26
N ALA D 319 60.94 54.44 47.41
CA ALA D 319 60.02 55.46 47.91
C ALA D 319 58.96 54.84 48.80
N TRP D 320 58.39 53.71 48.38
CA TRP D 320 57.38 53.05 49.19
C TRP D 320 57.93 52.60 50.53
N LEU D 321 59.14 52.05 50.52
CA LEU D 321 59.74 51.60 51.77
C LEU D 321 60.00 52.77 52.71
N CYS D 322 60.52 53.87 52.18
CA CYS D 322 60.74 55.05 53.01
C CYS D 322 59.41 55.56 53.57
N SER D 323 58.35 55.50 52.77
CA SER D 323 57.04 55.88 53.27
C SER D 323 56.59 54.95 54.39
N GLN D 324 56.82 53.66 54.22
CA GLN D 324 56.40 52.69 55.23
C GLN D 324 57.11 52.92 56.55
N TYR D 325 58.43 53.20 56.49
CA TYR D 325 59.17 53.46 57.71
C TYR D 325 59.07 54.91 58.17
N PHE D 326 58.45 55.79 57.38
CA PHE D 326 58.26 57.17 57.79
C PHE D 326 56.92 57.64 57.19
N GLU D 327 55.86 57.53 58.00
CA GLU D 327 54.50 57.81 57.55
C GLU D 327 54.12 59.21 58.02
N VAL D 328 54.63 60.22 57.31
CA VAL D 328 54.34 61.62 57.59
C VAL D 328 54.14 62.35 56.27
N THR D 329 53.73 63.61 56.38
CA THR D 329 53.48 64.45 55.21
C THR D 329 54.76 65.18 54.83
N GLN D 330 55.27 64.87 53.63
CA GLN D 330 56.45 65.55 53.11
C GLN D 330 56.03 66.89 52.50
N PHE D 331 56.64 67.96 52.98
CA PHE D 331 56.36 69.29 52.44
C PHE D 331 57.42 69.65 51.41
N ASN D 332 57.30 70.86 50.85
CA ASN D 332 58.22 71.35 49.83
C ASN D 332 58.30 70.39 48.64
N CYS D 333 57.15 69.83 48.28
CA CYS D 333 57.06 68.89 47.16
C CYS D 333 56.40 69.59 45.97
N ARG D 334 57.11 69.63 44.85
CA ARG D 334 56.56 70.27 43.66
C ARG D 334 55.36 69.50 43.13
N LYS D 335 55.42 68.16 43.17
CA LYS D 335 54.33 67.31 42.74
C LYS D 335 53.74 66.62 43.96
N THR D 336 52.43 66.75 44.14
CA THR D 336 51.74 66.21 45.31
C THR D 336 51.02 64.94 44.92
N ILE D 337 51.40 63.84 45.55
CA ILE D 337 50.75 62.54 45.33
C ILE D 337 50.47 61.89 46.67
N PRO D 338 49.34 61.21 46.79
CA PRO D 338 49.09 60.42 48.00
C PRO D 338 50.22 59.44 48.25
N CYS D 339 50.68 59.40 49.50
CA CYS D 339 51.88 58.64 49.82
C CYS D 339 51.64 57.14 49.70
N LYS D 340 50.45 56.67 50.09
CA LYS D 340 50.12 55.26 49.93
C LYS D 340 50.01 54.88 48.46
N GLN D 341 49.68 55.84 47.60
CA GLN D 341 49.57 55.56 46.16
C GLN D 341 50.88 55.04 45.59
N TYR D 342 52.01 55.36 46.23
CA TYR D 342 53.30 54.80 45.78
C TYR D 342 53.23 53.28 45.70
N CYS D 343 52.48 52.66 46.62
CA CYS D 343 52.32 51.21 46.58
C CYS D 343 51.82 50.77 45.20
N LEU D 344 50.76 51.41 44.72
CA LEU D 344 50.23 51.06 43.40
C LEU D 344 51.31 51.24 42.33
N GLU D 345 52.13 52.28 42.47
CA GLU D 345 53.24 52.49 41.53
C GLU D 345 54.09 51.23 41.41
N VAL D 346 54.42 50.61 42.55
CA VAL D 346 55.20 49.38 42.51
C VAL D 346 54.44 48.31 41.74
N GLN D 347 53.15 48.15 42.02
CA GLN D 347 52.34 47.20 41.28
C GLN D 347 52.35 47.52 39.80
N THR D 348 52.47 48.80 39.45
CA THR D 348 52.49 49.21 38.05
C THR D 348 53.89 49.21 37.46
N ARG D 349 54.93 49.04 38.27
CA ARG D 349 56.29 49.11 37.76
C ARG D 349 57.04 47.79 37.90
N CYS D 350 57.13 47.24 39.10
CA CYS D 350 57.94 46.06 39.31
C CYS D 350 57.32 44.83 38.63
N PRO D 351 58.14 43.92 38.13
CA PRO D 351 57.60 42.74 37.45
C PRO D 351 56.88 41.82 38.42
N PHE D 352 55.96 41.05 37.88
CA PHE D 352 55.31 40.01 38.66
C PHE D 352 56.34 38.98 39.10
N ILE D 353 56.51 38.83 40.41
CA ILE D 353 57.44 37.86 40.98
C ILE D 353 56.61 36.80 41.68
N LEU D 354 56.78 35.56 41.27
CA LEU D 354 55.97 34.47 41.80
C LEU D 354 56.41 34.12 43.21
N PRO D 355 55.56 34.25 44.22
CA PRO D 355 55.95 33.87 45.59
C PRO D 355 55.96 32.37 45.77
N ASP D 356 56.67 31.94 46.81
CA ASP D 356 56.70 30.53 47.15
C ASP D 356 55.35 30.08 47.69
N ASN D 357 54.95 28.86 47.32
CA ASN D 357 53.65 28.31 47.71
C ASN D 357 53.81 26.93 48.32
N ASP D 358 54.78 26.79 49.22
CA ASP D 358 55.00 25.51 49.90
C ASP D 358 54.21 25.42 51.19
N GLU D 359 54.21 26.48 52.00
CA GLU D 359 53.43 26.47 53.23
C GLU D 359 51.94 26.56 52.94
N VAL D 360 51.55 27.41 52.00
CA VAL D 360 50.15 27.62 51.67
C VAL D 360 50.05 28.20 50.26
N ILE D 361 49.14 27.65 49.45
CA ILE D 361 49.00 28.10 48.07
C ILE D 361 48.32 29.47 48.06
N TYR D 362 48.94 30.42 47.37
CA TYR D 362 48.43 31.78 47.29
C TYR D 362 47.50 31.99 46.10
N GLY D 363 47.19 30.93 45.35
CA GLY D 363 46.40 31.10 44.15
C GLY D 363 47.20 31.72 43.04
N GLY D 364 46.90 32.97 42.71
CA GLY D 364 47.68 33.69 41.72
C GLY D 364 48.14 35.05 42.21
N LEU D 365 48.09 35.26 43.52
CA LEU D 365 48.49 36.54 44.09
C LEU D 365 49.95 36.83 43.77
N SER D 366 50.22 38.09 43.46
CA SER D 366 51.59 38.53 43.26
C SER D 366 52.32 38.60 44.59
N SER D 367 53.65 38.59 44.53
CA SER D 367 54.45 38.75 45.74
C SER D 367 54.19 40.10 46.38
N PHE D 368 54.08 41.16 45.57
CA PHE D 368 53.79 42.49 46.05
C PHE D 368 52.37 42.87 45.64
N ILE D 369 51.52 43.12 46.62
CA ILE D 369 50.15 43.58 46.37
C ILE D 369 49.81 44.66 47.38
N CYS D 370 48.83 45.49 47.01
CA CYS D 370 48.45 46.63 47.86
C CYS D 370 47.00 46.59 48.30
N THR D 371 46.07 46.27 47.42
CA THR D 371 44.65 46.34 47.71
C THR D 371 44.10 44.95 48.05
N GLY D 372 43.12 44.93 48.94
CA GLY D 372 42.47 43.71 49.36
C GLY D 372 41.04 43.62 48.90
N LEU D 373 40.37 42.57 49.38
CA LEU D 373 38.98 42.33 49.00
C LEU D 373 38.07 43.31 49.71
N TYR D 374 37.28 44.06 48.92
CA TYR D 374 36.31 45.01 49.45
C TYR D 374 36.95 45.98 50.44
N GLU D 375 38.14 46.47 50.09
CA GLU D 375 38.90 47.37 50.94
C GLU D 375 39.16 48.68 50.20
N THR D 376 38.88 49.80 50.86
CA THR D 376 39.15 51.11 50.29
C THR D 376 40.61 51.47 50.56
N PHE D 377 41.45 51.37 49.53
CA PHE D 377 42.88 51.65 49.71
C PHE D 377 43.11 53.13 50.03
N LEU D 378 42.69 54.00 49.13
CA LEU D 378 42.78 55.44 49.38
C LEU D 378 41.75 55.84 50.43
N THR D 379 42.19 56.64 51.41
CA THR D 379 41.33 57.08 52.49
C THR D 379 41.65 58.54 52.80
N ASN D 380 41.10 59.03 53.90
CA ASN D 380 41.36 60.39 54.33
C ASN D 380 42.66 60.45 55.14
N ASP D 381 43.16 61.67 55.33
CA ASP D 381 44.38 61.91 56.10
C ASP D 381 45.57 61.15 55.54
N GLU D 382 45.63 61.03 54.21
CA GLU D 382 46.79 60.42 53.58
C GLU D 382 48.01 61.29 53.78
N PRO D 383 49.18 60.70 54.04
CA PRO D 383 50.39 61.52 54.23
C PRO D 383 50.71 62.40 53.04
N GLU D 384 50.51 61.89 51.82
CA GLU D 384 50.71 62.66 50.60
C GLU D 384 52.13 63.23 50.53
N CYS D 385 53.10 62.33 50.42
CA CYS D 385 54.51 62.71 50.43
C CYS D 385 54.93 63.24 49.07
N CYS D 386 56.24 63.48 48.90
CA CYS D 386 56.77 63.98 47.64
C CYS D 386 56.57 62.95 46.54
N ASP D 387 56.53 63.45 45.29
CA ASP D 387 56.39 62.62 44.11
C ASP D 387 57.68 62.69 43.30
N ILE D 388 58.27 61.53 43.04
CA ILE D 388 59.48 61.44 42.21
C ILE D 388 59.40 60.13 41.42
N ARG D 389 59.57 60.24 40.11
CA ARG D 389 59.58 59.07 39.24
C ARG D 389 60.61 59.23 38.13
#